data_8W15
#
_entry.id   8W15
#
_cell.length_a   1.00
_cell.length_b   1.00
_cell.length_c   1.00
_cell.angle_alpha   90.00
_cell.angle_beta   90.00
_cell.angle_gamma   90.00
#
_symmetry.space_group_name_H-M   'P 1'
#
loop_
_entity.id
_entity.type
_entity.pdbx_description
1 polymer Huntingtin
2 polymer '40-kDa huntingtin-associated protein'
#
loop_
_entity_poly.entity_id
_entity_poly.type
_entity_poly.pdbx_seq_one_letter_code
_entity_poly.pdbx_strand_id
1 'polypeptide(L)'
;MATLEKLMKAFESLKSFQQQQQQQQQQQQQQQQQQQQQQQQQQQQQQQQQQQQQQQQQQQQQQQQPPPPPPPPPPPQLPQ
PPPQAQPLLPQPQPPPPPPPPPPGPAVAEEPLHRPKKELSATKKDRVNHCLTICENIVAQSVRNSPEFQKLLGIAMELFL
LCSDDAESDVRMVADECLNKVIKALMDSNLPRLQLELYKEIKKNGAPRSLRAALWRFAELAHLVRPQKCRPYLVNLLPCL
TRTSKRPEESVQETLAAAVPKIMASFGNFANDNEIKVLLKAFIANLKSSSPTIRRTAAGSAVSICQHSRRTQYFYSWLLN
VLLGLLVPVEDEHSTLLILGVLLTLRYLVPLLQQQVKDTSLKGSFGVTRKEMEVSPSAEQLVQVYELTLHHTQHQDHNVV
TGALELLQQLFRTPPPELLQTLTAVGGIGQLTAAKEESGGRSRSGSIVELIAGGGSSCSPVLSRKQKGKVLLGEEEALED
DSESRSDVSSSALTASVKDEISGELAASSGVSTPGSAGHDIITEQPRSQHTLQADSVDLASCDLTSSATDGDEEDILSHS
SSQVSAVPSDPAMDLNDGTQASSPISDSSQTTTEGPDSAVTPSDSSEIVLDGTDNQYLGLQIGQPQDEDEEATGILPDEA
SEAFRNSSMALQQAHLLKNMSHCRQPSDSSVDKFVLRDEATEPGDQENKPCRIKGDIGQSTDDDSAPLVHCVRLLSASFL
LTGGKNVLVPDRDVRVSVKALALSCVGAAVALHPESFFSKLYKVPLDTTEYPEEQYVSDILNYIDHGDPQVRGATAILCG
TLICSILSRSRFHVGDWMGTIRTLTGNTFSLADCIPLLRKTLKDESSVTCKLACTAVRNCVMSLCSSSYSELGLQLIIDV
LTLRNSSYWLVRTELLETLAEIDFRLVSFLEAKAENLHRGAHHYTGLLKLQERVLNNVVIHLLGDEDPRVRHVAAASLIR
LVPKLFYKCDQGQADPVVAVARDQSSVYLKLLMHETQPPSHFSVSTITRIYRGYNLLPSITDVTMENNLSRVIAAVSHEL
ITSTTRALTFGCCEALCLLSTAFPVCIWSLGWHCGVPPLSASDESRKSCTVGMATMILTLLSSAWFPLDLSAHQDALILA
GNLLAASAPKSLRSSWASEEEANPAATKQEEVWPALGDRALVPMVEQLFSHLLKVINICAHVLDDVAPGPAIKAALPSLT
NPPSLSPIRRKGKEKEPGEQASVPLSPKKGSEASAASRQSDTSGPVTTSKSSSLGSFYHLPSYLKLHDVLKATHANYKVT
LDLQNSTEKFGGFLRSALDVLSQILELATLQDIGKCVEEILGYLKSCFSREPMMATVCVQQLLKTLFGTNLASQFDGLSS
NPSKSQGRAQRLGSSSVRPGLYHYCFMAPYTHFTQALADASLRNMVQAEQENDTSGWFDVLQKVSTQLKTNLTSVTKNRA
DKNAIHNHIRLFEPLVIKALKQYTTTTCVQLQKQVLDLLAQLVQLRVNYCLLDSDQVFIGFVLKQFEYIEVGQFRESEAI
IPNIFFFLVLLSYERYHSKQIIGIPKIIQLCDGIMASGRKAVTHAIPALQPIVHDLFVLRGTNKADAGKELETQKEVVVS
MLLRLIQYHQVLEMFILVLQQCHKENEDKWKRLSRQIADIILPMLAKQQMHIDSHEALGVLNTLFEILAPSSLRPVDMLL
RSMFVTPNTMASVSTVQLWISGILAILRVLISQSTEDIVLSRIQELSFSPYLISCTVINRLRDGDSTSTLEEHSEGKQIK
NLPEETFSRFLLQLVGILLEDIVTKQLKVEMSEQQHTFYCQELGTLLMCLIHIFKSGMFRRITAAATRLFRSDGCGGSFY
TLDSLNLRARSMITTHPALVLLWCQILLLVNHTDYRWWAEVQQTPKRHSLSSTKLLSPQMSGEEEDSDLAAKLGMCNREI
VRRGALILFCDYVCQNLHDSEHLTWLIVNHIQDLISLSHEPPVQDFISAVHRNSAASGLFIQAIQSRCENLSTPTMLKKT
LQCLEGIHLSQSGAVLTLYVDRLLCTPFRVLARMVDILACRRVEMLLAANLQSSMAQLPMEELNRIQEYLQSSGLAQRHQ
RLYSLLDRFRLSTMQDSLSPSPPVSSHPLDGDGHVSLETVSPDKDWYVHLVKSQCWTRSDSALLEGAELVNRIPAEDMNA
FMMNSEFNLSLLAPCLSLGMSEISGGQKSALFEAAREVTLARVSGTVQQLPAVHHVFQPELPAEPAAYWSKLNDLFGDAA
LYQSLPTLARALAQYLVVVSKLPSHLHLPPEKEKDIVKFVVATLEALSWHLIHEQIPLSLDLQAGLDCCCLALQLPGLWS
VVSSTEFVTHACSLIYCVHFILEAVAVQPGEQLLSPERRTNTPKAISEEEEEVDPNTQNPKYITAACEMVAEMVESLQSV
LALGHKRNSGVPAFLTPLLRNIIISLARLPLVNSYTRVPPLVWKLGWSPKPGGDFGTAFPEIPVEFLQEKEVFKEFIYRI
NTLGWTSRTQFEETWATLLGVLVTQPLVMEQEESPPEEDTERTQINVLAVQAITSLVLSAMTVPVAGNPAVSCLEQQPRN
KPLKALDTRFGRKLSIIRGIVEQEIQAMVSKRENIATHHLYQAWDPVPSLSPATTGALISHEKLLLQINPERELGSMSYK
LGQVSIHSVWLGNSITPLREEEWDEEEEEEADAPAPSSPPTSPVNSRKHRAGVDIHSCSQFLLELYSRWILPSSSARRTP
AILISEVVRSLLVVSDLFTERNQFELMYVTLTELRRVHPSEDEILAQYLVPATCKAAAVLGMDKAVAEPVSRLLESTLRS
SHLPSRVGALHGVLYVLECDLLDDTAKQLIPVISDYLLSNLKGIAHCVNIHSQQHVLVMCATAFYLIENYPLDVGPEFSA
SIIQMCGVMLSGSEESTPSIIYHCALRGLERLLLSEQLSRLDAESLVKLSVDRVNVHSPHRAMAALGLMLTCMYTGKEKV
SPGRTSDPNPAAPDSESVIVAMERVSVLFDRIRKGFPCEARVVARILPQFLDDFFPPQDIMNKVIGEFLSNQQPYPQFMA
TVVYKVFQTLHSTGQSSMVRDWVMLSLSNFTQRAPVAMATWSLSCFFVSASTSPWVAAILPHVISRMGKLEQVDVNLFCL
VATDFYRHQIEEELDRRAFQSVLEVVAAPGSPYHRLLTCLRNVHKVTTCAAAENLYFQGDYKDDDDK
;
A
2 'polypeptide(L)'
;MHHHHHHSSGRENLYFQGMAAAAAGLGGGGAGPGPEAGDFLARYRLVSNKLKKRFLRKPNVAEAGEQFGQLGRELRAQEC
LPYAAWCQLAVARCQQALFHGPGEALALTEAARLFLRQERDARQRLVCPAAYGEPLQAAASALGAAVRLHLELGQPAAAA
ALCLELAAALRDLGQPAAAAGHFQRAAQLQLPQLPLAALQALGEAASCQLLARDYTGALAVFTRMQRLAREHGSHPVQSL
PPPPPPAPQPGPGATPALPAALLPPNSGSAAPSPAALGAFSDVLVRCEVSRVLLLLLLQPPPAKLLPEHAQTLEKYSWEA
FDSHGQESSGQLPEELFLLLQSLVMATHEKDTEAIKSLQVEMWPLLTAEQNHLLHLVLQETISPSGQGV
;
B
#
# COMPACT_ATOMS: atom_id res chain seq x y z
N THR A 122 28.12 -56.02 -24.54
CA THR A 122 28.82 -54.93 -25.23
C THR A 122 28.09 -53.60 -25.03
N LYS A 123 26.90 -53.68 -24.43
CA LYS A 123 26.13 -52.47 -24.14
C LYS A 123 26.91 -51.52 -23.24
N LYS A 124 27.46 -52.05 -22.13
CA LYS A 124 28.29 -51.22 -21.27
C LYS A 124 29.59 -50.84 -21.96
N ASP A 125 30.10 -51.72 -22.82
CA ASP A 125 31.31 -51.40 -23.57
C ASP A 125 31.09 -50.21 -24.51
N ARG A 126 29.95 -50.20 -25.20
CA ARG A 126 29.66 -49.10 -26.13
C ARG A 126 29.48 -47.79 -25.39
N VAL A 127 28.78 -47.81 -24.25
CA VAL A 127 28.62 -46.60 -23.46
C VAL A 127 29.95 -46.11 -22.93
N ASN A 128 30.76 -47.03 -22.39
CA ASN A 128 32.05 -46.65 -21.83
C ASN A 128 33.01 -46.19 -22.91
N HIS A 129 33.03 -46.87 -24.06
CA HIS A 129 33.93 -46.48 -25.14
C HIS A 129 33.61 -45.08 -25.64
N CYS A 130 32.33 -44.79 -25.86
CA CYS A 130 31.94 -43.46 -26.29
C CYS A 130 32.20 -42.43 -25.20
N LEU A 131 31.94 -42.77 -23.94
CA LEU A 131 32.24 -41.87 -22.84
C LEU A 131 33.74 -41.67 -22.68
N THR A 132 34.54 -42.69 -22.98
CA THR A 132 35.99 -42.53 -22.95
C THR A 132 36.46 -41.51 -23.99
N ILE A 133 35.98 -41.65 -25.23
CA ILE A 133 36.32 -40.66 -26.25
C ILE A 133 35.59 -39.34 -26.00
N CYS A 134 34.50 -39.38 -25.21
CA CYS A 134 33.80 -38.16 -24.84
C CYS A 134 34.69 -37.23 -24.02
N GLU A 135 35.27 -37.76 -22.95
CA GLU A 135 36.15 -36.96 -22.11
C GLU A 135 37.52 -36.74 -22.74
N ASN A 136 37.98 -37.68 -23.56
CA ASN A 136 39.30 -37.57 -24.17
C ASN A 136 39.39 -36.38 -25.12
N ILE A 137 38.35 -36.19 -25.94
CA ILE A 137 38.40 -35.14 -26.96
C ILE A 137 38.29 -33.76 -26.32
N VAL A 138 37.46 -33.61 -25.29
CA VAL A 138 37.30 -32.31 -24.65
C VAL A 138 38.53 -31.96 -23.84
N ALA A 139 39.05 -32.91 -23.06
CA ALA A 139 40.22 -32.68 -22.22
C ALA A 139 41.46 -32.98 -23.03
N GLN A 140 41.81 -32.04 -23.91
CA GLN A 140 42.98 -32.19 -24.76
C GLN A 140 43.56 -30.81 -24.96
N SER A 141 44.86 -30.65 -24.68
CA SER A 141 45.46 -29.31 -24.67
C SER A 141 45.45 -28.70 -26.07
N VAL A 142 45.91 -29.43 -27.07
CA VAL A 142 45.98 -28.91 -28.43
C VAL A 142 44.65 -29.14 -29.12
N ARG A 143 44.16 -28.11 -29.83
CA ARG A 143 42.89 -28.19 -30.54
C ARG A 143 43.03 -27.81 -32.01
N ASN A 144 44.26 -27.79 -32.53
CA ASN A 144 44.48 -27.51 -33.94
C ASN A 144 45.52 -28.42 -34.58
N SER A 145 45.97 -29.46 -33.89
CA SER A 145 46.92 -30.40 -34.48
C SER A 145 46.24 -31.18 -35.60
N PRO A 146 46.99 -31.57 -36.64
CA PRO A 146 46.37 -32.30 -37.75
C PRO A 146 45.71 -33.60 -37.32
N GLU A 147 46.29 -34.30 -36.34
CA GLU A 147 45.66 -35.52 -35.84
C GLU A 147 44.37 -35.22 -35.11
N PHE A 148 44.27 -34.04 -34.47
CA PHE A 148 43.05 -33.69 -33.75
C PHE A 148 41.87 -33.54 -34.70
N GLN A 149 42.09 -32.93 -35.87
CA GLN A 149 41.02 -32.75 -36.84
C GLN A 149 40.48 -34.09 -37.32
N LYS A 150 41.38 -35.03 -37.63
CA LYS A 150 40.96 -36.37 -38.02
C LYS A 150 40.26 -37.08 -36.86
N LEU A 151 40.81 -36.97 -35.65
CA LEU A 151 40.23 -37.65 -34.50
C LEU A 151 38.85 -37.07 -34.17
N LEU A 152 38.71 -35.74 -34.28
CA LEU A 152 37.42 -35.12 -34.01
C LEU A 152 36.35 -35.61 -34.96
N GLY A 153 36.69 -35.76 -36.25
CA GLY A 153 35.73 -36.29 -37.19
C GLY A 153 35.30 -37.71 -36.85
N ILE A 154 36.25 -38.56 -36.46
CA ILE A 154 35.92 -39.93 -36.06
C ILE A 154 35.06 -39.91 -34.81
N ALA A 155 35.45 -39.10 -33.82
CA ALA A 155 34.66 -38.99 -32.59
C ALA A 155 33.27 -38.43 -32.88
N MET A 156 33.19 -37.46 -33.79
CA MET A 156 31.89 -36.88 -34.14
C MET A 156 30.96 -37.92 -34.75
N GLU A 157 31.43 -38.62 -35.79
CA GLU A 157 30.57 -39.56 -36.50
C GLU A 157 30.18 -40.74 -35.62
N LEU A 158 31.04 -41.10 -34.67
CA LEU A 158 30.71 -42.19 -33.76
C LEU A 158 29.51 -41.83 -32.90
N PHE A 159 29.44 -40.58 -32.43
CA PHE A 159 28.30 -40.15 -31.61
C PHE A 159 27.01 -40.18 -32.40
N LEU A 160 27.02 -39.70 -33.66
CA LEU A 160 25.84 -39.82 -34.50
C LEU A 160 25.46 -41.27 -34.73
N LEU A 161 26.44 -42.13 -34.99
CA LEU A 161 26.17 -43.56 -35.14
C LEU A 161 25.64 -44.12 -33.83
N CYS A 162 26.26 -43.73 -32.70
CA CYS A 162 25.80 -44.19 -31.40
C CYS A 162 24.49 -43.53 -30.99
N SER A 163 24.05 -42.49 -31.71
CA SER A 163 22.81 -41.82 -31.36
C SER A 163 21.59 -42.65 -31.72
N ASP A 164 21.74 -43.66 -32.58
CA ASP A 164 20.66 -44.55 -32.97
C ASP A 164 21.07 -45.97 -32.59
N ASP A 165 20.79 -46.35 -31.34
CA ASP A 165 21.06 -47.68 -30.84
C ASP A 165 19.80 -48.21 -30.17
N ALA A 166 19.70 -49.54 -30.10
CA ALA A 166 18.52 -50.17 -29.52
C ALA A 166 18.35 -49.80 -28.07
N GLU A 167 19.45 -49.81 -27.30
CA GLU A 167 19.37 -49.47 -25.89
C GLU A 167 19.16 -47.97 -25.73
N SER A 168 18.15 -47.59 -24.96
CA SER A 168 17.83 -46.19 -24.78
C SER A 168 18.94 -45.45 -24.05
N ASP A 169 19.48 -46.05 -22.98
CA ASP A 169 20.50 -45.38 -22.18
C ASP A 169 21.75 -45.10 -23.00
N VAL A 170 22.01 -45.93 -24.01
CA VAL A 170 23.10 -45.63 -24.95
C VAL A 170 22.81 -44.32 -25.68
N ARG A 171 21.54 -44.07 -25.99
CA ARG A 171 21.20 -42.88 -26.77
C ARG A 171 21.27 -41.61 -25.94
N MET A 172 20.78 -41.63 -24.69
CA MET A 172 20.90 -40.40 -23.89
C MET A 172 22.33 -40.13 -23.46
N VAL A 173 23.25 -41.07 -23.67
CA VAL A 173 24.65 -40.82 -23.37
C VAL A 173 25.39 -40.32 -24.60
N ALA A 174 25.10 -40.92 -25.77
CA ALA A 174 25.74 -40.49 -27.00
C ALA A 174 25.37 -39.05 -27.34
N ASP A 175 24.09 -38.69 -27.20
CA ASP A 175 23.67 -37.34 -27.55
C ASP A 175 24.11 -36.34 -26.50
N GLU A 176 24.16 -36.75 -25.23
CA GLU A 176 24.64 -35.85 -24.18
C GLU A 176 26.09 -35.48 -24.40
N CYS A 177 26.91 -36.45 -24.79
CA CYS A 177 28.29 -36.15 -25.17
C CYS A 177 28.40 -35.54 -26.56
N LEU A 178 27.35 -35.68 -27.38
CA LEU A 178 27.35 -35.04 -28.69
C LEU A 178 27.42 -33.52 -28.57
N ASN A 179 26.61 -32.95 -27.69
CA ASN A 179 26.63 -31.50 -27.50
C ASN A 179 27.64 -31.06 -26.45
N LYS A 180 28.03 -31.96 -25.53
CA LYS A 180 29.09 -31.62 -24.59
C LYS A 180 30.40 -31.36 -25.32
N VAL A 181 30.70 -32.17 -26.34
CA VAL A 181 31.87 -31.91 -27.17
C VAL A 181 31.69 -30.62 -27.95
N ILE A 182 30.47 -30.38 -28.46
CA ILE A 182 30.22 -29.18 -29.26
C ILE A 182 30.39 -27.93 -28.41
N LYS A 183 29.84 -27.93 -27.20
CA LYS A 183 29.93 -26.76 -26.33
C LYS A 183 31.38 -26.43 -26.00
N ALA A 184 32.19 -27.46 -25.71
CA ALA A 184 33.59 -27.24 -25.41
C ALA A 184 34.35 -26.71 -26.62
N LEU A 185 34.03 -27.23 -27.80
CA LEU A 185 34.73 -26.87 -29.03
C LEU A 185 33.96 -25.86 -29.88
N MET A 186 32.97 -25.19 -29.29
CA MET A 186 32.15 -24.25 -30.05
C MET A 186 32.94 -23.06 -30.55
N ASP A 187 34.13 -22.80 -30.00
CA ASP A 187 34.96 -21.68 -30.40
C ASP A 187 36.19 -22.11 -31.18
N SER A 188 36.89 -23.14 -30.72
CA SER A 188 38.15 -23.52 -31.36
C SER A 188 37.93 -24.26 -32.68
N ASN A 189 36.88 -25.08 -32.77
CA ASN A 189 36.74 -25.96 -33.93
C ASN A 189 35.30 -26.02 -34.44
N LEU A 190 34.57 -24.91 -34.34
CA LEU A 190 33.20 -24.88 -34.87
C LEU A 190 33.11 -25.16 -36.37
N PRO A 191 33.97 -24.60 -37.23
CA PRO A 191 33.87 -24.95 -38.65
C PRO A 191 34.01 -26.44 -38.93
N ARG A 192 34.85 -27.14 -38.17
CA ARG A 192 34.96 -28.58 -38.34
C ARG A 192 33.71 -29.30 -37.86
N LEU A 193 33.12 -28.84 -36.76
CA LEU A 193 31.90 -29.45 -36.26
C LEU A 193 30.75 -29.27 -37.24
N GLN A 194 30.64 -28.10 -37.86
CA GLN A 194 29.60 -27.86 -38.84
C GLN A 194 29.75 -28.79 -40.04
N LEU A 195 30.99 -29.01 -40.50
CA LEU A 195 31.21 -29.92 -41.60
C LEU A 195 30.78 -31.34 -41.24
N GLU A 196 31.14 -31.80 -40.04
CA GLU A 196 30.79 -33.15 -39.64
C GLU A 196 29.29 -33.31 -39.45
N LEU A 197 28.63 -32.30 -38.86
CA LEU A 197 27.19 -32.36 -38.69
C LEU A 197 26.48 -32.40 -40.05
N TYR A 198 26.95 -31.60 -41.00
CA TYR A 198 26.33 -31.58 -42.32
C TYR A 198 26.57 -32.88 -43.09
N LYS A 199 27.77 -33.46 -42.94
CA LYS A 199 28.05 -34.72 -43.62
C LYS A 199 27.09 -35.82 -43.20
N GLU A 200 26.58 -35.76 -41.97
CA GLU A 200 25.58 -36.74 -41.55
C GLU A 200 24.23 -36.46 -42.20
N ILE A 201 23.85 -35.18 -42.31
CA ILE A 201 22.60 -34.83 -42.95
C ILE A 201 22.65 -35.16 -44.44
N LYS A 202 23.83 -35.00 -45.05
CA LYS A 202 23.97 -35.28 -46.47
C LYS A 202 23.66 -36.74 -46.78
N LYS A 203 24.14 -37.66 -45.94
CA LYS A 203 23.83 -39.08 -46.08
C LYS A 203 22.52 -39.35 -45.35
N ASN A 204 21.41 -39.36 -46.11
CA ASN A 204 20.11 -39.65 -45.53
C ASN A 204 20.12 -41.04 -44.91
N GLY A 205 20.04 -41.12 -43.59
CA GLY A 205 20.17 -42.36 -42.87
C GLY A 205 18.99 -42.62 -41.97
N ALA A 206 19.27 -43.25 -40.83
CA ALA A 206 18.23 -43.60 -39.88
C ALA A 206 17.55 -42.34 -39.34
N PRO A 207 16.24 -42.40 -39.08
CA PRO A 207 15.53 -41.19 -38.64
C PRO A 207 16.08 -40.57 -37.37
N ARG A 208 16.53 -41.38 -36.42
CA ARG A 208 17.02 -40.82 -35.15
C ARG A 208 18.41 -40.22 -35.27
N SER A 209 19.25 -40.76 -36.15
CA SER A 209 20.58 -40.22 -36.34
C SER A 209 20.56 -38.97 -37.23
N LEU A 210 19.73 -38.96 -38.27
CA LEU A 210 19.60 -37.78 -39.11
C LEU A 210 19.03 -36.61 -38.32
N ARG A 211 17.93 -36.85 -37.60
CA ARG A 211 17.33 -35.79 -36.79
C ARG A 211 18.20 -35.40 -35.61
N ALA A 212 19.18 -36.25 -35.24
CA ALA A 212 20.15 -35.85 -34.23
C ALA A 212 21.15 -34.86 -34.79
N ALA A 213 21.60 -35.08 -36.02
CA ALA A 213 22.52 -34.14 -36.65
C ALA A 213 21.81 -32.90 -37.16
N LEU A 214 20.56 -33.05 -37.62
CA LEU A 214 19.83 -31.92 -38.18
C LEU A 214 19.53 -30.87 -37.12
N TRP A 215 19.06 -31.30 -35.94
CA TRP A 215 18.68 -30.33 -34.92
C TRP A 215 19.88 -29.63 -34.30
N ARG A 216 21.07 -30.20 -34.42
CA ARG A 216 22.28 -29.54 -33.94
C ARG A 216 22.88 -28.60 -34.98
N PHE A 217 22.82 -28.98 -36.26
CA PHE A 217 23.33 -28.11 -37.31
C PHE A 217 22.54 -26.81 -37.38
N ALA A 218 21.22 -26.89 -37.14
CA ALA A 218 20.40 -25.69 -37.11
C ALA A 218 20.81 -24.77 -35.96
N GLU A 219 21.13 -25.36 -34.80
CA GLU A 219 21.49 -24.55 -33.64
C GLU A 219 22.80 -23.79 -33.87
N LEU A 220 23.77 -24.44 -34.51
CA LEU A 220 25.05 -23.83 -34.78
C LEU A 220 25.10 -23.12 -36.14
N ALA A 221 23.96 -23.02 -36.82
CA ALA A 221 23.94 -22.39 -38.14
C ALA A 221 24.29 -20.91 -38.04
N HIS A 222 23.78 -20.22 -37.03
CA HIS A 222 23.98 -18.78 -36.91
C HIS A 222 25.40 -18.41 -36.53
N LEU A 223 26.24 -19.37 -36.16
CA LEU A 223 27.63 -19.10 -35.81
C LEU A 223 28.57 -19.23 -37.00
N VAL A 224 28.04 -19.47 -38.20
CA VAL A 224 28.87 -19.55 -39.40
C VAL A 224 29.12 -18.13 -39.90
N ARG A 225 30.39 -17.85 -40.23
CA ARG A 225 30.74 -16.52 -40.71
C ARG A 225 30.14 -16.28 -42.09
N PRO A 226 29.84 -15.03 -42.43
CA PRO A 226 29.17 -14.76 -43.72
C PRO A 226 29.94 -15.24 -44.92
N GLN A 227 31.27 -15.30 -44.85
CA GLN A 227 32.06 -15.78 -45.98
C GLN A 227 31.79 -17.24 -46.30
N LYS A 228 31.23 -18.00 -45.36
CA LYS A 228 30.96 -19.42 -45.54
C LYS A 228 29.47 -19.72 -45.56
N CYS A 229 28.61 -18.71 -45.64
CA CYS A 229 27.17 -18.91 -45.65
C CYS A 229 26.61 -19.24 -47.02
N ARG A 230 27.32 -18.89 -48.09
CA ARG A 230 26.88 -19.24 -49.43
C ARG A 230 27.21 -20.70 -49.78
N PRO A 231 28.44 -21.18 -49.56
CA PRO A 231 28.70 -22.60 -49.87
C PRO A 231 27.84 -23.57 -49.08
N TYR A 232 27.57 -23.25 -47.81
CA TYR A 232 26.74 -24.14 -47.00
C TYR A 232 25.30 -24.19 -47.52
N LEU A 233 24.76 -23.04 -47.90
CA LEU A 233 23.39 -23.01 -48.41
C LEU A 233 23.24 -23.82 -49.68
N VAL A 234 24.22 -23.71 -50.60
CA VAL A 234 24.16 -24.46 -51.84
C VAL A 234 24.17 -25.96 -51.56
N ASN A 235 25.05 -26.39 -50.66
CA ASN A 235 25.11 -27.81 -50.31
C ASN A 235 23.87 -28.24 -49.54
N LEU A 236 23.27 -27.34 -48.77
CA LEU A 236 22.16 -27.71 -47.90
C LEU A 236 20.80 -27.61 -48.59
N LEU A 237 20.74 -27.04 -49.79
CA LEU A 237 19.47 -27.01 -50.51
C LEU A 237 18.96 -28.40 -50.85
N PRO A 238 19.75 -29.31 -51.44
CA PRO A 238 19.24 -30.67 -51.64
C PRO A 238 18.88 -31.37 -50.35
N CYS A 239 19.63 -31.14 -49.28
CA CYS A 239 19.37 -31.81 -48.00
C CYS A 239 18.00 -31.42 -47.46
N LEU A 240 17.66 -30.13 -47.51
CA LEU A 240 16.37 -29.68 -47.01
C LEU A 240 15.23 -30.25 -47.84
N THR A 241 15.39 -30.26 -49.17
CA THR A 241 14.36 -30.83 -50.03
C THR A 241 14.24 -32.34 -49.83
N ARG A 242 15.39 -33.03 -49.77
CA ARG A 242 15.38 -34.48 -49.61
C ARG A 242 14.79 -34.88 -48.26
N THR A 243 15.16 -34.18 -47.19
CA THR A 243 14.64 -34.50 -45.87
C THR A 243 13.15 -34.22 -45.75
N SER A 244 12.62 -33.32 -46.58
CA SER A 244 11.18 -33.10 -46.58
C SER A 244 10.40 -34.31 -47.10
N LYS A 245 11.05 -35.15 -47.91
CA LYS A 245 10.39 -36.35 -48.43
C LYS A 245 10.32 -37.46 -47.40
N ARG A 246 11.10 -37.37 -46.33
CA ARG A 246 11.08 -38.42 -45.31
C ARG A 246 9.71 -38.46 -44.64
N PRO A 247 9.06 -39.62 -44.58
CA PRO A 247 7.70 -39.69 -44.04
C PRO A 247 7.61 -39.83 -42.53
N GLU A 248 8.73 -39.98 -41.82
CA GLU A 248 8.67 -40.13 -40.37
C GLU A 248 8.15 -38.86 -39.72
N GLU A 249 7.25 -39.03 -38.76
CA GLU A 249 6.70 -37.89 -38.04
C GLU A 249 7.68 -37.27 -37.05
N SER A 250 8.80 -37.94 -36.77
CA SER A 250 9.83 -37.38 -35.91
C SER A 250 10.86 -36.60 -36.72
N VAL A 251 11.19 -37.07 -37.92
CA VAL A 251 12.09 -36.32 -38.80
C VAL A 251 11.46 -35.00 -39.21
N GLN A 252 10.17 -35.02 -39.54
CA GLN A 252 9.50 -33.80 -39.97
C GLN A 252 9.46 -32.78 -38.83
N GLU A 253 9.26 -33.24 -37.60
CA GLU A 253 9.25 -32.32 -36.47
C GLU A 253 10.60 -31.64 -36.30
N THR A 254 11.69 -32.40 -36.43
CA THR A 254 13.02 -31.81 -36.36
C THR A 254 13.25 -30.83 -37.50
N LEU A 255 12.86 -31.20 -38.71
CA LEU A 255 13.02 -30.30 -39.85
C LEU A 255 12.11 -29.08 -39.72
N ALA A 256 10.98 -29.23 -39.04
CA ALA A 256 10.10 -28.09 -38.83
C ALA A 256 10.77 -26.99 -38.01
N ALA A 257 11.74 -27.38 -37.17
CA ALA A 257 12.46 -26.39 -36.38
C ALA A 257 13.79 -26.01 -37.03
N ALA A 258 14.37 -26.93 -37.81
CA ALA A 258 15.67 -26.66 -38.43
C ALA A 258 15.57 -25.65 -39.56
N VAL A 259 14.46 -25.65 -40.30
CA VAL A 259 14.33 -24.74 -41.43
C VAL A 259 14.34 -23.27 -41.01
N PRO A 260 13.55 -22.83 -40.02
CA PRO A 260 13.62 -21.41 -39.63
C PRO A 260 15.00 -20.98 -39.16
N LYS A 261 15.71 -21.84 -38.44
CA LYS A 261 17.04 -21.49 -37.95
C LYS A 261 18.04 -21.42 -39.09
N ILE A 262 17.96 -22.36 -40.04
CA ILE A 262 18.89 -22.36 -41.16
C ILE A 262 18.61 -21.20 -42.10
N MET A 263 17.33 -20.97 -42.41
CA MET A 263 16.98 -19.89 -43.34
C MET A 263 17.33 -18.52 -42.76
N ALA A 264 17.14 -18.34 -41.45
CA ALA A 264 17.47 -17.07 -40.82
C ALA A 264 18.95 -16.74 -40.93
N SER A 265 19.80 -17.76 -41.13
CA SER A 265 21.24 -17.53 -41.27
C SER A 265 21.73 -17.67 -42.70
N PHE A 266 21.04 -18.43 -43.55
CA PHE A 266 21.47 -18.65 -44.92
C PHE A 266 20.51 -18.11 -45.97
N GLY A 267 19.35 -17.58 -45.57
CA GLY A 267 18.34 -17.20 -46.55
C GLY A 267 18.79 -16.07 -47.46
N ASN A 268 19.46 -15.07 -46.89
CA ASN A 268 19.88 -13.92 -47.68
C ASN A 268 20.95 -14.25 -48.71
N PHE A 269 21.54 -15.44 -48.65
CA PHE A 269 22.55 -15.86 -49.61
C PHE A 269 21.98 -16.73 -50.72
N ALA A 270 20.67 -16.68 -50.93
CA ALA A 270 19.99 -17.57 -51.86
C ALA A 270 19.52 -16.81 -53.09
N ASN A 271 19.66 -17.46 -54.24
CA ASN A 271 19.11 -16.90 -55.47
C ASN A 271 17.59 -16.92 -55.43
N ASP A 272 16.98 -16.09 -56.29
CA ASP A 272 15.53 -16.00 -56.33
C ASP A 272 14.91 -17.33 -56.73
N ASN A 273 15.54 -18.05 -57.67
CA ASN A 273 15.03 -19.34 -58.09
C ASN A 273 15.29 -20.41 -57.03
N GLU A 274 16.37 -20.28 -56.26
CA GLU A 274 16.65 -21.27 -55.22
C GLU A 274 15.56 -21.28 -54.16
N ILE A 275 15.07 -20.10 -53.77
CA ILE A 275 13.94 -20.03 -52.84
C ILE A 275 12.71 -20.71 -53.45
N LYS A 276 12.52 -20.53 -54.77
CA LYS A 276 11.39 -21.17 -55.43
C LYS A 276 11.51 -22.70 -55.38
N VAL A 277 12.74 -23.21 -55.48
CA VAL A 277 12.95 -24.66 -55.44
C VAL A 277 12.52 -25.21 -54.08
N LEU A 278 12.94 -24.55 -53.00
CA LEU A 278 12.57 -25.01 -51.67
C LEU A 278 11.07 -24.87 -51.43
N LEU A 279 10.48 -23.76 -51.87
CA LEU A 279 9.05 -23.56 -51.66
C LEU A 279 8.22 -24.61 -52.40
N LYS A 280 8.59 -24.92 -53.65
CA LYS A 280 7.87 -25.94 -54.40
C LYS A 280 8.02 -27.30 -53.74
N ALA A 281 9.19 -27.59 -53.17
CA ALA A 281 9.39 -28.86 -52.49
C ALA A 281 8.48 -28.98 -51.27
N PHE A 282 8.34 -27.90 -50.50
CA PHE A 282 7.51 -27.95 -49.31
C PHE A 282 6.02 -27.85 -49.63
N ILE A 283 5.66 -27.15 -50.70
CA ILE A 283 4.25 -27.08 -51.10
C ILE A 283 3.73 -28.45 -51.48
N ALA A 284 4.59 -29.29 -52.07
CA ALA A 284 4.19 -30.64 -52.44
C ALA A 284 3.79 -31.48 -51.24
N ASN A 285 4.21 -31.10 -50.03
CA ASN A 285 3.85 -31.82 -48.82
C ASN A 285 2.57 -31.29 -48.17
N LEU A 286 1.92 -30.31 -48.79
CA LEU A 286 0.72 -29.73 -48.19
C LEU A 286 -0.49 -30.64 -48.28
N LYS A 287 -0.46 -31.62 -49.18
CA LYS A 287 -1.55 -32.56 -49.36
C LYS A 287 -1.34 -33.88 -48.63
N SER A 288 -0.29 -33.97 -47.82
CA SER A 288 0.01 -35.20 -47.11
C SER A 288 -1.04 -35.48 -46.05
N SER A 289 -1.24 -36.77 -45.77
CA SER A 289 -2.23 -37.19 -44.78
C SER A 289 -1.79 -36.87 -43.37
N SER A 290 -0.51 -36.98 -43.08
CA SER A 290 -0.01 -36.75 -41.73
C SER A 290 -0.07 -35.27 -41.39
N PRO A 291 -0.75 -34.87 -40.31
CA PRO A 291 -0.74 -33.46 -39.93
C PRO A 291 0.65 -32.92 -39.63
N THR A 292 1.53 -33.76 -39.07
CA THR A 292 2.89 -33.32 -38.79
C THR A 292 3.62 -32.94 -40.09
N ILE A 293 3.49 -33.76 -41.12
CA ILE A 293 4.03 -33.41 -42.42
C ILE A 293 3.29 -32.19 -42.99
N ARG A 294 1.96 -32.17 -42.82
CA ARG A 294 1.15 -31.10 -43.36
C ARG A 294 1.38 -29.77 -42.63
N ARG A 295 1.82 -29.81 -41.37
CA ARG A 295 2.12 -28.59 -40.63
C ARG A 295 3.57 -28.15 -40.77
N THR A 296 4.50 -29.11 -40.88
CA THR A 296 5.89 -28.75 -41.14
C THR A 296 6.03 -28.03 -42.47
N ALA A 297 5.30 -28.49 -43.49
CA ALA A 297 5.35 -27.84 -44.79
C ALA A 297 4.84 -26.41 -44.72
N ALA A 298 3.76 -26.18 -43.97
CA ALA A 298 3.20 -24.84 -43.86
C ALA A 298 4.18 -23.90 -43.15
N GLY A 299 4.77 -24.37 -42.05
CA GLY A 299 5.71 -23.52 -41.32
C GLY A 299 6.97 -23.23 -42.10
N SER A 300 7.53 -24.25 -42.74
CA SER A 300 8.78 -24.07 -43.47
C SER A 300 8.58 -23.16 -44.67
N ALA A 301 7.47 -23.31 -45.40
CA ALA A 301 7.23 -22.49 -46.58
C ALA A 301 7.14 -21.02 -46.21
N VAL A 302 6.41 -20.70 -45.15
CA VAL A 302 6.28 -19.32 -44.72
C VAL A 302 7.63 -18.79 -44.23
N SER A 303 8.34 -19.60 -43.44
CA SER A 303 9.62 -19.14 -42.89
C SER A 303 10.67 -18.97 -43.97
N ILE A 304 10.61 -19.77 -45.04
CA ILE A 304 11.57 -19.64 -46.12
C ILE A 304 11.43 -18.28 -46.79
N CYS A 305 10.18 -17.86 -47.05
CA CYS A 305 9.95 -16.55 -47.63
C CYS A 305 10.39 -15.43 -46.68
N GLN A 306 10.11 -15.61 -45.38
CA GLN A 306 10.40 -14.55 -44.40
C GLN A 306 11.88 -14.23 -44.34
N HIS A 307 12.75 -15.21 -44.55
CA HIS A 307 14.19 -15.02 -44.42
C HIS A 307 14.88 -14.92 -45.77
N SER A 308 14.14 -14.66 -46.84
CA SER A 308 14.71 -14.50 -48.17
C SER A 308 15.06 -13.04 -48.42
N ARG A 309 15.80 -12.80 -49.50
CA ARG A 309 16.19 -11.44 -49.86
C ARG A 309 14.97 -10.59 -50.18
N ARG A 310 14.12 -11.07 -51.09
CA ARG A 310 12.94 -10.32 -51.52
C ARG A 310 11.73 -10.87 -50.76
N THR A 311 11.62 -10.43 -49.50
CA THR A 311 10.56 -10.95 -48.64
C THR A 311 9.18 -10.62 -49.20
N GLN A 312 8.96 -9.38 -49.63
CA GLN A 312 7.65 -9.00 -50.14
C GLN A 312 7.34 -9.71 -51.45
N TYR A 313 8.34 -9.87 -52.32
CA TYR A 313 8.10 -10.55 -53.59
C TYR A 313 7.67 -12.00 -53.38
N PHE A 314 8.35 -12.71 -52.48
CA PHE A 314 8.01 -14.11 -52.25
C PHE A 314 6.71 -14.25 -51.47
N TYR A 315 6.38 -13.26 -50.63
CA TYR A 315 5.07 -13.28 -49.98
C TYR A 315 3.95 -13.24 -51.00
N SER A 316 4.08 -12.37 -52.01
CA SER A 316 3.11 -12.36 -53.09
C SER A 316 3.19 -13.62 -53.94
N TRP A 317 4.42 -14.09 -54.19
CA TRP A 317 4.60 -15.30 -54.99
C TRP A 317 3.98 -16.51 -54.30
N LEU A 318 4.19 -16.63 -52.99
CA LEU A 318 3.58 -17.72 -52.24
C LEU A 318 2.06 -17.56 -52.18
N LEU A 319 1.60 -16.32 -52.04
CA LEU A 319 0.17 -16.08 -51.85
C LEU A 319 -0.65 -16.53 -53.06
N ASN A 320 -0.17 -16.22 -54.28
CA ASN A 320 -0.92 -16.62 -55.47
C ASN A 320 -0.80 -18.13 -55.70
N VAL A 321 0.36 -18.70 -55.38
CA VAL A 321 0.53 -20.14 -55.52
C VAL A 321 -0.43 -20.89 -54.59
N LEU A 322 -0.51 -20.45 -53.34
CA LEU A 322 -1.45 -21.05 -52.41
C LEU A 322 -2.88 -20.80 -52.86
N LEU A 323 -3.19 -19.57 -53.31
CA LEU A 323 -4.51 -19.29 -53.83
C LEU A 323 -4.81 -20.13 -55.06
N GLY A 324 -3.85 -20.22 -55.99
CA GLY A 324 -4.06 -21.02 -57.19
C GLY A 324 -4.37 -22.46 -56.90
N LEU A 325 -3.90 -22.97 -55.74
CA LEU A 325 -4.23 -24.32 -55.33
C LEU A 325 -5.70 -24.48 -54.95
N LEU A 326 -6.38 -23.39 -54.60
CA LEU A 326 -7.76 -23.46 -54.15
C LEU A 326 -8.71 -22.43 -54.76
N VAL A 327 -8.20 -21.40 -55.44
CA VAL A 327 -9.06 -20.33 -55.95
C VAL A 327 -10.07 -20.85 -56.97
N PRO A 328 -9.85 -21.99 -57.67
CA PRO A 328 -11.00 -22.64 -58.32
C PRO A 328 -11.94 -23.24 -57.30
N VAL A 329 -12.72 -22.38 -56.64
CA VAL A 329 -13.46 -22.80 -55.45
C VAL A 329 -14.52 -23.83 -55.80
N GLU A 330 -15.21 -23.65 -56.92
CA GLU A 330 -16.32 -24.54 -57.25
C GLU A 330 -15.86 -25.97 -57.46
N ASP A 331 -14.71 -26.18 -58.10
CA ASP A 331 -14.22 -27.52 -58.34
C ASP A 331 -13.77 -28.18 -57.04
N GLU A 332 -13.80 -29.51 -57.04
CA GLU A 332 -13.47 -30.28 -55.85
C GLU A 332 -11.99 -30.16 -55.51
N HIS A 333 -11.70 -30.07 -54.22
CA HIS A 333 -10.34 -30.04 -53.71
C HIS A 333 -10.21 -31.06 -52.58
N SER A 334 -9.04 -31.68 -52.49
CA SER A 334 -8.80 -32.65 -51.42
C SER A 334 -8.87 -31.96 -50.06
N THR A 335 -9.55 -32.62 -49.11
CA THR A 335 -9.62 -32.07 -47.76
C THR A 335 -8.24 -31.94 -47.15
N LEU A 336 -7.35 -32.89 -47.44
CA LEU A 336 -5.97 -32.80 -46.97
C LEU A 336 -5.29 -31.55 -47.51
N LEU A 337 -5.47 -31.28 -48.81
CA LEU A 337 -4.88 -30.09 -49.40
C LEU A 337 -5.48 -28.82 -48.82
N ILE A 338 -6.80 -28.82 -48.56
CA ILE A 338 -7.46 -27.65 -48.02
C ILE A 338 -6.89 -27.31 -46.65
N LEU A 339 -6.71 -28.33 -45.80
CA LEU A 339 -6.16 -28.09 -44.47
C LEU A 339 -4.71 -27.60 -44.55
N GLY A 340 -3.93 -28.13 -45.48
CA GLY A 340 -2.55 -27.69 -45.62
C GLY A 340 -2.43 -26.23 -46.04
N VAL A 341 -3.23 -25.82 -47.01
CA VAL A 341 -3.15 -24.45 -47.50
C VAL A 341 -3.70 -23.47 -46.47
N LEU A 342 -4.83 -23.81 -45.84
CA LEU A 342 -5.41 -22.93 -44.84
C LEU A 342 -4.46 -22.70 -43.68
N LEU A 343 -3.70 -23.72 -43.29
CA LEU A 343 -2.70 -23.54 -42.24
C LEU A 343 -1.55 -22.66 -42.73
N THR A 344 -1.13 -22.83 -43.98
CA THR A 344 -0.04 -22.03 -44.51
C THR A 344 -0.41 -20.56 -44.55
N LEU A 345 -1.64 -20.24 -44.94
CA LEU A 345 -2.09 -18.86 -44.95
C LEU A 345 -2.09 -18.28 -43.53
N ARG A 346 -2.48 -19.10 -42.54
CA ARG A 346 -2.50 -18.64 -41.16
C ARG A 346 -1.10 -18.30 -40.67
N TYR A 347 -0.09 -19.04 -41.13
CA TYR A 347 1.29 -18.70 -40.79
C TYR A 347 1.80 -17.50 -41.57
N LEU A 348 1.16 -17.17 -42.69
CA LEU A 348 1.61 -16.07 -43.53
C LEU A 348 0.88 -14.77 -43.25
N VAL A 349 -0.32 -14.84 -42.66
CA VAL A 349 -1.09 -13.63 -42.41
C VAL A 349 -0.36 -12.64 -41.50
N PRO A 350 0.21 -13.04 -40.36
CA PRO A 350 0.90 -12.06 -39.51
C PRO A 350 2.06 -11.38 -40.20
N LEU A 351 2.77 -12.08 -41.08
CA LEU A 351 3.91 -11.50 -41.77
C LEU A 351 3.52 -10.58 -42.91
N LEU A 352 2.23 -10.55 -43.28
CA LEU A 352 1.75 -9.64 -44.31
C LEU A 352 1.37 -8.27 -43.77
N GLN A 353 1.54 -8.04 -42.47
CA GLN A 353 1.19 -6.76 -41.84
C GLN A 353 2.31 -5.73 -42.04
N GLN A 354 2.69 -5.57 -43.31
CA GLN A 354 3.77 -4.65 -43.70
C GLN A 354 5.04 -4.88 -42.90
N VAL A 374 7.48 -5.75 -56.23
CA VAL A 374 6.08 -6.16 -56.12
C VAL A 374 5.78 -6.61 -54.69
N SER A 375 4.50 -6.69 -54.36
CA SER A 375 4.06 -7.07 -53.02
C SER A 375 2.65 -7.60 -53.11
N PRO A 376 2.18 -8.34 -52.11
CA PRO A 376 0.79 -8.79 -52.11
C PRO A 376 -0.17 -7.60 -52.20
N SER A 377 -1.20 -7.75 -53.02
CA SER A 377 -2.14 -6.68 -53.30
C SER A 377 -3.46 -6.92 -52.56
N ALA A 378 -4.26 -5.87 -52.48
CA ALA A 378 -5.56 -5.98 -51.83
C ALA A 378 -6.45 -7.00 -52.53
N GLU A 379 -6.28 -7.17 -53.84
CA GLU A 379 -7.04 -8.19 -54.56
C GLU A 379 -6.68 -9.58 -54.08
N GLN A 380 -5.38 -9.84 -53.87
CA GLN A 380 -4.96 -11.14 -53.35
C GLN A 380 -5.47 -11.36 -51.94
N LEU A 381 -5.38 -10.33 -51.09
CA LEU A 381 -5.80 -10.48 -49.70
C LEU A 381 -7.30 -10.72 -49.60
N VAL A 382 -8.10 -9.99 -50.37
CA VAL A 382 -9.54 -10.18 -50.32
C VAL A 382 -9.91 -11.55 -50.88
N GLN A 383 -9.12 -12.06 -51.82
CA GLN A 383 -9.33 -13.43 -52.31
C GLN A 383 -9.12 -14.44 -51.21
N VAL A 384 -8.08 -14.24 -50.38
CA VAL A 384 -7.86 -15.12 -49.24
C VAL A 384 -9.02 -15.04 -48.26
N TYR A 385 -9.52 -13.84 -48.00
CA TYR A 385 -10.65 -13.68 -47.10
C TYR A 385 -11.90 -14.38 -47.66
N GLU A 386 -12.13 -14.27 -48.97
CA GLU A 386 -13.26 -14.97 -49.58
C GLU A 386 -13.06 -16.47 -49.50
N LEU A 387 -11.83 -16.94 -49.69
CA LEU A 387 -11.54 -18.37 -49.56
C LEU A 387 -11.84 -18.86 -48.16
N THR A 388 -11.50 -18.06 -47.14
CA THR A 388 -11.75 -18.47 -45.76
C THR A 388 -13.24 -18.57 -45.48
N LEU A 389 -14.02 -17.58 -45.95
CA LEU A 389 -15.45 -17.57 -45.66
C LEU A 389 -16.14 -18.78 -46.28
N HIS A 390 -15.73 -19.16 -47.50
CA HIS A 390 -16.34 -20.31 -48.16
C HIS A 390 -16.10 -21.59 -47.39
N HIS A 391 -14.86 -21.77 -46.90
CA HIS A 391 -14.48 -23.03 -46.28
C HIS A 391 -15.02 -23.19 -44.85
N THR A 392 -15.53 -22.12 -44.24
CA THR A 392 -16.22 -22.28 -42.97
C THR A 392 -17.53 -23.03 -43.13
N GLN A 393 -18.04 -23.16 -44.36
CA GLN A 393 -19.26 -23.90 -44.63
C GLN A 393 -18.98 -25.35 -45.04
N HIS A 394 -17.75 -25.81 -44.93
CA HIS A 394 -17.40 -27.17 -45.29
C HIS A 394 -18.08 -28.16 -44.35
N GLN A 395 -18.09 -29.42 -44.77
CA GLN A 395 -18.69 -30.48 -43.97
C GLN A 395 -17.72 -31.05 -42.94
N ASP A 396 -16.43 -31.13 -43.28
CA ASP A 396 -15.44 -31.64 -42.34
C ASP A 396 -15.18 -30.61 -41.27
N HIS A 397 -15.34 -31.01 -40.00
CA HIS A 397 -15.10 -30.09 -38.89
C HIS A 397 -13.63 -29.68 -38.82
N ASN A 398 -12.73 -30.55 -39.28
CA ASN A 398 -11.31 -30.18 -39.33
C ASN A 398 -11.09 -29.02 -40.28
N VAL A 399 -11.74 -29.06 -41.45
CA VAL A 399 -11.66 -27.94 -42.38
C VAL A 399 -12.32 -26.70 -41.80
N VAL A 400 -13.47 -26.89 -41.14
CA VAL A 400 -14.19 -25.75 -40.56
C VAL A 400 -13.35 -25.08 -39.48
N THR A 401 -12.74 -25.88 -38.61
CA THR A 401 -11.90 -25.30 -37.56
C THR A 401 -10.58 -24.80 -38.12
N GLY A 402 -10.10 -25.41 -39.21
CA GLY A 402 -8.89 -24.92 -39.85
C GLY A 402 -9.08 -23.56 -40.48
N ALA A 403 -10.20 -23.36 -41.18
CA ALA A 403 -10.47 -22.07 -41.81
C ALA A 403 -10.85 -21.03 -40.76
N LEU A 404 -11.57 -21.44 -39.71
CA LEU A 404 -11.94 -20.50 -38.66
C LEU A 404 -10.72 -19.96 -37.93
N GLU A 405 -9.69 -20.81 -37.75
CA GLU A 405 -8.45 -20.33 -37.17
C GLU A 405 -7.79 -19.28 -38.06
N LEU A 406 -7.80 -19.51 -39.38
CA LEU A 406 -7.27 -18.53 -40.31
C LEU A 406 -8.07 -17.23 -40.26
N LEU A 407 -9.39 -17.34 -40.12
CA LEU A 407 -10.24 -16.14 -40.09
C LEU A 407 -9.89 -15.26 -38.90
N GLN A 408 -9.69 -15.86 -37.73
CA GLN A 408 -9.33 -15.06 -36.57
C GLN A 408 -7.92 -14.50 -36.69
N GLN A 409 -7.01 -15.24 -37.31
CA GLN A 409 -5.67 -14.71 -37.56
C GLN A 409 -5.72 -13.51 -38.49
N LEU A 410 -6.62 -13.54 -39.47
CA LEU A 410 -6.82 -12.38 -40.32
C LEU A 410 -7.30 -11.18 -39.52
N PHE A 411 -8.26 -11.40 -38.61
CA PHE A 411 -8.81 -10.29 -37.85
C PHE A 411 -7.88 -9.82 -36.73
N ARG A 412 -7.02 -10.69 -36.22
CA ARG A 412 -6.11 -10.27 -35.16
C ARG A 412 -5.01 -9.35 -35.69
N THR A 413 -4.41 -9.72 -36.83
CA THR A 413 -3.35 -8.93 -37.46
C THR A 413 -3.72 -8.71 -38.93
N PRO A 414 -4.71 -7.88 -39.20
CA PRO A 414 -5.15 -7.68 -40.58
C PRO A 414 -4.16 -6.85 -41.36
N PRO A 415 -3.83 -7.26 -42.59
CA PRO A 415 -3.05 -6.38 -43.47
C PRO A 415 -3.80 -5.10 -43.73
N PRO A 416 -3.09 -3.96 -43.79
CA PRO A 416 -3.80 -2.67 -43.91
C PRO A 416 -4.65 -2.54 -45.16
N GLU A 417 -4.24 -3.13 -46.29
CA GLU A 417 -5.07 -3.03 -47.49
C GLU A 417 -6.38 -3.79 -47.31
N LEU A 418 -6.32 -4.99 -46.74
CA LEU A 418 -7.54 -5.77 -46.53
C LEU A 418 -8.43 -5.12 -45.48
N LEU A 419 -7.84 -4.55 -44.43
CA LEU A 419 -8.63 -3.95 -43.37
C LEU A 419 -9.45 -2.77 -43.90
N GLN A 420 -8.87 -1.96 -44.77
CA GLN A 420 -9.63 -0.86 -45.38
C GLN A 420 -10.77 -1.39 -46.22
N THR A 421 -10.54 -2.48 -46.96
CA THR A 421 -11.59 -3.10 -47.74
C THR A 421 -12.70 -3.64 -46.84
N LEU A 422 -12.34 -4.35 -45.79
CA LEU A 422 -13.34 -4.97 -44.92
C LEU A 422 -14.16 -3.95 -44.14
N THR A 423 -13.66 -2.73 -43.99
CA THR A 423 -14.37 -1.71 -43.22
C THR A 423 -15.15 -0.74 -44.08
N ALA A 424 -14.78 -0.58 -45.35
CA ALA A 424 -15.52 0.31 -46.24
C ALA A 424 -16.93 -0.22 -46.47
N VAL A 425 -17.88 0.70 -46.62
CA VAL A 425 -19.28 0.29 -46.83
C VAL A 425 -19.40 -0.55 -48.09
N GLY A 426 -18.86 -0.04 -49.20
CA GLY A 426 -18.65 -0.88 -50.36
C GLY A 426 -17.23 -1.41 -50.35
N GLY A 427 -17.05 -2.63 -49.85
CA GLY A 427 -15.71 -3.15 -49.68
C GLY A 427 -15.21 -4.00 -50.83
N ILE A 428 -15.96 -5.06 -51.15
CA ILE A 428 -15.55 -5.98 -52.21
C ILE A 428 -16.35 -5.78 -53.49
N GLY A 429 -17.49 -5.08 -53.42
CA GLY A 429 -18.22 -4.76 -54.63
C GLY A 429 -17.41 -3.91 -55.59
N GLN A 430 -16.61 -2.99 -55.06
CA GLN A 430 -15.73 -2.20 -55.90
C GLN A 430 -14.69 -3.07 -56.60
N LEU A 431 -14.12 -4.03 -55.87
CA LEU A 431 -13.12 -4.92 -56.44
C LEU A 431 -13.79 -6.04 -57.24
N CYS A 691 -26.37 -25.41 -37.74
CA CYS A 691 -25.24 -25.24 -38.65
C CYS A 691 -25.73 -24.94 -40.06
N ARG A 692 -26.96 -24.46 -40.17
CA ARG A 692 -27.59 -24.17 -41.44
C ARG A 692 -28.07 -22.73 -41.46
N ILE A 693 -27.81 -22.04 -42.57
CA ILE A 693 -28.27 -20.68 -42.77
C ILE A 693 -29.71 -20.77 -43.27
N LYS A 694 -30.67 -20.48 -42.39
CA LYS A 694 -32.09 -20.62 -42.71
C LYS A 694 -32.68 -19.31 -43.23
N GLY A 695 -32.05 -18.73 -44.23
CA GLY A 695 -32.53 -17.47 -44.77
C GLY A 695 -31.42 -16.74 -45.51
N ASP A 696 -31.57 -15.43 -45.60
CA ASP A 696 -30.62 -14.56 -46.28
C ASP A 696 -29.85 -13.75 -45.26
N ILE A 697 -28.52 -13.79 -45.35
CA ILE A 697 -27.64 -13.00 -44.51
C ILE A 697 -26.94 -11.91 -45.29
N GLY A 698 -27.20 -11.80 -46.58
CA GLY A 698 -26.44 -10.92 -47.45
C GLY A 698 -25.38 -11.67 -48.21
N GLN A 699 -24.44 -10.91 -48.77
CA GLN A 699 -23.33 -11.50 -49.50
C GLN A 699 -22.06 -10.76 -49.14
N SER A 700 -20.93 -11.47 -49.27
CA SER A 700 -19.64 -10.86 -49.00
C SER A 700 -19.36 -9.71 -49.98
N THR A 701 -19.68 -9.91 -51.25
CA THR A 701 -19.55 -8.86 -52.26
C THR A 701 -20.84 -8.05 -52.31
N ASP A 702 -21.04 -7.23 -51.29
CA ASP A 702 -22.22 -6.39 -51.18
C ASP A 702 -21.77 -4.94 -51.02
N ASP A 703 -22.66 -4.02 -51.39
CA ASP A 703 -22.35 -2.60 -51.44
C ASP A 703 -23.00 -1.78 -50.35
N ASP A 704 -24.21 -2.13 -49.92
CA ASP A 704 -24.92 -1.29 -48.96
C ASP A 704 -24.36 -1.39 -47.54
N SER A 705 -23.54 -2.39 -47.25
CA SER A 705 -23.00 -2.54 -45.92
C SER A 705 -21.59 -3.14 -46.01
N ALA A 706 -20.81 -2.91 -44.97
CA ALA A 706 -19.41 -3.35 -44.96
C ALA A 706 -19.34 -4.88 -44.98
N PRO A 707 -18.26 -5.44 -45.54
CA PRO A 707 -18.14 -6.91 -45.56
C PRO A 707 -18.15 -7.54 -44.19
N LEU A 708 -17.63 -6.85 -43.17
CA LEU A 708 -17.61 -7.44 -41.84
C LEU A 708 -19.00 -7.62 -41.26
N VAL A 709 -19.97 -6.83 -41.74
CA VAL A 709 -21.36 -7.03 -41.31
C VAL A 709 -21.86 -8.39 -41.76
N HIS A 710 -21.56 -8.76 -43.00
CA HIS A 710 -21.93 -10.09 -43.48
C HIS A 710 -21.09 -11.18 -42.82
N CYS A 711 -19.79 -10.91 -42.61
CA CYS A 711 -18.92 -11.91 -42.02
C CYS A 711 -19.38 -12.29 -40.62
N VAL A 712 -19.76 -11.29 -39.82
CA VAL A 712 -20.32 -11.58 -38.50
C VAL A 712 -21.62 -12.36 -38.63
N ARG A 713 -22.48 -11.95 -39.57
CA ARG A 713 -23.72 -12.68 -39.81
C ARG A 713 -23.44 -14.12 -40.25
N LEU A 714 -22.45 -14.31 -41.11
CA LEU A 714 -22.21 -15.62 -41.69
C LEU A 714 -21.83 -16.64 -40.62
N LEU A 715 -20.83 -16.33 -39.81
CA LEU A 715 -20.34 -17.29 -38.84
C LEU A 715 -21.11 -17.25 -37.52
N SER A 716 -22.09 -16.35 -37.38
CA SER A 716 -22.99 -16.40 -36.24
C SER A 716 -24.16 -17.33 -36.50
N ALA A 717 -24.72 -17.30 -37.71
CA ALA A 717 -25.78 -18.23 -38.08
C ALA A 717 -25.23 -19.63 -38.37
N SER A 718 -23.97 -19.71 -38.80
CA SER A 718 -23.38 -21.00 -39.13
C SER A 718 -23.02 -21.82 -37.90
N PHE A 719 -22.63 -21.17 -36.80
CA PHE A 719 -22.09 -21.91 -35.68
C PHE A 719 -22.64 -21.54 -34.31
N LEU A 720 -23.36 -20.42 -34.16
CA LEU A 720 -23.74 -19.97 -32.83
C LEU A 720 -25.23 -19.78 -32.63
N LEU A 721 -25.97 -19.37 -33.65
CA LEU A 721 -27.38 -19.03 -33.49
C LEU A 721 -28.23 -19.76 -34.52
N THR A 722 -29.43 -20.12 -34.10
CA THR A 722 -30.49 -20.53 -35.00
C THR A 722 -31.32 -19.31 -35.37
N GLY A 723 -32.46 -19.52 -36.00
CA GLY A 723 -33.32 -18.39 -36.32
C GLY A 723 -34.22 -17.92 -35.21
N GLY A 724 -34.26 -18.63 -34.09
CA GLY A 724 -35.17 -18.32 -33.00
C GLY A 724 -34.49 -17.55 -31.88
N LYS A 725 -35.29 -16.76 -31.16
CA LYS A 725 -34.77 -15.97 -30.05
C LYS A 725 -34.34 -16.87 -28.89
N ASN A 726 -33.16 -16.60 -28.36
CA ASN A 726 -32.64 -17.26 -27.16
C ASN A 726 -32.64 -18.79 -27.31
N VAL A 727 -32.15 -19.23 -28.47
CA VAL A 727 -32.05 -20.66 -28.78
C VAL A 727 -30.58 -20.93 -29.08
N LEU A 728 -29.84 -21.41 -28.08
CA LEU A 728 -28.46 -21.79 -28.31
C LEU A 728 -28.39 -23.00 -29.24
N VAL A 729 -27.46 -22.96 -30.17
CA VAL A 729 -27.25 -24.09 -31.07
C VAL A 729 -26.72 -25.25 -30.24
N PRO A 730 -27.40 -26.40 -30.22
CA PRO A 730 -26.91 -27.52 -29.43
C PRO A 730 -25.55 -27.99 -29.93
N ASP A 731 -24.70 -28.39 -28.98
CA ASP A 731 -23.32 -28.73 -29.29
C ASP A 731 -23.17 -30.01 -30.10
N ARG A 732 -24.26 -30.77 -30.28
CA ARG A 732 -24.19 -31.96 -31.11
C ARG A 732 -23.87 -31.61 -32.56
N ASP A 733 -24.54 -30.59 -33.09
CA ASP A 733 -24.32 -30.22 -34.49
C ASP A 733 -22.94 -29.63 -34.70
N VAL A 734 -22.54 -28.67 -33.87
CA VAL A 734 -21.21 -28.07 -33.91
C VAL A 734 -20.58 -28.21 -32.55
N ARG A 735 -19.37 -28.76 -32.52
CA ARG A 735 -18.68 -28.99 -31.25
C ARG A 735 -18.33 -27.65 -30.59
N VAL A 736 -18.18 -27.71 -29.26
CA VAL A 736 -17.89 -26.50 -28.50
C VAL A 736 -16.54 -25.91 -28.90
N SER A 737 -15.66 -26.73 -29.49
CA SER A 737 -14.40 -26.20 -30.01
C SER A 737 -14.66 -25.21 -31.13
N VAL A 738 -15.60 -25.52 -32.02
CA VAL A 738 -15.94 -24.60 -33.10
C VAL A 738 -16.68 -23.38 -32.54
N LYS A 739 -17.59 -23.60 -31.58
CA LYS A 739 -18.34 -22.50 -31.00
C LYS A 739 -17.42 -21.51 -30.31
N ALA A 740 -16.44 -22.02 -29.56
CA ALA A 740 -15.46 -21.14 -28.92
C ALA A 740 -14.61 -20.43 -29.96
N LEU A 741 -14.21 -21.15 -31.01
CA LEU A 741 -13.40 -20.54 -32.06
C LEU A 741 -14.19 -19.50 -32.85
N ALA A 742 -15.48 -19.73 -33.06
CA ALA A 742 -16.30 -18.78 -33.80
C ALA A 742 -16.56 -17.53 -32.99
N LEU A 743 -16.76 -17.67 -31.67
CA LEU A 743 -17.03 -16.51 -30.83
C LEU A 743 -15.82 -15.57 -30.82
N SER A 744 -14.61 -16.11 -30.78
CA SER A 744 -13.42 -15.27 -30.86
C SER A 744 -13.34 -14.55 -32.20
N CYS A 745 -13.82 -15.20 -33.27
CA CYS A 745 -13.83 -14.55 -34.57
C CYS A 745 -14.78 -13.35 -34.58
N VAL A 746 -15.94 -13.49 -33.94
CA VAL A 746 -16.88 -12.36 -33.86
C VAL A 746 -16.26 -11.22 -33.07
N GLY A 747 -15.63 -11.52 -31.93
CA GLY A 747 -15.03 -10.48 -31.12
C GLY A 747 -13.95 -9.72 -31.88
N ALA A 748 -13.09 -10.46 -32.58
CA ALA A 748 -12.05 -9.82 -33.38
C ALA A 748 -12.66 -9.00 -34.52
N ALA A 749 -13.73 -9.51 -35.12
CA ALA A 749 -14.41 -8.77 -36.18
C ALA A 749 -15.11 -7.53 -35.62
N VAL A 750 -15.80 -7.69 -34.48
CA VAL A 750 -16.48 -6.56 -33.85
C VAL A 750 -15.48 -5.49 -33.43
N ALA A 751 -14.23 -5.91 -33.14
CA ALA A 751 -13.20 -4.94 -32.77
C ALA A 751 -12.98 -3.92 -33.88
N LEU A 752 -12.93 -4.39 -35.13
CA LEU A 752 -12.73 -3.49 -36.26
C LEU A 752 -14.01 -2.84 -36.76
N HIS A 753 -15.17 -3.33 -36.32
CA HIS A 753 -16.45 -2.82 -36.82
C HIS A 753 -17.56 -3.12 -35.83
N PRO A 754 -17.74 -2.29 -34.80
CA PRO A 754 -18.78 -2.57 -33.79
C PRO A 754 -20.19 -2.50 -34.35
N GLU A 755 -20.39 -1.87 -35.51
CA GLU A 755 -21.74 -1.81 -36.08
C GLU A 755 -22.24 -3.20 -36.49
N SER A 756 -21.32 -4.12 -36.81
CA SER A 756 -21.72 -5.44 -37.24
C SER A 756 -22.40 -6.23 -36.13
N PHE A 757 -22.08 -5.92 -34.86
CA PHE A 757 -22.63 -6.69 -33.75
C PHE A 757 -24.12 -6.43 -33.57
N PHE A 758 -24.61 -5.26 -33.96
CA PHE A 758 -26.00 -4.88 -33.73
C PHE A 758 -26.92 -5.24 -34.89
N SER A 759 -26.39 -5.78 -35.98
CA SER A 759 -27.21 -6.08 -37.14
C SER A 759 -28.14 -7.25 -36.86
N LYS A 760 -29.28 -7.26 -37.55
CA LYS A 760 -30.16 -8.41 -37.51
C LYS A 760 -29.45 -9.63 -38.09
N LEU A 761 -29.78 -10.80 -37.55
CA LEU A 761 -29.10 -12.02 -37.98
C LEU A 761 -29.33 -12.30 -39.46
N TYR A 762 -30.55 -12.08 -39.94
CA TYR A 762 -30.90 -12.33 -41.33
C TYR A 762 -31.29 -11.01 -41.99
N LYS A 763 -30.65 -10.69 -43.12
CA LYS A 763 -30.95 -9.45 -43.81
C LYS A 763 -32.40 -9.38 -44.24
N VAL A 764 -32.87 -10.42 -44.91
CA VAL A 764 -34.29 -10.55 -45.28
C VAL A 764 -34.99 -11.32 -44.17
N PRO A 765 -36.04 -10.76 -43.56
CA PRO A 765 -36.74 -11.48 -42.48
C PRO A 765 -37.37 -12.75 -43.02
N LEU A 766 -36.98 -13.88 -42.42
CA LEU A 766 -37.46 -15.18 -42.86
C LEU A 766 -38.93 -15.37 -42.45
N ASP A 767 -39.43 -16.58 -42.66
CA ASP A 767 -40.82 -16.93 -42.39
C ASP A 767 -41.24 -16.50 -40.99
N THR A 768 -42.29 -15.69 -40.92
CA THR A 768 -42.77 -15.14 -39.65
C THR A 768 -43.64 -16.11 -38.87
N THR A 769 -43.99 -17.27 -39.44
CA THR A 769 -44.81 -18.23 -38.74
C THR A 769 -43.96 -19.23 -37.95
N GLU A 770 -42.96 -19.83 -38.60
CA GLU A 770 -42.07 -20.74 -37.89
C GLU A 770 -41.18 -20.01 -36.88
N TYR A 771 -40.81 -18.77 -37.17
CA TYR A 771 -40.00 -17.95 -36.27
C TYR A 771 -40.73 -16.64 -36.05
N PRO A 772 -41.60 -16.57 -35.03
CA PRO A 772 -42.44 -15.36 -34.86
C PRO A 772 -41.65 -14.09 -34.64
N GLU A 773 -40.48 -14.17 -34.00
CA GLU A 773 -39.68 -13.00 -33.68
C GLU A 773 -38.32 -13.10 -34.35
N GLU A 774 -37.90 -12.03 -35.01
CA GLU A 774 -36.57 -11.99 -35.60
C GLU A 774 -35.51 -11.98 -34.52
N GLN A 775 -34.34 -12.51 -34.84
CA GLN A 775 -33.25 -12.63 -33.89
C GLN A 775 -32.08 -11.73 -34.30
N TYR A 776 -31.38 -11.21 -33.30
CA TYR A 776 -30.25 -10.33 -33.50
C TYR A 776 -28.96 -11.08 -33.23
N VAL A 777 -27.88 -10.60 -33.86
CA VAL A 777 -26.55 -11.16 -33.59
C VAL A 777 -26.17 -10.98 -32.13
N SER A 778 -26.69 -9.93 -31.48
CA SER A 778 -26.40 -9.68 -30.07
C SER A 778 -26.87 -10.81 -29.16
N ASP A 779 -27.59 -11.80 -29.69
CA ASP A 779 -28.02 -12.93 -28.89
C ASP A 779 -26.91 -13.93 -28.61
N ILE A 780 -25.75 -13.79 -29.25
CA ILE A 780 -24.64 -14.68 -28.98
C ILE A 780 -24.09 -14.49 -27.58
N LEU A 781 -24.46 -13.41 -26.91
CA LEU A 781 -24.04 -13.20 -25.52
C LEU A 781 -24.70 -14.18 -24.56
N ASN A 782 -25.71 -14.93 -25.00
CA ASN A 782 -26.30 -15.95 -24.15
C ASN A 782 -25.33 -17.10 -23.89
N TYR A 783 -24.25 -17.19 -24.66
CA TYR A 783 -23.22 -18.18 -24.42
C TYR A 783 -22.37 -17.87 -23.20
N ILE A 784 -22.68 -16.80 -22.48
CA ILE A 784 -22.07 -16.53 -21.19
C ILE A 784 -22.55 -17.52 -20.12
N ASP A 785 -23.52 -18.37 -20.45
CA ASP A 785 -24.03 -19.40 -19.55
C ASP A 785 -23.82 -20.79 -20.11
N HIS A 786 -22.86 -20.97 -21.01
CA HIS A 786 -22.62 -22.27 -21.63
C HIS A 786 -22.02 -23.23 -20.61
N GLY A 787 -21.86 -24.48 -21.03
CA GLY A 787 -21.35 -25.51 -20.14
C GLY A 787 -19.85 -25.49 -19.99
N ASP A 788 -19.12 -25.65 -21.10
CA ASP A 788 -17.68 -25.68 -21.05
C ASP A 788 -17.12 -24.30 -20.72
N PRO A 789 -15.94 -24.23 -20.10
CA PRO A 789 -15.40 -22.93 -19.67
C PRO A 789 -14.86 -22.09 -20.83
N GLN A 790 -14.34 -22.74 -21.87
CA GLN A 790 -13.71 -22.00 -22.96
C GLN A 790 -14.72 -21.13 -23.69
N VAL A 791 -15.92 -21.66 -23.97
CA VAL A 791 -16.94 -20.87 -24.64
C VAL A 791 -17.40 -19.72 -23.76
N ARG A 792 -17.54 -19.98 -22.46
CA ARG A 792 -17.94 -18.92 -21.53
C ARG A 792 -16.91 -17.80 -21.51
N GLY A 793 -15.62 -18.15 -21.50
CA GLY A 793 -14.59 -17.13 -21.50
C GLY A 793 -14.57 -16.31 -22.78
N ALA A 794 -14.76 -16.97 -23.92
CA ALA A 794 -14.76 -16.26 -25.20
C ALA A 794 -15.89 -15.26 -25.27
N THR A 795 -17.05 -15.59 -24.68
CA THR A 795 -18.15 -14.64 -24.62
C THR A 795 -17.80 -13.45 -23.75
N ALA A 796 -17.06 -13.68 -22.65
CA ALA A 796 -16.61 -12.59 -21.82
C ALA A 796 -15.65 -11.67 -22.58
N ILE A 797 -14.72 -12.26 -23.32
CA ILE A 797 -13.78 -11.45 -24.11
C ILE A 797 -14.52 -10.67 -25.19
N LEU A 798 -15.55 -11.27 -25.77
CA LEU A 798 -16.35 -10.56 -26.77
C LEU A 798 -17.00 -9.32 -26.17
N CYS A 799 -17.53 -9.44 -24.95
CA CYS A 799 -18.13 -8.28 -24.30
C CYS A 799 -17.08 -7.23 -23.97
N GLY A 800 -15.90 -7.67 -23.51
CA GLY A 800 -14.83 -6.72 -23.24
C GLY A 800 -14.37 -6.01 -24.50
N THR A 801 -14.22 -6.75 -25.59
CA THR A 801 -13.85 -6.14 -26.87
C THR A 801 -14.96 -5.22 -27.37
N LEU A 802 -16.21 -5.63 -27.21
CA LEU A 802 -17.33 -4.83 -27.68
C LEU A 802 -17.37 -3.48 -26.98
N ILE A 803 -17.13 -3.48 -25.67
CA ILE A 803 -17.17 -2.23 -24.91
C ILE A 803 -16.06 -1.29 -25.35
N CYS A 804 -14.84 -1.83 -25.50
CA CYS A 804 -13.70 -0.99 -25.89
C CYS A 804 -13.89 -0.41 -27.28
N SER A 805 -14.44 -1.19 -28.21
CA SER A 805 -14.60 -0.71 -29.57
C SER A 805 -15.68 0.35 -29.66
N ILE A 806 -16.81 0.14 -28.99
CA ILE A 806 -17.91 1.09 -29.07
C ILE A 806 -17.49 2.44 -28.52
N LEU A 807 -16.78 2.45 -27.40
CA LEU A 807 -16.30 3.70 -26.83
C LEU A 807 -15.24 4.35 -27.72
N SER A 808 -14.30 3.54 -28.23
CA SER A 808 -13.23 4.07 -29.07
C SER A 808 -13.74 4.49 -30.45
N ARG A 809 -14.92 4.01 -30.87
CA ARG A 809 -15.51 4.42 -32.13
C ARG A 809 -16.48 5.59 -32.02
N SER A 810 -17.17 5.72 -30.89
CA SER A 810 -18.04 6.87 -30.68
C SER A 810 -17.29 8.10 -30.23
N ARG A 811 -15.97 7.99 -30.01
CA ARG A 811 -15.21 9.04 -29.34
C ARG A 811 -15.84 9.38 -28.00
N PHE A 812 -16.29 8.35 -27.29
CA PHE A 812 -16.93 8.44 -25.98
C PHE A 812 -18.25 9.21 -26.04
N HIS A 813 -18.88 9.23 -27.21
CA HIS A 813 -20.21 9.82 -27.40
C HIS A 813 -21.28 8.75 -27.57
N VAL A 814 -21.20 7.68 -26.78
CA VAL A 814 -22.07 6.51 -26.95
C VAL A 814 -23.55 6.88 -26.94
N GLY A 815 -23.89 8.02 -26.34
CA GLY A 815 -25.28 8.45 -26.36
C GLY A 815 -25.81 8.64 -27.76
N ASP A 816 -24.97 9.15 -28.66
CA ASP A 816 -25.38 9.35 -30.05
C ASP A 816 -25.08 8.14 -30.91
N TRP A 817 -23.92 7.50 -30.71
CA TRP A 817 -23.56 6.35 -31.52
C TRP A 817 -24.53 5.20 -31.32
N MET A 818 -24.91 4.92 -30.08
CA MET A 818 -25.90 3.88 -29.83
C MET A 818 -27.29 4.34 -30.24
N GLY A 819 -27.52 5.65 -30.25
CA GLY A 819 -28.80 6.17 -30.69
C GLY A 819 -29.06 5.90 -32.16
N THR A 820 -28.05 6.12 -33.00
CA THR A 820 -28.23 5.90 -34.43
C THR A 820 -28.21 4.42 -34.77
N ILE A 821 -27.42 3.63 -34.03
CA ILE A 821 -27.33 2.20 -34.32
C ILE A 821 -28.63 1.50 -33.96
N ARG A 822 -29.35 2.00 -32.96
CA ARG A 822 -30.64 1.41 -32.62
C ARG A 822 -31.75 1.91 -33.54
N THR A 823 -31.51 2.99 -34.27
CA THR A 823 -32.46 3.42 -35.29
C THR A 823 -32.22 2.68 -36.60
N LEU A 824 -30.94 2.46 -36.94
CA LEU A 824 -30.61 1.80 -38.20
C LEU A 824 -30.97 0.32 -38.18
N THR A 825 -30.70 -0.36 -37.06
CA THR A 825 -30.92 -1.80 -36.97
C THR A 825 -32.13 -2.19 -36.14
N GLY A 826 -32.62 -1.31 -35.27
CA GLY A 826 -33.71 -1.65 -34.38
C GLY A 826 -33.30 -2.40 -33.13
N ASN A 827 -32.02 -2.72 -32.98
CA ASN A 827 -31.55 -3.43 -31.80
C ASN A 827 -31.73 -2.57 -30.55
N THR A 828 -32.25 -3.20 -29.49
CA THR A 828 -32.42 -2.53 -28.21
C THR A 828 -31.31 -2.85 -27.23
N PHE A 829 -30.22 -3.42 -27.71
CA PHE A 829 -29.09 -3.76 -26.85
C PHE A 829 -28.50 -2.50 -26.22
N SER A 830 -28.13 -2.63 -24.95
CA SER A 830 -27.55 -1.52 -24.19
C SER A 830 -26.09 -1.85 -23.87
N LEU A 831 -25.21 -0.86 -24.00
CA LEU A 831 -23.80 -1.08 -23.72
C LEU A 831 -23.56 -1.44 -22.27
N ALA A 832 -24.46 -1.05 -21.37
CA ALA A 832 -24.33 -1.34 -19.95
C ALA A 832 -24.81 -2.73 -19.57
N ASP A 833 -24.95 -3.63 -20.54
CA ASP A 833 -25.37 -5.00 -20.28
C ASP A 833 -24.23 -5.98 -20.22
N CYS A 834 -23.10 -5.68 -20.88
CA CYS A 834 -21.93 -6.55 -20.77
C CYS A 834 -21.23 -6.39 -19.43
N ILE A 835 -21.48 -5.29 -18.71
CA ILE A 835 -20.89 -5.11 -17.39
C ILE A 835 -21.32 -6.19 -16.41
N PRO A 836 -22.63 -6.48 -16.26
CA PRO A 836 -22.99 -7.64 -15.41
C PRO A 836 -22.42 -8.95 -15.93
N LEU A 837 -22.32 -9.11 -17.25
CA LEU A 837 -21.74 -10.32 -17.80
C LEU A 837 -20.27 -10.46 -17.42
N LEU A 838 -19.52 -9.37 -17.45
CA LEU A 838 -18.13 -9.42 -17.04
C LEU A 838 -18.00 -9.67 -15.54
N ARG A 839 -18.89 -9.07 -14.75
CA ARG A 839 -18.80 -9.20 -13.31
C ARG A 839 -19.00 -10.63 -12.86
N LYS A 840 -20.06 -11.29 -13.36
CA LYS A 840 -20.34 -12.66 -12.92
C LYS A 840 -19.38 -13.65 -13.55
N THR A 841 -18.75 -13.30 -14.68
CA THR A 841 -17.76 -14.18 -15.27
C THR A 841 -16.45 -14.16 -14.50
N LEU A 842 -16.15 -13.05 -13.81
CA LEU A 842 -14.97 -13.02 -12.94
C LEU A 842 -15.12 -14.00 -11.78
N LYS A 843 -16.33 -14.09 -11.22
CA LYS A 843 -16.61 -15.03 -10.14
C LYS A 843 -17.03 -16.38 -10.70
N ASP A 844 -16.16 -16.97 -11.51
CA ASP A 844 -16.44 -18.22 -12.16
C ASP A 844 -15.72 -19.36 -11.46
N GLU A 845 -16.36 -20.54 -11.46
CA GLU A 845 -15.75 -21.72 -10.85
C GLU A 845 -14.47 -22.12 -11.58
N SER A 846 -14.48 -22.05 -12.90
CA SER A 846 -13.30 -22.44 -13.68
C SER A 846 -12.25 -21.35 -13.64
N SER A 847 -10.99 -21.76 -13.50
CA SER A 847 -9.89 -20.81 -13.57
C SER A 847 -9.62 -20.37 -15.00
N VAL A 848 -9.91 -21.23 -15.97
CA VAL A 848 -9.71 -20.88 -17.38
C VAL A 848 -10.64 -19.74 -17.77
N THR A 849 -11.91 -19.84 -17.38
CA THR A 849 -12.87 -18.78 -17.68
C THR A 849 -12.50 -17.49 -16.94
N CYS A 850 -12.11 -17.60 -15.68
CA CYS A 850 -11.75 -16.42 -14.91
C CYS A 850 -10.55 -15.71 -15.52
N LYS A 851 -9.59 -16.46 -16.04
CA LYS A 851 -8.45 -15.84 -16.71
C LYS A 851 -8.89 -15.07 -17.95
N LEU A 852 -9.82 -15.64 -18.73
CA LEU A 852 -10.31 -14.94 -19.91
C LEU A 852 -11.19 -13.76 -19.53
N ALA A 853 -11.94 -13.87 -18.43
CA ALA A 853 -12.73 -12.75 -17.96
C ALA A 853 -11.83 -11.57 -17.55
N CYS A 854 -10.70 -11.88 -16.92
CA CYS A 854 -9.75 -10.83 -16.58
C CYS A 854 -9.19 -10.16 -17.82
N THR A 855 -8.89 -10.94 -18.86
CA THR A 855 -8.39 -10.37 -20.11
C THR A 855 -9.42 -9.44 -20.72
N ALA A 856 -10.70 -9.81 -20.66
CA ALA A 856 -11.74 -8.95 -21.19
C ALA A 856 -11.81 -7.62 -20.46
N VAL A 857 -11.69 -7.65 -19.12
CA VAL A 857 -11.67 -6.42 -18.35
C VAL A 857 -10.45 -5.57 -18.73
N ARG A 858 -9.30 -6.22 -18.89
CA ARG A 858 -8.07 -5.51 -19.24
C ARG A 858 -8.24 -4.68 -20.51
N ASN A 859 -9.02 -5.17 -21.47
CA ASN A 859 -9.21 -4.43 -22.71
C ASN A 859 -10.11 -3.21 -22.50
N CYS A 860 -11.14 -3.34 -21.67
CA CYS A 860 -12.18 -2.32 -21.59
C CYS A 860 -12.19 -1.54 -20.28
N VAL A 861 -11.25 -1.80 -19.37
CA VAL A 861 -11.29 -1.12 -18.08
C VAL A 861 -10.95 0.35 -18.23
N MET A 862 -9.91 0.67 -19.01
CA MET A 862 -9.49 2.05 -19.15
C MET A 862 -10.48 2.85 -19.99
N SER A 863 -11.03 2.22 -21.05
CA SER A 863 -12.04 2.90 -21.85
C SER A 863 -13.28 3.22 -21.03
N LEU A 864 -13.69 2.30 -20.18
CA LEU A 864 -14.85 2.54 -19.33
C LEU A 864 -14.58 3.69 -18.35
N CYS A 865 -13.38 3.75 -17.78
CA CYS A 865 -13.05 4.80 -16.83
C CYS A 865 -13.08 6.17 -17.50
N SER A 866 -12.60 6.26 -18.74
CA SER A 866 -12.52 7.51 -19.47
C SER A 866 -13.82 7.87 -20.18
N SER A 867 -14.95 7.28 -19.79
CA SER A 867 -16.21 7.47 -20.46
C SER A 867 -17.29 7.85 -19.46
N SER A 868 -18.52 8.02 -19.96
CA SER A 868 -19.66 8.29 -19.11
C SER A 868 -20.05 7.10 -18.25
N TYR A 869 -19.50 5.92 -18.53
CA TYR A 869 -19.70 4.71 -17.73
C TYR A 869 -18.53 4.48 -16.79
N SER A 870 -17.97 5.57 -16.25
CA SER A 870 -16.80 5.47 -15.40
C SER A 870 -17.10 4.66 -14.13
N GLU A 871 -18.29 4.83 -13.56
CA GLU A 871 -18.64 4.11 -12.34
C GLU A 871 -18.61 2.61 -12.58
N LEU A 872 -19.00 2.16 -13.77
CA LEU A 872 -18.90 0.74 -14.11
C LEU A 872 -17.44 0.33 -14.27
N GLY A 873 -16.61 1.19 -14.85
CA GLY A 873 -15.20 0.90 -14.94
C GLY A 873 -14.52 0.83 -13.58
N LEU A 874 -14.92 1.72 -12.66
CA LEU A 874 -14.42 1.66 -11.30
C LEU A 874 -14.88 0.37 -10.61
N GLN A 875 -16.12 -0.05 -10.88
CA GLN A 875 -16.62 -1.28 -10.29
C GLN A 875 -15.82 -2.50 -10.72
N LEU A 876 -15.39 -2.52 -12.00
CA LEU A 876 -14.62 -3.65 -12.49
C LEU A 876 -13.27 -3.76 -11.79
N ILE A 877 -12.64 -2.63 -11.51
CA ILE A 877 -11.36 -2.65 -10.79
C ILE A 877 -11.55 -3.26 -9.40
N ILE A 878 -12.65 -2.91 -8.75
CA ILE A 878 -12.96 -3.50 -7.44
C ILE A 878 -13.13 -5.01 -7.55
N ASP A 879 -13.85 -5.46 -8.57
CA ASP A 879 -14.18 -6.88 -8.68
C ASP A 879 -12.94 -7.73 -8.96
N VAL A 880 -12.04 -7.26 -9.81
CA VAL A 880 -10.86 -8.05 -10.15
C VAL A 880 -9.85 -8.13 -9.02
N LEU A 881 -10.02 -7.30 -7.98
CA LEU A 881 -9.05 -7.31 -6.88
C LEU A 881 -9.03 -8.65 -6.16
N THR A 882 -10.16 -9.34 -6.09
CA THR A 882 -10.23 -10.63 -5.42
C THR A 882 -9.46 -11.72 -6.15
N LEU A 883 -9.05 -11.47 -7.39
CA LEU A 883 -8.37 -12.50 -8.18
C LEU A 883 -6.95 -12.76 -7.72
N ARG A 884 -6.40 -11.95 -6.80
CA ARG A 884 -5.08 -12.24 -6.27
C ARG A 884 -5.07 -13.54 -5.48
N ASN A 885 -6.20 -13.89 -4.86
CA ASN A 885 -6.32 -15.15 -4.13
C ASN A 885 -6.80 -16.26 -5.06
N SER A 886 -5.98 -16.53 -6.07
CA SER A 886 -6.27 -17.56 -7.06
C SER A 886 -5.15 -18.59 -7.07
N SER A 887 -5.54 -19.87 -7.11
CA SER A 887 -4.56 -20.94 -7.17
C SER A 887 -3.90 -21.04 -8.54
N TYR A 888 -4.56 -20.53 -9.59
CA TYR A 888 -4.02 -20.58 -10.93
C TYR A 888 -3.11 -19.38 -11.14
N TRP A 889 -1.83 -19.65 -11.40
CA TRP A 889 -0.85 -18.58 -11.56
C TRP A 889 -1.18 -17.68 -12.75
N LEU A 890 -1.78 -18.23 -13.80
CA LEU A 890 -2.11 -17.43 -14.97
C LEU A 890 -3.13 -16.35 -14.62
N VAL A 891 -4.08 -16.66 -13.74
CA VAL A 891 -5.03 -15.66 -13.29
C VAL A 891 -4.33 -14.58 -12.48
N ARG A 892 -3.34 -14.95 -11.68
CA ARG A 892 -2.61 -13.98 -10.88
C ARG A 892 -1.77 -13.06 -11.77
N THR A 893 -1.08 -13.62 -12.75
CA THR A 893 -0.30 -12.80 -13.66
C THR A 893 -1.19 -11.91 -14.52
N GLU A 894 -2.34 -12.44 -14.95
CA GLU A 894 -3.26 -11.64 -15.75
C GLU A 894 -3.78 -10.45 -14.97
N LEU A 895 -4.08 -10.65 -13.68
CA LEU A 895 -4.54 -9.55 -12.85
C LEU A 895 -3.47 -8.47 -12.72
N LEU A 896 -2.21 -8.87 -12.58
CA LEU A 896 -1.12 -7.91 -12.47
C LEU A 896 -1.03 -7.05 -13.73
N GLU A 897 -1.13 -7.69 -14.90
CA GLU A 897 -1.08 -6.93 -16.15
C GLU A 897 -2.31 -6.06 -16.32
N THR A 898 -3.47 -6.53 -15.85
CA THR A 898 -4.68 -5.73 -15.93
C THR A 898 -4.56 -4.45 -15.10
N LEU A 899 -4.01 -4.56 -13.89
CA LEU A 899 -3.89 -3.40 -13.03
C LEU A 899 -2.77 -2.47 -13.48
N ALA A 900 -1.78 -2.99 -14.20
CA ALA A 900 -0.71 -2.15 -14.72
C ALA A 900 -1.21 -1.18 -15.79
N GLU A 901 -2.36 -1.46 -16.40
CA GLU A 901 -2.94 -0.59 -17.41
C GLU A 901 -3.70 0.57 -16.81
N ILE A 902 -3.97 0.55 -15.52
CA ILE A 902 -4.86 1.53 -14.89
C ILE A 902 -4.09 2.83 -14.67
N ASP A 903 -4.68 3.95 -15.13
CA ASP A 903 -4.15 5.28 -14.86
C ASP A 903 -4.78 5.77 -13.57
N PHE A 904 -4.02 5.72 -12.48
CA PHE A 904 -4.60 5.99 -11.17
C PHE A 904 -4.83 7.47 -10.92
N ARG A 905 -4.24 8.35 -11.74
CA ARG A 905 -4.64 9.75 -11.70
C ARG A 905 -6.10 9.89 -12.11
N LEU A 906 -6.51 9.14 -13.13
CA LEU A 906 -7.92 9.12 -13.53
C LEU A 906 -8.80 8.47 -12.46
N VAL A 907 -8.32 7.37 -11.88
CA VAL A 907 -9.12 6.66 -10.87
C VAL A 907 -9.32 7.53 -9.64
N SER A 908 -8.25 8.21 -9.20
CA SER A 908 -8.35 9.07 -8.03
C SER A 908 -9.38 10.18 -8.26
N PHE A 909 -9.49 10.67 -9.48
CA PHE A 909 -10.56 11.61 -9.81
C PHE A 909 -11.93 10.97 -9.64
N LEU A 910 -12.08 9.74 -10.11
CA LEU A 910 -13.37 9.05 -9.98
C LEU A 910 -13.67 8.75 -8.52
N GLU A 911 -12.67 8.33 -7.74
CA GLU A 911 -12.88 8.09 -6.32
C GLU A 911 -13.29 9.36 -5.59
N ALA A 912 -12.68 10.50 -5.96
CA ALA A 912 -12.93 11.74 -5.23
C ALA A 912 -14.40 12.14 -5.28
N LYS A 913 -15.08 11.86 -6.39
CA LYS A 913 -16.49 12.23 -6.54
C LYS A 913 -17.43 11.04 -6.52
N ALA A 914 -16.94 9.85 -6.13
CA ALA A 914 -17.78 8.68 -5.98
C ALA A 914 -18.26 8.61 -4.55
N GLU A 915 -19.57 8.83 -4.35
CA GLU A 915 -20.14 8.83 -3.00
C GLU A 915 -20.69 7.45 -2.63
N ASN A 916 -21.64 6.95 -3.43
CA ASN A 916 -22.28 5.68 -3.11
C ASN A 916 -21.37 4.49 -3.41
N LEU A 917 -20.38 4.66 -4.28
CA LEU A 917 -19.49 3.53 -4.61
C LEU A 917 -18.53 3.23 -3.47
N HIS A 918 -18.23 4.21 -2.62
CA HIS A 918 -17.40 3.95 -1.45
C HIS A 918 -18.12 3.02 -0.47
N ARG A 919 -19.44 3.15 -0.36
CA ARG A 919 -20.21 2.29 0.53
C ARG A 919 -20.17 0.84 0.09
N GLY A 920 -19.95 0.57 -1.20
CA GLY A 920 -19.97 -0.80 -1.67
C GLY A 920 -21.37 -1.38 -1.58
N ALA A 921 -21.43 -2.70 -1.41
CA ALA A 921 -22.70 -3.39 -1.28
C ALA A 921 -23.15 -3.55 0.17
N HIS A 922 -22.24 -3.40 1.13
CA HIS A 922 -22.54 -3.60 2.54
C HIS A 922 -22.45 -2.31 3.35
N HIS A 923 -22.62 -1.15 2.70
CA HIS A 923 -22.63 0.14 3.38
C HIS A 923 -21.35 0.40 4.15
N TYR A 924 -20.23 0.31 3.45
CA TYR A 924 -18.94 0.60 4.06
C TYR A 924 -18.87 2.06 4.49
N THR A 925 -18.18 2.30 5.61
CA THR A 925 -18.12 3.63 6.21
C THR A 925 -16.81 4.35 5.93
N GLY A 926 -15.88 3.73 5.21
CA GLY A 926 -14.61 4.37 4.90
C GLY A 926 -14.51 4.81 3.46
N LEU A 927 -13.33 4.69 2.88
CA LEU A 927 -13.09 5.05 1.49
C LEU A 927 -12.54 3.84 0.74
N LEU A 928 -12.71 3.87 -0.58
CA LEU A 928 -12.28 2.73 -1.40
C LEU A 928 -10.77 2.55 -1.33
N LYS A 929 -10.01 3.64 -1.42
CA LYS A 929 -8.54 3.61 -1.36
C LYS A 929 -7.99 2.59 -2.36
N LEU A 930 -8.46 2.68 -3.61
CA LEU A 930 -8.13 1.67 -4.60
C LEU A 930 -6.64 1.63 -4.89
N GLN A 931 -6.00 2.79 -5.00
CA GLN A 931 -4.57 2.81 -5.31
C GLN A 931 -3.76 2.18 -4.20
N GLU A 932 -4.12 2.45 -2.94
CA GLU A 932 -3.43 1.83 -1.82
C GLU A 932 -3.60 0.32 -1.83
N ARG A 933 -4.81 -0.15 -2.12
CA ARG A 933 -5.06 -1.59 -2.16
C ARG A 933 -4.34 -2.24 -3.34
N VAL A 934 -4.45 -1.63 -4.53
CA VAL A 934 -3.83 -2.21 -5.72
C VAL A 934 -2.32 -2.25 -5.55
N LEU A 935 -1.73 -1.16 -5.08
CA LEU A 935 -0.28 -1.12 -4.93
C LEU A 935 0.21 -2.09 -3.85
N ASN A 936 -0.40 -2.03 -2.66
CA ASN A 936 0.10 -2.80 -1.52
C ASN A 936 -0.47 -4.21 -1.50
N ASN A 937 -1.80 -4.33 -1.48
CA ASN A 937 -2.42 -5.64 -1.31
C ASN A 937 -2.28 -6.53 -2.53
N VAL A 938 -1.91 -5.97 -3.69
CA VAL A 938 -1.83 -6.79 -4.90
C VAL A 938 -0.43 -6.75 -5.50
N VAL A 939 0.01 -5.57 -5.94
CA VAL A 939 1.26 -5.49 -6.69
C VAL A 939 2.46 -5.80 -5.80
N ILE A 940 2.54 -5.15 -4.64
CA ILE A 940 3.62 -5.44 -3.71
C ILE A 940 3.43 -6.81 -3.07
N HIS A 941 2.18 -7.16 -2.74
CA HIS A 941 1.91 -8.43 -2.07
C HIS A 941 2.30 -9.62 -2.95
N LEU A 942 1.97 -9.55 -4.24
CA LEU A 942 2.28 -10.65 -5.13
C LEU A 942 3.77 -10.74 -5.46
N LEU A 943 4.57 -9.76 -5.05
CA LEU A 943 6.02 -9.92 -5.13
C LEU A 943 6.50 -11.04 -4.22
N GLY A 944 5.72 -11.42 -3.22
CA GLY A 944 6.02 -12.54 -2.35
C GLY A 944 5.43 -13.86 -2.80
N ASP A 945 4.90 -13.93 -4.02
CA ASP A 945 4.33 -15.17 -4.51
C ASP A 945 5.40 -16.23 -4.66
N GLU A 946 5.02 -17.49 -4.43
CA GLU A 946 5.95 -18.60 -4.53
C GLU A 946 6.29 -18.95 -5.96
N ASP A 947 5.54 -18.45 -6.94
CA ASP A 947 5.83 -18.70 -8.34
C ASP A 947 6.71 -17.58 -8.89
N PRO A 948 7.93 -17.88 -9.34
CA PRO A 948 8.80 -16.81 -9.87
C PRO A 948 8.18 -16.06 -11.04
N ARG A 949 7.37 -16.73 -11.86
CA ARG A 949 6.73 -16.06 -12.98
C ARG A 949 5.76 -14.99 -12.50
N VAL A 950 5.02 -15.26 -11.42
CA VAL A 950 4.12 -14.26 -10.87
C VAL A 950 4.92 -13.11 -10.25
N ARG A 951 6.06 -13.43 -9.63
CA ARG A 951 6.92 -12.39 -9.05
C ARG A 951 7.45 -11.47 -10.15
N HIS A 952 7.89 -12.05 -11.27
CA HIS A 952 8.47 -11.24 -12.34
C HIS A 952 7.43 -10.31 -12.96
N VAL A 953 6.18 -10.79 -13.11
CA VAL A 953 5.14 -9.96 -13.67
C VAL A 953 4.79 -8.83 -12.71
N ALA A 954 4.78 -9.11 -11.41
CA ALA A 954 4.47 -8.08 -10.42
C ALA A 954 5.53 -6.99 -10.45
N ALA A 955 6.81 -7.36 -10.56
CA ALA A 955 7.86 -6.36 -10.64
C ALA A 955 7.71 -5.49 -11.88
N ALA A 956 7.39 -6.10 -13.02
CA ALA A 956 7.18 -5.34 -14.24
C ALA A 956 5.97 -4.42 -14.12
N SER A 957 4.89 -4.92 -13.53
CA SER A 957 3.70 -4.10 -13.34
C SER A 957 3.95 -2.98 -12.34
N LEU A 958 4.89 -3.18 -11.41
CA LEU A 958 5.24 -2.13 -10.47
C LEU A 958 5.88 -0.95 -11.19
N ILE A 959 6.76 -1.22 -12.15
CA ILE A 959 7.43 -0.16 -12.90
C ILE A 959 6.41 0.66 -13.69
N ARG A 960 5.48 -0.02 -14.35
CA ARG A 960 4.50 0.69 -15.18
C ARG A 960 3.61 1.59 -14.34
N LEU A 961 3.30 1.17 -13.11
CA LEU A 961 2.36 1.92 -12.29
C LEU A 961 2.98 3.19 -11.74
N VAL A 962 4.30 3.24 -11.59
CA VAL A 962 4.95 4.37 -10.93
C VAL A 962 4.62 5.71 -11.59
N PRO A 963 4.70 5.86 -12.93
CA PRO A 963 4.28 7.14 -13.52
C PRO A 963 2.81 7.47 -13.30
N LYS A 964 1.94 6.47 -13.18
CA LYS A 964 0.50 6.69 -13.16
C LYS A 964 -0.06 6.83 -11.76
N LEU A 965 0.76 6.76 -10.71
CA LEU A 965 0.26 6.91 -9.36
C LEU A 965 -0.09 8.37 -9.08
N PHE A 966 -0.99 8.57 -8.11
CA PHE A 966 -1.39 9.89 -7.68
C PHE A 966 -1.45 9.95 -6.17
N TYR A 967 -0.83 10.96 -5.59
CA TYR A 967 -0.86 11.19 -4.14
C TYR A 967 -1.27 12.62 -3.86
N LYS A 968 -2.05 12.81 -2.80
CA LYS A 968 -2.50 14.14 -2.45
C LYS A 968 -1.36 14.96 -1.88
N CYS A 969 -1.54 16.28 -1.90
CA CYS A 969 -0.55 17.24 -1.40
C CYS A 969 0.79 17.07 -2.14
N ASP A 970 0.73 17.15 -3.46
CA ASP A 970 1.92 17.07 -4.30
C ASP A 970 2.21 18.45 -4.90
N GLN A 971 3.49 18.81 -4.94
CA GLN A 971 3.87 20.11 -5.47
C GLN A 971 3.52 20.22 -6.95
N GLY A 972 3.79 19.17 -7.72
CA GLY A 972 3.56 19.22 -9.15
C GLY A 972 2.08 19.33 -9.51
N GLN A 973 1.24 18.54 -8.84
CA GLN A 973 -0.19 18.54 -9.13
C GLN A 973 -0.97 18.53 -7.82
N ALA A 974 -1.99 19.36 -7.74
CA ALA A 974 -2.78 19.48 -6.51
C ALA A 974 -3.88 18.43 -6.44
N ASP A 975 -4.77 18.43 -7.43
CA ASP A 975 -5.91 17.51 -7.46
C ASP A 975 -5.77 16.59 -8.67
N PRO A 976 -6.52 15.49 -8.74
CA PRO A 976 -6.33 14.55 -9.86
C PRO A 976 -6.58 15.17 -11.23
N VAL A 977 -7.47 16.16 -11.32
CA VAL A 977 -7.77 16.77 -12.62
C VAL A 977 -6.52 17.40 -13.22
N VAL A 978 -5.77 18.15 -12.41
CA VAL A 978 -4.51 18.72 -12.88
C VAL A 978 -3.54 17.60 -13.26
N ALA A 979 -3.52 16.52 -12.47
CA ALA A 979 -2.63 15.40 -12.78
C ALA A 979 -2.98 14.78 -14.13
N VAL A 980 -4.26 14.63 -14.43
CA VAL A 980 -4.67 14.08 -15.71
C VAL A 980 -4.31 15.05 -16.83
N ALA A 981 -4.58 16.34 -16.62
CA ALA A 981 -4.31 17.33 -17.67
C ALA A 981 -2.82 17.46 -17.95
N ARG A 982 -1.98 17.16 -16.96
CA ARG A 982 -0.54 17.16 -17.19
C ARG A 982 -0.16 16.10 -18.21
N ASP A 983 -0.72 14.89 -18.08
CA ASP A 983 -0.36 13.80 -18.97
C ASP A 983 -0.77 14.09 -20.41
N GLN A 984 -2.00 14.60 -20.59
CA GLN A 984 -2.49 14.84 -21.94
C GLN A 984 -1.80 16.02 -22.59
N SER A 985 -1.53 17.08 -21.82
CA SER A 985 -0.86 18.25 -22.38
C SER A 985 0.63 18.01 -22.59
N SER A 986 1.22 17.00 -21.95
CA SER A 986 2.64 16.74 -22.12
C SER A 986 2.98 16.10 -23.45
N VAL A 987 1.98 15.64 -24.21
CA VAL A 987 2.20 14.98 -25.49
C VAL A 987 1.71 15.85 -26.64
N TYR A 988 0.42 16.19 -26.64
CA TYR A 988 -0.12 17.02 -27.72
C TYR A 988 0.53 18.40 -27.73
N LEU A 989 0.66 19.02 -26.56
CA LEU A 989 1.30 20.32 -26.42
C LEU A 989 2.79 20.20 -26.14
N LYS A 990 3.41 19.09 -26.50
CA LYS A 990 4.85 18.97 -26.37
C LYS A 990 5.54 19.83 -27.41
N LEU A 991 5.88 21.07 -27.05
CA LEU A 991 6.56 21.96 -27.98
C LEU A 991 7.89 21.35 -28.40
N LEU A 992 8.22 21.52 -29.68
CA LEU A 992 9.29 20.76 -30.32
C LEU A 992 10.49 21.65 -30.60
N MET A 993 11.64 21.23 -30.10
CA MET A 993 12.92 21.88 -30.41
C MET A 993 14.00 20.80 -30.43
N HIS A 994 15.24 21.24 -30.61
CA HIS A 994 16.38 20.34 -30.64
C HIS A 994 17.49 20.90 -29.76
N GLU A 995 18.23 20.00 -29.13
CA GLU A 995 19.35 20.34 -28.26
C GLU A 995 19.01 21.40 -27.23
N THR A 1008 36.71 8.21 -21.71
CA THR A 1008 36.11 9.41 -21.14
C THR A 1008 34.58 9.29 -21.10
N ARG A 1009 34.08 8.06 -21.11
CA ARG A 1009 32.66 7.76 -21.10
C ARG A 1009 32.33 7.09 -19.77
N ILE A 1010 31.56 7.79 -18.92
CA ILE A 1010 31.18 7.19 -17.65
C ILE A 1010 30.27 6.00 -17.88
N TYR A 1011 30.16 5.15 -16.86
CA TYR A 1011 29.46 3.89 -17.01
C TYR A 1011 27.95 4.11 -16.90
N ARG A 1012 27.21 2.99 -16.78
CA ARG A 1012 25.76 3.02 -16.93
C ARG A 1012 25.08 3.77 -15.80
N GLY A 1013 25.57 3.63 -14.57
CA GLY A 1013 24.85 4.13 -13.41
C GLY A 1013 25.32 5.45 -12.85
N TYR A 1014 26.04 6.25 -13.65
CA TYR A 1014 26.58 7.51 -13.20
C TYR A 1014 25.92 8.67 -13.93
N ASN A 1015 25.61 9.74 -13.19
CA ASN A 1015 24.98 10.93 -13.73
C ASN A 1015 25.54 12.14 -12.97
N LEU A 1016 26.46 12.86 -13.60
CA LEU A 1016 27.12 13.98 -12.93
C LEU A 1016 26.34 15.27 -13.06
N LEU A 1017 25.93 15.61 -14.28
CA LEU A 1017 25.24 16.88 -14.51
C LEU A 1017 23.89 16.88 -13.78
N PRO A 1018 23.47 18.05 -13.28
CA PRO A 1018 22.16 18.12 -12.61
C PRO A 1018 21.03 17.76 -13.56
N SER A 1019 20.02 17.10 -13.02
CA SER A 1019 18.90 16.61 -13.80
C SER A 1019 17.64 17.38 -13.42
N ILE A 1020 16.88 17.81 -14.42
CA ILE A 1020 15.62 18.51 -14.19
C ILE A 1020 14.54 17.44 -14.03
N THR A 1021 14.48 16.86 -12.84
CA THR A 1021 13.61 15.73 -12.55
C THR A 1021 12.23 16.22 -12.15
N ASP A 1022 11.22 15.49 -12.58
CA ASP A 1022 9.85 15.82 -12.19
C ASP A 1022 9.69 15.61 -10.69
N VAL A 1023 9.18 16.63 -10.01
CA VAL A 1023 8.93 16.52 -8.57
C VAL A 1023 7.85 15.48 -8.30
N THR A 1024 6.84 15.42 -9.17
CA THR A 1024 5.67 14.59 -8.88
C THR A 1024 6.03 13.11 -8.79
N MET A 1025 6.69 12.57 -9.80
CA MET A 1025 6.91 11.14 -9.82
C MET A 1025 8.19 10.74 -9.07
N GLU A 1026 9.02 11.72 -8.70
CA GLU A 1026 10.02 11.48 -7.66
C GLU A 1026 9.34 11.14 -6.34
N ASN A 1027 8.26 11.85 -6.03
CA ASN A 1027 7.44 11.50 -4.86
C ASN A 1027 6.83 10.12 -5.03
N ASN A 1028 6.30 9.83 -6.22
CA ASN A 1028 5.76 8.50 -6.48
C ASN A 1028 6.83 7.43 -6.38
N LEU A 1029 8.02 7.71 -6.91
CA LEU A 1029 9.11 6.75 -6.84
C LEU A 1029 9.54 6.50 -5.40
N SER A 1030 9.63 7.56 -4.60
CA SER A 1030 10.06 7.40 -3.21
C SER A 1030 9.03 6.63 -2.39
N ARG A 1031 7.74 6.90 -2.63
CA ARG A 1031 6.70 6.17 -1.90
C ARG A 1031 6.70 4.70 -2.25
N VAL A 1032 6.90 4.37 -3.53
CA VAL A 1032 6.96 2.96 -3.94
C VAL A 1032 8.19 2.29 -3.38
N ILE A 1033 9.35 2.94 -3.52
CA ILE A 1033 10.60 2.35 -3.04
C ILE A 1033 10.55 2.11 -1.54
N ALA A 1034 9.93 3.04 -0.80
CA ALA A 1034 9.77 2.84 0.63
C ALA A 1034 8.91 1.60 0.91
N ALA A 1035 7.84 1.42 0.14
CA ALA A 1035 6.97 0.27 0.35
C ALA A 1035 7.69 -1.05 0.06
N VAL A 1036 8.50 -1.08 -1.01
CA VAL A 1036 9.24 -2.30 -1.33
C VAL A 1036 10.27 -2.60 -0.25
N SER A 1037 10.97 -1.58 0.24
CA SER A 1037 11.99 -1.80 1.24
C SER A 1037 11.38 -2.23 2.57
N HIS A 1038 10.23 -1.67 2.92
CA HIS A 1038 9.57 -2.08 4.16
C HIS A 1038 9.24 -3.57 4.14
N GLU A 1039 8.97 -4.10 2.95
CA GLU A 1039 8.77 -5.54 2.82
C GLU A 1039 10.10 -6.29 2.89
N LEU A 1040 11.21 -5.63 2.54
CA LEU A 1040 12.49 -6.31 2.55
C LEU A 1040 13.02 -6.49 3.97
N ILE A 1041 12.85 -5.49 4.83
CA ILE A 1041 13.20 -5.65 6.24
C ILE A 1041 12.29 -6.68 6.90
N THR A 1042 10.99 -6.54 6.72
CA THR A 1042 10.02 -7.46 7.32
C THR A 1042 9.68 -8.60 6.38
N SER A 1043 10.72 -9.29 5.91
CA SER A 1043 10.57 -10.40 4.97
C SER A 1043 10.85 -11.70 5.74
N THR A 1044 9.79 -12.44 6.03
CA THR A 1044 9.93 -13.72 6.72
C THR A 1044 10.06 -14.89 5.76
N THR A 1045 9.74 -14.69 4.48
CA THR A 1045 9.81 -15.74 3.48
C THR A 1045 10.92 -15.45 2.49
N ARG A 1046 11.47 -16.52 1.89
CA ARG A 1046 12.46 -16.35 0.85
C ARG A 1046 11.85 -15.76 -0.42
N ALA A 1047 10.56 -16.03 -0.67
CA ALA A 1047 9.92 -15.53 -1.87
C ALA A 1047 9.80 -14.01 -1.83
N LEU A 1048 9.37 -13.46 -0.69
CA LEU A 1048 9.23 -12.00 -0.58
C LEU A 1048 10.59 -11.33 -0.68
N THR A 1049 11.62 -11.91 -0.07
CA THR A 1049 12.96 -11.36 -0.20
C THR A 1049 13.43 -11.40 -1.65
N PHE A 1050 13.21 -12.53 -2.32
CA PHE A 1050 13.59 -12.64 -3.72
C PHE A 1050 12.79 -11.69 -4.60
N GLY A 1051 11.48 -11.60 -4.35
CA GLY A 1051 10.64 -10.73 -5.18
C GLY A 1051 10.96 -9.27 -4.99
N CYS A 1052 11.13 -8.83 -3.73
CA CYS A 1052 11.38 -7.42 -3.47
C CYS A 1052 12.74 -7.00 -4.01
N CYS A 1053 13.75 -7.86 -3.86
CA CYS A 1053 15.08 -7.53 -4.39
C CYS A 1053 15.05 -7.43 -5.91
N GLU A 1054 14.23 -8.26 -6.56
CA GLU A 1054 14.10 -8.18 -8.01
C GLU A 1054 13.36 -6.91 -8.42
N ALA A 1055 12.34 -6.51 -7.66
CA ALA A 1055 11.59 -5.31 -7.99
C ALA A 1055 12.46 -4.07 -7.89
N LEU A 1056 13.31 -3.98 -6.87
CA LEU A 1056 14.17 -2.82 -6.72
C LEU A 1056 15.26 -2.80 -7.78
N CYS A 1057 15.77 -3.96 -8.16
CA CYS A 1057 16.76 -4.02 -9.24
C CYS A 1057 16.16 -3.55 -10.55
N LEU A 1058 14.91 -3.93 -10.83
CA LEU A 1058 14.24 -3.48 -12.05
C LEU A 1058 13.89 -2.00 -11.96
N LEU A 1059 13.48 -1.53 -10.78
CA LEU A 1059 13.18 -0.11 -10.61
C LEU A 1059 14.43 0.75 -10.81
N SER A 1060 15.58 0.28 -10.33
CA SER A 1060 16.82 1.02 -10.53
C SER A 1060 17.24 1.06 -11.99
N THR A 1061 16.63 0.23 -12.83
CA THR A 1061 16.89 0.26 -14.26
C THR A 1061 15.91 1.15 -15.01
N ALA A 1062 14.62 1.04 -14.68
CA ALA A 1062 13.62 1.90 -15.32
C ALA A 1062 13.77 3.34 -14.90
N PHE A 1063 13.97 3.59 -13.61
CA PHE A 1063 14.19 4.92 -13.06
C PHE A 1063 15.56 4.91 -12.39
N PRO A 1064 16.63 5.24 -13.11
CA PRO A 1064 17.97 5.12 -12.53
C PRO A 1064 18.11 5.92 -11.24
N VAL A 1065 18.77 5.30 -10.26
CA VAL A 1065 18.95 5.92 -8.96
C VAL A 1065 19.86 7.15 -9.05
N CYS A 1066 20.83 7.14 -9.99
CA CYS A 1066 21.68 8.31 -10.18
C CYS A 1066 20.91 9.51 -10.73
N ILE A 1067 19.76 9.28 -11.36
CA ILE A 1067 18.99 10.35 -11.98
C ILE A 1067 17.88 10.79 -11.03
N TRP A 1068 17.32 9.84 -10.28
CA TRP A 1068 16.20 10.10 -9.40
C TRP A 1068 16.61 9.97 -7.93
N SER A 1069 17.78 10.53 -7.59
CA SER A 1069 18.34 10.37 -6.25
C SER A 1069 17.38 10.83 -5.17
N LEU A 1070 16.59 11.87 -5.43
CA LEU A 1070 15.60 12.30 -4.46
C LEU A 1070 14.48 11.28 -4.29
N GLY A 1071 14.39 10.36 -5.23
CA GLY A 1071 13.38 9.33 -5.14
C GLY A 1071 13.92 8.12 -4.43
N TRP A 1072 15.20 7.89 -4.55
CA TRP A 1072 15.79 6.75 -3.92
C TRP A 1072 16.27 7.04 -2.54
N HIS A 1073 15.51 7.82 -1.77
CA HIS A 1073 15.81 8.18 -0.37
C HIS A 1073 17.16 8.81 -0.11
N CYS A 1074 17.29 10.07 -0.50
CA CYS A 1074 18.46 10.91 -0.28
C CYS A 1074 19.45 10.52 0.81
N CYS A 1089 22.07 13.66 -4.44
CA CYS A 1089 22.65 12.33 -4.60
C CYS A 1089 22.32 11.43 -3.41
N THR A 1090 22.41 10.11 -3.62
CA THR A 1090 21.98 9.16 -2.61
C THR A 1090 22.73 7.86 -2.77
N VAL A 1091 22.71 7.05 -1.72
CA VAL A 1091 23.13 5.65 -1.81
C VAL A 1091 21.88 4.82 -1.59
N GLY A 1092 20.76 5.49 -1.35
CA GLY A 1092 19.50 4.82 -1.15
C GLY A 1092 19.54 3.86 0.02
N MET A 1093 19.49 2.57 -0.32
CA MET A 1093 19.54 1.51 0.68
C MET A 1093 20.59 0.49 0.26
N ALA A 1094 21.84 0.75 0.63
CA ALA A 1094 22.94 -0.12 0.27
C ALA A 1094 23.34 -1.05 1.40
N THR A 1095 23.18 -0.63 2.66
CA THR A 1095 23.46 -1.52 3.78
C THR A 1095 22.50 -2.71 3.77
N MET A 1096 21.22 -2.48 3.45
CA MET A 1096 20.27 -3.57 3.35
C MET A 1096 20.67 -4.56 2.26
N ILE A 1097 20.92 -4.06 1.05
CA ILE A 1097 21.22 -4.94 -0.07
C ILE A 1097 22.57 -5.63 0.15
N LEU A 1098 23.54 -4.93 0.74
CA LEU A 1098 24.82 -5.57 1.03
C LEU A 1098 24.71 -6.56 2.18
N THR A 1099 23.71 -6.38 3.06
CA THR A 1099 23.47 -7.35 4.11
C THR A 1099 23.05 -8.69 3.52
N LEU A 1100 22.16 -8.68 2.52
CA LEU A 1100 21.72 -9.92 1.90
C LEU A 1100 22.87 -10.64 1.20
N LEU A 1101 23.78 -9.88 0.59
CA LEU A 1101 24.95 -10.50 -0.05
C LEU A 1101 25.86 -11.15 0.97
N SER A 1102 25.85 -10.71 2.22
CA SER A 1102 26.62 -11.32 3.28
C SER A 1102 25.86 -12.42 4.01
N SER A 1103 24.60 -12.67 3.64
CA SER A 1103 23.82 -13.73 4.26
C SER A 1103 24.33 -15.09 3.79
N ALA A 1104 23.68 -16.14 4.30
CA ALA A 1104 24.08 -17.51 3.99
C ALA A 1104 23.13 -18.22 3.04
N TRP A 1105 21.94 -17.69 2.82
CA TRP A 1105 20.97 -18.30 1.92
C TRP A 1105 20.65 -17.46 0.69
N PHE A 1106 20.63 -16.13 0.82
CA PHE A 1106 20.33 -15.29 -0.33
C PHE A 1106 21.32 -15.44 -1.48
N PRO A 1107 22.64 -15.48 -1.26
CA PRO A 1107 23.56 -15.64 -2.40
C PRO A 1107 23.34 -16.92 -3.18
N LEU A 1108 22.85 -17.98 -2.53
CA LEU A 1108 22.69 -19.28 -3.20
C LEU A 1108 21.65 -19.26 -4.30
N ASP A 1109 20.73 -18.28 -4.30
CA ASP A 1109 19.73 -18.16 -5.36
C ASP A 1109 20.32 -17.27 -6.44
N LEU A 1110 20.73 -17.89 -7.55
CA LEU A 1110 21.45 -17.16 -8.60
C LEU A 1110 20.60 -16.04 -9.19
N SER A 1111 19.30 -16.29 -9.36
CA SER A 1111 18.43 -15.28 -9.96
C SER A 1111 18.36 -14.03 -9.07
N ALA A 1112 18.11 -14.22 -7.77
CA ALA A 1112 18.01 -13.09 -6.86
C ALA A 1112 19.38 -12.52 -6.50
N HIS A 1113 20.42 -13.34 -6.50
CA HIS A 1113 21.76 -12.86 -6.18
C HIS A 1113 22.21 -11.82 -7.20
N GLN A 1114 22.01 -12.09 -8.49
CA GLN A 1114 22.42 -11.15 -9.51
C GLN A 1114 21.53 -9.90 -9.52
N ASP A 1115 20.29 -10.03 -9.04
CA ASP A 1115 19.45 -8.84 -8.88
C ASP A 1115 20.02 -7.91 -7.81
N ALA A 1116 20.58 -8.48 -6.75
CA ALA A 1116 21.16 -7.66 -5.70
C ALA A 1116 22.49 -7.05 -6.13
N LEU A 1117 23.28 -7.80 -6.92
CA LEU A 1117 24.56 -7.29 -7.38
C LEU A 1117 24.38 -6.04 -8.22
N ILE A 1118 23.43 -6.08 -9.16
CA ILE A 1118 23.19 -4.91 -10.01
C ILE A 1118 22.61 -3.76 -9.19
N LEU A 1119 21.66 -4.06 -8.30
CA LEU A 1119 21.07 -3.01 -7.48
C LEU A 1119 22.09 -2.38 -6.54
N ALA A 1120 22.94 -3.20 -5.92
CA ALA A 1120 23.95 -2.66 -5.01
C ALA A 1120 24.94 -1.77 -5.75
N GLY A 1121 25.35 -2.19 -6.95
CA GLY A 1121 26.24 -1.34 -7.73
C GLY A 1121 25.60 -0.03 -8.13
N ASN A 1122 24.31 -0.06 -8.47
CA ASN A 1122 23.61 1.15 -8.87
C ASN A 1122 23.55 2.16 -7.72
N LEU A 1123 23.24 1.68 -6.52
CA LEU A 1123 23.10 2.58 -5.38
C LEU A 1123 24.42 3.24 -5.01
N LEU A 1124 25.50 2.47 -4.98
CA LEU A 1124 26.81 3.05 -4.68
C LEU A 1124 27.24 4.02 -5.76
N ALA A 1125 26.98 3.69 -7.02
CA ALA A 1125 27.34 4.59 -8.12
C ALA A 1125 26.50 5.85 -8.13
N ALA A 1126 25.35 5.85 -7.46
CA ALA A 1126 24.47 7.02 -7.50
C ALA A 1126 24.97 8.16 -6.63
N SER A 1127 25.92 7.89 -5.73
CA SER A 1127 26.48 8.92 -4.88
C SER A 1127 27.74 9.56 -5.45
N ALA A 1128 28.17 9.14 -6.64
CA ALA A 1128 29.47 9.53 -7.17
C ALA A 1128 29.70 11.05 -7.25
N PRO A 1129 28.77 11.87 -7.79
CA PRO A 1129 29.07 13.30 -7.90
C PRO A 1129 29.37 13.97 -6.57
N LYS A 1130 28.50 13.79 -5.58
CA LYS A 1130 28.62 14.46 -4.29
C LYS A 1130 29.55 13.73 -3.33
N SER A 1131 30.08 12.58 -3.71
CA SER A 1131 30.92 11.77 -2.84
C SER A 1131 32.25 11.46 -3.52
N LEU A 1132 32.92 12.49 -4.02
CA LEU A 1132 34.27 12.37 -4.54
C LEU A 1132 35.10 13.56 -4.05
N ARG A 1133 36.42 13.45 -4.21
CA ARG A 1133 37.33 14.50 -3.78
C ARG A 1133 37.75 15.40 -4.94
N SER A 1134 38.35 14.83 -5.98
CA SER A 1134 38.86 15.60 -7.11
C SER A 1134 38.97 14.73 -8.35
N GLU A 1151 45.89 5.87 1.99
CA GLU A 1151 44.71 5.16 2.47
C GLU A 1151 44.14 4.26 1.37
N VAL A 1152 42.90 3.80 1.57
CA VAL A 1152 42.23 2.91 0.62
C VAL A 1152 41.05 3.66 0.03
N TRP A 1153 40.84 3.51 -1.27
CA TRP A 1153 39.81 4.21 -2.03
C TRP A 1153 39.91 5.71 -1.80
N PRO A 1154 41.02 6.34 -2.21
CA PRO A 1154 41.21 7.76 -1.89
C PRO A 1154 40.16 8.67 -2.49
N ALA A 1155 39.62 8.32 -3.66
CA ALA A 1155 38.75 9.24 -4.38
C ALA A 1155 37.38 9.42 -3.72
N LEU A 1156 36.98 8.49 -2.85
CA LEU A 1156 35.63 8.53 -2.31
C LEU A 1156 35.38 9.78 -1.47
N GLY A 1157 36.31 10.09 -0.57
CA GLY A 1157 36.20 11.30 0.23
C GLY A 1157 34.99 11.37 1.14
N ASP A 1158 34.12 10.35 1.08
CA ASP A 1158 32.99 10.19 1.97
C ASP A 1158 33.22 8.82 2.62
N ARG A 1159 33.96 8.83 3.74
CA ARG A 1159 34.46 7.58 4.31
C ARG A 1159 33.35 6.71 4.89
N ALA A 1160 32.13 7.24 5.01
CA ALA A 1160 31.01 6.39 5.41
C ALA A 1160 30.75 5.30 4.39
N LEU A 1161 30.88 5.63 3.10
CA LEU A 1161 30.59 4.68 2.03
C LEU A 1161 31.76 3.77 1.71
N VAL A 1162 32.95 4.04 2.26
CA VAL A 1162 34.11 3.20 1.96
C VAL A 1162 33.88 1.74 2.36
N PRO A 1163 33.38 1.42 3.55
CA PRO A 1163 33.10 0.00 3.85
C PRO A 1163 32.11 -0.64 2.88
N MET A 1164 31.11 0.12 2.44
CA MET A 1164 30.13 -0.43 1.49
C MET A 1164 30.79 -0.74 0.15
N VAL A 1165 31.57 0.21 -0.38
CA VAL A 1165 32.26 -0.02 -1.64
C VAL A 1165 33.29 -1.13 -1.50
N GLU A 1166 34.04 -1.13 -0.39
CA GLU A 1166 35.04 -2.16 -0.16
C GLU A 1166 34.41 -3.54 -0.04
N GLN A 1167 33.26 -3.61 0.65
CA GLN A 1167 32.57 -4.89 0.78
C GLN A 1167 32.10 -5.41 -0.56
N LEU A 1168 31.43 -4.57 -1.35
CA LEU A 1168 30.93 -4.99 -2.66
C LEU A 1168 32.08 -5.37 -3.59
N PHE A 1169 33.15 -4.58 -3.60
CA PHE A 1169 34.27 -4.86 -4.48
C PHE A 1169 34.92 -6.20 -4.13
N SER A 1170 35.12 -6.46 -2.85
CA SER A 1170 35.67 -7.75 -2.43
C SER A 1170 34.71 -8.88 -2.74
N HIS A 1171 33.41 -8.66 -2.52
CA HIS A 1171 32.42 -9.69 -2.79
C HIS A 1171 32.37 -10.03 -4.28
N LEU A 1172 32.42 -9.01 -5.14
CA LEU A 1172 32.39 -9.25 -6.58
C LEU A 1172 33.61 -10.04 -7.03
N LEU A 1173 34.79 -9.73 -6.48
CA LEU A 1173 35.98 -10.46 -6.86
C LEU A 1173 35.89 -11.92 -6.43
N LYS A 1174 35.20 -12.19 -5.31
CA LYS A 1174 35.05 -13.56 -4.85
C LYS A 1174 34.16 -14.37 -5.80
N VAL A 1175 33.00 -13.83 -6.14
CA VAL A 1175 32.06 -14.57 -7.00
C VAL A 1175 32.64 -14.74 -8.40
N ILE A 1176 33.37 -13.74 -8.89
CA ILE A 1176 34.05 -13.88 -10.17
C ILE A 1176 35.15 -14.92 -10.08
N ASN A 1177 35.84 -14.98 -8.94
CA ASN A 1177 36.81 -16.03 -8.71
C ASN A 1177 36.13 -17.40 -8.70
N ILE A 1178 34.93 -17.48 -8.10
CA ILE A 1178 34.19 -18.73 -8.09
C ILE A 1178 33.87 -19.15 -9.52
N CYS A 1179 33.34 -18.23 -10.33
CA CYS A 1179 33.05 -18.54 -11.71
C CYS A 1179 34.32 -18.91 -12.47
N ALA A 1180 35.43 -18.25 -12.16
CA ALA A 1180 36.70 -18.59 -12.79
C ALA A 1180 37.08 -20.04 -12.51
N HIS A 1181 36.85 -20.51 -11.28
CA HIS A 1181 37.11 -21.89 -10.96
C HIS A 1181 36.14 -22.83 -11.67
N VAL A 1182 34.89 -22.39 -11.83
CA VAL A 1182 33.86 -23.26 -12.43
C VAL A 1182 34.18 -23.52 -13.89
N LEU A 1183 34.47 -22.46 -14.66
CA LEU A 1183 34.84 -22.66 -16.06
C LEU A 1183 36.13 -23.45 -16.18
N ASP A 1184 37.10 -23.18 -15.32
CA ASP A 1184 38.37 -23.90 -15.34
C ASP A 1184 38.29 -25.23 -14.61
N ASP A 1185 37.12 -25.56 -14.04
CA ASP A 1185 36.82 -26.83 -13.35
C ASP A 1185 37.96 -27.29 -12.44
N VAL A 1186 38.67 -26.34 -11.85
CA VAL A 1186 39.69 -26.61 -10.85
C VAL A 1186 39.05 -26.47 -9.47
N ALA A 1187 39.29 -27.44 -8.60
CA ALA A 1187 38.61 -27.49 -7.31
C ALA A 1187 39.08 -26.34 -6.42
N PRO A 1188 38.17 -25.78 -5.59
CA PRO A 1188 38.52 -24.73 -4.64
C PRO A 1188 39.18 -25.29 -3.37
N SER A 1253 44.52 -12.46 -3.80
CA SER A 1253 44.12 -12.92 -2.48
C SER A 1253 42.87 -12.19 -2.00
N LEU A 1254 42.57 -11.05 -2.65
CA LEU A 1254 41.39 -10.29 -2.30
C LEU A 1254 40.12 -11.07 -2.61
N GLY A 1255 40.11 -11.79 -3.73
CA GLY A 1255 38.97 -12.58 -4.15
C GLY A 1255 38.95 -14.01 -3.66
N SER A 1256 39.86 -14.38 -2.76
CA SER A 1256 39.91 -15.76 -2.27
C SER A 1256 38.65 -16.09 -1.48
N PHE A 1257 38.17 -17.32 -1.65
CA PHE A 1257 36.95 -17.76 -1.00
C PHE A 1257 37.04 -19.17 -0.42
N TYR A 1258 38.17 -19.85 -0.55
CA TYR A 1258 38.25 -21.25 -0.17
C TYR A 1258 38.05 -21.48 1.32
N HIS A 1259 38.20 -20.44 2.14
CA HIS A 1259 38.05 -20.56 3.58
C HIS A 1259 36.72 -20.04 4.10
N LEU A 1260 35.84 -19.57 3.22
CA LEU A 1260 34.52 -19.10 3.63
C LEU A 1260 33.47 -20.16 3.28
N PRO A 1261 32.82 -20.76 4.27
CA PRO A 1261 31.80 -21.78 3.94
C PRO A 1261 30.63 -21.24 3.13
N SER A 1262 30.26 -19.97 3.36
CA SER A 1262 29.12 -19.41 2.62
C SER A 1262 29.41 -19.27 1.14
N TYR A 1263 30.67 -19.06 0.77
CA TYR A 1263 31.04 -18.99 -0.64
C TYR A 1263 31.27 -20.36 -1.23
N LEU A 1264 31.67 -21.33 -0.42
CA LEU A 1264 31.80 -22.71 -0.91
C LEU A 1264 30.44 -23.27 -1.29
N LYS A 1265 29.39 -22.95 -0.52
CA LYS A 1265 28.05 -23.35 -0.89
C LYS A 1265 27.62 -22.71 -2.20
N LEU A 1266 27.97 -21.43 -2.39
CA LEU A 1266 27.66 -20.76 -3.65
C LEU A 1266 28.40 -21.41 -4.81
N HIS A 1267 29.66 -21.79 -4.60
CA HIS A 1267 30.42 -22.43 -5.67
C HIS A 1267 29.76 -23.75 -6.09
N ASP A 1268 29.17 -24.46 -5.14
CA ASP A 1268 28.46 -25.69 -5.49
C ASP A 1268 27.23 -25.41 -6.33
N VAL A 1269 26.51 -24.34 -6.01
CA VAL A 1269 25.32 -23.98 -6.80
C VAL A 1269 25.73 -23.59 -8.21
N LEU A 1270 26.81 -22.79 -8.34
CA LEU A 1270 27.28 -22.39 -9.66
C LEU A 1270 27.89 -23.56 -10.42
N LYS A 1271 28.54 -24.48 -9.70
CA LYS A 1271 29.09 -25.66 -10.36
C LYS A 1271 27.99 -26.52 -10.95
N ALA A 1272 26.86 -26.65 -10.25
CA ALA A 1272 25.75 -27.45 -10.75
C ALA A 1272 25.14 -26.84 -12.01
N THR A 1273 24.92 -25.52 -11.99
CA THR A 1273 24.26 -24.87 -13.12
C THR A 1273 25.11 -24.95 -14.38
N HIS A 1274 26.42 -24.76 -14.25
CA HIS A 1274 27.31 -24.89 -15.40
C HIS A 1274 27.37 -26.32 -15.89
N ALA A 1275 27.35 -27.29 -14.97
CA ALA A 1275 27.36 -28.70 -15.36
C ALA A 1275 26.13 -29.04 -16.19
N ASN A 1276 24.97 -28.50 -15.80
CA ASN A 1276 23.77 -28.65 -16.61
C ASN A 1276 23.97 -27.99 -17.97
N TYR A 1277 24.56 -26.80 -17.99
CA TYR A 1277 24.77 -26.08 -19.25
C TYR A 1277 25.77 -26.80 -20.15
N LYS A 1278 26.72 -27.53 -19.54
CA LYS A 1278 27.77 -28.17 -20.32
C LYS A 1278 27.26 -29.31 -21.19
N VAL A 1279 26.04 -29.79 -20.96
CA VAL A 1279 25.54 -30.95 -21.67
C VAL A 1279 24.23 -30.64 -22.37
N THR A 1280 24.03 -29.37 -22.72
CA THR A 1280 22.84 -28.95 -23.47
C THR A 1280 23.29 -28.06 -24.61
N LEU A 1281 22.41 -27.95 -25.62
CA LEU A 1281 22.64 -27.11 -26.79
C LEU A 1281 21.42 -26.22 -26.97
N ASP A 1282 21.42 -25.08 -26.29
CA ASP A 1282 20.31 -24.13 -26.30
C ASP A 1282 20.86 -22.71 -26.46
N LEU A 1283 21.69 -22.52 -27.49
CA LEU A 1283 22.48 -21.30 -27.62
C LEU A 1283 21.60 -20.04 -27.64
N GLN A 1284 20.36 -20.15 -28.08
CA GLN A 1284 19.46 -19.01 -28.14
C GLN A 1284 18.68 -18.80 -26.85
N ASN A 1285 19.13 -19.37 -25.74
CA ASN A 1285 18.48 -19.20 -24.44
C ASN A 1285 19.15 -18.05 -23.70
N SER A 1286 18.43 -16.94 -23.56
CA SER A 1286 18.99 -15.81 -22.83
C SER A 1286 18.98 -16.05 -21.33
N THR A 1287 17.93 -16.67 -20.81
CA THR A 1287 17.77 -16.86 -19.37
C THR A 1287 18.51 -18.13 -18.92
N GLU A 1288 19.83 -18.08 -19.06
CA GLU A 1288 20.71 -19.09 -18.50
C GLU A 1288 21.27 -18.54 -17.19
N LYS A 1289 20.99 -19.24 -16.09
CA LYS A 1289 21.25 -18.67 -14.78
C LYS A 1289 22.74 -18.42 -14.54
N PHE A 1290 23.58 -19.36 -14.95
CA PHE A 1290 25.03 -19.17 -14.75
C PHE A 1290 25.56 -18.06 -15.64
N GLY A 1291 25.20 -18.08 -16.92
CA GLY A 1291 25.66 -17.03 -17.83
C GLY A 1291 25.13 -15.67 -17.45
N GLY A 1292 23.87 -15.61 -17.00
CA GLY A 1292 23.34 -14.35 -16.52
C GLY A 1292 24.02 -13.86 -15.26
N PHE A 1293 24.44 -14.79 -14.40
CA PHE A 1293 25.12 -14.40 -13.17
C PHE A 1293 26.52 -13.86 -13.46
N LEU A 1294 27.27 -14.56 -14.30
CA LEU A 1294 28.62 -14.09 -14.65
C LEU A 1294 28.56 -12.74 -15.35
N ARG A 1295 27.57 -12.55 -16.22
CA ARG A 1295 27.40 -11.26 -16.89
C ARG A 1295 27.12 -10.16 -15.87
N SER A 1296 26.22 -10.44 -14.92
CA SER A 1296 25.88 -9.44 -13.91
C SER A 1296 27.08 -9.13 -13.01
N ALA A 1297 27.83 -10.16 -12.62
CA ALA A 1297 29.00 -9.93 -11.78
C ALA A 1297 30.03 -9.07 -12.50
N LEU A 1298 30.27 -9.34 -13.78
CA LEU A 1298 31.20 -8.53 -14.56
C LEU A 1298 30.61 -7.15 -14.86
N ASP A 1299 29.28 -7.05 -14.93
CA ASP A 1299 28.64 -5.77 -15.17
C ASP A 1299 28.86 -4.82 -14.00
N VAL A 1300 28.60 -5.30 -12.78
CA VAL A 1300 28.71 -4.45 -11.60
C VAL A 1300 30.16 -4.13 -11.31
N LEU A 1301 31.06 -5.10 -11.48
CA LEU A 1301 32.48 -4.83 -11.28
C LEU A 1301 32.96 -3.72 -12.20
N SER A 1302 32.51 -3.73 -13.46
CA SER A 1302 32.85 -2.67 -14.39
C SER A 1302 32.31 -1.33 -13.91
N GLN A 1303 31.16 -1.33 -13.24
CA GLN A 1303 30.57 -0.10 -12.74
C GLN A 1303 31.35 0.43 -11.54
N ILE A 1304 31.71 -0.44 -10.60
CA ILE A 1304 32.45 -0.03 -9.43
C ILE A 1304 33.86 0.40 -9.79
N LEU A 1305 34.43 -0.14 -10.86
CA LEU A 1305 35.78 0.24 -11.29
C LEU A 1305 35.88 1.72 -11.62
N GLU A 1306 34.76 2.38 -11.88
CA GLU A 1306 34.77 3.82 -12.13
C GLU A 1306 35.25 4.59 -10.90
N LEU A 1307 34.74 4.24 -9.72
CA LEU A 1307 35.06 4.97 -8.50
C LEU A 1307 36.47 4.68 -7.99
N ALA A 1308 37.19 3.75 -8.58
CA ALA A 1308 38.49 3.35 -8.08
C ALA A 1308 39.62 4.13 -8.77
N THR A 1309 40.82 3.98 -8.23
CA THR A 1309 42.01 4.61 -8.79
C THR A 1309 43.09 3.55 -8.97
N LEU A 1310 44.24 4.00 -9.47
CA LEU A 1310 45.38 3.08 -9.61
C LEU A 1310 45.91 2.65 -8.25
N GLN A 1311 45.81 3.52 -7.23
CA GLN A 1311 46.43 3.25 -5.95
C GLN A 1311 45.83 2.02 -5.27
N ASP A 1312 44.50 1.92 -5.27
CA ASP A 1312 43.83 0.83 -4.56
C ASP A 1312 43.57 -0.39 -5.45
N ILE A 1313 44.05 -0.39 -6.69
CA ILE A 1313 43.82 -1.51 -7.59
C ILE A 1313 45.11 -2.09 -8.16
N GLY A 1314 46.19 -1.32 -8.27
CA GLY A 1314 47.40 -1.83 -8.90
C GLY A 1314 47.93 -3.09 -8.25
N LYS A 1315 47.65 -3.29 -6.97
CA LYS A 1315 48.03 -4.54 -6.31
C LYS A 1315 47.19 -5.70 -6.82
N CYS A 1316 45.88 -5.50 -6.95
CA CYS A 1316 44.95 -6.57 -7.30
C CYS A 1316 44.57 -6.57 -8.78
N VAL A 1317 45.22 -5.75 -9.60
CA VAL A 1317 44.84 -5.66 -11.01
C VAL A 1317 45.25 -6.93 -11.76
N GLU A 1318 46.34 -7.58 -11.34
CA GLU A 1318 46.81 -8.76 -12.06
C GLU A 1318 45.93 -9.98 -11.77
N GLU A 1319 45.29 -10.02 -10.61
CA GLU A 1319 44.44 -11.17 -10.29
C GLU A 1319 43.10 -11.08 -11.02
N ILE A 1320 42.60 -9.87 -11.26
CA ILE A 1320 41.35 -9.71 -11.99
C ILE A 1320 41.54 -10.09 -13.45
N LEU A 1321 42.68 -9.70 -14.04
CA LEU A 1321 42.97 -10.09 -15.41
C LEU A 1321 43.10 -11.60 -15.54
N GLY A 1322 43.56 -12.27 -14.48
CA GLY A 1322 43.55 -13.72 -14.49
C GLY A 1322 42.15 -14.30 -14.50
N TYR A 1323 41.24 -13.67 -13.74
CA TYR A 1323 39.86 -14.13 -13.72
C TYR A 1323 39.19 -13.95 -15.07
N LEU A 1324 39.46 -12.81 -15.74
CA LEU A 1324 38.81 -12.54 -17.01
C LEU A 1324 39.27 -13.49 -18.11
N LYS A 1325 40.52 -13.97 -18.03
CA LYS A 1325 41.00 -14.91 -19.04
C LYS A 1325 40.15 -16.18 -19.04
N SER A 1326 39.81 -16.69 -17.86
CA SER A 1326 38.95 -17.87 -17.78
C SER A 1326 37.50 -17.54 -18.11
N CYS A 1327 37.03 -16.36 -17.73
CA CYS A 1327 35.66 -15.95 -17.96
C CYS A 1327 35.44 -15.33 -19.35
N PHE A 1328 36.49 -15.19 -20.15
CA PHE A 1328 36.35 -14.54 -21.44
C PHE A 1328 35.55 -15.41 -22.41
N SER A 1329 35.86 -16.71 -22.48
CA SER A 1329 35.20 -17.56 -23.46
C SER A 1329 33.70 -17.66 -23.20
N ARG A 1330 33.30 -17.73 -21.93
CA ARG A 1330 31.89 -17.84 -21.60
C ARG A 1330 31.15 -16.54 -21.89
N GLU A 1331 31.70 -15.41 -21.44
CA GLU A 1331 31.06 -14.10 -21.56
C GLU A 1331 32.07 -13.13 -22.15
N PRO A 1332 32.23 -13.14 -23.48
CA PRO A 1332 33.29 -12.31 -24.08
C PRO A 1332 32.96 -10.82 -24.10
N MET A 1333 31.69 -10.45 -24.16
CA MET A 1333 31.32 -9.05 -24.20
C MET A 1333 31.68 -8.35 -22.90
N MET A 1334 31.12 -8.83 -21.79
CA MET A 1334 31.34 -8.17 -20.51
C MET A 1334 32.78 -8.35 -20.03
N ALA A 1335 33.46 -9.42 -20.47
CA ALA A 1335 34.88 -9.54 -20.17
C ALA A 1335 35.70 -8.45 -20.84
N THR A 1336 35.29 -8.02 -22.04
CA THR A 1336 35.95 -6.91 -22.70
C THR A 1336 35.52 -5.57 -22.13
N VAL A 1337 34.26 -5.44 -21.71
CA VAL A 1337 33.83 -4.22 -21.04
C VAL A 1337 34.60 -4.02 -19.74
N CYS A 1338 34.85 -5.11 -19.01
CA CYS A 1338 35.63 -5.01 -17.78
C CYS A 1338 37.08 -4.63 -18.07
N VAL A 1339 37.60 -5.07 -19.22
CA VAL A 1339 38.95 -4.68 -19.60
C VAL A 1339 39.03 -3.17 -19.83
N GLN A 1340 38.00 -2.60 -20.45
CA GLN A 1340 37.99 -1.16 -20.72
C GLN A 1340 38.00 -0.37 -19.42
N GLN A 1341 37.19 -0.79 -18.44
CA GLN A 1341 37.15 -0.08 -17.17
C GLN A 1341 38.49 -0.18 -16.43
N LEU A 1342 39.15 -1.34 -16.55
CA LEU A 1342 40.48 -1.47 -15.96
C LEU A 1342 41.47 -0.50 -16.60
N LEU A 1343 41.42 -0.36 -17.92
CA LEU A 1343 42.28 0.60 -18.60
C LEU A 1343 41.92 2.03 -18.21
N LYS A 1344 40.63 2.33 -18.09
CA LYS A 1344 40.21 3.67 -17.68
C LYS A 1344 40.66 3.98 -16.27
N THR A 1345 40.81 2.96 -15.43
CA THR A 1345 41.30 3.15 -14.07
C THR A 1345 42.82 3.12 -14.01
N LEU A 1346 43.45 2.20 -14.74
CA LEU A 1346 44.90 2.13 -14.77
C LEU A 1346 45.51 3.39 -15.37
N PHE A 1347 44.83 4.02 -16.32
CA PHE A 1347 45.32 5.23 -16.98
C PHE A 1347 44.70 6.49 -16.40
N GLY A 1348 43.93 6.38 -15.33
CA GLY A 1348 43.35 7.55 -14.70
C GLY A 1348 42.37 8.31 -15.55
N THR A 1349 41.58 7.61 -16.37
CA THR A 1349 40.60 8.24 -17.24
C THR A 1349 39.18 8.05 -16.73
N ASN A 1350 38.98 7.29 -15.66
CA ASN A 1350 37.64 7.04 -15.15
C ASN A 1350 37.11 8.27 -14.43
N LEU A 1351 35.89 8.14 -13.90
CA LEU A 1351 35.24 9.27 -13.24
C LEU A 1351 36.01 9.71 -12.00
N ALA A 1352 36.52 8.74 -11.22
CA ALA A 1352 37.20 9.08 -9.97
C ALA A 1352 38.46 9.90 -10.23
N SER A 1353 39.26 9.51 -11.22
CA SER A 1353 40.52 10.18 -11.47
C SER A 1353 40.36 11.50 -12.22
N GLN A 1354 39.20 11.76 -12.81
CA GLN A 1354 38.96 13.00 -13.56
C GLN A 1354 37.67 13.63 -13.03
N PHE A 1355 37.80 14.44 -11.98
CA PHE A 1355 36.68 15.16 -11.41
C PHE A 1355 37.17 16.54 -10.98
N ASP A 1356 36.28 17.52 -11.01
CA ASP A 1356 36.65 18.90 -10.70
C ASP A 1356 37.04 19.06 -9.23
N ARG A 1378 1.00 24.93 -6.32
CA ARG A 1378 0.38 26.04 -7.03
C ARG A 1378 0.19 25.90 -8.55
N PRO A 1379 1.02 25.13 -9.25
CA PRO A 1379 0.75 24.90 -10.67
C PRO A 1379 -0.61 24.22 -10.88
N GLY A 1380 -1.47 24.89 -11.63
CA GLY A 1380 -2.81 24.39 -11.86
C GLY A 1380 -3.11 24.15 -13.32
N LEU A 1381 -4.40 24.21 -13.68
CA LEU A 1381 -4.78 23.97 -15.07
C LEU A 1381 -4.22 25.05 -15.99
N TYR A 1382 -4.30 26.32 -15.57
CA TYR A 1382 -3.85 27.41 -16.42
C TYR A 1382 -2.36 27.29 -16.73
N HIS A 1383 -1.55 26.94 -15.72
CA HIS A 1383 -0.12 26.80 -15.95
C HIS A 1383 0.18 25.66 -16.92
N TYR A 1384 -0.35 24.47 -16.63
CA TYR A 1384 0.02 23.30 -17.43
C TYR A 1384 -0.63 23.34 -18.81
N CYS A 1385 -1.92 23.68 -18.87
CA CYS A 1385 -2.62 23.62 -20.15
C CYS A 1385 -2.16 24.72 -21.10
N PHE A 1386 -2.09 25.96 -20.63
CA PHE A 1386 -1.85 27.09 -21.52
C PHE A 1386 -0.56 27.84 -21.21
N MET A 1387 -0.37 28.31 -19.98
CA MET A 1387 0.67 29.30 -19.72
C MET A 1387 2.07 28.73 -19.92
N ALA A 1388 2.37 27.58 -19.31
CA ALA A 1388 3.72 27.03 -19.44
C ALA A 1388 4.07 26.66 -20.87
N PRO A 1389 3.24 25.95 -21.65
CA PRO A 1389 3.60 25.71 -23.05
C PRO A 1389 3.69 26.97 -23.88
N TYR A 1390 2.81 27.94 -23.64
CA TYR A 1390 2.85 29.18 -24.43
C TYR A 1390 4.11 29.98 -24.13
N THR A 1391 4.50 30.07 -22.86
CA THR A 1391 5.69 30.81 -22.50
C THR A 1391 6.94 30.20 -23.12
N HIS A 1392 7.02 28.86 -23.11
CA HIS A 1392 8.14 28.20 -23.78
C HIS A 1392 8.11 28.46 -25.28
N PHE A 1393 6.91 28.43 -25.88
CA PHE A 1393 6.79 28.71 -27.30
C PHE A 1393 7.19 30.15 -27.62
N THR A 1394 6.73 31.10 -26.80
CA THR A 1394 7.07 32.51 -27.03
C THR A 1394 8.57 32.74 -26.85
N GLN A 1395 9.16 32.15 -25.82
CA GLN A 1395 10.59 32.32 -25.59
C GLN A 1395 11.41 31.72 -26.72
N ALA A 1396 11.00 30.55 -27.22
CA ALA A 1396 11.71 29.93 -28.34
C ALA A 1396 11.64 30.82 -29.58
N LEU A 1397 10.50 31.44 -29.83
CA LEU A 1397 10.38 32.37 -30.96
C LEU A 1397 11.32 33.57 -30.77
N ALA A 1398 11.40 34.09 -29.56
CA ALA A 1398 12.27 35.24 -29.31
C ALA A 1398 13.73 34.88 -29.55
N ASP A 1399 14.16 33.71 -29.09
CA ASP A 1399 15.54 33.29 -29.29
C ASP A 1399 15.81 32.87 -30.73
N ALA A 1400 14.77 32.65 -31.53
CA ALA A 1400 14.97 32.30 -32.92
C ALA A 1400 15.64 33.42 -33.70
N SER A 1401 15.26 34.67 -33.41
CA SER A 1401 15.84 35.81 -34.11
C SER A 1401 17.31 36.02 -33.73
N LEU A 1402 17.76 35.44 -32.62
CA LEU A 1402 19.15 35.59 -32.21
C LEU A 1402 20.02 34.49 -32.81
N HIS A 1448 52.18 -1.62 -16.52
CA HIS A 1448 51.09 -2.54 -16.22
C HIS A 1448 50.25 -2.84 -17.46
N ILE A 1449 50.40 -2.00 -18.50
CA ILE A 1449 49.63 -2.18 -19.72
C ILE A 1449 50.01 -3.49 -20.41
N ARG A 1450 51.25 -3.94 -20.23
CA ARG A 1450 51.68 -5.19 -20.85
C ARG A 1450 50.85 -6.37 -20.37
N LEU A 1451 50.24 -6.26 -19.19
CA LEU A 1451 49.39 -7.34 -18.68
C LEU A 1451 48.15 -7.53 -19.52
N PHE A 1452 47.64 -6.46 -20.13
CA PHE A 1452 46.41 -6.54 -20.91
C PHE A 1452 46.61 -7.20 -22.27
N GLU A 1453 47.85 -7.28 -22.76
CA GLU A 1453 48.08 -7.80 -24.10
C GLU A 1453 47.59 -9.23 -24.30
N PRO A 1454 47.83 -10.18 -23.39
CA PRO A 1454 47.25 -11.52 -23.60
C PRO A 1454 45.72 -11.50 -23.71
N LEU A 1455 45.06 -10.59 -23.01
CA LEU A 1455 43.61 -10.51 -23.01
C LEU A 1455 43.05 -9.62 -24.10
N VAL A 1456 43.91 -8.89 -24.82
CA VAL A 1456 43.46 -8.02 -25.90
C VAL A 1456 43.64 -8.69 -27.26
N ILE A 1457 44.61 -9.60 -27.37
CA ILE A 1457 44.75 -10.38 -28.60
C ILE A 1457 43.60 -11.37 -28.73
N LYS A 1458 43.06 -11.84 -27.61
CA LYS A 1458 41.91 -12.74 -27.65
C LYS A 1458 40.69 -12.02 -28.19
N ALA A 1459 40.49 -10.76 -27.80
CA ALA A 1459 39.38 -9.98 -28.34
C ALA A 1459 39.55 -9.77 -29.84
N LEU A 1460 40.78 -9.49 -30.29
CA LEU A 1460 41.04 -9.40 -31.72
C LEU A 1460 40.86 -10.74 -32.41
N LYS A 1461 41.38 -11.81 -31.81
CA LYS A 1461 41.26 -13.13 -32.41
C LYS A 1461 39.80 -13.57 -32.49
N GLN A 1462 39.01 -13.26 -31.46
CA GLN A 1462 37.60 -13.63 -31.46
C GLN A 1462 36.76 -12.76 -32.39
N TYR A 1463 37.18 -11.51 -32.63
CA TYR A 1463 36.44 -10.65 -33.54
C TYR A 1463 36.36 -11.25 -34.94
N THR A 1464 37.46 -11.81 -35.41
CA THR A 1464 37.52 -12.37 -36.76
C THR A 1464 36.85 -13.73 -36.88
N THR A 1465 36.41 -14.32 -35.77
CA THR A 1465 35.75 -15.62 -35.80
C THR A 1465 34.31 -15.61 -35.31
N THR A 1466 33.94 -14.67 -34.45
CA THR A 1466 32.58 -14.65 -33.94
C THR A 1466 31.63 -14.03 -34.96
N THR A 1467 30.34 -14.25 -34.73
CA THR A 1467 29.28 -13.57 -35.48
C THR A 1467 28.38 -12.77 -34.55
N CYS A 1468 28.83 -12.53 -33.32
CA CYS A 1468 28.08 -11.73 -32.36
C CYS A 1468 28.47 -10.27 -32.56
N VAL A 1469 27.55 -9.48 -33.12
CA VAL A 1469 27.85 -8.08 -33.39
C VAL A 1469 27.99 -7.30 -32.09
N GLN A 1470 27.28 -7.74 -31.04
CA GLN A 1470 27.42 -7.08 -29.75
C GLN A 1470 28.84 -7.19 -29.22
N LEU A 1471 29.45 -8.37 -29.35
CA LEU A 1471 30.86 -8.52 -29.02
C LEU A 1471 31.74 -7.81 -30.05
N GLN A 1472 31.38 -7.90 -31.33
CA GLN A 1472 32.19 -7.30 -32.37
C GLN A 1472 32.23 -5.77 -32.23
N LYS A 1473 31.10 -5.15 -31.93
CA LYS A 1473 31.08 -3.72 -31.73
C LYS A 1473 31.73 -3.30 -30.42
N GLN A 1474 31.97 -4.25 -29.51
CA GLN A 1474 32.69 -3.96 -28.27
C GLN A 1474 34.20 -4.07 -28.44
N VAL A 1475 34.67 -4.97 -29.29
CA VAL A 1475 36.11 -5.06 -29.57
C VAL A 1475 36.59 -3.78 -30.23
N LEU A 1476 35.80 -3.26 -31.17
CA LEU A 1476 36.13 -1.97 -31.79
C LEU A 1476 36.12 -0.85 -30.76
N ASP A 1477 35.14 -0.88 -29.85
CA ASP A 1477 35.10 0.10 -28.77
C ASP A 1477 36.36 0.02 -27.90
N LEU A 1478 36.80 -1.20 -27.59
CA LEU A 1478 38.06 -1.37 -26.87
C LEU A 1478 39.23 -0.89 -27.70
N LEU A 1479 39.22 -1.20 -29.00
CA LEU A 1479 40.30 -0.75 -29.88
C LEU A 1479 40.33 0.76 -30.02
N ALA A 1480 39.17 1.39 -30.11
CA ALA A 1480 39.11 2.85 -30.17
C ALA A 1480 39.68 3.46 -28.90
N GLN A 1481 39.32 2.91 -27.75
CA GLN A 1481 39.84 3.42 -26.48
C GLN A 1481 41.36 3.25 -26.40
N LEU A 1482 41.87 2.12 -26.88
CA LEU A 1482 43.31 1.88 -26.86
C LEU A 1482 44.05 2.93 -27.69
N VAL A 1483 43.52 3.26 -28.86
CA VAL A 1483 44.15 4.28 -29.70
C VAL A 1483 44.07 5.65 -29.01
N GLN A 1484 42.92 5.96 -28.41
CA GLN A 1484 42.77 7.23 -27.71
C GLN A 1484 43.77 7.37 -26.57
N LEU A 1485 44.15 6.25 -25.94
CA LEU A 1485 45.19 6.26 -24.91
C LEU A 1485 46.59 6.19 -25.50
N ARG A 1486 46.73 6.46 -26.80
CA ARG A 1486 48.01 6.55 -27.48
C ARG A 1486 48.81 5.25 -27.33
N VAL A 1487 48.11 4.12 -27.38
CA VAL A 1487 48.76 2.83 -27.43
C VAL A 1487 49.18 2.55 -28.87
N ASN A 1488 50.44 2.17 -29.06
CA ASN A 1488 50.98 1.92 -30.39
C ASN A 1488 50.19 0.82 -31.09
N TYR A 1489 49.47 1.20 -32.15
CA TYR A 1489 48.58 0.24 -32.80
C TYR A 1489 49.35 -0.85 -33.54
N CYS A 1490 50.55 -0.53 -34.05
CA CYS A 1490 51.34 -1.54 -34.74
C CYS A 1490 51.71 -2.69 -33.82
N LEU A 1491 51.82 -2.43 -32.51
CA LEU A 1491 52.05 -3.51 -31.55
C LEU A 1491 50.87 -4.45 -31.46
N LEU A 1492 49.65 -3.96 -31.66
CA LEU A 1492 48.47 -4.80 -31.68
C LEU A 1492 48.32 -5.51 -33.02
N ASP A 1493 48.38 -4.75 -34.11
CA ASP A 1493 48.14 -5.29 -35.45
C ASP A 1493 49.49 -5.49 -36.15
N SER A 1494 50.17 -6.58 -35.77
CA SER A 1494 51.55 -6.78 -36.21
C SER A 1494 51.65 -6.96 -37.72
N ASP A 1495 50.57 -7.38 -38.38
CA ASP A 1495 50.62 -7.67 -39.81
C ASP A 1495 49.39 -7.12 -40.55
N GLN A 1496 48.72 -6.12 -39.99
CA GLN A 1496 47.56 -5.48 -40.60
C GLN A 1496 46.43 -6.47 -40.91
N VAL A 1497 46.35 -7.57 -40.15
CA VAL A 1497 45.33 -8.58 -40.42
C VAL A 1497 43.96 -8.08 -40.00
N PHE A 1498 43.84 -7.56 -38.77
CA PHE A 1498 42.55 -7.12 -38.27
C PHE A 1498 41.99 -5.95 -39.07
N ILE A 1499 42.85 -4.98 -39.40
CA ILE A 1499 42.39 -3.85 -40.21
C ILE A 1499 42.03 -4.32 -41.61
N GLY A 1500 42.76 -5.32 -42.13
CA GLY A 1500 42.36 -5.91 -43.40
C GLY A 1500 41.04 -6.66 -43.30
N PHE A 1501 40.82 -7.37 -42.20
CA PHE A 1501 39.57 -8.09 -42.02
C PHE A 1501 38.39 -7.15 -41.90
N VAL A 1502 38.57 -6.03 -41.20
CA VAL A 1502 37.48 -5.07 -41.02
C VAL A 1502 37.03 -4.52 -42.37
N LEU A 1503 37.99 -4.20 -43.24
CA LEU A 1503 37.63 -3.72 -44.57
C LEU A 1503 36.88 -4.78 -45.36
N LYS A 1504 37.31 -6.04 -45.27
CA LYS A 1504 36.63 -7.11 -45.99
C LYS A 1504 35.20 -7.31 -45.52
N GLN A 1505 34.86 -6.86 -44.31
CA GLN A 1505 33.49 -6.99 -43.83
C GLN A 1505 32.53 -6.09 -44.58
N PHE A 1506 33.02 -5.03 -45.22
CA PHE A 1506 32.13 -4.10 -45.89
C PHE A 1506 31.48 -4.71 -47.12
N GLU A 1507 32.17 -5.65 -47.79
CA GLU A 1507 31.58 -6.31 -48.95
C GLU A 1507 30.27 -7.01 -48.57
N TYR A 1508 30.25 -7.70 -47.44
CA TYR A 1508 29.02 -8.34 -46.98
C TYR A 1508 28.05 -7.31 -46.41
N ILE A 1509 28.56 -6.20 -45.89
CA ILE A 1509 27.69 -5.20 -45.28
C ILE A 1509 26.85 -4.49 -46.33
N GLU A 1510 27.48 -4.06 -47.43
CA GLU A 1510 26.79 -3.23 -48.40
C GLU A 1510 25.89 -4.03 -49.35
N VAL A 1511 26.07 -5.35 -49.44
CA VAL A 1511 25.23 -6.18 -50.28
C VAL A 1511 24.13 -6.88 -49.50
N GLY A 1512 23.97 -6.54 -48.21
CA GLY A 1512 22.94 -7.13 -47.40
C GLY A 1512 23.22 -8.51 -46.88
N GLN A 1513 24.47 -8.98 -46.96
CA GLN A 1513 24.84 -10.31 -46.51
C GLN A 1513 25.40 -10.31 -45.09
N PHE A 1514 25.29 -9.19 -44.38
CA PHE A 1514 25.66 -9.11 -42.97
C PHE A 1514 24.38 -9.15 -42.15
N ARG A 1515 24.34 -10.05 -41.16
CA ARG A 1515 23.09 -10.30 -40.44
C ARG A 1515 22.60 -9.05 -39.73
N GLU A 1516 23.50 -8.36 -39.03
CA GLU A 1516 23.19 -7.09 -38.39
C GLU A 1516 24.40 -6.18 -38.54
N SER A 1517 24.41 -5.38 -39.60
CA SER A 1517 25.49 -4.43 -39.83
C SER A 1517 25.20 -3.07 -39.22
N GLU A 1518 23.92 -2.76 -38.97
CA GLU A 1518 23.58 -1.47 -38.40
C GLU A 1518 24.12 -1.31 -36.99
N ALA A 1519 24.35 -2.41 -36.28
CA ALA A 1519 24.89 -2.35 -34.93
C ALA A 1519 26.41 -2.29 -34.91
N ILE A 1520 27.07 -2.44 -36.05
CA ILE A 1520 28.53 -2.40 -36.11
C ILE A 1520 29.05 -1.26 -36.96
N ILE A 1521 28.26 -0.69 -37.86
CA ILE A 1521 28.75 0.41 -38.71
C ILE A 1521 29.17 1.63 -37.90
N PRO A 1522 28.39 2.12 -36.92
CA PRO A 1522 28.86 3.32 -36.18
C PRO A 1522 30.20 3.13 -35.50
N ASN A 1523 30.47 1.93 -34.97
CA ASN A 1523 31.74 1.70 -34.29
C ASN A 1523 32.88 1.50 -35.27
N ILE A 1524 32.62 0.90 -36.44
CA ILE A 1524 33.67 0.67 -37.42
C ILE A 1524 34.23 2.01 -37.91
N PHE A 1525 33.33 2.93 -38.28
CA PHE A 1525 33.78 4.20 -38.83
C PHE A 1525 34.44 5.07 -37.76
N PHE A 1526 33.87 5.09 -36.56
CA PHE A 1526 34.50 5.83 -35.46
C PHE A 1526 35.88 5.30 -35.16
N PHE A 1527 36.06 3.97 -35.22
CA PHE A 1527 37.38 3.38 -35.07
C PHE A 1527 38.30 3.77 -36.22
N LEU A 1528 37.77 3.80 -37.44
CA LEU A 1528 38.61 4.10 -38.60
C LEU A 1528 39.05 5.56 -38.62
N VAL A 1529 38.13 6.48 -38.34
CA VAL A 1529 38.48 7.90 -38.39
C VAL A 1529 39.49 8.22 -37.30
N LEU A 1530 39.39 7.57 -36.14
CA LEU A 1530 40.38 7.74 -35.09
C LEU A 1530 41.73 7.15 -35.51
N LEU A 1531 41.70 6.06 -36.27
CA LEU A 1531 42.91 5.40 -36.71
C LEU A 1531 43.63 6.15 -37.83
N SER A 1532 42.95 7.09 -38.48
CA SER A 1532 43.60 7.87 -39.53
C SER A 1532 44.69 8.79 -38.99
N TYR A 1533 44.60 9.19 -37.72
CA TYR A 1533 45.65 10.02 -37.15
C TYR A 1533 46.92 9.24 -36.88
N GLU A 1534 46.80 7.98 -36.46
CA GLU A 1534 47.97 7.18 -36.14
C GLU A 1534 48.78 6.91 -37.40
N ARG A 1535 50.11 6.90 -37.25
CA ARG A 1535 51.03 6.64 -38.36
C ARG A 1535 51.90 5.44 -38.03
N TYR A 1536 51.94 4.47 -38.94
CA TYR A 1536 52.83 3.32 -38.81
C TYR A 1536 54.22 3.76 -39.25
N HIS A 1537 54.86 4.56 -38.39
CA HIS A 1537 56.21 5.06 -38.61
C HIS A 1537 56.31 5.76 -39.96
N SER A 1538 55.57 6.87 -40.07
CA SER A 1538 55.45 7.68 -41.28
C SER A 1538 54.68 6.96 -42.38
N LYS A 1539 53.79 6.05 -42.01
CA LYS A 1539 52.85 5.44 -42.95
C LYS A 1539 51.47 5.42 -42.31
N GLN A 1540 50.51 6.08 -42.94
CA GLN A 1540 49.16 6.11 -42.41
C GLN A 1540 48.48 4.76 -42.60
N ILE A 1541 47.78 4.31 -41.56
CA ILE A 1541 47.04 3.05 -41.64
C ILE A 1541 45.91 3.18 -42.66
N ILE A 1542 45.14 4.26 -42.57
CA ILE A 1542 44.05 4.51 -43.48
C ILE A 1542 43.85 6.01 -43.57
N GLY A 1543 43.41 6.49 -44.72
CA GLY A 1543 43.18 7.91 -44.94
C GLY A 1543 41.69 8.24 -44.94
N ILE A 1544 41.41 9.49 -44.62
CA ILE A 1544 40.04 10.04 -44.70
C ILE A 1544 39.48 9.83 -46.11
N PRO A 1545 40.23 10.08 -47.19
CA PRO A 1545 39.66 9.80 -48.53
C PRO A 1545 39.14 8.38 -48.70
N LYS A 1546 39.83 7.38 -48.15
CA LYS A 1546 39.33 6.01 -48.24
C LYS A 1546 38.09 5.83 -47.37
N ILE A 1547 38.07 6.45 -46.19
CA ILE A 1547 36.89 6.36 -45.33
C ILE A 1547 35.69 7.03 -45.98
N ILE A 1548 35.91 8.15 -46.65
CA ILE A 1548 34.84 8.81 -47.39
C ILE A 1548 34.35 7.90 -48.51
N GLN A 1549 35.28 7.27 -49.23
CA GLN A 1549 34.90 6.35 -50.30
C GLN A 1549 34.17 5.14 -49.75
N LEU A 1550 34.59 4.63 -48.59
CA LEU A 1550 33.85 3.55 -47.96
C LEU A 1550 32.44 3.98 -47.61
N CYS A 1551 32.28 5.23 -47.15
CA CYS A 1551 30.95 5.73 -46.80
C CYS A 1551 30.07 5.85 -48.04
N ASP A 1552 30.63 6.31 -49.16
CA ASP A 1552 29.79 6.54 -50.34
C ASP A 1552 29.32 5.21 -50.94
N GLY A 1553 30.12 4.16 -50.80
CA GLY A 1553 29.67 2.85 -51.23
C GLY A 1553 28.49 2.35 -50.43
N ILE A 1554 28.43 2.70 -49.15
CA ILE A 1554 27.32 2.28 -48.29
C ILE A 1554 26.02 2.93 -48.76
N MET A 1555 26.05 4.24 -49.00
CA MET A 1555 24.84 4.92 -49.47
C MET A 1555 24.51 4.56 -50.91
N ALA A 1556 25.52 4.28 -51.73
CA ALA A 1556 25.26 3.92 -53.13
C ALA A 1556 24.50 2.61 -53.23
N SER A 1557 24.70 1.70 -52.28
CA SER A 1557 23.98 0.43 -52.30
C SER A 1557 22.52 0.65 -51.90
N GLY A 1558 21.76 -0.44 -51.90
CA GLY A 1558 20.36 -0.38 -51.57
C GLY A 1558 20.05 -0.39 -50.09
N ARG A 1559 21.06 -0.46 -49.23
CA ARG A 1559 20.83 -0.45 -47.80
C ARG A 1559 20.20 0.87 -47.37
N LYS A 1560 19.31 0.79 -46.38
CA LYS A 1560 18.64 1.99 -45.91
C LYS A 1560 19.64 2.98 -45.35
N ALA A 1561 19.54 4.24 -45.80
CA ALA A 1561 20.48 5.26 -45.33
C ALA A 1561 20.25 5.60 -43.86
N VAL A 1562 19.04 5.38 -43.35
CA VAL A 1562 18.74 5.69 -41.97
C VAL A 1562 19.55 4.84 -41.01
N THR A 1563 19.93 3.62 -41.42
CA THR A 1563 20.66 2.71 -40.55
C THR A 1563 22.06 2.38 -41.03
N HIS A 1564 22.43 2.73 -42.26
CA HIS A 1564 23.74 2.36 -42.76
C HIS A 1564 24.57 3.53 -43.24
N ALA A 1565 23.95 4.51 -43.91
CA ALA A 1565 24.69 5.66 -44.40
C ALA A 1565 24.74 6.79 -43.39
N ILE A 1566 23.59 7.12 -42.77
CA ILE A 1566 23.57 8.18 -41.76
C ILE A 1566 24.44 7.83 -40.55
N PRO A 1567 24.34 6.64 -39.95
CA PRO A 1567 25.28 6.32 -38.86
C PRO A 1567 26.72 6.29 -39.31
N ALA A 1568 26.97 6.07 -40.61
CA ALA A 1568 28.35 6.11 -41.10
C ALA A 1568 28.89 7.53 -41.15
N LEU A 1569 28.02 8.50 -41.46
CA LEU A 1569 28.47 9.87 -41.62
C LEU A 1569 28.75 10.54 -40.28
N GLN A 1570 27.99 10.19 -39.24
CA GLN A 1570 28.08 10.88 -37.96
C GLN A 1570 29.49 10.90 -37.36
N PRO A 1571 30.24 9.81 -37.29
CA PRO A 1571 31.61 9.90 -36.78
C PRO A 1571 32.57 10.63 -37.70
N ILE A 1572 32.19 10.89 -38.94
CA ILE A 1572 33.04 11.59 -39.90
C ILE A 1572 32.82 13.11 -39.82
N VAL A 1573 31.56 13.54 -39.85
CA VAL A 1573 31.28 14.97 -39.74
C VAL A 1573 31.63 15.50 -38.35
N HIS A 1574 31.45 14.70 -37.30
CA HIS A 1574 31.83 15.11 -35.96
C HIS A 1574 33.34 15.09 -35.76
N ASP A 1575 34.08 14.58 -36.73
CA ASP A 1575 35.54 14.64 -36.72
C ASP A 1575 36.06 15.78 -37.58
N LEU A 1576 35.66 15.83 -38.85
CA LEU A 1576 36.15 16.89 -39.73
C LEU A 1576 35.65 18.26 -39.29
N PHE A 1577 34.39 18.35 -38.88
CA PHE A 1577 33.74 19.63 -38.62
C PHE A 1577 33.69 19.98 -37.14
N VAL A 1578 34.33 19.21 -36.26
CA VAL A 1578 34.35 19.59 -34.85
C VAL A 1578 35.77 19.65 -34.32
N LEU A 1579 36.67 18.82 -34.88
CA LEU A 1579 38.03 18.76 -34.35
C LEU A 1579 38.96 18.24 -35.44
N ARG A 1580 39.67 19.15 -36.10
CA ARG A 1580 40.64 18.80 -37.12
C ARG A 1580 41.43 20.03 -37.55
N GLY A 1588 45.11 22.32 -43.60
CA GLY A 1588 43.89 22.69 -44.29
C GLY A 1588 44.01 22.65 -45.80
N LYS A 1589 45.20 22.25 -46.28
CA LYS A 1589 45.42 22.15 -47.72
C LYS A 1589 44.51 21.09 -48.33
N GLU A 1590 44.49 19.89 -47.76
CA GLU A 1590 43.63 18.81 -48.21
C GLU A 1590 42.37 18.66 -47.37
N LEU A 1591 42.36 19.24 -46.16
CA LEU A 1591 41.19 19.12 -45.29
C LEU A 1591 39.95 19.76 -45.91
N GLU A 1592 40.13 20.91 -46.56
CA GLU A 1592 38.97 21.69 -47.02
C GLU A 1592 38.18 20.93 -48.08
N THR A 1593 38.86 20.33 -49.06
CA THR A 1593 38.15 19.65 -50.13
C THR A 1593 37.37 18.44 -49.63
N GLN A 1594 37.92 17.75 -48.63
CA GLN A 1594 37.17 16.64 -48.03
C GLN A 1594 35.90 17.14 -47.35
N LYS A 1595 35.98 18.31 -46.70
CA LYS A 1595 34.81 18.88 -46.06
C LYS A 1595 33.69 19.13 -47.06
N GLU A 1596 34.03 19.69 -48.22
CA GLU A 1596 33.02 19.93 -49.24
C GLU A 1596 32.47 18.63 -49.80
N VAL A 1597 33.32 17.61 -49.95
CA VAL A 1597 32.86 16.31 -50.44
C VAL A 1597 31.86 15.72 -49.45
N VAL A 1598 32.16 15.80 -48.16
CA VAL A 1598 31.23 15.33 -47.14
C VAL A 1598 29.95 16.16 -47.19
N VAL A 1599 30.08 17.47 -47.35
CA VAL A 1599 28.90 18.33 -47.47
C VAL A 1599 28.07 17.92 -48.67
N SER A 1600 28.73 17.62 -49.80
CA SER A 1600 28.01 17.16 -50.97
C SER A 1600 27.29 15.85 -50.69
N MET A 1601 27.96 14.92 -50.00
CA MET A 1601 27.32 13.65 -49.65
C MET A 1601 26.15 13.86 -48.69
N LEU A 1602 26.30 14.80 -47.75
CA LEU A 1602 25.20 15.13 -46.85
C LEU A 1602 24.01 15.70 -47.61
N LEU A 1603 24.28 16.39 -48.72
CA LEU A 1603 23.20 17.00 -49.49
C LEU A 1603 22.30 15.94 -50.12
N ARG A 1604 22.88 14.79 -50.48
CA ARG A 1604 22.07 13.72 -51.08
C ARG A 1604 21.04 13.19 -50.10
N LEU A 1605 21.42 13.02 -48.83
CA LEU A 1605 20.52 12.51 -47.81
C LEU A 1605 19.83 13.63 -47.04
N ILE A 1606 19.73 14.83 -47.62
CA ILE A 1606 19.20 15.98 -46.90
C ILE A 1606 17.74 15.84 -46.54
N GLN A 1607 17.05 14.84 -47.10
CA GLN A 1607 15.64 14.63 -46.79
C GLN A 1607 15.43 13.96 -45.44
N TYR A 1608 16.48 13.39 -44.84
CA TYR A 1608 16.39 12.72 -43.56
C TYR A 1608 16.70 13.71 -42.44
N HIS A 1609 15.84 13.75 -41.43
CA HIS A 1609 16.02 14.71 -40.34
C HIS A 1609 17.30 14.45 -39.55
N GLN A 1610 17.84 13.23 -39.58
CA GLN A 1610 19.12 12.97 -38.94
C GLN A 1610 20.23 13.77 -39.62
N VAL A 1611 20.21 13.83 -40.95
CA VAL A 1611 21.20 14.62 -41.68
C VAL A 1611 21.06 16.10 -41.36
N LEU A 1612 19.83 16.56 -41.11
CA LEU A 1612 19.63 17.95 -40.72
C LEU A 1612 20.40 18.27 -39.44
N GLU A 1613 20.43 17.33 -38.49
CA GLU A 1613 21.27 17.49 -37.31
C GLU A 1613 22.73 17.59 -37.70
N MET A 1614 23.15 16.78 -38.67
CA MET A 1614 24.54 16.85 -39.15
C MET A 1614 24.83 18.22 -39.78
N PHE A 1615 23.85 18.78 -40.50
CA PHE A 1615 24.06 20.09 -41.10
C PHE A 1615 24.03 21.19 -40.05
N ILE A 1616 23.22 21.02 -39.00
CA ILE A 1616 23.20 21.99 -37.91
C ILE A 1616 24.58 22.11 -37.28
N LEU A 1617 25.23 20.96 -37.05
CA LEU A 1617 26.58 20.97 -36.52
C LEU A 1617 27.55 21.63 -37.49
N VAL A 1618 27.42 21.35 -38.79
CA VAL A 1618 28.33 21.91 -39.78
C VAL A 1618 28.16 23.43 -39.84
N LEU A 1619 26.92 23.90 -39.86
CA LEU A 1619 26.66 25.33 -39.94
C LEU A 1619 27.20 26.06 -38.71
N GLN A 1620 26.98 25.49 -37.52
CA GLN A 1620 27.42 26.13 -36.29
C GLN A 1620 28.94 26.30 -36.26
N GLN A 1621 29.66 25.26 -36.67
CA GLN A 1621 31.11 25.38 -36.76
C GLN A 1621 31.53 26.31 -37.88
N CYS A 1622 30.82 26.28 -39.01
CA CYS A 1622 31.08 27.21 -40.09
C CYS A 1622 30.74 28.65 -39.72
N HIS A 1623 29.93 28.84 -38.68
CA HIS A 1623 29.61 30.17 -38.19
C HIS A 1623 30.79 30.83 -37.47
N LYS A 1624 31.84 30.08 -37.15
CA LYS A 1624 32.98 30.61 -36.41
C LYS A 1624 34.27 30.63 -37.20
N GLU A 1625 34.38 29.87 -38.29
CA GLU A 1625 35.60 29.85 -39.08
C GLU A 1625 35.53 30.87 -40.22
N ASN A 1626 34.53 30.73 -41.09
CA ASN A 1626 34.36 31.61 -42.25
C ASN A 1626 32.89 32.00 -42.30
N GLU A 1627 32.58 33.21 -41.81
CA GLU A 1627 31.19 33.66 -41.82
C GLU A 1627 30.67 33.83 -43.24
N ASP A 1628 31.53 34.22 -44.18
CA ASP A 1628 31.10 34.31 -45.57
C ASP A 1628 30.71 32.95 -46.12
N LYS A 1629 31.50 31.92 -45.80
CA LYS A 1629 31.14 30.56 -46.22
C LYS A 1629 29.86 30.11 -45.53
N TRP A 1630 29.67 30.51 -44.27
CA TRP A 1630 28.42 30.24 -43.57
C TRP A 1630 27.24 30.85 -44.30
N LYS A 1631 27.43 32.02 -44.89
CA LYS A 1631 26.37 32.65 -45.68
C LYS A 1631 26.08 31.82 -46.94
N ARG A 1632 27.12 31.38 -47.64
CA ARG A 1632 26.93 30.63 -48.88
C ARG A 1632 26.28 29.28 -48.60
N LEU A 1633 26.77 28.58 -47.59
CA LEU A 1633 26.21 27.27 -47.27
C LEU A 1633 24.75 27.37 -46.84
N SER A 1634 24.42 28.39 -46.03
CA SER A 1634 23.04 28.59 -45.61
C SER A 1634 22.15 28.90 -46.80
N ARG A 1635 22.63 29.72 -47.74
CA ARG A 1635 21.86 29.99 -48.95
C ARG A 1635 21.72 28.73 -49.79
N GLN A 1636 22.77 27.93 -49.89
CA GLN A 1636 22.70 26.69 -50.66
C GLN A 1636 21.69 25.72 -50.05
N ILE A 1637 21.72 25.56 -48.73
CA ILE A 1637 20.80 24.64 -48.07
C ILE A 1637 19.37 25.14 -48.19
N ALA A 1638 19.16 26.43 -47.97
CA ALA A 1638 17.81 26.99 -48.03
C ALA A 1638 17.20 26.84 -49.41
N ASP A 1639 17.99 27.07 -50.47
CA ASP A 1639 17.49 26.92 -51.83
C ASP A 1639 17.28 25.46 -52.21
N ILE A 1640 17.74 24.52 -51.39
CA ILE A 1640 17.57 23.10 -51.70
C ILE A 1640 16.40 22.50 -50.92
N ILE A 1641 16.35 22.72 -49.61
CA ILE A 1641 15.31 22.10 -48.80
C ILE A 1641 13.94 22.71 -49.08
N LEU A 1642 13.89 24.03 -49.29
CA LEU A 1642 12.60 24.71 -49.48
C LEU A 1642 11.80 24.18 -50.67
N PRO A 1643 12.40 23.93 -51.85
CA PRO A 1643 11.62 23.26 -52.90
C PRO A 1643 11.10 21.90 -52.48
N MET A 1644 11.89 21.14 -51.71
CA MET A 1644 11.45 19.81 -51.30
C MET A 1644 10.39 19.88 -50.21
N LEU A 1645 10.41 20.93 -49.38
CA LEU A 1645 9.31 21.15 -48.46
C LEU A 1645 8.02 21.39 -49.21
N ALA A 1646 8.10 22.08 -50.36
CA ALA A 1646 6.91 22.32 -51.17
C ALA A 1646 6.35 21.02 -51.73
N LYS A 1647 7.22 20.11 -52.16
CA LYS A 1647 6.80 18.85 -52.75
C LYS A 1647 6.76 17.70 -51.75
N GLN A 1648 6.89 17.99 -50.46
CA GLN A 1648 6.78 16.99 -49.40
C GLN A 1648 7.80 15.87 -49.57
N GLN A 1649 9.02 16.23 -49.95
CA GLN A 1649 10.11 15.26 -50.07
C GLN A 1649 10.96 15.16 -48.82
N MET A 1650 10.66 15.94 -47.78
CA MET A 1650 11.39 15.88 -46.53
C MET A 1650 10.73 14.89 -45.58
N HIS A 1651 11.54 14.04 -44.96
CA HIS A 1651 11.03 13.07 -43.98
C HIS A 1651 10.87 13.75 -42.63
N ILE A 1652 9.84 14.58 -42.55
CA ILE A 1652 9.57 15.38 -41.36
C ILE A 1652 8.21 15.03 -40.78
N ASP A 1653 7.81 13.76 -40.94
CA ASP A 1653 6.52 13.29 -40.49
C ASP A 1653 6.52 12.84 -39.02
N SER A 1654 7.46 13.33 -38.22
CA SER A 1654 7.51 12.97 -36.81
C SER A 1654 7.85 14.21 -35.98
N HIS A 1655 7.51 14.14 -34.70
CA HIS A 1655 7.77 15.25 -33.79
C HIS A 1655 9.26 15.55 -33.69
N GLU A 1656 10.08 14.51 -33.59
CA GLU A 1656 11.53 14.71 -33.53
C GLU A 1656 12.06 15.30 -34.82
N ALA A 1657 11.54 14.83 -35.96
CA ALA A 1657 12.04 15.31 -37.25
C ALA A 1657 11.72 16.79 -37.46
N LEU A 1658 10.48 17.19 -37.15
CA LEU A 1658 10.09 18.59 -37.34
C LEU A 1658 10.87 19.51 -36.41
N GLY A 1659 11.12 19.06 -35.18
CA GLY A 1659 11.88 19.86 -34.25
C GLY A 1659 13.30 20.14 -34.73
N VAL A 1660 13.92 19.15 -35.36
CA VAL A 1660 15.25 19.35 -35.91
C VAL A 1660 15.22 20.39 -37.03
N LEU A 1661 14.20 20.30 -37.89
CA LEU A 1661 14.08 21.26 -38.98
C LEU A 1661 13.82 22.67 -38.46
N ASN A 1662 13.05 22.78 -37.38
CA ASN A 1662 12.75 24.08 -36.79
C ASN A 1662 14.03 24.78 -36.32
N THR A 1663 14.92 24.04 -35.67
CA THR A 1663 16.16 24.63 -35.19
C THR A 1663 17.15 24.87 -36.32
N LEU A 1664 17.08 24.07 -37.39
CA LEU A 1664 17.97 24.28 -38.53
C LEU A 1664 17.74 25.66 -39.16
N PHE A 1665 16.48 26.08 -39.26
CA PHE A 1665 16.18 27.39 -39.81
C PHE A 1665 16.82 28.50 -39.00
N GLU A 1666 16.78 28.37 -37.67
CA GLU A 1666 17.42 29.38 -36.81
C GLU A 1666 18.92 29.42 -37.03
N ILE A 1667 19.56 28.26 -37.18
CA ILE A 1667 21.00 28.23 -37.40
C ILE A 1667 21.36 28.82 -38.76
N LEU A 1668 20.43 28.75 -39.72
CA LEU A 1668 20.69 29.28 -41.06
C LEU A 1668 20.94 30.78 -40.99
N ALA A 1669 21.77 31.26 -41.91
CA ALA A 1669 22.02 32.69 -42.01
C ALA A 1669 20.72 33.41 -42.38
N PRO A 1670 20.33 34.44 -41.63
CA PRO A 1670 19.04 35.10 -41.94
C PRO A 1670 19.01 35.73 -43.31
N SER A 1671 20.16 36.04 -43.91
CA SER A 1671 20.18 36.53 -45.28
C SER A 1671 19.64 35.48 -46.25
N SER A 1672 19.88 34.20 -45.96
CA SER A 1672 19.39 33.13 -46.82
C SER A 1672 17.88 33.04 -46.82
N LEU A 1673 17.22 33.57 -45.79
CA LEU A 1673 15.76 33.55 -45.70
C LEU A 1673 15.13 34.93 -45.74
N ARG A 1674 15.92 36.00 -45.77
CA ARG A 1674 15.34 37.34 -45.74
C ARG A 1674 14.43 37.63 -46.93
N PRO A 1675 14.79 37.30 -48.18
CA PRO A 1675 13.76 37.37 -49.24
C PRO A 1675 12.76 36.24 -49.07
N VAL A 1676 11.56 36.58 -48.61
CA VAL A 1676 10.60 35.57 -48.18
C VAL A 1676 9.80 35.08 -49.37
N ASP A 1677 10.22 35.45 -50.58
CA ASP A 1677 9.56 34.95 -51.78
C ASP A 1677 9.64 33.44 -51.87
N MET A 1678 10.83 32.89 -51.60
CA MET A 1678 11.00 31.44 -51.65
C MET A 1678 10.25 30.76 -50.52
N LEU A 1679 10.26 31.37 -49.33
CA LEU A 1679 9.52 30.80 -48.20
C LEU A 1679 8.01 30.77 -48.48
N LEU A 1680 7.48 31.88 -49.02
CA LEU A 1680 6.05 31.93 -49.29
C LEU A 1680 5.67 31.02 -50.46
N ARG A 1681 6.54 30.89 -51.45
CA ARG A 1681 6.27 29.97 -52.55
C ARG A 1681 6.19 28.53 -52.06
N SER A 1682 7.07 28.15 -51.14
CA SER A 1682 7.07 26.77 -50.64
C SER A 1682 5.94 26.54 -49.65
N MET A 1683 5.60 27.55 -48.86
CA MET A 1683 4.56 27.38 -47.85
C MET A 1683 3.17 27.34 -48.47
N PHE A 1684 2.92 28.22 -49.43
CA PHE A 1684 1.62 28.27 -50.12
C PHE A 1684 1.65 27.28 -51.29
N VAL A 1685 1.55 26.00 -50.94
CA VAL A 1685 1.51 24.92 -51.92
C VAL A 1685 0.33 24.02 -51.58
N THR A 1686 0.21 22.94 -52.34
CA THR A 1686 -0.88 21.98 -52.21
C THR A 1686 -0.33 20.60 -52.51
N PRO A 1687 -0.61 19.62 -51.65
CA PRO A 1687 0.00 18.30 -51.82
C PRO A 1687 -0.60 17.56 -53.01
N ASN A 1688 0.04 16.44 -53.35
CA ASN A 1688 -0.45 15.61 -54.45
C ASN A 1688 -1.84 15.07 -54.17
N THR A 1689 -2.07 14.60 -52.94
CA THR A 1689 -3.37 14.11 -52.53
C THR A 1689 -3.46 14.16 -51.01
N MET A 1690 -4.69 14.16 -50.51
CA MET A 1690 -4.93 14.10 -49.07
C MET A 1690 -5.69 12.85 -48.67
N ALA A 1691 -5.70 11.83 -49.54
CA ALA A 1691 -6.26 10.54 -49.17
C ALA A 1691 -5.29 9.70 -48.34
N SER A 1692 -4.02 10.09 -48.30
CA SER A 1692 -2.99 9.40 -47.54
C SER A 1692 -2.62 10.23 -46.31
N VAL A 1693 -2.65 9.61 -45.14
CA VAL A 1693 -2.32 10.33 -43.91
C VAL A 1693 -0.86 10.79 -43.94
N SER A 1694 0.04 9.94 -44.41
CA SER A 1694 1.46 10.29 -44.43
C SER A 1694 1.71 11.53 -45.29
N THR A 1695 1.02 11.64 -46.41
CA THR A 1695 1.19 12.82 -47.27
C THR A 1695 0.63 14.07 -46.59
N VAL A 1696 -0.51 13.94 -45.91
CA VAL A 1696 -1.10 15.09 -45.24
C VAL A 1696 -0.18 15.60 -44.13
N GLN A 1697 0.37 14.67 -43.35
CA GLN A 1697 1.30 15.06 -42.28
C GLN A 1697 2.53 15.74 -42.84
N LEU A 1698 3.10 15.18 -43.91
CA LEU A 1698 4.29 15.78 -44.52
C LEU A 1698 4.00 17.17 -45.06
N TRP A 1699 2.81 17.35 -45.64
CA TRP A 1699 2.45 18.66 -46.17
C TRP A 1699 2.30 19.69 -45.04
N ILE A 1700 1.57 19.33 -43.98
CA ILE A 1700 1.35 20.26 -42.88
C ILE A 1700 2.64 20.50 -42.10
N SER A 1701 3.42 19.45 -41.88
CA SER A 1701 4.69 19.60 -41.18
C SER A 1701 5.61 20.56 -41.90
N GLY A 1702 5.62 20.52 -43.23
CA GLY A 1702 6.40 21.49 -43.99
C GLY A 1702 5.89 22.91 -43.80
N ILE A 1703 4.57 23.07 -43.73
CA ILE A 1703 3.99 24.40 -43.54
C ILE A 1703 4.38 24.97 -42.18
N LEU A 1704 4.24 24.15 -41.13
CA LEU A 1704 4.51 24.64 -39.77
C LEU A 1704 5.96 25.03 -39.60
N ALA A 1705 6.88 24.30 -40.24
CA ALA A 1705 8.28 24.67 -40.19
C ALA A 1705 8.52 26.04 -40.84
N ILE A 1706 7.89 26.27 -41.99
CA ILE A 1706 8.03 27.55 -42.66
C ILE A 1706 7.24 28.64 -41.93
N LEU A 1707 6.05 28.30 -41.41
CA LEU A 1707 5.24 29.28 -40.70
C LEU A 1707 5.97 29.83 -39.48
N ARG A 1708 6.74 28.97 -38.80
CA ARG A 1708 7.51 29.43 -37.64
C ARG A 1708 8.54 30.46 -38.06
N VAL A 1709 9.18 30.27 -39.22
CA VAL A 1709 10.19 31.21 -39.70
C VAL A 1709 9.57 32.57 -39.95
N LEU A 1710 8.40 32.60 -40.58
CA LEU A 1710 7.79 33.87 -40.97
C LEU A 1710 7.44 34.72 -39.75
N ILE A 1711 6.95 34.09 -38.68
CA ILE A 1711 6.49 34.82 -37.51
C ILE A 1711 7.61 34.98 -36.50
N SER A 1712 8.82 34.56 -36.86
CA SER A 1712 9.97 34.70 -35.98
C SER A 1712 11.16 35.39 -36.62
N GLN A 1713 11.43 35.14 -37.90
CA GLN A 1713 12.57 35.75 -38.58
C GLN A 1713 12.15 36.83 -39.57
N SER A 1714 10.92 37.32 -39.47
CA SER A 1714 10.42 38.36 -40.34
C SER A 1714 9.26 39.07 -39.65
N THR A 1715 8.90 40.22 -40.19
CA THR A 1715 7.82 41.03 -39.63
C THR A 1715 6.53 40.80 -40.41
N GLU A 1716 5.42 41.25 -39.83
CA GLU A 1716 4.13 41.15 -40.51
C GLU A 1716 4.11 41.97 -41.79
N ASP A 1717 4.72 43.16 -41.76
CA ASP A 1717 4.72 44.03 -42.92
C ASP A 1717 5.44 43.36 -44.09
N ILE A 1718 6.62 42.78 -43.82
CA ILE A 1718 7.41 42.16 -44.89
C ILE A 1718 6.65 40.99 -45.50
N VAL A 1719 6.07 40.14 -44.66
CA VAL A 1719 5.38 38.96 -45.17
C VAL A 1719 4.15 39.34 -45.98
N LEU A 1720 3.32 40.24 -45.44
CA LEU A 1720 2.11 40.65 -46.14
C LEU A 1720 2.44 41.40 -47.42
N SER A 1721 3.51 42.19 -47.43
CA SER A 1721 3.89 42.92 -48.64
C SER A 1721 4.20 41.97 -49.78
N ARG A 1722 5.03 40.95 -49.52
CA ARG A 1722 5.45 40.04 -50.57
C ARG A 1722 4.33 39.14 -51.06
N ILE A 1723 3.26 38.99 -50.27
CA ILE A 1723 2.13 38.19 -50.72
C ILE A 1723 1.42 38.86 -51.90
N GLN A 1724 1.44 40.19 -51.98
CA GLN A 1724 0.81 40.88 -53.10
C GLN A 1724 1.52 40.59 -54.41
N GLU A 1725 2.86 40.69 -54.43
CA GLU A 1725 3.59 40.47 -55.67
C GLU A 1725 3.42 39.05 -56.18
N LEU A 1726 3.46 38.08 -55.29
CA LEU A 1726 3.26 36.67 -55.63
C LEU A 1726 1.79 36.37 -55.36
N SER A 1727 0.97 36.44 -56.41
CA SER A 1727 -0.47 36.54 -56.23
C SER A 1727 -1.08 35.23 -55.74
N PHE A 1728 -0.79 34.88 -54.48
CA PHE A 1728 -1.42 33.72 -53.87
C PHE A 1728 -2.90 33.99 -53.64
N SER A 1729 -3.73 33.00 -53.93
CA SER A 1729 -5.17 33.16 -53.80
C SER A 1729 -5.66 32.55 -52.49
N PRO A 1730 -6.70 33.14 -51.89
CA PRO A 1730 -7.32 32.49 -50.72
C PRO A 1730 -7.92 31.14 -51.04
N TYR A 1731 -8.23 30.87 -52.31
CA TYR A 1731 -8.78 29.60 -52.74
C TYR A 1731 -7.71 28.58 -53.07
N LEU A 1732 -6.49 28.76 -52.55
CA LEU A 1732 -5.42 27.79 -52.80
C LEU A 1732 -5.81 26.41 -52.27
N ILE A 1733 -6.34 26.36 -51.06
CA ILE A 1733 -6.96 25.15 -50.51
C ILE A 1733 -8.34 25.55 -50.00
N SER A 1734 -9.34 25.43 -50.85
CA SER A 1734 -10.72 25.68 -50.46
C SER A 1734 -11.37 24.35 -50.11
N CYS A 1735 -12.63 24.40 -49.69
CA CYS A 1735 -13.37 23.18 -49.42
C CYS A 1735 -13.50 22.34 -50.69
N THR A 1736 -13.62 23.00 -51.85
CA THR A 1736 -13.67 22.28 -53.12
C THR A 1736 -12.35 21.58 -53.40
N VAL A 1737 -11.22 22.28 -53.21
CA VAL A 1737 -9.91 21.69 -53.44
C VAL A 1737 -9.64 20.59 -52.42
N ILE A 1738 -10.07 20.78 -51.18
CA ILE A 1738 -9.84 19.79 -50.14
C ILE A 1738 -10.58 18.49 -50.48
N ASN A 1739 -11.86 18.60 -50.81
CA ASN A 1739 -12.65 17.41 -51.12
C ASN A 1739 -12.14 16.73 -52.38
N ARG A 1740 -11.77 17.51 -53.40
CA ARG A 1740 -11.24 16.93 -54.63
C ARG A 1740 -9.93 16.19 -54.37
N LEU A 1741 -9.09 16.76 -53.49
CA LEU A 1741 -7.83 16.10 -53.18
C LEU A 1741 -8.01 14.87 -52.31
N ARG A 1742 -9.02 14.88 -51.43
CA ARG A 1742 -9.24 13.75 -50.55
C ARG A 1742 -9.63 12.49 -51.30
N ASP A 1743 -10.02 12.62 -52.58
CA ASP A 1743 -10.33 11.49 -53.43
C ASP A 1743 -9.16 11.12 -54.33
N GLY A 1744 -8.00 11.72 -54.14
CA GLY A 1744 -6.82 11.39 -54.91
C GLY A 1744 -6.68 12.11 -56.23
N ASP A 1745 -7.63 12.97 -56.60
CA ASP A 1745 -7.58 13.68 -57.87
C ASP A 1745 -6.56 14.82 -57.74
N SER A 1746 -5.40 14.64 -58.36
CA SER A 1746 -4.37 15.67 -58.30
C SER A 1746 -4.80 16.93 -59.06
N THR A 1747 -5.43 16.76 -60.21
CA THR A 1747 -5.85 17.89 -61.03
C THR A 1747 -7.01 18.64 -60.40
N GLN A 1758 -11.41 37.62 -59.78
CA GLN A 1758 -11.04 37.91 -58.41
C GLN A 1758 -11.32 39.37 -58.06
N ILE A 1759 -10.98 39.74 -56.82
CA ILE A 1759 -11.15 41.10 -56.32
C ILE A 1759 -9.84 41.52 -55.64
N LYS A 1760 -9.85 42.73 -55.08
CA LYS A 1760 -8.69 43.24 -54.35
C LYS A 1760 -8.62 42.59 -52.97
N ASN A 1761 -8.24 41.31 -52.99
CA ASN A 1761 -8.12 40.55 -51.75
C ASN A 1761 -6.82 40.92 -51.04
N LEU A 1762 -6.96 41.44 -49.82
CA LEU A 1762 -5.79 41.85 -49.06
C LEU A 1762 -4.93 40.63 -48.69
N PRO A 1763 -3.61 40.82 -48.56
CA PRO A 1763 -2.75 39.67 -48.25
C PRO A 1763 -3.10 38.99 -46.94
N GLU A 1764 -3.56 39.76 -45.95
CA GLU A 1764 -3.91 39.18 -44.66
C GLU A 1764 -5.06 38.19 -44.78
N GLU A 1765 -5.99 38.43 -45.71
CA GLU A 1765 -7.06 37.47 -45.95
C GLU A 1765 -6.51 36.15 -46.49
N THR A 1766 -5.58 36.22 -47.45
CA THR A 1766 -5.00 35.00 -48.01
C THR A 1766 -4.20 34.26 -46.96
N PHE A 1767 -3.43 34.99 -46.15
CA PHE A 1767 -2.61 34.34 -45.11
C PHE A 1767 -3.48 33.75 -44.01
N SER A 1768 -4.53 34.46 -43.60
CA SER A 1768 -5.39 33.96 -42.53
C SER A 1768 -6.28 32.83 -43.02
N ARG A 1769 -6.74 32.89 -44.27
CA ARG A 1769 -7.53 31.80 -44.83
C ARG A 1769 -6.71 30.53 -44.94
N PHE A 1770 -5.43 30.66 -45.30
CA PHE A 1770 -4.57 29.49 -45.42
C PHE A 1770 -4.44 28.76 -44.09
N LEU A 1771 -4.29 29.51 -43.00
CA LEU A 1771 -4.13 28.88 -41.68
C LEU A 1771 -5.45 28.33 -41.17
N LEU A 1772 -6.55 29.05 -41.41
CA LEU A 1772 -7.86 28.57 -40.95
C LEU A 1772 -8.26 27.30 -41.67
N GLN A 1773 -7.92 27.18 -42.95
CA GLN A 1773 -8.22 25.95 -43.68
C GLN A 1773 -7.37 24.78 -43.17
N LEU A 1774 -6.12 25.06 -42.78
CA LEU A 1774 -5.28 24.03 -42.20
C LEU A 1774 -5.86 23.52 -40.88
N VAL A 1775 -6.43 24.44 -40.08
CA VAL A 1775 -7.10 24.02 -38.85
C VAL A 1775 -8.29 23.12 -39.19
N GLY A 1776 -9.05 23.49 -40.22
CA GLY A 1776 -10.17 22.66 -40.63
C GLY A 1776 -9.75 21.29 -41.09
N ILE A 1777 -8.64 21.21 -41.84
CA ILE A 1777 -8.16 19.92 -42.31
C ILE A 1777 -7.77 19.03 -41.14
N LEU A 1778 -7.02 19.58 -40.19
CA LEU A 1778 -6.57 18.79 -39.05
C LEU A 1778 -7.74 18.39 -38.16
N LEU A 1779 -8.68 19.30 -37.91
CA LEU A 1779 -9.83 18.97 -37.08
C LEU A 1779 -10.69 17.90 -37.75
N GLU A 1780 -10.93 18.01 -39.05
CA GLU A 1780 -11.82 17.08 -39.74
C GLU A 1780 -11.30 15.65 -39.68
N ASP A 1781 -10.01 15.47 -39.95
CA ASP A 1781 -9.42 14.13 -40.00
C ASP A 1781 -8.63 13.76 -38.76
N ILE A 1782 -8.91 14.38 -37.63
CA ILE A 1782 -8.49 13.87 -36.32
C ILE A 1782 -9.70 13.23 -35.68
N VAL A 1783 -10.88 13.80 -35.92
CA VAL A 1783 -12.13 13.32 -35.34
C VAL A 1783 -12.90 12.41 -36.29
N THR A 1784 -12.49 12.31 -37.54
CA THR A 1784 -13.12 11.43 -38.52
C THR A 1784 -12.07 10.59 -39.24
N LYS A 1785 -11.16 9.99 -38.48
CA LYS A 1785 -10.17 9.09 -39.05
C LYS A 1785 -9.91 7.97 -38.06
N GLN A 1786 -10.03 6.73 -38.55
CA GLN A 1786 -10.00 5.56 -37.69
C GLN A 1786 -8.64 5.43 -37.02
N LEU A 1787 -8.64 4.99 -35.77
CA LEU A 1787 -7.38 4.94 -35.01
C LEU A 1787 -6.48 3.80 -35.45
N LYS A 1788 -7.02 2.79 -36.16
CA LYS A 1788 -6.23 1.67 -36.61
C LYS A 1788 -6.44 1.31 -38.08
N VAL A 1789 -7.61 1.59 -38.64
CA VAL A 1789 -7.87 1.23 -40.04
C VAL A 1789 -7.14 2.17 -40.99
N GLU A 1790 -7.24 3.49 -40.74
CA GLU A 1790 -6.76 4.48 -41.69
C GLU A 1790 -5.49 5.19 -41.26
N MET A 1791 -5.12 5.10 -39.98
CA MET A 1791 -3.94 5.79 -39.49
C MET A 1791 -3.40 5.04 -38.27
N SER A 1792 -2.10 5.18 -38.05
CA SER A 1792 -1.41 4.47 -36.98
C SER A 1792 -1.63 5.19 -35.66
N GLU A 1793 -0.92 4.75 -34.62
CA GLU A 1793 -0.97 5.40 -33.31
C GLU A 1793 0.02 6.55 -33.23
N GLN A 1794 1.22 6.36 -33.77
CA GLN A 1794 2.16 7.46 -33.88
C GLN A 1794 1.62 8.55 -34.80
N GLN A 1795 0.88 8.16 -35.84
CA GLN A 1795 0.29 9.13 -36.74
C GLN A 1795 -0.82 9.91 -36.05
N HIS A 1796 -1.51 9.31 -35.09
CA HIS A 1796 -2.53 10.03 -34.35
C HIS A 1796 -1.91 11.07 -33.43
N THR A 1797 -0.83 10.72 -32.74
CA THR A 1797 -0.17 11.67 -31.86
C THR A 1797 0.43 12.83 -32.63
N PHE A 1798 1.11 12.54 -33.74
CA PHE A 1798 1.67 13.62 -34.55
C PHE A 1798 0.58 14.49 -35.16
N TYR A 1799 -0.59 13.92 -35.42
CA TYR A 1799 -1.71 14.74 -35.89
C TYR A 1799 -2.12 15.76 -34.83
N CYS A 1800 -2.21 15.32 -33.58
CA CYS A 1800 -2.57 16.24 -32.51
C CYS A 1800 -1.41 17.19 -32.18
N GLN A 1801 -0.17 16.70 -32.28
CA GLN A 1801 0.97 17.58 -32.09
C GLN A 1801 1.01 18.66 -33.16
N GLU A 1802 0.71 18.30 -34.42
CA GLU A 1802 0.67 19.28 -35.49
C GLU A 1802 -0.41 20.32 -35.24
N LEU A 1803 -1.59 19.87 -34.79
CA LEU A 1803 -2.65 20.82 -34.47
C LEU A 1803 -2.26 21.71 -33.30
N GLY A 1804 -1.60 21.13 -32.29
CA GLY A 1804 -1.22 21.92 -31.12
C GLY A 1804 -0.25 23.04 -31.46
N THR A 1805 0.77 22.72 -32.26
CA THR A 1805 1.73 23.76 -32.62
C THR A 1805 1.14 24.75 -33.61
N LEU A 1806 0.12 24.34 -34.35
CA LEU A 1806 -0.56 25.27 -35.25
C LEU A 1806 -1.45 26.23 -34.48
N LEU A 1807 -2.20 25.70 -33.51
CA LEU A 1807 -3.03 26.56 -32.66
C LEU A 1807 -2.16 27.47 -31.79
N MET A 1808 -1.00 26.96 -31.36
CA MET A 1808 -0.05 27.81 -30.64
C MET A 1808 0.44 28.96 -31.51
N CYS A 1809 0.73 28.68 -32.78
CA CYS A 1809 1.15 29.74 -33.69
C CYS A 1809 0.05 30.76 -33.88
N LEU A 1810 -1.21 30.31 -34.03
CA LEU A 1810 -2.32 31.23 -34.16
C LEU A 1810 -2.49 32.08 -32.92
N ILE A 1811 -2.32 31.48 -31.74
CA ILE A 1811 -2.44 32.23 -30.49
C ILE A 1811 -1.37 33.30 -30.41
N HIS A 1812 -0.12 32.95 -30.73
CA HIS A 1812 0.95 33.92 -30.68
C HIS A 1812 0.73 35.04 -31.68
N ILE A 1813 0.22 34.71 -32.88
CA ILE A 1813 -0.04 35.73 -33.88
C ILE A 1813 -1.13 36.69 -33.41
N PHE A 1814 -2.15 36.17 -32.74
CA PHE A 1814 -3.28 36.98 -32.30
C PHE A 1814 -3.08 37.61 -30.94
N LYS A 1815 -2.03 37.26 -30.21
CA LYS A 1815 -1.82 37.75 -28.85
C LYS A 1815 -0.60 38.64 -28.71
N SER A 1816 0.46 38.38 -29.46
CA SER A 1816 1.68 39.18 -29.32
C SER A 1816 1.46 40.63 -29.75
N GLY A 1817 0.53 40.85 -30.67
CA GLY A 1817 0.30 42.18 -31.19
C GLY A 1817 1.27 42.61 -32.28
N MET A 1818 2.23 41.77 -32.63
CA MET A 1818 3.16 42.07 -33.72
C MET A 1818 2.56 41.79 -35.08
N PHE A 1819 1.37 41.20 -35.14
CA PHE A 1819 0.66 40.92 -36.38
C PHE A 1819 -0.76 41.46 -36.21
N ARG A 1820 -0.94 42.74 -36.50
CA ARG A 1820 -2.23 43.40 -36.28
C ARG A 1820 -3.17 43.23 -37.46
N ARG A 1821 -2.67 43.38 -38.68
CA ARG A 1821 -3.51 43.22 -39.86
C ARG A 1821 -4.03 41.79 -39.98
N ILE A 1822 -3.17 40.80 -39.70
CA ILE A 1822 -3.60 39.41 -39.75
C ILE A 1822 -4.66 39.14 -38.71
N THR A 1823 -4.46 39.66 -37.48
CA THR A 1823 -5.46 39.49 -36.44
C THR A 1823 -6.78 40.15 -36.83
N ALA A 1824 -6.72 41.35 -37.41
CA ALA A 1824 -7.94 42.01 -37.85
C ALA A 1824 -8.63 41.21 -38.95
N ALA A 1825 -7.85 40.67 -39.89
CA ALA A 1825 -8.44 39.87 -40.96
C ALA A 1825 -9.06 38.59 -40.42
N ALA A 1826 -8.33 37.89 -39.55
CA ALA A 1826 -8.85 36.65 -38.98
C ALA A 1826 -10.10 36.91 -38.14
N THR A 1827 -10.08 37.98 -37.34
CA THR A 1827 -11.26 38.32 -36.55
C THR A 1827 -12.46 38.57 -37.44
N ARG A 1828 -12.26 39.21 -38.58
CA ARG A 1828 -13.35 39.43 -39.52
C ARG A 1828 -13.74 38.14 -40.24
N LEU A 1829 -12.76 37.30 -40.60
CA LEU A 1829 -13.07 36.09 -41.35
C LEU A 1829 -13.74 35.05 -40.48
N PHE A 1830 -13.38 34.98 -39.19
CA PHE A 1830 -14.11 34.11 -38.27
C PHE A 1830 -15.56 34.53 -38.17
N ARG A 1831 -15.82 35.84 -38.07
CA ARG A 1831 -17.19 36.33 -37.97
C ARG A 1831 -17.98 36.02 -39.24
N SER A 1832 -17.36 36.20 -40.40
CA SER A 1832 -18.05 35.96 -41.65
C SER A 1832 -18.30 34.47 -41.86
N ASP A 1833 -19.31 34.17 -42.66
CA ASP A 1833 -19.62 32.78 -43.01
C ASP A 1833 -18.64 32.32 -44.08
N GLY A 1834 -18.84 31.09 -44.58
CA GLY A 1834 -18.04 30.61 -45.69
C GLY A 1834 -18.55 31.20 -47.00
N CYS A 1835 -17.61 31.53 -47.87
CA CYS A 1835 -17.97 32.16 -49.14
C CYS A 1835 -18.61 31.12 -50.06
N GLY A 1836 -19.93 31.01 -50.00
CA GLY A 1836 -20.62 30.00 -50.78
C GLY A 1836 -20.23 28.58 -50.42
N GLY A 1837 -19.94 28.34 -49.14
CA GLY A 1837 -19.52 27.02 -48.70
C GLY A 1837 -18.16 26.60 -49.19
N SER A 1838 -17.37 27.53 -49.71
CA SER A 1838 -16.03 27.22 -50.21
C SER A 1838 -14.97 27.22 -49.12
N PHE A 1839 -15.31 27.67 -47.92
CA PHE A 1839 -14.35 27.75 -46.82
C PHE A 1839 -14.98 27.19 -45.56
N TYR A 1840 -14.12 26.73 -44.65
CA TYR A 1840 -14.58 26.19 -43.38
C TYR A 1840 -15.20 27.31 -42.54
N THR A 1841 -16.51 27.27 -42.38
CA THR A 1841 -17.17 28.23 -41.50
C THR A 1841 -16.82 27.92 -40.04
N LEU A 1842 -17.01 28.93 -39.19
CA LEU A 1842 -16.67 28.78 -37.78
C LEU A 1842 -17.52 27.71 -37.12
N ASP A 1843 -18.81 27.64 -37.48
CA ASP A 1843 -19.67 26.60 -36.92
C ASP A 1843 -19.17 25.21 -37.27
N SER A 1844 -18.64 25.05 -38.49
CA SER A 1844 -18.05 23.76 -38.87
C SER A 1844 -16.84 23.44 -38.01
N LEU A 1845 -15.98 24.44 -37.75
CA LEU A 1845 -14.82 24.20 -36.91
C LEU A 1845 -15.21 23.89 -35.47
N ASN A 1846 -16.22 24.60 -34.95
CA ASN A 1846 -16.66 24.36 -33.58
C ASN A 1846 -17.22 22.95 -33.43
N LEU A 1847 -17.97 22.48 -34.43
CA LEU A 1847 -18.52 21.13 -34.34
C LEU A 1847 -17.42 20.08 -34.29
N ARG A 1848 -16.37 20.25 -35.09
CA ARG A 1848 -15.23 19.34 -35.01
C ARG A 1848 -14.46 19.49 -33.72
N ALA A 1849 -14.48 20.68 -33.11
CA ALA A 1849 -13.80 20.90 -31.84
C ALA A 1849 -14.65 20.49 -30.65
N ARG A 1850 -15.96 20.74 -30.72
CA ARG A 1850 -16.86 20.34 -29.64
C ARG A 1850 -16.86 18.83 -29.42
N SER A 1851 -16.62 18.05 -30.48
CA SER A 1851 -16.56 16.61 -30.36
C SER A 1851 -15.19 16.10 -29.93
N MET A 1852 -14.18 16.97 -29.85
CA MET A 1852 -12.87 16.60 -29.34
C MET A 1852 -12.71 16.88 -27.86
N ILE A 1853 -13.77 17.32 -27.18
CA ILE A 1853 -13.70 17.58 -25.75
C ILE A 1853 -13.38 16.29 -25.00
N THR A 1854 -14.03 15.20 -25.37
CA THR A 1854 -13.88 13.93 -24.66
C THR A 1854 -12.55 13.24 -24.94
N THR A 1855 -11.85 13.60 -26.00
CA THR A 1855 -10.63 12.90 -26.39
C THR A 1855 -9.38 13.75 -26.28
N HIS A 1856 -9.42 15.01 -26.73
CA HIS A 1856 -8.26 15.89 -26.71
C HIS A 1856 -8.65 17.22 -26.05
N PRO A 1857 -8.87 17.21 -24.74
CA PRO A 1857 -9.20 18.47 -24.06
C PRO A 1857 -8.09 19.50 -24.11
N ALA A 1858 -6.83 19.07 -24.20
CA ALA A 1858 -5.73 20.01 -24.27
C ALA A 1858 -5.82 20.86 -25.53
N LEU A 1859 -6.13 20.24 -26.67
CA LEU A 1859 -6.25 20.98 -27.91
C LEU A 1859 -7.51 21.84 -27.93
N VAL A 1860 -8.58 21.37 -27.28
CA VAL A 1860 -9.82 22.14 -27.23
C VAL A 1860 -9.61 23.43 -26.46
N LEU A 1861 -8.80 23.39 -25.40
CA LEU A 1861 -8.52 24.60 -24.64
C LEU A 1861 -7.73 25.60 -25.49
N LEU A 1862 -6.80 25.11 -26.31
CA LEU A 1862 -6.11 26.01 -27.24
C LEU A 1862 -7.09 26.64 -28.21
N TRP A 1863 -8.05 25.86 -28.72
CA TRP A 1863 -9.08 26.41 -29.59
C TRP A 1863 -9.94 27.42 -28.84
N CYS A 1864 -10.23 27.14 -27.56
CA CYS A 1864 -10.97 28.10 -26.75
C CYS A 1864 -10.21 29.41 -26.61
N GLN A 1865 -8.89 29.33 -26.44
CA GLN A 1865 -8.08 30.54 -26.34
C GLN A 1865 -8.16 31.36 -27.61
N ILE A 1866 -8.12 30.69 -28.77
CA ILE A 1866 -8.20 31.41 -30.05
C ILE A 1866 -9.55 32.10 -30.20
N LEU A 1867 -10.62 31.42 -29.81
CA LEU A 1867 -11.95 32.02 -29.91
C LEU A 1867 -12.05 33.31 -29.12
N LEU A 1868 -11.32 33.41 -28.00
CA LEU A 1868 -11.28 34.66 -27.25
C LEU A 1868 -10.42 35.70 -27.96
N LEU A 1869 -9.28 35.28 -28.53
CA LEU A 1869 -8.39 36.21 -29.21
C LEU A 1869 -9.04 36.84 -30.44
N VAL A 1870 -10.09 36.22 -30.97
CA VAL A 1870 -10.84 36.79 -32.08
C VAL A 1870 -12.18 37.32 -31.60
N ASN A 1871 -12.35 37.45 -30.29
CA ASN A 1871 -13.55 38.05 -29.69
C ASN A 1871 -14.82 37.32 -30.11
N HIS A 1872 -14.74 36.00 -30.23
CA HIS A 1872 -15.90 35.16 -30.50
C HIS A 1872 -16.38 34.61 -29.16
N THR A 1873 -17.26 35.36 -28.51
CA THR A 1873 -17.70 35.06 -27.16
C THR A 1873 -19.21 34.84 -27.09
N ASP A 1874 -19.78 34.25 -28.14
CA ASP A 1874 -21.18 33.85 -28.10
C ASP A 1874 -21.35 32.68 -27.15
N TYR A 1875 -22.46 32.69 -26.40
CA TYR A 1875 -22.66 31.68 -25.38
C TYR A 1875 -23.08 30.33 -25.94
N ARG A 1876 -23.22 30.19 -27.26
CA ARG A 1876 -23.50 28.89 -27.83
C ARG A 1876 -22.33 27.93 -27.60
N TRP A 1877 -21.12 28.39 -27.88
CA TRP A 1877 -19.93 27.56 -27.65
C TRP A 1877 -19.49 27.57 -26.19
N TRP A 1878 -19.66 28.70 -25.50
CA TRP A 1878 -19.05 28.85 -24.18
C TRP A 1878 -19.91 28.25 -23.08
N ALA A 1879 -21.24 28.44 -23.14
CA ALA A 1879 -22.11 27.83 -22.14
C ALA A 1879 -22.18 26.32 -22.28
N GLU A 1880 -21.66 25.76 -23.37
CA GLU A 1880 -21.66 24.32 -23.59
C GLU A 1880 -20.38 23.66 -23.10
N VAL A 1881 -19.22 24.24 -23.42
CA VAL A 1881 -17.95 23.69 -22.94
C VAL A 1881 -17.85 23.82 -21.43
N GLN A 1882 -18.39 24.90 -20.87
CA GLN A 1882 -18.38 25.11 -19.43
C GLN A 1882 -19.50 24.36 -18.71
N GLN A 1883 -20.37 23.67 -19.46
CA GLN A 1883 -21.50 22.95 -18.88
C GLN A 1883 -22.33 23.87 -17.99
N THR A 1884 -22.62 25.06 -18.50
CA THR A 1884 -23.37 26.05 -17.74
C THR A 1884 -24.77 25.52 -17.45
N PRO A 1885 -25.23 25.54 -16.19
CA PRO A 1885 -26.59 25.09 -15.88
C PRO A 1885 -27.62 26.02 -16.49
N LYS A 1886 -28.47 25.47 -17.36
CA LYS A 1886 -29.49 26.25 -18.04
C LYS A 1886 -30.68 26.53 -17.12
N LYS A 1912 -22.98 7.98 -12.22
CA LYS A 1912 -22.68 8.93 -13.28
C LYS A 1912 -21.63 9.93 -12.83
N LEU A 1913 -20.38 9.48 -12.73
CA LEU A 1913 -19.29 10.35 -12.30
C LEU A 1913 -18.81 11.28 -13.41
N GLY A 1914 -19.09 10.97 -14.67
CA GLY A 1914 -18.69 11.83 -15.76
C GLY A 1914 -17.28 11.54 -16.25
N MET A 1915 -16.89 12.30 -17.26
CA MET A 1915 -15.57 12.16 -17.88
C MET A 1915 -14.59 13.16 -17.27
N CYS A 1916 -13.36 12.71 -17.07
CA CYS A 1916 -12.31 13.62 -16.62
C CYS A 1916 -11.98 14.65 -17.69
N ASN A 1917 -11.94 14.24 -18.95
CA ASN A 1917 -11.61 15.17 -20.03
C ASN A 1917 -12.64 16.27 -20.14
N ARG A 1918 -13.92 15.95 -19.92
CA ARG A 1918 -14.95 16.97 -19.89
C ARG A 1918 -14.71 17.98 -18.77
N GLU A 1919 -14.13 17.52 -17.65
CA GLU A 1919 -13.86 18.43 -16.54
C GLU A 1919 -12.65 19.31 -16.83
N ILE A 1920 -11.65 18.77 -17.52
CA ILE A 1920 -10.47 19.57 -17.87
C ILE A 1920 -10.87 20.73 -18.77
N VAL A 1921 -11.70 20.46 -19.78
CA VAL A 1921 -12.21 21.54 -20.62
C VAL A 1921 -13.10 22.48 -19.83
N ARG A 1922 -13.99 21.92 -19.01
CA ARG A 1922 -14.95 22.75 -18.27
C ARG A 1922 -14.24 23.72 -17.34
N ARG A 1923 -13.23 23.24 -16.61
CA ARG A 1923 -12.45 24.13 -15.75
C ARG A 1923 -11.51 24.99 -16.58
N GLY A 1924 -10.87 24.41 -17.59
CA GLY A 1924 -9.94 25.16 -18.41
C GLY A 1924 -10.61 26.29 -19.17
N ALA A 1925 -11.79 26.03 -19.73
CA ALA A 1925 -12.50 27.07 -20.46
C ALA A 1925 -12.90 28.22 -19.54
N LEU A 1926 -13.36 27.90 -18.34
CA LEU A 1926 -13.74 28.92 -17.39
C LEU A 1926 -12.55 29.80 -17.01
N ILE A 1927 -11.38 29.18 -16.82
CA ILE A 1927 -10.18 29.94 -16.49
C ILE A 1927 -9.85 30.92 -17.62
N LEU A 1928 -9.89 30.44 -18.86
CA LEU A 1928 -9.57 31.30 -20.00
C LEU A 1928 -10.58 32.43 -20.16
N PHE A 1929 -11.87 32.13 -19.96
CA PHE A 1929 -12.90 33.15 -20.11
C PHE A 1929 -12.71 34.27 -19.08
N CYS A 1930 -12.35 33.90 -17.84
CA CYS A 1930 -12.07 34.91 -16.82
C CYS A 1930 -10.87 35.76 -17.20
N ASP A 1931 -9.82 35.12 -17.76
CA ASP A 1931 -8.67 35.87 -18.22
C ASP A 1931 -9.04 36.85 -19.32
N TYR A 1932 -9.95 36.44 -20.21
CA TYR A 1932 -10.42 37.35 -21.26
C TYR A 1932 -11.17 38.54 -20.66
N VAL A 1933 -12.02 38.28 -19.66
CA VAL A 1933 -12.75 39.38 -19.01
C VAL A 1933 -11.79 40.31 -18.30
N CYS A 1934 -10.70 39.77 -17.73
CA CYS A 1934 -9.70 40.60 -17.08
C CYS A 1934 -9.06 41.60 -18.02
N GLN A 1935 -9.09 41.35 -19.33
CA GLN A 1935 -8.61 42.29 -20.31
C GLN A 1935 -9.72 43.12 -20.93
N ASN A 1936 -10.98 42.85 -20.58
CA ASN A 1936 -12.14 43.51 -21.18
C ASN A 1936 -13.12 43.94 -20.09
N LEU A 1937 -12.62 44.62 -19.06
CA LEU A 1937 -13.47 45.07 -17.98
C LEU A 1937 -14.58 45.99 -18.47
N HIS A 1938 -14.36 46.71 -19.57
CA HIS A 1938 -15.40 47.56 -20.14
C HIS A 1938 -16.63 46.74 -20.51
N ASP A 1939 -16.42 45.52 -20.98
CA ASP A 1939 -17.52 44.61 -21.29
C ASP A 1939 -18.22 44.19 -20.00
N SER A 1940 -19.45 44.69 -19.79
CA SER A 1940 -20.19 44.42 -18.58
C SER A 1940 -21.09 43.20 -18.67
N GLU A 1941 -21.07 42.49 -19.80
CA GLU A 1941 -21.92 41.31 -19.98
C GLU A 1941 -21.19 40.00 -19.70
N HIS A 1942 -19.96 39.85 -20.17
CA HIS A 1942 -19.21 38.63 -19.89
C HIS A 1942 -18.74 38.56 -18.45
N LEU A 1943 -18.90 39.64 -17.68
CA LEU A 1943 -18.59 39.63 -16.26
C LEU A 1943 -19.80 39.25 -15.43
N THR A 1944 -20.98 39.80 -15.74
CA THR A 1944 -22.18 39.46 -15.01
C THR A 1944 -22.64 38.04 -15.35
N TRP A 1945 -22.42 37.60 -16.59
CA TRP A 1945 -22.82 36.25 -16.97
C TRP A 1945 -22.00 35.20 -16.21
N LEU A 1946 -20.70 35.45 -16.05
CA LEU A 1946 -19.84 34.51 -15.34
C LEU A 1946 -20.25 34.38 -13.88
N ILE A 1947 -20.55 35.51 -13.23
CA ILE A 1947 -20.83 35.50 -11.79
C ILE A 1947 -22.14 34.77 -11.51
N VAL A 1948 -23.20 35.14 -12.24
CA VAL A 1948 -24.52 34.60 -11.93
C VAL A 1948 -24.67 33.15 -12.35
N ASN A 1949 -23.75 32.64 -13.18
CA ASN A 1949 -23.86 31.28 -13.68
C ASN A 1949 -22.73 30.35 -13.24
N HIS A 1950 -21.60 30.89 -12.79
CA HIS A 1950 -20.46 30.04 -12.49
C HIS A 1950 -19.73 30.47 -11.22
N ILE A 1951 -20.45 31.05 -10.25
CA ILE A 1951 -19.78 31.54 -9.05
C ILE A 1951 -19.19 30.40 -8.24
N GLN A 1952 -19.87 29.25 -8.23
CA GLN A 1952 -19.33 28.09 -7.52
C GLN A 1952 -18.01 27.64 -8.13
N ASP A 1953 -17.90 27.68 -9.45
CA ASP A 1953 -16.64 27.33 -10.10
C ASP A 1953 -15.61 28.44 -9.95
N LEU A 1954 -16.07 29.70 -9.88
CA LEU A 1954 -15.16 30.79 -9.60
C LEU A 1954 -14.51 30.63 -8.23
N ILE A 1955 -15.31 30.29 -7.22
CA ILE A 1955 -14.79 30.06 -5.88
C ILE A 1955 -13.86 28.86 -5.87
N SER A 1956 -14.28 27.77 -6.52
CA SER A 1956 -13.47 26.55 -6.52
C SER A 1956 -12.15 26.76 -7.22
N LEU A 1957 -12.16 27.49 -8.34
CA LEU A 1957 -10.95 27.73 -9.12
C LEU A 1957 -10.23 29.01 -8.72
N SER A 1958 -10.58 29.58 -7.56
CA SER A 1958 -10.02 30.87 -7.15
C SER A 1958 -8.52 30.85 -6.97
N HIS A 1959 -7.90 29.67 -6.82
CA HIS A 1959 -6.46 29.61 -6.67
C HIS A 1959 -5.72 29.78 -8.00
N GLU A 1960 -6.43 29.75 -9.12
CA GLU A 1960 -5.80 29.95 -10.42
C GLU A 1960 -5.49 31.43 -10.63
N PRO A 1961 -4.39 31.76 -11.28
CA PRO A 1961 -4.01 33.17 -11.45
C PRO A 1961 -5.06 33.97 -12.21
N PRO A 1962 -5.56 33.50 -13.36
CA PRO A 1962 -6.59 34.30 -14.05
C PRO A 1962 -7.85 34.49 -13.23
N VAL A 1963 -8.26 33.48 -12.47
CA VAL A 1963 -9.44 33.61 -11.63
C VAL A 1963 -9.17 34.57 -10.47
N GLN A 1964 -7.95 34.53 -9.92
CA GLN A 1964 -7.57 35.46 -8.87
C GLN A 1964 -7.74 36.91 -9.33
N ASP A 1965 -7.26 37.21 -10.54
CA ASP A 1965 -7.39 38.56 -11.07
C ASP A 1965 -8.85 38.92 -11.31
N PHE A 1966 -9.65 37.96 -11.77
CA PHE A 1966 -11.06 38.22 -12.00
C PHE A 1966 -11.78 38.58 -10.70
N ILE A 1967 -11.52 37.84 -9.64
CA ILE A 1967 -12.12 38.15 -8.35
C ILE A 1967 -11.63 39.50 -7.85
N SER A 1968 -10.34 39.78 -8.02
CA SER A 1968 -9.81 41.09 -7.66
C SER A 1968 -10.50 42.19 -8.46
N ALA A 1969 -10.72 41.95 -9.75
CA ALA A 1969 -11.47 42.91 -10.56
C ALA A 1969 -12.90 43.05 -10.06
N VAL A 1970 -13.51 41.94 -9.64
CA VAL A 1970 -14.87 42.01 -9.09
C VAL A 1970 -14.87 42.85 -7.82
N HIS A 1971 -13.82 42.71 -6.99
CA HIS A 1971 -13.75 43.48 -5.76
C HIS A 1971 -13.64 44.98 -6.03
N ARG A 1972 -12.86 45.35 -7.04
CA ARG A 1972 -12.68 46.77 -7.33
C ARG A 1972 -13.98 47.42 -7.79
N ASN A 1973 -14.77 46.70 -8.58
CA ASN A 1973 -16.05 47.23 -9.05
C ASN A 1973 -17.12 47.02 -8.00
N SER A 1974 -17.86 48.08 -7.69
CA SER A 1974 -18.91 47.99 -6.68
C SER A 1974 -20.07 47.13 -7.17
N ALA A 1975 -20.47 47.31 -8.44
CA ALA A 1975 -21.57 46.53 -8.98
C ALA A 1975 -21.22 45.06 -9.06
N ALA A 1976 -19.98 44.75 -9.47
CA ALA A 1976 -19.56 43.35 -9.55
C ALA A 1976 -19.56 42.69 -8.18
N SER A 1977 -19.10 43.41 -7.16
CA SER A 1977 -19.09 42.85 -5.80
C SER A 1977 -20.51 42.57 -5.31
N GLY A 1978 -21.45 43.47 -5.64
CA GLY A 1978 -22.84 43.22 -5.25
C GLY A 1978 -23.41 41.97 -5.89
N LEU A 1979 -23.08 41.73 -7.15
CA LEU A 1979 -23.50 40.50 -7.81
C LEU A 1979 -22.79 39.29 -7.22
N PHE A 1980 -21.52 39.45 -6.83
CA PHE A 1980 -20.77 38.35 -6.24
C PHE A 1980 -21.41 37.88 -4.94
N ILE A 1981 -21.84 38.84 -4.09
CA ILE A 1981 -22.52 38.47 -2.86
C ILE A 1981 -23.86 37.81 -3.16
N GLN A 1982 -24.61 38.39 -4.09
CA GLN A 1982 -25.96 37.89 -4.39
C GLN A 1982 -25.91 36.46 -4.92
N ALA A 1983 -24.93 36.17 -5.79
CA ALA A 1983 -24.81 34.83 -6.35
C ALA A 1983 -24.47 33.80 -5.28
N ILE A 1984 -23.60 34.18 -4.33
CA ILE A 1984 -23.23 33.24 -3.27
C ILE A 1984 -24.44 32.91 -2.41
N GLN A 1985 -25.26 33.91 -2.09
CA GLN A 1985 -26.48 33.65 -1.32
C GLN A 1985 -27.38 32.67 -2.03
N SER A 1986 -27.52 32.79 -3.35
CA SER A 1986 -28.37 31.89 -4.11
C SER A 1986 -27.76 30.51 -4.30
N ARG A 1987 -26.49 30.31 -3.95
CA ARG A 1987 -25.82 29.03 -4.13
C ARG A 1987 -24.98 28.70 -2.89
N CYS A 1988 -25.51 29.02 -1.71
CA CYS A 1988 -24.75 28.82 -0.49
C CYS A 1988 -24.71 27.35 -0.07
N GLU A 1989 -25.72 26.56 -0.47
CA GLU A 1989 -25.79 25.17 -0.04
C GLU A 1989 -24.61 24.37 -0.54
N ASN A 1990 -24.23 24.57 -1.81
CA ASN A 1990 -23.05 23.88 -2.34
C ASN A 1990 -21.77 24.39 -1.69
N LEU A 1991 -21.80 25.61 -1.14
CA LEU A 1991 -20.65 26.16 -0.43
C LEU A 1991 -20.74 25.82 1.06
N SER A 1992 -20.83 24.51 1.32
CA SER A 1992 -20.91 23.99 2.69
C SER A 1992 -19.72 23.13 3.07
N THR A 1993 -19.02 22.58 2.10
CA THR A 1993 -17.81 21.81 2.40
C THR A 1993 -16.78 22.72 3.08
N PRO A 1994 -16.07 22.24 4.10
CA PRO A 1994 -15.07 23.09 4.74
C PRO A 1994 -14.01 23.61 3.78
N THR A 1995 -13.59 22.79 2.82
CA THR A 1995 -12.65 23.26 1.81
C THR A 1995 -13.26 24.36 0.95
N MET A 1996 -14.51 24.17 0.52
CA MET A 1996 -15.15 25.15 -0.36
C MET A 1996 -15.59 26.38 0.42
N LEU A 1997 -16.00 26.21 1.68
CA LEU A 1997 -16.40 27.37 2.47
C LEU A 1997 -15.21 28.27 2.77
N LYS A 1998 -14.04 27.67 3.03
CA LYS A 1998 -12.83 28.47 3.23
C LYS A 1998 -12.50 29.29 1.99
N LYS A 1999 -12.59 28.65 0.81
CA LYS A 1999 -12.33 29.37 -0.43
C LYS A 1999 -13.35 30.48 -0.64
N THR A 2000 -14.60 30.25 -0.23
CA THR A 2000 -15.61 31.29 -0.34
C THR A 2000 -15.24 32.51 0.49
N LEU A 2001 -14.74 32.30 1.71
CA LEU A 2001 -14.37 33.42 2.57
C LEU A 2001 -13.13 34.14 2.05
N GLN A 2002 -12.18 33.39 1.49
CA GLN A 2002 -10.98 34.02 0.94
C GLN A 2002 -11.35 34.95 -0.20
N CYS A 2003 -12.25 34.52 -1.08
CA CYS A 2003 -12.76 35.41 -2.12
C CYS A 2003 -13.55 36.56 -1.52
N LEU A 2004 -14.42 36.26 -0.57
CA LEU A 2004 -15.32 37.25 0.03
C LEU A 2004 -14.63 38.18 1.00
N GLU A 2005 -13.31 38.06 1.18
CA GLU A 2005 -12.61 38.85 2.19
C GLU A 2005 -12.41 40.29 1.73
N GLY A 2006 -11.68 40.48 0.64
CA GLY A 2006 -11.34 41.82 0.18
C GLY A 2006 -12.38 42.41 -0.75
N ILE A 2007 -13.65 42.19 -0.47
CA ILE A 2007 -14.73 42.66 -1.32
C ILE A 2007 -14.86 44.18 -1.18
N HIS A 2008 -15.62 44.79 -2.08
CA HIS A 2008 -15.70 46.25 -2.13
C HIS A 2008 -16.29 46.82 -0.85
N LEU A 2009 -15.80 48.00 -0.47
CA LEU A 2009 -16.25 48.63 0.77
C LEU A 2009 -17.72 49.01 0.71
N SER A 2010 -18.19 49.47 -0.46
CA SER A 2010 -19.58 49.88 -0.60
C SER A 2010 -20.56 48.72 -0.45
N GLN A 2011 -20.08 47.47 -0.50
CA GLN A 2011 -20.92 46.30 -0.30
C GLN A 2011 -20.80 45.73 1.10
N SER A 2012 -20.19 46.47 2.03
CA SER A 2012 -19.94 45.95 3.38
C SER A 2012 -21.24 45.58 4.07
N GLY A 2013 -22.27 46.43 3.95
CA GLY A 2013 -23.55 46.13 4.56
C GLY A 2013 -24.24 44.90 3.99
N ALA A 2014 -23.90 44.51 2.76
CA ALA A 2014 -24.52 43.34 2.14
C ALA A 2014 -23.78 42.06 2.52
N VAL A 2015 -22.45 42.09 2.47
CA VAL A 2015 -21.67 40.90 2.82
C VAL A 2015 -21.79 40.60 4.30
N LEU A 2016 -21.85 41.64 5.13
CA LEU A 2016 -22.06 41.43 6.56
C LEU A 2016 -23.39 40.74 6.82
N THR A 2017 -24.41 41.06 6.03
CA THR A 2017 -25.69 40.36 6.14
C THR A 2017 -25.52 38.88 5.85
N LEU A 2018 -24.74 38.53 4.83
CA LEU A 2018 -24.53 37.13 4.48
C LEU A 2018 -23.74 36.40 5.56
N TYR A 2019 -22.79 37.08 6.19
CA TYR A 2019 -21.96 36.44 7.21
C TYR A 2019 -22.81 35.93 8.37
N VAL A 2020 -23.70 36.78 8.89
CA VAL A 2020 -24.41 36.49 10.13
C VAL A 2020 -25.73 35.78 9.83
N ASP A 2021 -25.96 35.41 8.58
CA ASP A 2021 -27.19 34.73 8.19
C ASP A 2021 -26.96 33.30 7.73
N ARG A 2022 -25.97 33.06 6.86
CA ARG A 2022 -25.82 31.74 6.26
C ARG A 2022 -24.40 31.19 6.36
N LEU A 2023 -23.47 31.88 7.03
CA LEU A 2023 -22.10 31.40 7.14
C LEU A 2023 -21.54 31.40 8.55
N LEU A 2024 -22.11 32.16 9.49
CA LEU A 2024 -21.54 32.21 10.83
C LEU A 2024 -21.70 30.88 11.56
N CYS A 2025 -22.86 30.24 11.42
CA CYS A 2025 -23.16 29.01 12.16
C CYS A 2025 -22.76 27.81 11.32
N THR A 2026 -21.58 27.26 11.61
CA THR A 2026 -21.10 26.04 10.97
C THR A 2026 -20.59 25.09 12.04
N PRO A 2027 -20.69 23.78 11.82
CA PRO A 2027 -20.06 22.83 12.75
C PRO A 2027 -18.56 23.00 12.83
N PHE A 2028 -17.92 23.47 11.76
CA PHE A 2028 -16.48 23.67 11.75
C PHE A 2028 -16.17 24.98 12.45
N ARG A 2029 -15.47 24.90 13.59
CA ARG A 2029 -15.24 26.09 14.39
C ARG A 2029 -14.19 27.01 13.77
N VAL A 2030 -13.25 26.46 13.03
CA VAL A 2030 -12.21 27.31 12.43
C VAL A 2030 -12.82 28.25 11.39
N LEU A 2031 -13.83 27.77 10.65
CA LEU A 2031 -14.49 28.62 9.68
C LEU A 2031 -15.41 29.63 10.36
N ALA A 2032 -16.07 29.23 11.45
CA ALA A 2032 -16.88 30.17 12.21
C ALA A 2032 -16.01 31.28 12.80
N ARG A 2033 -14.79 30.94 13.23
CA ARG A 2033 -13.86 31.96 13.67
C ARG A 2033 -13.47 32.88 12.52
N MET A 2034 -13.22 32.30 11.34
CA MET A 2034 -12.87 33.11 10.18
C MET A 2034 -14.00 34.05 9.78
N VAL A 2035 -15.24 33.54 9.80
CA VAL A 2035 -16.39 34.40 9.50
C VAL A 2035 -16.49 35.51 10.54
N ASP A 2036 -16.27 35.18 11.81
CA ASP A 2036 -16.35 36.20 12.86
C ASP A 2036 -15.30 37.28 12.65
N ILE A 2037 -14.07 36.90 12.29
CA ILE A 2037 -13.01 37.88 12.05
C ILE A 2037 -13.38 38.81 10.90
N LEU A 2038 -13.82 38.22 9.78
CA LEU A 2038 -14.20 39.03 8.62
C LEU A 2038 -15.42 39.90 8.92
N ALA A 2039 -16.41 39.34 9.63
CA ALA A 2039 -17.58 40.13 9.99
C ALA A 2039 -17.21 41.28 10.91
N CYS A 2040 -16.28 41.06 11.83
CA CYS A 2040 -15.80 42.14 12.68
C CYS A 2040 -15.12 43.23 11.86
N ARG A 2041 -14.32 42.83 10.87
CA ARG A 2041 -13.64 43.82 10.03
C ARG A 2041 -14.63 44.68 9.27
N ARG A 2042 -15.71 44.08 8.76
CA ARG A 2042 -16.72 44.84 8.05
C ARG A 2042 -17.37 45.89 8.96
N VAL A 2043 -17.69 45.50 10.19
CA VAL A 2043 -18.30 46.44 11.12
C VAL A 2043 -17.31 47.55 11.49
N GLU A 2044 -16.06 47.18 11.76
CA GLU A 2044 -15.07 48.16 12.16
C GLU A 2044 -14.71 49.12 11.03
N MET A 2045 -14.94 48.72 9.78
CA MET A 2045 -14.76 49.63 8.65
C MET A 2045 -16.05 50.29 8.21
N LEU A 2046 -17.16 50.02 8.90
CA LEU A 2046 -18.43 50.67 8.62
C LEU A 2046 -18.66 51.85 9.55
N LEU A 2047 -18.44 51.66 10.85
CA LEU A 2047 -18.49 52.77 11.79
C LEU A 2047 -17.31 53.72 11.61
N ALA A 2048 -16.25 53.27 10.92
CA ALA A 2048 -15.10 54.12 10.61
C ALA A 2048 -15.23 54.79 9.24
N ALA A 2049 -16.44 54.91 8.72
CA ALA A 2049 -16.69 55.58 7.45
C ALA A 2049 -17.71 56.68 7.68
N ASN A 2050 -18.17 57.30 6.59
CA ASN A 2050 -19.19 58.33 6.71
C ASN A 2050 -20.50 57.73 7.20
N LEU A 2051 -21.18 58.46 8.09
CA LEU A 2051 -22.36 57.93 8.76
C LEU A 2051 -23.45 57.58 7.75
N GLN A 2052 -23.78 58.51 6.86
CA GLN A 2052 -24.89 58.29 5.93
C GLN A 2052 -24.60 57.14 4.97
N SER A 2053 -23.33 56.95 4.60
CA SER A 2053 -22.97 55.81 3.78
C SER A 2053 -23.17 54.51 4.55
N SER A 2054 -22.73 54.47 5.81
CA SER A 2054 -22.96 53.29 6.64
C SER A 2054 -24.44 53.07 6.89
N MET A 2055 -25.21 54.15 7.06
CA MET A 2055 -26.65 54.03 7.21
C MET A 2055 -27.27 53.35 5.98
N ALA A 2056 -26.82 53.73 4.78
CA ALA A 2056 -27.36 53.12 3.57
C ALA A 2056 -27.03 51.63 3.50
N GLN A 2057 -25.81 51.25 3.86
CA GLN A 2057 -25.42 49.85 3.76
C GLN A 2057 -26.22 48.96 4.70
N LEU A 2058 -26.41 49.40 5.94
CA LEU A 2058 -27.24 48.67 6.90
C LEU A 2058 -28.44 49.52 7.29
N PRO A 2059 -29.63 49.22 6.77
CA PRO A 2059 -30.84 49.86 7.29
C PRO A 2059 -31.13 49.40 8.71
N MET A 2060 -31.94 50.21 9.40
CA MET A 2060 -32.21 49.95 10.81
C MET A 2060 -32.88 48.60 11.01
N GLU A 2061 -33.85 48.26 10.15
CA GLU A 2061 -34.53 46.97 10.28
C GLU A 2061 -33.56 45.82 10.08
N GLU A 2062 -32.65 45.93 9.11
CA GLU A 2062 -31.67 44.88 8.86
C GLU A 2062 -30.73 44.73 10.05
N LEU A 2063 -30.27 45.85 10.62
CA LEU A 2063 -29.39 45.78 11.78
C LEU A 2063 -30.11 45.18 12.98
N ASN A 2064 -31.37 45.57 13.20
CA ASN A 2064 -32.12 45.02 14.33
C ASN A 2064 -32.35 43.53 14.17
N ARG A 2065 -32.68 43.08 12.96
CA ARG A 2065 -32.86 41.66 12.71
C ARG A 2065 -31.54 40.92 12.91
N ILE A 2066 -30.43 41.49 12.45
CA ILE A 2066 -29.13 40.87 12.63
C ILE A 2066 -28.81 40.78 14.13
N GLN A 2067 -29.06 41.87 14.86
CA GLN A 2067 -28.82 41.85 16.30
C GLN A 2067 -29.73 40.84 16.99
N GLU A 2068 -31.00 40.78 16.58
CA GLU A 2068 -31.92 39.83 17.19
C GLU A 2068 -31.50 38.39 16.93
N TYR A 2069 -31.09 38.09 15.70
CA TYR A 2069 -30.72 36.73 15.35
C TYR A 2069 -29.50 36.28 16.15
N LEU A 2070 -28.52 37.17 16.31
CA LEU A 2070 -27.33 36.81 17.08
C LEU A 2070 -27.69 36.53 18.54
N GLN A 2071 -28.54 37.37 19.13
CA GLN A 2071 -28.93 37.16 20.52
C GLN A 2071 -29.88 35.98 20.66
N SER A 2072 -30.74 35.76 19.66
CA SER A 2072 -31.68 34.64 19.72
C SER A 2072 -30.97 33.29 19.65
N SER A 2073 -29.70 33.27 19.26
CA SER A 2073 -28.91 32.06 19.20
C SER A 2073 -27.68 32.21 20.10
N GLY A 2074 -26.88 31.15 20.15
CA GLY A 2074 -25.65 31.19 20.92
C GLY A 2074 -24.49 31.90 20.28
N LEU A 2075 -24.67 32.39 19.04
CA LEU A 2075 -23.56 33.04 18.34
C LEU A 2075 -23.11 34.30 19.05
N ALA A 2076 -24.06 35.05 19.64
CA ALA A 2076 -23.69 36.24 20.40
C ALA A 2076 -22.79 35.89 21.58
N GLN A 2077 -23.10 34.80 22.29
CA GLN A 2077 -22.22 34.36 23.37
C GLN A 2077 -20.91 33.80 22.82
N ARG A 2078 -20.98 33.03 21.73
CA ARG A 2078 -19.76 32.50 21.13
C ARG A 2078 -18.88 33.62 20.56
N HIS A 2079 -19.49 34.60 19.89
CA HIS A 2079 -18.78 35.72 19.30
C HIS A 2079 -19.28 37.00 19.96
N GLN A 2080 -18.69 37.34 21.11
CA GLN A 2080 -19.09 38.54 21.83
C GLN A 2080 -18.52 39.80 21.17
N ARG A 2081 -17.31 39.71 20.61
CA ARG A 2081 -16.68 40.88 20.03
C ARG A 2081 -17.49 41.44 18.87
N LEU A 2082 -18.01 40.55 18.02
CA LEU A 2082 -18.84 41.00 16.90
C LEU A 2082 -20.13 41.66 17.41
N TYR A 2083 -20.75 41.08 18.42
CA TYR A 2083 -21.99 41.66 18.95
C TYR A 2083 -21.73 43.02 19.58
N SER A 2084 -20.61 43.17 20.30
CA SER A 2084 -20.26 44.46 20.88
C SER A 2084 -20.03 45.51 19.80
N LEU A 2085 -19.32 45.14 18.73
CA LEU A 2085 -19.09 46.08 17.64
C LEU A 2085 -20.39 46.48 16.96
N LEU A 2086 -21.28 45.51 16.73
CA LEU A 2086 -22.56 45.80 16.11
C LEU A 2086 -23.40 46.72 16.99
N ASP A 2087 -23.44 46.44 18.30
CA ASP A 2087 -24.17 47.32 19.21
C ASP A 2087 -23.53 48.69 19.29
N ARG A 2088 -22.20 48.74 19.28
CA ARG A 2088 -21.50 50.02 19.27
C ARG A 2088 -21.83 50.82 18.01
N PHE A 2089 -21.91 50.15 16.87
CA PHE A 2089 -22.39 50.80 15.65
C PHE A 2089 -23.86 51.23 15.80
N ARG A 2090 -24.67 50.40 16.47
CA ARG A 2090 -26.08 50.70 16.60
C ARG A 2090 -26.32 51.99 17.36
N LEU A 2091 -25.61 52.19 18.47
CA LEU A 2091 -25.75 53.44 19.22
C LEU A 2091 -25.14 54.62 18.50
N SER A 2092 -24.17 54.38 17.61
CA SER A 2092 -23.61 55.47 16.81
C SER A 2092 -24.66 56.03 15.87
N THR A 2093 -25.50 55.17 15.30
CA THR A 2093 -26.57 55.64 14.41
C THR A 2093 -27.64 56.41 15.16
N MET A 2094 -27.73 56.25 16.47
CA MET A 2094 -28.72 56.93 17.31
C MET A 2094 -30.14 56.64 16.82
N VAL A 2120 -31.31 36.60 47.66
CA VAL A 2120 -32.33 35.87 48.39
C VAL A 2120 -31.67 34.81 49.26
N SER A 2121 -32.41 34.31 50.26
CA SER A 2121 -31.88 33.29 51.14
C SER A 2121 -31.66 32.00 50.36
N PRO A 2122 -30.54 31.32 50.56
CA PRO A 2122 -30.24 30.05 49.85
C PRO A 2122 -30.85 28.83 50.53
N ASP A 2123 -32.15 28.64 50.30
CA ASP A 2123 -32.88 27.54 50.90
C ASP A 2123 -32.84 26.31 50.00
N LYS A 2124 -33.60 25.28 50.39
CA LYS A 2124 -33.68 24.06 49.59
C LYS A 2124 -34.29 24.37 48.21
N ASP A 2125 -35.33 25.19 48.18
CA ASP A 2125 -35.97 25.51 46.92
C ASP A 2125 -35.03 26.26 45.98
N TRP A 2126 -34.12 27.06 46.54
CA TRP A 2126 -33.13 27.73 45.70
C TRP A 2126 -32.15 26.72 45.11
N TYR A 2127 -31.70 25.75 45.91
CA TYR A 2127 -30.79 24.73 45.41
C TYR A 2127 -31.43 23.94 44.28
N VAL A 2128 -32.69 23.52 44.48
CA VAL A 2128 -33.38 22.72 43.47
C VAL A 2128 -33.48 23.49 42.16
N HIS A 2129 -33.80 24.79 42.25
CA HIS A 2129 -33.90 25.61 41.06
C HIS A 2129 -32.54 25.75 40.38
N LEU A 2130 -31.47 25.88 41.15
CA LEU A 2130 -30.14 26.07 40.57
C LEU A 2130 -29.69 24.84 39.81
N VAL A 2131 -29.78 23.66 40.43
CA VAL A 2131 -29.43 22.43 39.74
C VAL A 2131 -30.38 22.18 38.58
N LYS A 2132 -31.63 22.64 38.71
CA LYS A 2132 -32.58 22.56 37.61
C LYS A 2132 -32.09 23.33 36.40
N SER A 2133 -31.37 24.43 36.60
CA SER A 2133 -30.82 25.18 35.48
C SER A 2133 -29.71 24.42 34.77
N GLN A 2134 -28.95 23.62 35.49
CA GLN A 2134 -27.81 22.91 34.91
C GLN A 2134 -28.13 21.48 34.50
N CYS A 2135 -28.99 20.78 35.25
CA CYS A 2135 -29.27 19.38 34.97
C CYS A 2135 -30.50 19.17 34.12
N TRP A 2136 -31.20 20.23 33.72
CA TRP A 2136 -32.31 20.14 32.78
C TRP A 2136 -31.91 20.92 31.53
N THR A 2137 -31.17 20.25 30.65
CA THR A 2137 -30.63 20.86 29.45
C THR A 2137 -30.15 19.74 28.52
N ARG A 2138 -29.45 20.10 27.46
CA ARG A 2138 -28.87 19.15 26.53
C ARG A 2138 -27.35 19.27 26.46
N SER A 2139 -26.74 19.90 27.46
CA SER A 2139 -25.29 20.10 27.48
C SER A 2139 -24.61 18.89 28.11
N ASP A 2140 -23.55 18.40 27.46
CA ASP A 2140 -22.77 17.29 27.97
C ASP A 2140 -21.38 17.71 28.43
N SER A 2141 -21.12 19.02 28.52
CA SER A 2141 -19.79 19.49 28.89
C SER A 2141 -19.44 19.10 30.32
N ALA A 2142 -20.40 19.24 31.25
CA ALA A 2142 -20.17 18.97 32.67
C ALA A 2142 -21.25 18.01 33.15
N LEU A 2143 -20.98 16.72 33.07
CA LEU A 2143 -21.86 15.69 33.59
C LEU A 2143 -21.40 15.13 34.92
N LEU A 2144 -20.08 15.03 35.12
CA LEU A 2144 -19.56 14.58 36.40
C LEU A 2144 -19.96 15.53 37.52
N GLU A 2145 -19.95 16.84 37.25
CA GLU A 2145 -20.42 17.83 38.20
C GLU A 2145 -21.94 17.85 38.31
N GLY A 2146 -22.64 17.65 37.20
CA GLY A 2146 -24.09 17.57 37.24
C GLY A 2146 -24.59 16.40 38.06
N ALA A 2147 -23.85 15.29 38.05
CA ALA A 2147 -24.20 14.14 38.87
C ALA A 2147 -24.12 14.48 40.34
N GLU A 2148 -23.10 15.23 40.75
CA GLU A 2148 -22.96 15.60 42.15
C GLU A 2148 -24.07 16.56 42.59
N LEU A 2149 -24.45 17.49 41.71
CA LEU A 2149 -25.49 18.45 42.05
C LEU A 2149 -26.82 17.75 42.29
N VAL A 2150 -27.18 16.79 41.44
CA VAL A 2150 -28.41 16.04 41.63
C VAL A 2150 -28.25 15.03 42.77
N ASN A 2151 -27.02 14.69 43.14
CA ASN A 2151 -26.79 13.77 44.23
C ASN A 2151 -27.20 14.35 45.59
N ARG A 2152 -27.29 15.68 45.70
CA ARG A 2152 -27.50 16.30 47.00
C ARG A 2152 -28.93 16.71 47.27
N ILE A 2153 -29.81 16.70 46.27
CA ILE A 2153 -31.21 17.03 46.50
C ILE A 2153 -31.82 15.92 47.35
N PRO A 2154 -32.91 16.18 48.07
CA PRO A 2154 -33.46 15.14 48.96
C PRO A 2154 -33.84 13.89 48.19
N ALA A 2155 -33.66 12.74 48.86
CA ALA A 2155 -33.89 11.45 48.22
C ALA A 2155 -35.33 11.33 47.71
N GLU A 2156 -36.29 11.85 48.49
CA GLU A 2156 -37.69 11.77 48.08
C GLU A 2156 -37.95 12.53 46.79
N ASP A 2157 -37.22 13.61 46.54
CA ASP A 2157 -37.40 14.40 45.33
C ASP A 2157 -36.56 13.91 44.16
N MET A 2158 -35.68 12.93 44.37
CA MET A 2158 -34.82 12.46 43.29
C MET A 2158 -35.63 11.80 42.18
N ASN A 2159 -36.62 10.99 42.55
CA ASN A 2159 -37.38 10.24 41.55
C ASN A 2159 -38.13 11.18 40.61
N ALA A 2160 -38.86 12.14 41.18
CA ALA A 2160 -39.60 13.08 40.34
C ALA A 2160 -38.66 13.96 39.53
N PHE A 2161 -37.43 14.14 39.99
CA PHE A 2161 -36.46 14.95 39.26
C PHE A 2161 -36.05 14.28 37.96
N MET A 2162 -35.75 12.99 38.01
CA MET A 2162 -35.28 12.28 36.82
C MET A 2162 -36.43 11.82 35.92
N MET A 2163 -37.53 11.35 36.52
CA MET A 2163 -38.71 10.99 35.73
C MET A 2163 -39.24 12.15 34.92
N ASN A 2164 -39.15 13.37 35.44
CA ASN A 2164 -39.70 14.52 34.73
C ASN A 2164 -38.96 14.73 33.42
N SER A 2165 -39.70 15.11 32.40
CA SER A 2165 -39.11 15.34 31.09
C SER A 2165 -38.16 16.54 31.14
N GLU A 2166 -37.49 16.78 30.01
CA GLU A 2166 -36.47 17.82 29.89
C GLU A 2166 -35.31 17.61 30.85
N PHE A 2167 -35.17 16.39 31.39
CA PHE A 2167 -34.03 16.03 32.22
C PHE A 2167 -32.97 15.39 31.33
N ASN A 2168 -31.74 15.84 31.48
CA ASN A 2168 -30.66 15.32 30.63
C ASN A 2168 -30.46 13.84 30.86
N LEU A 2169 -30.84 13.02 29.88
CA LEU A 2169 -30.66 11.58 29.99
C LEU A 2169 -29.19 11.19 29.96
N SER A 2170 -28.32 12.07 29.46
CA SER A 2170 -26.89 11.82 29.50
C SER A 2170 -26.35 11.80 30.93
N LEU A 2171 -27.11 12.31 31.90
CA LEU A 2171 -26.68 12.31 33.28
C LEU A 2171 -26.89 10.96 33.96
N LEU A 2172 -27.68 10.07 33.37
CA LEU A 2172 -28.01 8.81 34.01
C LEU A 2172 -26.77 7.95 34.23
N ALA A 2173 -25.90 7.88 33.23
CA ALA A 2173 -24.66 7.12 33.39
C ALA A 2173 -23.76 7.70 34.47
N PRO A 2174 -23.48 9.01 34.52
CA PRO A 2174 -22.76 9.54 35.70
C PRO A 2174 -23.51 9.34 36.99
N CYS A 2175 -24.86 9.43 36.97
CA CYS A 2175 -25.62 9.24 38.20
C CYS A 2175 -25.45 7.83 38.74
N LEU A 2176 -25.51 6.82 37.86
CA LEU A 2176 -25.30 5.45 38.30
C LEU A 2176 -23.84 5.22 38.69
N SER A 2177 -22.91 5.82 37.94
CA SER A 2177 -21.48 5.63 38.23
C SER A 2177 -21.12 6.22 39.58
N LEU A 2178 -21.61 7.42 39.88
CA LEU A 2178 -21.30 8.05 41.16
C LEU A 2178 -22.05 7.36 42.31
N GLY A 2179 -23.31 7.02 42.09
CA GLY A 2179 -24.07 6.34 43.13
C GLY A 2179 -23.48 5.00 43.50
N MET A 2180 -22.96 4.28 42.51
CA MET A 2180 -22.33 2.99 42.79
C MET A 2180 -21.02 3.18 43.56
N SER A 2181 -20.32 4.29 43.31
CA SER A 2181 -19.03 4.52 43.95
C SER A 2181 -19.16 4.59 45.47
N GLU A 2182 -20.30 5.04 45.98
CA GLU A 2182 -20.53 5.06 47.42
C GLU A 2182 -21.29 3.83 47.92
N ILE A 2183 -21.96 3.09 47.04
CA ILE A 2183 -22.38 1.74 47.41
C ILE A 2183 -21.16 0.86 47.66
N SER A 2184 -20.15 0.97 46.80
CA SER A 2184 -18.91 0.23 47.00
C SER A 2184 -18.24 0.60 48.32
N GLY A 2185 -18.51 1.79 48.85
CA GLY A 2185 -18.05 2.16 50.17
C GLY A 2185 -18.89 1.64 51.32
N GLY A 2186 -20.00 0.99 51.01
CA GLY A 2186 -20.86 0.40 52.03
C GLY A 2186 -22.14 1.17 52.31
N GLN A 2187 -22.25 2.41 51.87
CA GLN A 2187 -23.44 3.20 52.15
C GLN A 2187 -24.58 2.80 51.22
N LYS A 2188 -25.78 3.31 51.55
CA LYS A 2188 -26.95 3.14 50.72
C LYS A 2188 -27.11 4.38 49.85
N SER A 2189 -27.10 4.19 48.53
CA SER A 2189 -27.14 5.28 47.58
C SER A 2189 -28.59 5.61 47.24
N ALA A 2190 -29.06 6.78 47.70
CA ALA A 2190 -30.32 7.29 47.19
C ALA A 2190 -30.23 7.61 45.71
N LEU A 2191 -29.06 8.04 45.25
CA LEU A 2191 -28.89 8.39 43.84
C LEU A 2191 -28.95 7.15 42.95
N PHE A 2192 -28.18 6.11 43.30
CA PHE A 2192 -28.13 4.92 42.46
C PHE A 2192 -29.47 4.23 42.38
N GLU A 2193 -30.15 4.07 43.53
CA GLU A 2193 -31.46 3.43 43.53
C GLU A 2193 -32.47 4.26 42.77
N ALA A 2194 -32.42 5.59 42.91
CA ALA A 2194 -33.31 6.44 42.14
C ALA A 2194 -32.93 6.49 40.67
N ALA A 2195 -31.67 6.19 40.33
CA ALA A 2195 -31.23 6.24 38.93
C ALA A 2195 -31.55 4.96 38.19
N ARG A 2196 -31.30 3.80 38.81
CA ARG A 2196 -31.57 2.54 38.14
C ARG A 2196 -33.07 2.35 37.91
N GLU A 2197 -33.90 2.83 38.84
CA GLU A 2197 -35.34 2.80 38.62
C GLU A 2197 -35.78 3.80 37.57
N VAL A 2198 -34.91 4.72 37.16
CA VAL A 2198 -35.20 5.60 36.05
C VAL A 2198 -34.74 4.99 34.73
N THR A 2199 -33.56 4.36 34.73
CA THR A 2199 -33.05 3.73 33.52
C THR A 2199 -33.98 2.63 33.05
N LEU A 2200 -34.42 1.76 33.96
CA LEU A 2200 -35.32 0.68 33.57
C LEU A 2200 -36.70 1.22 33.20
N ALA A 2201 -37.13 2.31 33.84
CA ALA A 2201 -38.39 2.93 33.46
C ALA A 2201 -38.35 3.46 32.04
N ARG A 2202 -37.23 4.08 31.66
CA ARG A 2202 -37.09 4.58 30.30
C ARG A 2202 -36.86 3.45 29.31
N VAL A 2203 -36.10 2.43 29.72
CA VAL A 2203 -35.86 1.28 28.84
C VAL A 2203 -37.19 0.58 28.52
N SER A 2204 -38.02 0.39 29.54
CA SER A 2204 -39.35 -0.14 29.30
C SER A 2204 -40.20 0.82 28.47
N GLY A 2205 -40.04 2.12 28.71
CA GLY A 2205 -40.85 3.10 28.01
C GLY A 2205 -40.61 3.11 26.51
N THR A 2206 -39.35 3.00 26.09
CA THR A 2206 -39.03 2.98 24.67
C THR A 2206 -39.29 1.63 24.01
N VAL A 2207 -39.52 0.58 24.80
CA VAL A 2207 -39.90 -0.70 24.21
C VAL A 2207 -41.36 -0.70 23.82
N GLN A 2208 -42.21 0.04 24.55
CA GLN A 2208 -43.62 0.12 24.19
C GLN A 2208 -43.84 0.71 22.81
N GLN A 2209 -42.90 1.52 22.32
CA GLN A 2209 -43.01 2.11 21.00
C GLN A 2209 -42.54 1.20 19.88
N LEU A 2210 -41.91 0.07 20.22
CA LEU A 2210 -41.49 -0.88 19.22
C LEU A 2210 -42.71 -1.61 18.64
N PRO A 2211 -42.58 -2.16 17.43
CA PRO A 2211 -43.68 -2.97 16.88
C PRO A 2211 -43.98 -4.17 17.76
N ALA A 2212 -45.26 -4.54 17.79
CA ALA A 2212 -45.68 -5.66 18.63
C ALA A 2212 -45.06 -6.98 18.18
N VAL A 2213 -44.87 -7.15 16.88
CA VAL A 2213 -44.24 -8.34 16.31
C VAL A 2213 -42.88 -7.95 15.76
N HIS A 2214 -41.85 -8.70 16.13
CA HIS A 2214 -40.48 -8.40 15.73
C HIS A 2214 -40.05 -9.33 14.61
N HIS A 2215 -39.48 -8.75 13.55
CA HIS A 2215 -38.93 -9.49 12.43
C HIS A 2215 -37.42 -9.34 12.42
N VAL A 2216 -36.74 -10.33 11.84
CA VAL A 2216 -35.29 -10.28 11.77
C VAL A 2216 -34.85 -9.10 10.92
N PHE A 2217 -33.99 -8.27 11.49
CA PHE A 2217 -33.54 -7.07 10.78
C PHE A 2217 -32.64 -7.47 9.62
N GLN A 2218 -33.12 -7.21 8.40
CA GLN A 2218 -32.37 -7.55 7.20
C GLN A 2218 -31.67 -6.30 6.70
N PRO A 2219 -30.34 -6.21 6.82
CA PRO A 2219 -29.64 -5.00 6.35
C PRO A 2219 -29.78 -4.75 4.86
N GLU A 2220 -29.91 -5.81 4.05
CA GLU A 2220 -29.87 -5.63 2.60
C GLU A 2220 -31.16 -5.02 2.08
N LEU A 2221 -32.28 -5.73 2.24
CA LEU A 2221 -33.58 -5.27 1.76
C LEU A 2221 -34.61 -5.43 2.86
N PRO A 2222 -34.71 -4.45 3.77
CA PRO A 2222 -35.78 -4.48 4.78
C PRO A 2222 -37.08 -3.88 4.24
N ALA A 2223 -37.67 -4.57 3.27
CA ALA A 2223 -38.87 -4.06 2.62
C ALA A 2223 -39.92 -5.12 2.27
N GLU A 2224 -39.72 -6.39 2.64
CA GLU A 2224 -40.72 -7.40 2.29
C GLU A 2224 -42.00 -7.20 3.08
N PRO A 2225 -42.00 -7.09 4.41
CA PRO A 2225 -43.15 -6.51 5.09
C PRO A 2225 -43.22 -5.01 4.80
N ALA A 2226 -44.44 -4.49 4.83
CA ALA A 2226 -44.66 -3.08 4.51
C ALA A 2226 -44.90 -2.24 5.77
N ALA A 2227 -45.89 -2.62 6.58
CA ALA A 2227 -46.21 -1.84 7.76
C ALA A 2227 -45.09 -1.88 8.78
N TYR A 2228 -44.47 -3.05 8.96
CA TYR A 2228 -43.46 -3.21 10.01
C TYR A 2228 -42.23 -2.35 9.71
N TRP A 2229 -41.69 -2.46 8.50
CA TRP A 2229 -40.48 -1.71 8.17
C TRP A 2229 -40.76 -0.21 8.11
N SER A 2230 -41.93 0.17 7.59
CA SER A 2230 -42.33 1.57 7.66
C SER A 2230 -42.53 2.03 9.09
N LYS A 2231 -42.83 1.11 10.01
CA LYS A 2231 -42.97 1.46 11.42
C LYS A 2231 -41.62 1.69 12.09
N LEU A 2232 -40.55 1.16 11.51
CA LEU A 2232 -39.21 1.38 12.06
C LEU A 2232 -38.55 2.61 11.42
N ASN A 2233 -38.83 2.85 10.14
CA ASN A 2233 -38.19 3.97 9.44
C ASN A 2233 -38.59 5.31 10.06
N ASP A 2234 -39.85 5.44 10.45
CA ASP A 2234 -40.28 6.64 11.17
C ASP A 2234 -39.98 6.57 12.65
N LEU A 2235 -39.47 5.45 13.13
CA LEU A 2235 -39.03 5.31 14.52
C LEU A 2235 -37.53 5.53 14.66
N PHE A 2236 -36.72 4.78 13.91
CA PHE A 2236 -35.28 4.99 13.89
C PHE A 2236 -34.89 6.25 13.15
N GLY A 2237 -35.78 6.82 12.34
CA GLY A 2237 -35.53 8.07 11.65
C GLY A 2237 -35.88 9.31 12.41
N ASP A 2238 -36.37 9.19 13.64
CA ASP A 2238 -36.73 10.32 14.47
C ASP A 2238 -35.52 10.72 15.30
N ALA A 2239 -35.10 11.98 15.17
CA ALA A 2239 -33.96 12.46 15.94
C ALA A 2239 -34.24 12.41 17.43
N ALA A 2240 -35.44 12.79 17.85
CA ALA A 2240 -35.79 12.73 19.26
C ALA A 2240 -35.78 11.30 19.78
N LEU A 2241 -36.04 10.33 18.92
CA LEU A 2241 -36.05 8.92 19.32
C LEU A 2241 -34.68 8.27 19.15
N TYR A 2242 -34.07 8.45 17.97
CA TYR A 2242 -32.80 7.78 17.71
C TYR A 2242 -31.72 8.26 18.67
N GLN A 2243 -31.66 9.57 18.93
CA GLN A 2243 -30.66 10.09 19.86
C GLN A 2243 -30.91 9.56 21.27
N SER A 2244 -32.17 9.31 21.61
CA SER A 2244 -32.50 8.82 22.95
C SER A 2244 -32.00 7.41 23.19
N LEU A 2245 -31.71 6.64 22.12
CA LEU A 2245 -31.35 5.24 22.33
C LEU A 2245 -29.92 5.07 22.85
N PRO A 2246 -28.88 5.54 22.16
CA PRO A 2246 -27.53 5.38 22.72
C PRO A 2246 -27.32 6.12 24.03
N THR A 2247 -27.95 7.28 24.19
CA THR A 2247 -27.85 8.00 25.45
C THR A 2247 -28.57 7.27 26.58
N LEU A 2248 -29.44 6.33 26.25
CA LEU A 2248 -30.04 5.45 27.23
C LEU A 2248 -29.31 4.12 27.33
N ALA A 2249 -28.70 3.67 26.24
CA ALA A 2249 -27.87 2.46 26.29
C ALA A 2249 -26.63 2.67 27.15
N ARG A 2250 -26.08 3.89 27.16
CA ARG A 2250 -24.97 4.19 28.04
C ARG A 2250 -25.38 4.04 29.50
N ALA A 2251 -26.59 4.49 29.83
CA ALA A 2251 -27.09 4.32 31.19
C ALA A 2251 -27.27 2.85 31.54
N LEU A 2252 -27.87 2.08 30.63
CA LEU A 2252 -28.09 0.67 30.88
C LEU A 2252 -26.77 -0.09 30.97
N ALA A 2253 -25.81 0.25 30.10
CA ALA A 2253 -24.50 -0.41 30.14
C ALA A 2253 -23.80 -0.16 31.46
N GLN A 2254 -23.88 1.09 31.97
CA GLN A 2254 -23.29 1.39 33.27
C GLN A 2254 -23.98 0.61 34.38
N TYR A 2255 -25.28 0.38 34.26
CA TYR A 2255 -26.00 -0.38 35.27
C TYR A 2255 -25.65 -1.86 35.21
N LEU A 2256 -25.61 -2.43 34.01
CA LEU A 2256 -25.39 -3.87 33.88
C LEU A 2256 -23.97 -4.27 34.24
N VAL A 2257 -22.99 -3.39 34.00
CA VAL A 2257 -21.60 -3.73 34.27
C VAL A 2257 -21.33 -3.85 35.76
N VAL A 2258 -22.20 -3.32 36.60
CA VAL A 2258 -22.03 -3.39 38.05
C VAL A 2258 -23.09 -4.23 38.73
N VAL A 2259 -24.10 -4.73 38.01
CA VAL A 2259 -25.18 -5.48 38.65
C VAL A 2259 -24.69 -6.81 39.20
N SER A 2260 -23.50 -7.25 38.81
CA SER A 2260 -22.96 -8.51 39.33
C SER A 2260 -22.48 -8.39 40.77
N LYS A 2261 -22.20 -7.17 41.24
CA LYS A 2261 -21.68 -6.96 42.59
C LYS A 2261 -22.56 -6.00 43.38
N LEU A 2262 -23.85 -5.95 43.05
CA LEU A 2262 -24.83 -5.14 43.74
C LEU A 2262 -25.54 -5.94 44.81
N PRO A 2263 -26.16 -5.29 45.79
CA PRO A 2263 -26.99 -6.02 46.75
C PRO A 2263 -28.18 -6.68 46.07
N SER A 2264 -28.84 -7.56 46.82
CA SER A 2264 -29.88 -8.41 46.24
C SER A 2264 -31.05 -7.59 45.70
N HIS A 2265 -31.48 -6.57 46.45
CA HIS A 2265 -32.65 -5.81 46.05
C HIS A 2265 -32.40 -4.93 44.83
N LEU A 2266 -31.14 -4.70 44.46
CA LEU A 2266 -30.81 -3.91 43.29
C LEU A 2266 -30.47 -4.76 42.07
N HIS A 2267 -30.64 -6.07 42.16
CA HIS A 2267 -30.37 -6.95 41.02
C HIS A 2267 -31.43 -6.71 39.93
N LEU A 2268 -31.25 -7.41 38.82
CA LEU A 2268 -32.14 -7.23 37.67
C LEU A 2268 -33.51 -7.81 37.96
N PRO A 2269 -34.58 -7.03 37.90
CA PRO A 2269 -35.93 -7.58 38.11
C PRO A 2269 -36.29 -8.56 37.01
N PRO A 2270 -36.79 -9.74 37.36
CA PRO A 2270 -37.15 -10.73 36.33
C PRO A 2270 -38.24 -10.23 35.38
N GLU A 2271 -39.16 -9.40 35.85
CA GLU A 2271 -40.25 -8.92 35.01
C GLU A 2271 -39.78 -7.93 33.95
N LYS A 2272 -38.59 -7.36 34.09
CA LYS A 2272 -38.04 -6.42 33.12
C LYS A 2272 -36.91 -7.00 32.30
N GLU A 2273 -36.72 -8.32 32.36
CA GLU A 2273 -35.65 -8.95 31.60
C GLU A 2273 -36.00 -9.01 30.11
N LYS A 2274 -37.25 -9.32 29.78
CA LYS A 2274 -37.65 -9.38 28.38
C LYS A 2274 -37.57 -8.01 27.72
N ASP A 2275 -37.99 -6.96 28.43
CA ASP A 2275 -37.96 -5.62 27.85
C ASP A 2275 -36.53 -5.17 27.60
N ILE A 2276 -35.61 -5.53 28.49
CA ILE A 2276 -34.20 -5.16 28.29
C ILE A 2276 -33.64 -5.81 27.04
N VAL A 2277 -33.94 -7.10 26.84
CA VAL A 2277 -33.46 -7.80 25.65
C VAL A 2277 -34.03 -7.17 24.39
N LYS A 2278 -35.32 -6.83 24.40
CA LYS A 2278 -35.91 -6.15 23.25
C LYS A 2278 -35.25 -4.80 23.02
N PHE A 2279 -34.98 -4.06 24.10
CA PHE A 2279 -34.32 -2.76 23.96
C PHE A 2279 -32.91 -2.91 23.40
N VAL A 2280 -32.17 -3.92 23.87
CA VAL A 2280 -30.80 -4.12 23.41
C VAL A 2280 -30.79 -4.41 21.91
N VAL A 2281 -31.69 -5.26 21.44
CA VAL A 2281 -31.79 -5.54 20.02
C VAL A 2281 -32.21 -4.29 19.26
N ALA A 2282 -33.15 -3.53 19.80
CA ALA A 2282 -33.60 -2.32 19.12
C ALA A 2282 -32.48 -1.31 18.96
N THR A 2283 -31.65 -1.15 19.99
CA THR A 2283 -30.54 -0.20 19.91
C THR A 2283 -29.56 -0.61 18.82
N LEU A 2284 -29.23 -1.90 18.75
CA LEU A 2284 -28.34 -2.37 17.69
C LEU A 2284 -28.99 -2.25 16.33
N GLU A 2285 -30.30 -2.47 16.25
CA GLU A 2285 -31.01 -2.26 15.00
C GLU A 2285 -30.99 -0.79 14.60
N ALA A 2286 -31.15 0.11 15.58
CA ALA A 2286 -31.11 1.54 15.28
C ALA A 2286 -29.74 1.96 14.75
N LEU A 2287 -28.67 1.43 15.34
CA LEU A 2287 -27.33 1.78 14.87
C LEU A 2287 -27.12 1.29 13.44
N SER A 2288 -27.57 0.07 13.14
CA SER A 2288 -27.49 -0.44 11.77
C SER A 2288 -28.37 0.37 10.82
N TRP A 2289 -29.59 0.72 11.26
CA TRP A 2289 -30.47 1.52 10.43
C TRP A 2289 -29.87 2.90 10.17
N HIS A 2290 -29.28 3.51 11.21
CA HIS A 2290 -28.63 4.80 11.03
C HIS A 2290 -27.40 4.66 10.13
N LEU A 2291 -26.67 3.55 10.26
CA LEU A 2291 -25.53 3.32 9.38
C LEU A 2291 -25.96 3.13 7.94
N ILE A 2292 -27.07 2.41 7.73
CA ILE A 2292 -27.55 2.16 6.38
C ILE A 2292 -27.96 3.45 5.69
N HIS A 2293 -28.68 4.31 6.40
CA HIS A 2293 -29.33 5.47 5.78
C HIS A 2293 -28.42 6.69 5.73
N GLU A 2294 -27.98 7.19 6.88
CA GLU A 2294 -27.27 8.48 6.91
C GLU A 2294 -25.76 8.29 6.82
N GLN A 2295 -25.16 7.64 7.82
CA GLN A 2295 -23.72 7.51 7.92
C GLN A 2295 -23.38 6.67 9.14
N ILE A 2296 -22.08 6.46 9.39
CA ILE A 2296 -21.70 5.72 10.60
C ILE A 2296 -22.13 6.51 11.83
N PRO A 2297 -22.69 5.87 12.86
CA PRO A 2297 -23.10 6.62 14.06
C PRO A 2297 -21.90 7.10 14.84
N LEU A 2298 -22.18 7.93 15.84
CA LEU A 2298 -21.13 8.44 16.71
C LEU A 2298 -20.45 7.29 17.44
N SER A 2299 -19.14 7.44 17.68
CA SER A 2299 -18.39 6.39 18.36
C SER A 2299 -18.95 6.14 19.75
N LEU A 2300 -19.35 7.21 20.45
CA LEU A 2300 -20.03 7.05 21.73
C LEU A 2300 -21.40 6.39 21.60
N ASP A 2301 -21.96 6.34 20.40
CA ASP A 2301 -23.22 5.65 20.16
C ASP A 2301 -23.00 4.20 19.75
N LEU A 2302 -21.98 3.93 18.93
CA LEU A 2302 -21.62 2.56 18.62
C LEU A 2302 -21.22 1.81 19.88
N GLN A 2303 -20.41 2.44 20.72
CA GLN A 2303 -19.99 1.80 21.96
C GLN A 2303 -21.17 1.55 22.88
N ALA A 2304 -22.07 2.53 23.01
CA ALA A 2304 -23.22 2.37 23.90
C ALA A 2304 -24.12 1.23 23.45
N GLY A 2305 -24.38 1.14 22.14
CA GLY A 2305 -25.20 0.06 21.63
C GLY A 2305 -24.56 -1.31 21.80
N LEU A 2306 -23.26 -1.40 21.50
CA LEU A 2306 -22.57 -2.68 21.62
C LEU A 2306 -22.26 -3.04 23.06
N ASP A 2307 -22.10 -2.04 23.93
CA ASP A 2307 -21.88 -2.33 25.35
C ASP A 2307 -23.08 -3.04 25.96
N CYS A 2308 -24.28 -2.58 25.62
CA CYS A 2308 -25.49 -3.24 26.13
C CYS A 2308 -25.57 -4.68 25.64
N CYS A 2309 -25.27 -4.91 24.37
CA CYS A 2309 -25.31 -6.26 23.82
C CYS A 2309 -24.26 -7.15 24.48
N CYS A 2310 -23.06 -6.60 24.69
CA CYS A 2310 -22.00 -7.39 25.33
C CYS A 2310 -22.36 -7.77 26.75
N LEU A 2311 -22.92 -6.84 27.52
CA LEU A 2311 -23.23 -7.11 28.92
C LEU A 2311 -24.50 -7.95 29.05
N ALA A 2312 -25.51 -7.69 28.22
CA ALA A 2312 -26.76 -8.45 28.33
C ALA A 2312 -26.54 -9.92 28.09
N LEU A 2313 -25.71 -10.27 27.10
CA LEU A 2313 -25.42 -11.67 26.84
C LEU A 2313 -24.54 -12.30 27.91
N GLN A 2314 -23.98 -11.51 28.83
CA GLN A 2314 -23.20 -12.04 29.93
C GLN A 2314 -24.03 -12.33 31.17
N LEU A 2315 -25.15 -11.65 31.35
CA LEU A 2315 -26.01 -11.89 32.50
C LEU A 2315 -26.80 -13.17 32.29
N PRO A 2316 -26.71 -14.15 33.21
CA PRO A 2316 -27.50 -15.37 33.04
C PRO A 2316 -28.99 -15.12 32.96
N GLY A 2317 -29.50 -14.11 33.64
CA GLY A 2317 -30.92 -13.79 33.56
C GLY A 2317 -31.34 -13.37 32.16
N LEU A 2318 -30.52 -12.54 31.51
CA LEU A 2318 -30.82 -12.06 30.17
C LEU A 2318 -30.42 -13.04 29.09
N TRP A 2319 -29.36 -13.82 29.29
CA TRP A 2319 -28.95 -14.80 28.30
C TRP A 2319 -30.02 -15.89 28.14
N SER A 2320 -30.62 -16.32 29.25
CA SER A 2320 -31.66 -17.34 29.17
C SER A 2320 -32.92 -16.81 28.47
N VAL A 2321 -33.08 -15.50 28.38
CA VAL A 2321 -34.21 -14.92 27.66
C VAL A 2321 -33.96 -14.90 26.17
N VAL A 2322 -32.77 -14.44 25.75
CA VAL A 2322 -32.47 -14.40 24.33
C VAL A 2322 -32.24 -15.79 23.77
N SER A 2323 -31.87 -16.75 24.63
CA SER A 2323 -31.68 -18.12 24.17
C SER A 2323 -32.98 -18.87 23.94
N SER A 2324 -34.08 -18.36 24.49
CA SER A 2324 -35.36 -19.05 24.36
C SER A 2324 -35.86 -18.99 22.92
N THR A 2325 -36.67 -19.99 22.56
CA THR A 2325 -37.21 -20.06 21.20
C THR A 2325 -38.13 -18.88 20.90
N GLU A 2326 -38.74 -18.30 21.92
CA GLU A 2326 -39.60 -17.13 21.72
C GLU A 2326 -38.84 -15.95 21.16
N PHE A 2327 -37.55 -15.82 21.48
CA PHE A 2327 -36.74 -14.69 21.05
C PHE A 2327 -35.74 -15.09 19.96
N VAL A 2328 -36.12 -16.02 19.09
CA VAL A 2328 -35.21 -16.47 18.04
C VAL A 2328 -34.99 -15.36 17.02
N THR A 2329 -36.04 -14.58 16.72
CA THR A 2329 -35.89 -13.46 15.82
C THR A 2329 -34.95 -12.40 16.39
N HIS A 2330 -35.09 -12.11 17.68
CA HIS A 2330 -34.21 -11.14 18.32
C HIS A 2330 -32.77 -11.63 18.31
N ALA A 2331 -32.55 -12.91 18.59
CA ALA A 2331 -31.20 -13.47 18.54
C ALA A 2331 -30.64 -13.40 17.12
N CYS A 2332 -31.48 -13.63 16.12
CA CYS A 2332 -31.03 -13.52 14.73
C CYS A 2332 -30.73 -12.06 14.37
N SER A 2333 -31.53 -11.12 14.90
CA SER A 2333 -31.28 -9.71 14.63
C SER A 2333 -29.93 -9.27 15.21
N LEU A 2334 -29.59 -9.75 16.41
CA LEU A 2334 -28.30 -9.43 16.99
C LEU A 2334 -27.16 -9.96 16.12
N ILE A 2335 -27.31 -11.18 15.61
CA ILE A 2335 -26.29 -11.75 14.73
C ILE A 2335 -26.18 -10.93 13.46
N TYR A 2336 -27.32 -10.54 12.88
CA TYR A 2336 -27.31 -9.75 11.66
C TYR A 2336 -26.67 -8.38 11.88
N CYS A 2337 -27.12 -7.67 12.92
CA CYS A 2337 -26.63 -6.33 13.15
C CYS A 2337 -25.14 -6.31 13.51
N VAL A 2338 -24.71 -7.27 14.33
CA VAL A 2338 -23.29 -7.34 14.71
C VAL A 2338 -22.43 -7.66 13.49
N HIS A 2339 -22.87 -8.64 12.69
CA HIS A 2339 -22.14 -8.96 11.47
C HIS A 2339 -22.14 -7.79 10.50
N PHE A 2340 -23.28 -7.11 10.37
CA PHE A 2340 -23.36 -5.94 9.50
C PHE A 2340 -22.41 -4.85 9.96
N ILE A 2341 -22.42 -4.53 11.25
CA ILE A 2341 -21.57 -3.46 11.77
C ILE A 2341 -20.11 -3.82 11.61
N LEU A 2342 -19.75 -5.08 11.91
CA LEU A 2342 -18.35 -5.49 11.80
C LEU A 2342 -17.86 -5.36 10.36
N GLU A 2343 -18.67 -5.78 9.39
CA GLU A 2343 -18.26 -5.66 8.00
C GLU A 2343 -18.27 -4.21 7.55
N ALA A 2344 -19.26 -3.43 7.98
CA ALA A 2344 -19.34 -2.03 7.58
C ALA A 2344 -18.18 -1.20 8.12
N VAL A 2345 -17.43 -1.74 9.08
CA VAL A 2345 -16.31 -1.01 9.67
C VAL A 2345 -14.96 -1.62 9.31
N ALA A 2346 -14.88 -2.92 9.10
CA ALA A 2346 -13.59 -3.60 8.95
C ALA A 2346 -13.24 -3.97 7.51
N VAL A 2347 -14.22 -4.32 6.68
CA VAL A 2347 -13.96 -4.85 5.35
C VAL A 2347 -14.35 -3.82 4.31
N GLN A 2348 -13.45 -3.57 3.37
CA GLN A 2348 -13.68 -2.64 2.28
C GLN A 2348 -14.49 -3.30 1.17
N PRO A 2349 -15.15 -2.52 0.31
CA PRO A 2349 -15.88 -3.10 -0.81
C PRO A 2349 -14.95 -3.91 -1.70
N GLY A 2350 -15.47 -5.03 -2.20
CA GLY A 2350 -14.65 -5.94 -2.98
C GLY A 2350 -13.67 -6.75 -2.17
N GLU A 2351 -13.91 -6.91 -0.88
CA GLU A 2351 -13.05 -7.68 0.00
C GLU A 2351 -13.89 -8.59 0.87
N GLN A 2352 -13.30 -9.71 1.29
CA GLN A 2352 -13.98 -10.67 2.14
C GLN A 2352 -13.56 -10.48 3.59
N LEU A 2353 -14.46 -10.81 4.51
CA LEU A 2353 -14.12 -10.77 5.92
C LEU A 2353 -13.03 -11.78 6.24
N LEU A 2354 -13.11 -12.97 5.66
CA LEU A 2354 -12.12 -14.02 5.83
C LEU A 2354 -11.42 -14.22 4.49
N SER A 2355 -10.32 -13.50 4.30
CA SER A 2355 -9.56 -13.62 3.06
C SER A 2355 -8.80 -14.92 3.04
N PRO A 2356 -9.03 -15.80 2.04
CA PRO A 2356 -8.32 -17.08 1.94
C PRO A 2356 -6.90 -16.92 1.43
N GLN A 2378 -36.52 -25.95 4.87
CA GLN A 2378 -37.47 -26.22 5.95
C GLN A 2378 -37.63 -25.00 6.84
N ASN A 2379 -36.62 -24.76 7.67
CA ASN A 2379 -36.61 -23.59 8.53
C ASN A 2379 -36.41 -22.33 7.70
N PRO A 2380 -36.82 -21.16 8.22
CA PRO A 2380 -36.64 -19.91 7.46
C PRO A 2380 -35.19 -19.67 7.05
N LYS A 2381 -35.00 -18.90 5.98
CA LYS A 2381 -33.67 -18.73 5.41
C LYS A 2381 -32.73 -18.00 6.36
N TYR A 2382 -33.26 -17.08 7.17
CA TYR A 2382 -32.38 -16.32 8.06
C TYR A 2382 -31.75 -17.21 9.13
N ILE A 2383 -32.39 -18.32 9.48
CA ILE A 2383 -31.83 -19.23 10.48
C ILE A 2383 -30.52 -19.82 9.97
N THR A 2384 -30.52 -20.30 8.73
CA THR A 2384 -29.29 -20.82 8.15
C THR A 2384 -28.29 -19.70 7.89
N ALA A 2385 -28.78 -18.52 7.49
CA ALA A 2385 -27.89 -17.38 7.27
C ALA A 2385 -27.24 -16.95 8.58
N ALA A 2386 -28.01 -16.90 9.67
CA ALA A 2386 -27.46 -16.53 10.96
C ALA A 2386 -26.40 -17.54 11.41
N CYS A 2387 -26.63 -18.82 11.15
CA CYS A 2387 -25.63 -19.83 11.48
C CYS A 2387 -24.34 -19.59 10.68
N GLU A 2388 -24.47 -19.23 9.41
CA GLU A 2388 -23.29 -18.96 8.59
C GLU A 2388 -22.60 -17.68 9.03
N MET A 2389 -23.36 -16.68 9.46
CA MET A 2389 -22.76 -15.42 9.91
C MET A 2389 -21.88 -15.65 11.13
N VAL A 2390 -22.40 -16.35 12.13
CA VAL A 2390 -21.63 -16.57 13.36
C VAL A 2390 -20.40 -17.40 13.08
N ALA A 2391 -20.56 -18.47 12.30
CA ALA A 2391 -19.41 -19.30 11.94
C ALA A 2391 -18.38 -18.50 11.17
N GLU A 2392 -18.81 -17.50 10.41
CA GLU A 2392 -17.88 -16.60 9.74
C GLU A 2392 -17.18 -15.70 10.74
N MET A 2393 -17.93 -15.12 11.68
CA MET A 2393 -17.35 -14.21 12.65
C MET A 2393 -16.44 -14.93 13.63
N VAL A 2394 -16.79 -16.17 13.99
CA VAL A 2394 -15.99 -16.94 14.93
C VAL A 2394 -14.59 -17.16 14.39
N GLU A 2395 -14.49 -17.50 13.09
CA GLU A 2395 -13.18 -17.63 12.47
C GLU A 2395 -12.47 -16.29 12.33
N SER A 2396 -13.23 -15.19 12.32
CA SER A 2396 -12.61 -13.87 12.21
C SER A 2396 -11.87 -13.46 13.47
N LEU A 2397 -12.17 -14.09 14.61
CA LEU A 2397 -11.45 -13.77 15.84
C LEU A 2397 -9.99 -14.18 15.76
N GLN A 2398 -9.61 -15.01 14.79
CA GLN A 2398 -8.21 -15.38 14.64
C GLN A 2398 -7.39 -14.22 14.09
N SER A 2399 -7.89 -13.57 13.04
CA SER A 2399 -7.11 -12.54 12.34
C SER A 2399 -7.75 -11.16 12.43
N VAL A 2400 -9.01 -11.01 12.02
CA VAL A 2400 -9.60 -9.68 11.88
C VAL A 2400 -9.78 -9.03 13.24
N LEU A 2401 -10.30 -9.77 14.21
CA LEU A 2401 -10.60 -9.23 15.53
C LEU A 2401 -9.57 -9.61 16.57
N ALA A 2402 -8.39 -10.06 16.14
CA ALA A 2402 -7.28 -10.27 17.07
C ALA A 2402 -6.57 -8.93 17.25
N LEU A 2403 -6.64 -8.38 18.47
CA LEU A 2403 -6.08 -7.06 18.73
C LEU A 2403 -4.60 -7.04 18.40
N GLY A 2404 -4.19 -6.05 17.61
CA GLY A 2404 -2.82 -5.91 17.18
C GLY A 2404 -2.44 -6.72 15.97
N HIS A 2405 -3.29 -7.65 15.52
CA HIS A 2405 -2.97 -8.43 14.33
C HIS A 2405 -2.95 -7.55 13.09
N LYS A 2406 -2.18 -7.99 12.09
CA LYS A 2406 -2.07 -7.21 10.86
C LYS A 2406 -3.42 -7.01 10.18
N ARG A 2407 -4.34 -7.96 10.35
CA ARG A 2407 -5.66 -7.84 9.75
C ARG A 2407 -6.59 -6.95 10.58
N ASN A 2408 -6.23 -6.63 11.81
CA ASN A 2408 -7.03 -5.78 12.67
C ASN A 2408 -6.80 -4.30 12.43
N SER A 2409 -5.88 -3.95 11.51
CA SER A 2409 -5.56 -2.55 11.29
C SER A 2409 -6.76 -1.75 10.80
N GLY A 2410 -7.77 -2.42 10.25
CA GLY A 2410 -8.97 -1.73 9.80
C GLY A 2410 -10.03 -1.51 10.85
N VAL A 2411 -9.84 -2.06 12.05
CA VAL A 2411 -10.83 -1.98 13.13
C VAL A 2411 -10.28 -1.06 14.20
N PRO A 2412 -11.02 -0.05 14.63
CA PRO A 2412 -10.56 0.78 15.76
C PRO A 2412 -10.40 -0.05 17.02
N ALA A 2413 -9.39 0.30 17.82
CA ALA A 2413 -9.05 -0.49 18.99
C ALA A 2413 -10.12 -0.47 20.07
N PHE A 2414 -11.08 0.45 20.01
CA PHE A 2414 -12.14 0.50 21.00
C PHE A 2414 -13.31 -0.41 20.65
N LEU A 2415 -13.26 -1.09 19.50
CA LEU A 2415 -14.30 -2.04 19.12
C LEU A 2415 -13.82 -3.47 19.07
N THR A 2416 -12.51 -3.71 18.96
CA THR A 2416 -11.99 -5.07 18.91
C THR A 2416 -12.33 -5.89 20.16
N PRO A 2417 -12.08 -5.41 21.39
CA PRO A 2417 -12.49 -6.21 22.55
C PRO A 2417 -13.99 -6.30 22.72
N LEU A 2418 -14.72 -5.27 22.29
CA LEU A 2418 -16.18 -5.29 22.43
C LEU A 2418 -16.81 -6.30 21.49
N LEU A 2419 -16.32 -6.39 20.26
CA LEU A 2419 -16.89 -7.32 19.29
C LEU A 2419 -16.48 -8.76 19.58
N ARG A 2420 -15.28 -8.97 20.13
CA ARG A 2420 -14.83 -10.32 20.47
C ARG A 2420 -15.75 -10.94 21.51
N ASN A 2421 -16.12 -10.17 22.54
CA ASN A 2421 -16.98 -10.70 23.58
C ASN A 2421 -18.38 -10.98 23.06
N ILE A 2422 -18.90 -10.11 22.20
CA ILE A 2422 -20.25 -10.29 21.67
C ILE A 2422 -20.32 -11.56 20.83
N ILE A 2423 -19.33 -11.78 19.96
CA ILE A 2423 -19.35 -12.93 19.07
C ILE A 2423 -19.32 -14.23 19.86
N ILE A 2424 -18.43 -14.31 20.85
CA ILE A 2424 -18.34 -15.52 21.66
C ILE A 2424 -19.65 -15.77 22.39
N SER A 2425 -20.29 -14.71 22.88
CA SER A 2425 -21.59 -14.87 23.52
C SER A 2425 -22.66 -15.30 22.53
N LEU A 2426 -22.64 -14.74 21.32
CA LEU A 2426 -23.63 -15.12 20.32
C LEU A 2426 -23.42 -16.54 19.83
N ALA A 2427 -22.15 -16.94 19.68
CA ALA A 2427 -21.84 -18.29 19.19
C ALA A 2427 -22.23 -19.37 20.17
N ARG A 2428 -22.53 -19.03 21.42
CA ARG A 2428 -22.96 -20.00 22.41
C ARG A 2428 -24.47 -20.11 22.51
N LEU A 2429 -25.20 -19.35 21.69
CA LEU A 2429 -26.65 -19.47 21.68
C LEU A 2429 -27.05 -20.87 21.20
N PRO A 2430 -28.12 -21.43 21.76
CA PRO A 2430 -28.55 -22.77 21.31
C PRO A 2430 -28.89 -22.83 19.85
N LEU A 2431 -29.30 -21.70 19.26
CA LEU A 2431 -29.66 -21.68 17.84
C LEU A 2431 -28.46 -22.02 16.96
N VAL A 2432 -27.28 -21.48 17.26
CA VAL A 2432 -26.14 -21.59 16.37
C VAL A 2432 -24.95 -22.30 17.00
N ASN A 2433 -25.01 -22.69 18.27
CA ASN A 2433 -23.84 -23.29 18.90
C ASN A 2433 -23.48 -24.63 18.28
N SER A 2434 -24.49 -25.47 18.00
CA SER A 2434 -24.23 -26.78 17.43
C SER A 2434 -23.62 -26.66 16.04
N TYR A 2435 -24.16 -25.74 15.22
CA TYR A 2435 -23.59 -25.53 13.89
C TYR A 2435 -22.18 -24.98 13.97
N THR A 2436 -21.94 -24.03 14.88
CA THR A 2436 -20.64 -23.35 14.93
C THR A 2436 -19.52 -24.29 15.32
N ARG A 2437 -19.79 -25.25 16.22
CA ARG A 2437 -18.75 -26.15 16.68
C ARG A 2437 -18.26 -27.07 15.57
N VAL A 2438 -19.02 -27.23 14.50
CA VAL A 2438 -18.62 -28.08 13.38
C VAL A 2438 -17.58 -27.33 12.55
N PRO A 2439 -16.39 -27.87 12.36
CA PRO A 2439 -15.38 -27.21 11.53
C PRO A 2439 -15.88 -27.04 10.10
N PRO A 2440 -15.56 -25.91 9.46
CA PRO A 2440 -15.96 -25.73 8.06
C PRO A 2440 -15.37 -26.78 7.12
N LEU A 2441 -14.21 -27.33 7.46
CA LEU A 2441 -13.62 -28.40 6.64
C LEU A 2441 -14.50 -29.64 6.59
N VAL A 2442 -15.37 -29.84 7.57
CA VAL A 2442 -16.30 -30.95 7.55
C VAL A 2442 -17.48 -30.68 6.62
N TRP A 2443 -17.95 -29.43 6.56
CA TRP A 2443 -19.10 -29.11 5.72
C TRP A 2443 -18.80 -29.37 4.25
N LYS A 2444 -17.61 -29.00 3.79
CA LYS A 2444 -17.26 -29.24 2.39
C LYS A 2444 -17.12 -30.74 2.10
N LEU A 2445 -16.88 -31.54 3.13
CA LEU A 2445 -16.79 -32.98 2.97
C LEU A 2445 -18.19 -33.58 2.85
N GLY A 2446 -18.25 -34.91 2.83
CA GLY A 2446 -19.52 -35.60 2.63
C GLY A 2446 -20.49 -35.49 3.79
N TRP A 2447 -20.02 -35.05 4.95
CA TRP A 2447 -20.87 -34.96 6.12
C TRP A 2447 -21.96 -33.91 5.90
N SER A 2448 -23.21 -34.34 6.01
CA SER A 2448 -24.35 -33.44 5.93
C SER A 2448 -25.57 -34.10 6.55
N PRO A 2449 -25.57 -34.37 7.85
CA PRO A 2449 -26.73 -35.01 8.47
C PRO A 2449 -27.90 -34.05 8.56
N LYS A 2450 -29.08 -34.63 8.70
CA LYS A 2450 -30.27 -33.82 8.82
C LYS A 2450 -30.31 -33.18 10.20
N PRO A 2451 -30.27 -31.85 10.31
CA PRO A 2451 -30.35 -31.21 11.62
C PRO A 2451 -31.74 -31.36 12.21
N GLY A 2452 -31.80 -31.44 13.54
CA GLY A 2452 -33.07 -31.58 14.21
C GLY A 2452 -33.04 -31.10 15.64
N GLY A 2453 -33.98 -30.23 16.00
CA GLY A 2453 -34.02 -29.69 17.33
C GLY A 2453 -35.13 -28.67 17.47
N ASP A 2454 -35.11 -27.95 18.58
CA ASP A 2454 -36.11 -26.92 18.82
C ASP A 2454 -36.03 -25.81 17.78
N PHE A 2455 -34.84 -25.57 17.23
CA PHE A 2455 -34.65 -24.59 16.18
C PHE A 2455 -34.44 -25.22 14.81
N GLY A 2456 -34.32 -26.53 14.72
CA GLY A 2456 -33.99 -27.17 13.47
C GLY A 2456 -32.53 -27.06 13.09
N THR A 2457 -31.66 -26.72 14.05
CA THR A 2457 -30.23 -26.57 13.77
C THR A 2457 -29.36 -27.25 14.83
N ALA A 2458 -29.87 -28.28 15.51
CA ALA A 2458 -29.09 -29.01 16.51
C ALA A 2458 -28.36 -30.14 15.81
N PHE A 2459 -27.28 -29.79 15.11
CA PHE A 2459 -26.51 -30.77 14.37
C PHE A 2459 -25.82 -31.73 15.34
N PRO A 2460 -25.73 -33.02 15.00
CA PRO A 2460 -25.01 -33.96 15.86
C PRO A 2460 -23.52 -33.64 15.88
N GLU A 2461 -22.86 -34.09 16.94
CA GLU A 2461 -21.43 -33.92 17.07
C GLU A 2461 -20.72 -34.73 15.98
N ILE A 2462 -19.67 -34.15 15.41
CA ILE A 2462 -19.05 -34.78 14.23
C ILE A 2462 -18.42 -36.10 14.63
N PRO A 2463 -18.45 -37.12 13.77
CA PRO A 2463 -17.82 -38.39 14.13
C PRO A 2463 -16.30 -38.27 14.21
N VAL A 2464 -15.71 -39.12 15.05
CA VAL A 2464 -14.26 -39.09 15.28
C VAL A 2464 -13.47 -39.50 14.04
N GLU A 2465 -14.13 -40.03 13.02
CA GLU A 2465 -13.42 -40.40 11.79
C GLU A 2465 -12.81 -39.18 11.12
N PHE A 2466 -13.55 -38.07 11.08
CA PHE A 2466 -13.01 -36.84 10.50
C PHE A 2466 -11.83 -36.33 11.30
N LEU A 2467 -11.91 -36.40 12.64
CA LEU A 2467 -10.88 -35.82 13.49
C LEU A 2467 -9.54 -36.53 13.34
N GLN A 2468 -9.51 -37.70 12.70
CA GLN A 2468 -8.25 -38.38 12.44
C GLN A 2468 -7.35 -37.59 11.49
N GLU A 2469 -7.88 -36.59 10.80
CA GLU A 2469 -7.08 -35.69 9.98
C GLU A 2469 -6.68 -34.48 10.81
N LYS A 2470 -5.41 -34.06 10.67
CA LYS A 2470 -4.88 -33.01 11.53
C LYS A 2470 -5.56 -31.67 11.28
N GLU A 2471 -5.66 -31.27 10.02
CA GLU A 2471 -6.10 -29.91 9.70
C GLU A 2471 -7.55 -29.64 10.07
N VAL A 2472 -8.36 -30.69 10.30
CA VAL A 2472 -9.75 -30.49 10.67
C VAL A 2472 -9.86 -30.64 12.19
N PHE A 2473 -8.96 -31.42 12.78
CA PHE A 2473 -8.90 -31.49 14.23
C PHE A 2473 -8.50 -30.14 14.82
N LYS A 2474 -7.57 -29.44 14.16
CA LYS A 2474 -7.17 -28.12 14.62
C LYS A 2474 -8.36 -27.16 14.61
N GLU A 2475 -9.19 -27.22 13.57
CA GLU A 2475 -10.38 -26.37 13.51
C GLU A 2475 -11.35 -26.70 14.64
N PHE A 2476 -11.53 -27.99 14.94
CA PHE A 2476 -12.43 -28.39 16.03
C PHE A 2476 -11.90 -27.89 17.38
N ILE A 2477 -10.60 -28.03 17.61
CA ILE A 2477 -10.01 -27.61 18.87
C ILE A 2477 -10.19 -26.11 19.06
N TYR A 2478 -9.97 -25.34 18.00
CA TYR A 2478 -10.17 -23.89 18.09
C TYR A 2478 -11.62 -23.56 18.40
N ARG A 2479 -12.57 -24.29 17.80
CA ARG A 2479 -13.99 -23.99 18.00
C ARG A 2479 -14.41 -24.23 19.45
N ILE A 2480 -14.01 -25.36 20.02
CA ILE A 2480 -14.42 -25.67 21.39
C ILE A 2480 -13.71 -24.77 22.39
N ASN A 2481 -12.43 -24.48 22.16
CA ASN A 2481 -11.68 -23.63 23.08
C ASN A 2481 -12.23 -22.21 23.06
N THR A 2482 -12.56 -21.68 21.88
CA THR A 2482 -13.08 -20.32 21.80
C THR A 2482 -14.44 -20.21 22.50
N LEU A 2483 -15.32 -21.18 22.30
CA LEU A 2483 -16.68 -21.10 22.81
C LEU A 2483 -16.86 -21.78 24.16
N GLY A 2484 -15.86 -22.51 24.65
CA GLY A 2484 -16.04 -23.24 25.90
C GLY A 2484 -17.10 -24.32 25.74
N TRP A 2485 -18.00 -24.39 26.72
CA TRP A 2485 -19.10 -25.34 26.68
C TRP A 2485 -20.30 -24.73 27.39
N THR A 2486 -21.49 -25.02 26.87
CA THR A 2486 -22.71 -24.38 27.34
C THR A 2486 -23.36 -25.10 28.52
N SER A 2487 -23.06 -26.38 28.73
CA SER A 2487 -23.70 -27.14 29.80
C SER A 2487 -22.84 -28.35 30.13
N ARG A 2488 -23.21 -29.04 31.20
CA ARG A 2488 -22.52 -30.27 31.56
C ARG A 2488 -22.63 -31.32 30.46
N THR A 2489 -23.79 -31.39 29.82
CA THR A 2489 -23.98 -32.34 28.72
C THR A 2489 -22.99 -32.07 27.59
N GLN A 2490 -22.81 -30.81 27.24
CA GLN A 2490 -21.85 -30.46 26.20
C GLN A 2490 -20.43 -30.78 26.61
N PHE A 2491 -20.09 -30.55 27.88
CA PHE A 2491 -18.76 -30.88 28.36
C PHE A 2491 -18.49 -32.38 28.24
N GLU A 2492 -19.46 -33.21 28.65
CA GLU A 2492 -19.29 -34.64 28.54
C GLU A 2492 -19.19 -35.08 27.08
N GLU A 2493 -19.98 -34.45 26.20
CA GLU A 2493 -19.91 -34.79 24.78
C GLU A 2493 -18.53 -34.53 24.22
N THR A 2494 -17.98 -33.33 24.44
CA THR A 2494 -16.65 -33.04 23.91
C THR A 2494 -15.57 -33.77 24.69
N TRP A 2495 -15.85 -34.14 25.95
CA TRP A 2495 -14.92 -34.99 26.68
C TRP A 2495 -14.86 -36.38 26.07
N ALA A 2496 -16.02 -36.96 25.75
CA ALA A 2496 -16.03 -38.27 25.11
C ALA A 2496 -15.44 -38.21 23.71
N THR A 2497 -15.72 -37.13 22.97
CA THR A 2497 -15.20 -37.01 21.61
C THR A 2497 -13.68 -36.98 21.60
N LEU A 2498 -13.09 -36.18 22.49
CA LEU A 2498 -11.63 -36.14 22.57
C LEU A 2498 -11.06 -37.47 23.05
N LEU A 2499 -11.78 -38.16 23.94
CA LEU A 2499 -11.35 -39.48 24.37
C LEU A 2499 -11.34 -40.47 23.22
N GLY A 2500 -12.35 -40.41 22.35
CA GLY A 2500 -12.39 -41.31 21.21
C GLY A 2500 -11.21 -41.11 20.29
N VAL A 2501 -10.82 -39.85 20.05
CA VAL A 2501 -9.66 -39.56 19.22
C VAL A 2501 -8.40 -40.09 19.87
N LEU A 2502 -8.25 -39.88 21.18
CA LEU A 2502 -7.05 -40.27 21.90
C LEU A 2502 -7.07 -41.79 22.09
N VAL A 2503 -6.24 -42.49 21.33
CA VAL A 2503 -6.19 -43.95 21.42
C VAL A 2503 -4.86 -44.39 22.03
N ARG A 2522 0.50 -39.86 12.55
CA ARG A 2522 -0.53 -40.27 13.50
C ARG A 2522 -0.30 -39.64 14.87
N THR A 2523 0.97 -39.57 15.28
CA THR A 2523 1.30 -38.98 16.58
C THR A 2523 0.86 -37.53 16.66
N GLN A 2524 0.83 -36.84 15.51
CA GLN A 2524 0.36 -35.45 15.50
C GLN A 2524 -1.07 -35.34 16.02
N ILE A 2525 -1.90 -36.34 15.71
CA ILE A 2525 -3.26 -36.36 16.24
C ILE A 2525 -3.25 -36.57 17.75
N ASN A 2526 -2.30 -37.37 18.25
CA ASN A 2526 -2.25 -37.66 19.68
C ASN A 2526 -1.87 -36.43 20.50
N VAL A 2527 -0.82 -35.72 20.08
CA VAL A 2527 -0.41 -34.52 20.81
C VAL A 2527 -1.50 -33.46 20.73
N LEU A 2528 -2.16 -33.35 19.57
CA LEU A 2528 -3.27 -32.41 19.46
C LEU A 2528 -4.40 -32.77 20.39
N ALA A 2529 -4.71 -34.07 20.50
CA ALA A 2529 -5.76 -34.50 21.41
C ALA A 2529 -5.38 -34.25 22.86
N VAL A 2530 -4.12 -34.51 23.21
CA VAL A 2530 -3.67 -34.29 24.59
C VAL A 2530 -3.82 -32.82 24.96
N GLN A 2531 -3.39 -31.92 24.06
CA GLN A 2531 -3.54 -30.50 24.31
C GLN A 2531 -5.00 -30.10 24.44
N ALA A 2532 -5.85 -30.65 23.56
CA ALA A 2532 -7.26 -30.30 23.59
C ALA A 2532 -7.92 -30.76 24.88
N ILE A 2533 -7.60 -31.97 25.33
CA ILE A 2533 -8.17 -32.46 26.59
C ILE A 2533 -7.69 -31.60 27.74
N THR A 2534 -6.41 -31.23 27.73
CA THR A 2534 -5.88 -30.39 28.81
C THR A 2534 -6.60 -29.06 28.88
N SER A 2535 -6.83 -28.43 27.72
CA SER A 2535 -7.57 -27.17 27.71
C SER A 2535 -9.00 -27.37 28.16
N LEU A 2536 -9.63 -28.46 27.75
CA LEU A 2536 -11.02 -28.71 28.15
C LEU A 2536 -11.14 -28.93 29.65
N VAL A 2537 -10.24 -29.73 30.22
CA VAL A 2537 -10.24 -29.95 31.66
C VAL A 2537 -9.94 -28.66 32.39
N LEU A 2538 -8.93 -27.91 31.90
CA LEU A 2538 -8.59 -26.63 32.51
C LEU A 2538 -9.74 -25.64 32.44
N SER A 2539 -10.60 -25.76 31.42
CA SER A 2539 -11.68 -24.81 31.24
C SER A 2539 -12.71 -24.87 32.37
N ALA A 2540 -12.66 -25.91 33.19
CA ALA A 2540 -13.58 -26.01 34.32
C ALA A 2540 -13.18 -25.15 35.51
N MET A 2541 -11.99 -24.57 35.50
CA MET A 2541 -11.51 -23.76 36.62
C MET A 2541 -11.90 -22.30 36.52
N THR A 2542 -12.55 -21.88 35.44
CA THR A 2542 -12.96 -20.48 35.33
C THR A 2542 -14.06 -20.18 36.35
N VAL A 2543 -13.86 -19.11 37.13
CA VAL A 2543 -14.57 -18.97 38.40
C VAL A 2543 -16.02 -18.50 38.30
N PRO A 2544 -16.38 -17.38 37.62
CA PRO A 2544 -17.76 -16.90 37.73
C PRO A 2544 -18.75 -17.88 37.11
N VAL A 2545 -18.53 -18.23 35.85
CA VAL A 2545 -19.26 -19.28 35.15
C VAL A 2545 -18.23 -20.22 34.55
N ALA A 2546 -18.37 -21.52 34.82
CA ALA A 2546 -17.29 -22.44 34.52
C ALA A 2546 -17.02 -22.53 33.02
N GLY A 2547 -18.06 -22.75 32.23
CA GLY A 2547 -17.88 -22.97 30.81
C GLY A 2547 -17.62 -21.73 29.99
N ASN A 2548 -18.24 -20.62 30.38
CA ASN A 2548 -18.22 -19.40 29.58
C ASN A 2548 -16.82 -18.81 29.47
N PRO A 2549 -16.28 -18.61 28.26
CA PRO A 2549 -15.02 -17.89 28.14
C PRO A 2549 -15.24 -16.39 28.01
N ALA A 2550 -16.49 -15.98 27.76
CA ALA A 2550 -16.83 -14.59 27.58
C ALA A 2550 -17.21 -13.88 28.89
N VAL A 2551 -17.27 -14.61 30.00
CA VAL A 2551 -17.67 -14.03 31.27
C VAL A 2551 -16.61 -14.35 32.32
N SER A 2552 -15.77 -15.34 32.03
CA SER A 2552 -14.97 -15.99 33.04
C SER A 2552 -13.49 -15.96 32.69
N CYS A 2553 -12.67 -16.24 33.70
CA CYS A 2553 -11.24 -16.42 33.54
C CYS A 2553 -10.77 -17.44 34.56
N LEU A 2554 -9.58 -18.00 34.33
CA LEU A 2554 -9.08 -19.10 35.13
C LEU A 2554 -8.91 -18.71 36.59
N GLU A 2555 -9.12 -19.69 37.47
CA GLU A 2555 -8.99 -19.47 38.90
C GLU A 2555 -7.58 -18.99 39.26
N GLN A 2556 -7.52 -18.06 40.20
CA GLN A 2556 -6.26 -17.58 40.75
C GLN A 2556 -6.27 -17.77 42.26
N GLN A 2557 -5.25 -18.46 42.77
CA GLN A 2557 -5.07 -18.66 44.20
C GLN A 2557 -3.66 -18.16 44.55
N PRO A 2558 -3.53 -16.88 44.87
CA PRO A 2558 -2.20 -16.30 45.09
C PRO A 2558 -1.52 -16.92 46.30
N ARG A 2559 -0.19 -16.98 46.24
CA ARG A 2559 0.61 -17.58 47.30
C ARG A 2559 0.82 -16.66 48.48
N ASN A 2560 0.38 -15.40 48.39
CA ASN A 2560 0.62 -14.42 49.43
C ASN A 2560 -0.63 -14.26 50.29
N LYS A 2561 -0.48 -14.42 51.59
CA LYS A 2561 -1.58 -14.24 52.52
C LYS A 2561 -1.93 -12.76 52.63
N PRO A 2562 -3.16 -12.45 53.05
CA PRO A 2562 -3.52 -11.05 53.26
C PRO A 2562 -2.62 -10.39 54.29
N LEU A 2563 -2.31 -9.11 54.06
CA LEU A 2563 -1.33 -8.41 54.86
C LEU A 2563 -1.89 -8.04 56.23
N LYS A 2564 -1.06 -8.19 57.26
CA LYS A 2564 -1.48 -7.91 58.62
C LYS A 2564 -1.52 -6.40 58.89
N ALA A 2565 -0.64 -5.64 58.24
CA ALA A 2565 -0.55 -4.20 58.50
C ALA A 2565 -1.83 -3.46 58.13
N LEU A 2566 -2.65 -4.03 57.24
CA LEU A 2566 -3.95 -3.45 56.95
C LEU A 2566 -4.90 -3.69 58.13
N ASP A 2567 -6.12 -3.21 57.98
CA ASP A 2567 -7.21 -3.36 58.96
C ASP A 2567 -6.79 -2.96 60.38
N THR A 2568 -5.76 -2.13 60.51
CA THR A 2568 -5.40 -1.52 61.78
C THR A 2568 -6.03 -0.14 61.87
N ARG A 2569 -5.69 0.60 62.93
CA ARG A 2569 -6.17 1.97 63.06
C ARG A 2569 -5.61 2.85 61.95
N PHE A 2570 -4.32 2.70 61.64
CA PHE A 2570 -3.69 3.52 60.62
C PHE A 2570 -3.63 2.84 59.27
N GLY A 2571 -3.52 1.50 59.23
CA GLY A 2571 -3.51 0.79 57.97
C GLY A 2571 -4.83 0.91 57.23
N ARG A 2572 -5.94 1.06 57.96
CA ARG A 2572 -7.23 1.23 57.32
C ARG A 2572 -7.27 2.52 56.51
N LYS A 2573 -6.68 3.59 57.02
CA LYS A 2573 -6.59 4.83 56.25
C LYS A 2573 -5.75 4.65 55.00
N LEU A 2574 -4.68 3.86 55.10
CA LEU A 2574 -3.87 3.58 53.92
C LEU A 2574 -4.69 2.87 52.85
N SER A 2575 -5.52 1.91 53.24
CA SER A 2575 -6.32 1.17 52.28
C SER A 2575 -7.26 2.10 51.52
N ILE A 2576 -7.84 3.08 52.21
CA ILE A 2576 -8.74 4.03 51.55
C ILE A 2576 -7.97 4.86 50.52
N ILE A 2577 -6.76 5.29 50.86
CA ILE A 2577 -6.01 6.18 49.96
C ILE A 2577 -5.22 5.38 48.93
N ARG A 2578 -4.67 4.23 49.33
CA ARG A 2578 -3.98 3.38 48.36
C ARG A 2578 -4.96 2.75 47.39
N GLY A 2579 -6.21 2.54 47.82
CA GLY A 2579 -7.22 2.02 46.91
C GLY A 2579 -7.49 2.96 45.76
N ILE A 2580 -7.55 4.26 46.04
CA ILE A 2580 -7.75 5.24 44.98
C ILE A 2580 -6.59 5.23 44.00
N VAL A 2581 -5.37 5.16 44.51
CA VAL A 2581 -4.19 5.07 43.66
C VAL A 2581 -4.22 3.76 42.87
N GLU A 2582 -4.56 2.66 43.54
CA GLU A 2582 -4.67 1.37 42.86
C GLU A 2582 -5.79 1.38 41.83
N GLN A 2583 -6.92 2.00 42.16
CA GLN A 2583 -8.05 2.03 41.23
C GLN A 2583 -7.73 2.79 39.96
N GLU A 2584 -6.67 3.59 39.96
CA GLU A 2584 -6.23 4.32 38.77
C GLU A 2584 -5.06 3.64 38.07
N ILE A 2585 -4.20 2.95 38.82
CA ILE A 2585 -3.15 2.15 38.19
C ILE A 2585 -3.78 1.03 37.37
N GLN A 2586 -4.85 0.44 37.87
CA GLN A 2586 -5.56 -0.60 37.12
C GLN A 2586 -6.10 -0.04 35.80
N ALA A 2587 -6.73 1.13 35.85
CA ALA A 2587 -7.35 1.69 34.67
C ALA A 2587 -6.33 2.22 33.67
N MET A 2588 -5.05 2.27 34.03
CA MET A 2588 -4.08 2.94 33.18
C MET A 2588 -2.99 1.99 32.65
N VAL A 2589 -2.66 0.94 33.41
CA VAL A 2589 -1.56 0.05 33.04
C VAL A 2589 -1.98 -1.41 32.94
N SER A 2590 -3.14 -1.78 33.46
CA SER A 2590 -3.55 -3.18 33.51
C SER A 2590 -4.22 -3.57 32.20
N LYS A 2591 -3.67 -4.58 31.53
CA LYS A 2591 -4.31 -5.11 30.34
C LYS A 2591 -5.63 -5.75 30.71
N ARG A 2592 -6.74 -5.12 30.30
CA ARG A 2592 -8.07 -5.53 30.73
C ARG A 2592 -8.49 -6.80 30.00
N GLU A 2593 -7.81 -7.90 30.37
CA GLU A 2593 -8.06 -9.18 29.73
C GLU A 2593 -9.46 -9.71 30.02
N ASN A 2594 -9.90 -9.59 31.27
CA ASN A 2594 -11.19 -10.13 31.68
C ASN A 2594 -12.30 -9.08 31.63
N ILE A 2595 -11.99 -7.86 31.21
CA ILE A 2595 -12.99 -6.80 31.05
C ILE A 2595 -13.17 -6.53 29.58
N ALA A 2596 -14.42 -6.50 29.13
CA ALA A 2596 -14.77 -6.27 27.74
C ALA A 2596 -15.16 -4.84 27.45
N THR A 2597 -16.10 -4.30 28.22
CA THR A 2597 -16.58 -2.94 27.98
C THR A 2597 -15.51 -1.92 28.34
N HIS A 2598 -15.76 -0.67 27.98
CA HIS A 2598 -14.79 0.40 28.14
C HIS A 2598 -14.72 0.92 29.57
N HIS A 2599 -15.67 0.57 30.43
CA HIS A 2599 -15.74 1.13 31.77
C HIS A 2599 -14.45 0.86 32.54
N LEU A 2600 -13.92 1.91 33.17
CA LEU A 2600 -12.57 1.86 33.72
C LEU A 2600 -12.54 1.15 35.07
N TYR A 2601 -13.46 1.50 35.96
CA TYR A 2601 -13.43 1.02 37.34
C TYR A 2601 -14.26 -0.26 37.45
N GLN A 2602 -13.77 -1.30 36.78
CA GLN A 2602 -14.42 -2.61 36.81
C GLN A 2602 -13.44 -3.75 37.02
N ALA A 2603 -12.21 -3.47 37.45
CA ALA A 2603 -11.23 -4.52 37.63
C ALA A 2603 -11.64 -5.47 38.75
N TRP A 2604 -11.43 -6.77 38.53
CA TRP A 2604 -11.72 -7.78 39.53
C TRP A 2604 -10.84 -8.98 39.25
N ASP A 2605 -10.36 -9.62 40.33
CA ASP A 2605 -9.47 -10.75 40.18
C ASP A 2605 -10.24 -12.07 40.32
N PRO A 2606 -9.79 -13.12 39.62
CA PRO A 2606 -10.48 -14.42 39.70
C PRO A 2606 -10.02 -15.23 40.90
N VAL A 2607 -10.20 -14.68 42.09
CA VAL A 2607 -9.81 -15.31 43.33
C VAL A 2607 -11.06 -15.58 44.16
N PRO A 2608 -11.56 -16.81 44.13
CA PRO A 2608 -12.74 -17.14 44.94
C PRO A 2608 -12.38 -17.29 46.41
N SER A 2609 -13.36 -16.98 47.26
CA SER A 2609 -13.17 -17.06 48.71
C SER A 2609 -13.40 -18.51 49.16
N LEU A 2610 -12.41 -19.35 48.85
CA LEU A 2610 -12.50 -20.76 49.21
C LEU A 2610 -12.39 -20.92 50.72
N SER A 2611 -13.20 -21.83 51.26
CA SER A 2611 -13.24 -22.07 52.69
C SER A 2611 -13.91 -23.41 53.00
N GLY A 2616 -16.58 -20.49 46.29
CA GLY A 2616 -17.44 -19.44 46.81
C GLY A 2616 -17.41 -18.18 45.98
N ALA A 2617 -18.04 -17.13 46.49
CA ALA A 2617 -18.07 -15.86 45.77
C ALA A 2617 -16.67 -15.27 45.69
N LEU A 2618 -16.44 -14.49 44.63
CA LEU A 2618 -15.12 -13.90 44.40
C LEU A 2618 -14.83 -12.82 45.42
N ILE A 2619 -13.57 -12.75 45.84
CA ILE A 2619 -13.12 -11.69 46.74
C ILE A 2619 -13.04 -10.40 45.97
N SER A 2620 -13.62 -9.33 46.52
CA SER A 2620 -13.61 -8.04 45.85
C SER A 2620 -12.17 -7.55 45.68
N HIS A 2621 -11.92 -6.87 44.56
CA HIS A 2621 -10.57 -6.43 44.24
C HIS A 2621 -10.00 -5.51 45.30
N GLU A 2622 -10.86 -4.74 45.97
CA GLU A 2622 -10.40 -3.84 47.02
C GLU A 2622 -9.81 -4.61 48.21
N LYS A 2623 -10.15 -5.89 48.36
CA LYS A 2623 -9.64 -6.70 49.46
C LYS A 2623 -8.43 -7.53 49.07
N LEU A 2624 -7.91 -7.34 47.86
CA LEU A 2624 -6.73 -8.04 47.36
C LEU A 2624 -5.64 -7.05 46.98
N LEU A 2625 -5.34 -6.12 47.90
CA LEU A 2625 -4.50 -4.97 47.59
C LEU A 2625 -3.13 -5.39 47.05
N LEU A 2626 -2.43 -6.25 47.79
CA LEU A 2626 -1.11 -6.71 47.39
C LEU A 2626 -0.97 -8.21 47.57
N GLN A 2627 -2.04 -8.96 47.28
CA GLN A 2627 -2.01 -10.40 47.41
C GLN A 2627 -1.70 -11.12 46.11
N ILE A 2628 -2.06 -10.54 44.97
CA ILE A 2628 -1.86 -11.20 43.69
C ILE A 2628 -0.39 -11.53 43.48
N ASN A 2629 -0.13 -12.58 42.70
CA ASN A 2629 1.24 -13.03 42.48
C ASN A 2629 2.06 -11.93 41.82
N PRO A 2630 3.24 -11.61 42.34
CA PRO A 2630 4.03 -10.53 41.75
C PRO A 2630 4.45 -10.79 40.31
N GLU A 2631 4.65 -12.04 39.92
CA GLU A 2631 5.12 -12.38 38.57
C GLU A 2631 4.00 -12.34 37.54
N ARG A 2632 2.82 -11.85 37.90
CA ARG A 2632 1.69 -11.78 37.00
C ARG A 2632 1.48 -10.33 36.57
N GLU A 2633 1.35 -10.11 35.27
CA GLU A 2633 1.14 -8.76 34.74
C GLU A 2633 -0.19 -8.21 35.24
N LEU A 2634 -0.23 -6.90 35.43
CA LEU A 2634 -1.45 -6.26 35.90
C LEU A 2634 -2.60 -6.49 34.92
N GLY A 2635 -3.68 -7.06 35.42
CA GLY A 2635 -4.84 -7.35 34.59
C GLY A 2635 -4.72 -8.60 33.74
N SER A 2636 -3.55 -9.24 33.71
CA SER A 2636 -3.37 -10.45 32.92
C SER A 2636 -3.99 -11.63 33.65
N MET A 2637 -4.84 -12.38 32.95
CA MET A 2637 -5.55 -13.49 33.55
C MET A 2637 -5.36 -14.80 32.80
N SER A 2638 -4.40 -14.88 31.90
CA SER A 2638 -4.09 -16.13 31.23
C SER A 2638 -3.42 -17.09 32.22
N TYR A 2639 -3.36 -18.36 31.83
CA TYR A 2639 -2.76 -19.37 32.69
C TYR A 2639 -1.27 -19.10 32.88
N LYS A 2640 -0.80 -19.34 34.10
CA LYS A 2640 0.62 -19.19 34.43
C LYS A 2640 1.06 -20.39 35.25
N LEU A 2641 2.37 -20.59 35.28
CA LEU A 2641 2.96 -21.78 35.90
C LEU A 2641 2.73 -21.84 37.41
N GLY A 2642 2.39 -20.73 38.05
CA GLY A 2642 2.07 -20.73 39.47
C GLY A 2642 0.63 -20.34 39.70
N GLN A 2643 -0.27 -20.92 38.90
CA GLN A 2643 -1.65 -20.46 38.86
C GLN A 2643 -2.33 -20.55 40.22
N VAL A 2644 -2.23 -21.70 40.87
CA VAL A 2644 -2.88 -21.94 42.17
C VAL A 2644 -1.82 -22.31 43.18
N SER A 2645 -1.89 -21.67 44.35
CA SER A 2645 -0.93 -21.93 45.41
C SER A 2645 -1.21 -23.27 46.08
N ILE A 2646 -0.16 -23.88 46.64
CA ILE A 2646 -0.33 -25.12 47.36
C ILE A 2646 -1.06 -24.93 48.68
N HIS A 2647 -1.18 -23.67 49.14
CA HIS A 2647 -2.07 -23.38 50.26
C HIS A 2647 -3.51 -23.77 49.92
N SER A 2648 -3.99 -23.29 48.76
CA SER A 2648 -5.36 -23.59 48.35
C SER A 2648 -5.53 -25.06 48.00
N VAL A 2649 -4.43 -25.77 47.70
CA VAL A 2649 -4.53 -27.21 47.54
C VAL A 2649 -4.77 -27.88 48.88
N TRP A 2650 -4.10 -27.40 49.93
CA TRP A 2650 -4.27 -27.95 51.27
C TRP A 2650 -5.53 -27.43 51.97
N LEU A 2651 -6.16 -26.40 51.43
CA LEU A 2651 -7.36 -25.82 52.03
C LEU A 2651 -8.56 -26.08 51.12
N GLY A 2652 -9.69 -26.40 51.73
CA GLY A 2652 -10.86 -26.76 50.95
C GLY A 2652 -10.83 -28.22 50.54
N ASN A 2653 -9.65 -28.70 50.19
CA ASN A 2653 -9.43 -30.11 49.91
C ASN A 2653 -9.02 -30.90 51.15
N SER A 2654 -8.78 -30.22 52.26
CA SER A 2654 -8.48 -30.85 53.55
C SER A 2654 -7.29 -31.81 53.43
N ILE A 2655 -6.14 -31.24 53.12
CA ILE A 2655 -4.91 -32.02 52.96
C ILE A 2655 -3.84 -31.47 53.89
N THR A 2656 -3.13 -32.37 54.56
CA THR A 2656 -2.03 -32.05 55.45
C THR A 2656 -0.73 -32.27 54.68
N PRO A 2657 0.40 -31.67 55.09
CA PRO A 2657 1.59 -31.88 54.27
C PRO A 2657 2.36 -33.14 54.64
N LYS A 2688 -14.55 -29.82 44.54
CA LYS A 2688 -14.51 -30.22 43.14
C LYS A 2688 -15.88 -30.05 42.48
N HIS A 2689 -16.06 -30.72 41.35
CA HIS A 2689 -17.28 -30.68 40.54
C HIS A 2689 -17.83 -29.26 40.43
N ARG A 2690 -17.01 -28.39 39.83
CA ARG A 2690 -17.40 -27.00 39.66
C ARG A 2690 -18.50 -26.87 38.61
N ALA A 2691 -19.56 -26.15 38.97
CA ALA A 2691 -20.73 -25.97 38.11
C ALA A 2691 -21.32 -27.31 37.66
N GLY A 2692 -21.33 -28.27 38.57
CA GLY A 2692 -21.94 -29.56 38.31
C GLY A 2692 -21.30 -30.34 37.18
N VAL A 2693 -19.97 -30.29 37.08
CA VAL A 2693 -19.22 -31.08 36.11
C VAL A 2693 -18.17 -31.87 36.90
N ASP A 2694 -18.31 -33.20 36.91
CA ASP A 2694 -17.42 -34.01 37.73
C ASP A 2694 -16.01 -33.99 37.15
N ILE A 2695 -15.12 -33.21 37.75
CA ILE A 2695 -13.75 -33.15 37.29
C ILE A 2695 -12.88 -34.22 37.92
N HIS A 2696 -13.27 -34.75 39.09
CA HIS A 2696 -12.51 -35.83 39.70
C HIS A 2696 -12.52 -37.07 38.81
N SER A 2697 -13.67 -37.41 38.24
CA SER A 2697 -13.74 -38.52 37.31
C SER A 2697 -12.86 -38.26 36.09
N CYS A 2698 -12.88 -37.04 35.58
CA CYS A 2698 -11.96 -36.67 34.52
C CYS A 2698 -10.52 -36.76 34.98
N SER A 2699 -10.15 -35.93 35.97
CA SER A 2699 -8.75 -35.80 36.37
C SER A 2699 -8.16 -37.14 36.78
N GLN A 2700 -8.96 -38.00 37.41
CA GLN A 2700 -8.48 -39.34 37.72
C GLN A 2700 -8.19 -40.12 36.44
N PHE A 2701 -9.04 -39.95 35.42
CA PHE A 2701 -8.91 -40.76 34.21
C PHE A 2701 -7.60 -40.47 33.48
N LEU A 2702 -7.30 -39.18 33.25
CA LEU A 2702 -6.06 -38.85 32.56
C LEU A 2702 -4.85 -39.28 33.38
N LEU A 2703 -4.91 -39.11 34.70
CA LEU A 2703 -3.78 -39.46 35.55
C LEU A 2703 -3.45 -40.95 35.41
N GLU A 2704 -4.48 -41.80 35.44
CA GLU A 2704 -4.26 -43.21 35.14
C GLU A 2704 -3.83 -43.41 33.70
N LEU A 2705 -4.49 -42.71 32.76
CA LEU A 2705 -4.18 -42.88 31.34
C LEU A 2705 -2.76 -42.43 31.03
N TYR A 2706 -2.38 -41.25 31.52
CA TYR A 2706 -1.05 -40.73 31.23
C TYR A 2706 0.03 -41.57 31.89
N SER A 2707 -0.22 -42.05 33.11
CA SER A 2707 0.79 -42.84 33.83
C SER A 2707 1.16 -44.09 33.05
N ARG A 2708 0.16 -44.79 32.53
CA ARG A 2708 0.44 -45.97 31.71
C ARG A 2708 1.12 -45.58 30.41
N TRP A 2709 0.84 -44.38 29.89
CA TRP A 2709 1.35 -43.99 28.58
C TRP A 2709 2.85 -43.72 28.64
N ILE A 2710 3.31 -43.00 29.67
CA ILE A 2710 4.71 -42.60 29.74
C ILE A 2710 5.56 -43.58 30.53
N LEU A 2711 5.00 -44.70 30.98
CA LEU A 2711 5.75 -45.74 31.69
C LEU A 2711 5.71 -47.01 30.85
N PRO A 2712 6.70 -47.22 29.98
CA PRO A 2712 6.72 -48.43 29.12
C PRO A 2712 7.27 -49.64 29.86
N SER A 2713 6.47 -50.15 30.81
CA SER A 2713 6.87 -51.35 31.54
C SER A 2713 7.02 -52.53 30.61
N SER A 2714 6.09 -52.71 29.67
CA SER A 2714 6.19 -53.72 28.64
C SER A 2714 6.86 -53.10 27.41
N SER A 2715 6.85 -53.84 26.30
CA SER A 2715 7.40 -53.32 25.05
C SER A 2715 6.44 -52.31 24.42
N ALA A 2716 6.53 -51.05 24.83
CA ALA A 2716 5.66 -50.00 24.33
C ALA A 2716 6.28 -49.24 23.17
N ARG A 2717 7.11 -49.92 22.36
CA ARG A 2717 7.71 -49.41 21.12
C ARG A 2717 8.23 -47.98 21.23
N ARG A 2718 8.81 -47.62 22.39
CA ARG A 2718 9.54 -46.37 22.55
C ARG A 2718 8.66 -45.16 22.21
N THR A 2719 7.69 -44.92 23.10
CA THR A 2719 6.71 -43.84 23.01
C THR A 2719 7.37 -42.55 22.51
N PRO A 2720 6.79 -41.87 21.53
CA PRO A 2720 7.45 -40.71 20.92
C PRO A 2720 7.78 -39.64 21.94
N ALA A 2721 8.92 -38.99 21.73
CA ALA A 2721 9.37 -37.94 22.65
C ALA A 2721 8.39 -36.77 22.67
N ILE A 2722 7.81 -36.42 21.52
CA ILE A 2722 6.85 -35.33 21.48
C ILE A 2722 5.63 -35.67 22.31
N LEU A 2723 5.17 -36.92 22.25
CA LEU A 2723 4.07 -37.35 23.10
C LEU A 2723 4.41 -37.23 24.58
N ILE A 2724 5.60 -37.70 24.96
CA ILE A 2724 5.99 -37.69 26.36
C ILE A 2724 6.07 -36.27 26.89
N SER A 2725 6.68 -35.37 26.12
CA SER A 2725 6.80 -33.98 26.55
C SER A 2725 5.42 -33.33 26.67
N GLU A 2726 4.55 -33.53 25.68
CA GLU A 2726 3.24 -32.90 25.72
C GLU A 2726 2.35 -33.52 26.80
N VAL A 2727 2.52 -34.81 27.07
CA VAL A 2727 1.75 -35.44 28.14
C VAL A 2727 2.17 -34.87 29.49
N VAL A 2728 3.47 -34.74 29.72
CA VAL A 2728 3.96 -34.23 31.00
C VAL A 2728 3.49 -32.79 31.21
N ARG A 2729 3.46 -32.00 30.13
CA ARG A 2729 2.89 -30.66 30.24
C ARG A 2729 1.42 -30.73 30.63
N SER A 2730 0.70 -31.72 30.09
CA SER A 2730 -0.70 -31.90 30.47
C SER A 2730 -0.83 -32.23 31.95
N LEU A 2731 0.06 -33.09 32.48
CA LEU A 2731 0.04 -33.40 33.91
C LEU A 2731 0.18 -32.14 34.74
N LEU A 2732 1.15 -31.30 34.38
CA LEU A 2732 1.43 -30.11 35.17
C LEU A 2732 0.25 -29.14 35.17
N VAL A 2733 -0.41 -29.00 34.02
CA VAL A 2733 -1.55 -28.08 33.93
C VAL A 2733 -2.75 -28.63 34.70
N VAL A 2734 -3.07 -29.91 34.48
CA VAL A 2734 -4.24 -30.48 35.15
C VAL A 2734 -4.00 -30.73 36.62
N SER A 2735 -2.75 -30.69 37.07
CA SER A 2735 -2.46 -30.86 38.50
C SER A 2735 -3.12 -29.80 39.35
N ASP A 2736 -3.48 -28.65 38.75
CA ASP A 2736 -4.21 -27.62 39.49
C ASP A 2736 -5.57 -28.13 39.96
N LEU A 2737 -6.16 -29.09 39.25
CA LEU A 2737 -7.47 -29.62 39.61
C LEU A 2737 -7.40 -30.94 40.35
N PHE A 2738 -6.21 -31.44 40.65
CA PHE A 2738 -6.10 -32.67 41.44
C PHE A 2738 -6.65 -32.44 42.84
N THR A 2739 -7.65 -33.24 43.22
CA THR A 2739 -8.36 -33.05 44.47
C THR A 2739 -7.83 -33.89 45.61
N GLU A 2740 -7.47 -35.15 45.36
CA GLU A 2740 -7.12 -36.08 46.42
C GLU A 2740 -5.61 -36.23 46.53
N ARG A 2741 -5.16 -36.52 47.76
CA ARG A 2741 -3.73 -36.66 48.02
C ARG A 2741 -3.12 -37.79 47.20
N ASN A 2742 -3.83 -38.91 47.06
CA ASN A 2742 -3.31 -40.04 46.30
C ASN A 2742 -3.04 -39.67 44.85
N GLN A 2743 -3.78 -38.71 44.30
CA GLN A 2743 -3.52 -38.26 42.94
C GLN A 2743 -2.14 -37.63 42.82
N PHE A 2744 -1.78 -36.76 43.78
CA PHE A 2744 -0.47 -36.14 43.75
C PHE A 2744 0.64 -37.17 43.94
N GLU A 2745 0.44 -38.14 44.83
CA GLU A 2745 1.45 -39.15 45.07
C GLU A 2745 1.73 -39.97 43.82
N LEU A 2746 0.66 -40.35 43.09
CA LEU A 2746 0.85 -41.14 41.88
C LEU A 2746 1.62 -40.36 40.82
N MET A 2747 1.29 -39.08 40.63
CA MET A 2747 1.94 -38.31 39.58
C MET A 2747 3.42 -38.11 39.89
N TYR A 2748 3.76 -37.87 41.16
CA TYR A 2748 5.17 -37.77 41.53
C TYR A 2748 5.91 -39.06 41.24
N VAL A 2749 5.32 -40.20 41.65
CA VAL A 2749 5.95 -41.48 41.39
C VAL A 2749 6.06 -41.72 39.89
N THR A 2750 5.03 -41.34 39.14
CA THR A 2750 5.08 -41.48 37.68
C THR A 2750 6.21 -40.65 37.09
N LEU A 2751 6.31 -39.39 37.49
CA LEU A 2751 7.38 -38.53 36.98
C LEU A 2751 8.74 -39.03 37.44
N THR A 2752 8.86 -39.42 38.71
CA THR A 2752 10.15 -39.87 39.23
C THR A 2752 10.66 -41.09 38.46
N GLU A 2753 9.76 -42.02 38.15
CA GLU A 2753 10.15 -43.16 37.30
C GLU A 2753 10.56 -42.69 35.91
N LEU A 2754 9.85 -41.69 35.37
CA LEU A 2754 10.17 -41.18 34.04
C LEU A 2754 11.58 -40.60 34.00
N ARG A 2755 12.00 -39.92 35.07
CA ARG A 2755 13.35 -39.38 35.12
C ARG A 2755 14.39 -40.48 35.04
N ARG A 2756 14.16 -41.58 35.76
CA ARG A 2756 15.15 -42.65 35.86
C ARG A 2756 15.32 -43.41 34.55
N VAL A 2757 14.40 -43.26 33.60
CA VAL A 2757 14.45 -43.97 32.34
C VAL A 2757 14.68 -43.03 31.16
N HIS A 2758 14.08 -41.85 31.18
CA HIS A 2758 14.25 -40.91 30.07
C HIS A 2758 15.67 -40.35 30.10
N PRO A 2759 16.33 -40.26 28.94
CA PRO A 2759 17.65 -39.62 28.90
C PRO A 2759 17.58 -38.17 29.35
N SER A 2760 18.61 -37.75 30.08
CA SER A 2760 18.61 -36.43 30.70
C SER A 2760 19.03 -35.31 29.74
N GLU A 2761 19.51 -35.64 28.55
CA GLU A 2761 19.91 -34.61 27.60
C GLU A 2761 18.73 -33.83 27.06
N ASP A 2762 17.50 -34.32 27.25
CA ASP A 2762 16.33 -33.62 26.78
C ASP A 2762 16.08 -32.36 27.62
N GLU A 2763 15.80 -31.26 26.94
CA GLU A 2763 15.46 -30.00 27.59
C GLU A 2763 14.02 -29.56 27.33
N ILE A 2764 13.48 -29.87 26.15
CA ILE A 2764 12.08 -29.59 25.85
C ILE A 2764 11.15 -30.34 26.80
N LEU A 2765 11.60 -31.48 27.34
CA LEU A 2765 10.83 -32.21 28.34
C LEU A 2765 11.04 -31.68 29.74
N ALA A 2766 12.28 -31.37 30.10
CA ALA A 2766 12.59 -30.98 31.48
C ALA A 2766 11.92 -29.68 31.86
N GLN A 2767 11.50 -28.88 30.88
CA GLN A 2767 10.87 -27.60 31.20
C GLN A 2767 9.50 -27.79 31.86
N TYR A 2768 8.83 -28.90 31.55
CA TYR A 2768 7.57 -29.23 32.20
C TYR A 2768 7.76 -30.21 33.34
N LEU A 2769 8.72 -31.14 33.18
CA LEU A 2769 8.91 -32.18 34.18
C LEU A 2769 9.37 -31.60 35.52
N VAL A 2770 10.30 -30.65 35.48
CA VAL A 2770 10.88 -30.08 36.70
C VAL A 2770 9.82 -29.39 37.56
N PRO A 2771 9.01 -28.46 37.02
CA PRO A 2771 7.99 -27.83 37.88
C PRO A 2771 6.92 -28.79 38.36
N ALA A 2772 6.52 -29.73 37.51
CA ALA A 2772 5.47 -30.68 37.90
C ALA A 2772 5.92 -31.56 39.05
N THR A 2773 7.16 -32.06 38.98
CA THR A 2773 7.70 -32.85 40.09
C THR A 2773 7.81 -32.02 41.35
N CYS A 2774 8.26 -30.77 41.23
CA CYS A 2774 8.34 -29.89 42.39
C CYS A 2774 6.95 -29.58 42.94
N LYS A 2775 5.97 -29.36 42.06
CA LYS A 2775 4.61 -29.12 42.52
C LYS A 2775 4.04 -30.34 43.22
N ALA A 2776 4.30 -31.53 42.68
CA ALA A 2776 3.82 -32.76 43.32
C ALA A 2776 4.40 -32.91 44.71
N ALA A 2777 5.72 -32.77 44.84
CA ALA A 2777 6.36 -32.88 46.15
C ALA A 2777 5.90 -31.78 47.09
N ALA A 2778 5.54 -30.61 46.53
CA ALA A 2778 5.07 -29.51 47.36
C ALA A 2778 3.80 -29.89 48.10
N VAL A 2779 2.83 -30.45 47.39
CA VAL A 2779 1.59 -30.87 48.04
C VAL A 2779 1.84 -32.04 48.98
N LEU A 2780 2.77 -32.93 48.60
CA LEU A 2780 3.09 -34.10 49.42
C LEU A 2780 3.67 -33.73 50.78
N GLY A 2781 4.11 -32.50 50.97
CA GLY A 2781 4.67 -32.06 52.22
C GLY A 2781 6.17 -31.91 52.26
N MET A 2782 6.85 -32.11 51.12
CA MET A 2782 8.30 -31.93 51.02
C MET A 2782 9.03 -32.83 52.01
N ASP A 2783 8.52 -34.04 52.21
CA ASP A 2783 9.04 -34.98 53.18
C ASP A 2783 10.50 -35.32 52.89
N LYS A 2784 11.15 -35.94 53.87
CA LYS A 2784 12.59 -36.19 53.79
C LYS A 2784 12.93 -37.07 52.59
N ALA A 2785 12.18 -38.16 52.40
CA ALA A 2785 12.45 -39.04 51.28
C ALA A 2785 12.22 -38.35 49.94
N VAL A 2786 11.16 -37.52 49.87
CA VAL A 2786 10.87 -36.79 48.64
C VAL A 2786 11.67 -35.50 48.53
N ALA A 2787 12.39 -35.11 49.58
CA ALA A 2787 13.13 -33.85 49.55
C ALA A 2787 14.39 -33.95 48.69
N GLU A 2788 15.26 -34.91 48.99
CA GLU A 2788 16.57 -34.96 48.35
C GLU A 2788 16.52 -35.12 46.84
N PRO A 2789 15.71 -36.01 46.25
CA PRO A 2789 15.66 -36.07 44.78
C PRO A 2789 15.22 -34.76 44.14
N VAL A 2790 14.27 -34.06 44.75
CA VAL A 2790 13.84 -32.78 44.20
C VAL A 2790 14.95 -31.75 44.34
N SER A 2791 15.67 -31.77 45.47
CA SER A 2791 16.78 -30.86 45.68
C SER A 2791 17.91 -31.13 44.67
N ARG A 2792 18.21 -32.40 44.41
CA ARG A 2792 19.20 -32.70 43.39
C ARG A 2792 18.74 -32.24 42.02
N LEU A 2793 17.44 -32.33 41.75
CA LEU A 2793 16.92 -31.94 40.45
C LEU A 2793 16.99 -30.42 40.24
N LEU A 2794 16.60 -29.63 41.24
CA LEU A 2794 16.43 -28.19 41.02
C LEU A 2794 17.75 -27.51 40.67
N GLU A 2795 18.81 -27.79 41.44
CA GLU A 2795 20.13 -27.28 41.10
C GLU A 2795 20.61 -27.79 39.74
N SER A 2796 20.31 -29.05 39.43
CA SER A 2796 20.76 -29.61 38.16
C SER A 2796 20.17 -28.87 36.98
N THR A 2797 18.87 -28.55 37.05
CA THR A 2797 18.24 -27.85 35.93
C THR A 2797 18.48 -26.35 36.00
N LEU A 2798 19.00 -25.84 37.13
CA LEU A 2798 19.31 -24.42 37.23
C LEU A 2798 20.42 -24.03 36.25
N ARG A 2799 21.43 -24.89 36.10
CA ARG A 2799 22.54 -24.61 35.18
C ARG A 2799 22.27 -25.30 33.84
N SER A 2800 21.22 -24.84 33.19
CA SER A 2800 20.78 -25.39 31.92
C SER A 2800 20.90 -24.34 30.82
N SER A 2801 21.22 -24.81 29.62
CA SER A 2801 21.29 -23.91 28.46
C SER A 2801 19.92 -23.42 28.03
N HIS A 2802 18.89 -24.25 28.20
CA HIS A 2802 17.54 -23.88 27.82
C HIS A 2802 16.96 -22.93 28.85
N LEU A 2803 16.60 -21.72 28.42
CA LEU A 2803 16.05 -20.73 29.33
C LEU A 2803 14.73 -21.17 29.95
N PRO A 2804 13.72 -21.64 29.20
CA PRO A 2804 12.47 -22.06 29.86
C PRO A 2804 12.65 -23.16 30.88
N SER A 2805 13.65 -24.03 30.70
CA SER A 2805 13.97 -25.00 31.73
C SER A 2805 14.36 -24.32 33.03
N ARG A 2806 15.17 -23.26 32.93
CA ARG A 2806 15.50 -22.46 34.11
C ARG A 2806 14.26 -21.78 34.67
N VAL A 2807 13.43 -21.21 33.79
CA VAL A 2807 12.25 -20.47 34.23
C VAL A 2807 11.29 -21.41 34.97
N GLY A 2808 11.02 -22.57 34.38
CA GLY A 2808 10.16 -23.53 35.04
C GLY A 2808 10.76 -24.05 36.33
N ALA A 2809 12.09 -24.23 36.35
CA ALA A 2809 12.76 -24.66 37.57
C ALA A 2809 12.52 -23.66 38.70
N LEU A 2810 12.61 -22.37 38.40
CA LEU A 2810 12.37 -21.35 39.42
C LEU A 2810 10.92 -21.40 39.89
N HIS A 2811 9.98 -21.63 38.97
CA HIS A 2811 8.59 -21.76 39.36
C HIS A 2811 8.39 -22.97 40.27
N GLY A 2812 9.07 -24.08 39.96
CA GLY A 2812 9.07 -25.21 40.88
C GLY A 2812 9.66 -24.86 42.22
N VAL A 2813 10.72 -24.03 42.22
CA VAL A 2813 11.30 -23.56 43.48
C VAL A 2813 10.28 -22.80 44.29
N LEU A 2814 9.45 -21.99 43.63
CA LEU A 2814 8.40 -21.24 44.32
C LEU A 2814 7.42 -22.18 45.01
N TYR A 2815 7.03 -23.26 44.32
CA TYR A 2815 6.14 -24.25 44.92
C TYR A 2815 6.79 -24.91 46.14
N VAL A 2816 8.07 -25.27 46.01
CA VAL A 2816 8.72 -26.10 47.01
C VAL A 2816 8.84 -25.36 48.34
N LEU A 2817 9.24 -24.08 48.30
CA LEU A 2817 9.47 -23.32 49.51
C LEU A 2817 8.26 -22.52 49.96
N GLU A 2818 7.10 -22.67 49.31
CA GLU A 2818 5.96 -21.82 49.58
C GLU A 2818 5.48 -21.94 51.03
N CYS A 2819 5.02 -23.14 51.43
CA CYS A 2819 4.54 -23.36 52.77
C CYS A 2819 5.11 -24.63 53.40
N ASP A 2820 5.78 -25.46 52.60
CA ASP A 2820 6.41 -26.65 53.16
C ASP A 2820 7.40 -26.26 54.24
N LEU A 2821 7.27 -26.88 55.40
CA LEU A 2821 8.21 -26.61 56.48
C LEU A 2821 9.53 -27.27 56.13
N LEU A 2822 10.26 -26.65 55.21
CA LEU A 2822 11.51 -27.20 54.70
C LEU A 2822 12.42 -27.61 55.84
N ASP A 2823 12.83 -28.86 55.84
CA ASP A 2823 13.67 -29.38 56.91
C ASP A 2823 14.99 -28.63 56.95
N ASP A 2824 15.57 -28.53 58.15
CA ASP A 2824 16.82 -27.82 58.29
C ASP A 2824 17.95 -28.46 57.49
N THR A 2825 17.78 -29.71 57.06
CA THR A 2825 18.67 -30.27 56.05
C THR A 2825 18.50 -29.59 54.70
N ALA A 2826 17.28 -29.13 54.39
CA ALA A 2826 17.03 -28.40 53.15
C ALA A 2826 17.44 -26.94 53.24
N LYS A 2827 18.20 -26.56 54.26
CA LYS A 2827 18.82 -25.23 54.30
C LYS A 2827 20.01 -25.14 53.36
N GLN A 2828 20.35 -26.22 52.65
CA GLN A 2828 21.37 -26.19 51.62
C GLN A 2828 20.80 -25.86 50.25
N LEU A 2829 19.48 -25.70 50.12
CA LEU A 2829 18.83 -25.31 48.88
C LEU A 2829 18.61 -23.81 48.78
N ILE A 2830 18.21 -23.17 49.89
CA ILE A 2830 17.94 -21.73 49.86
C ILE A 2830 19.15 -20.91 49.41
N PRO A 2831 20.37 -21.13 49.92
CA PRO A 2831 21.51 -20.38 49.40
C PRO A 2831 21.73 -20.58 47.90
N VAL A 2832 21.47 -21.78 47.38
CA VAL A 2832 21.65 -22.01 45.95
C VAL A 2832 20.71 -21.13 45.14
N ILE A 2833 19.44 -21.04 45.57
CA ILE A 2833 18.50 -20.15 44.91
C ILE A 2833 18.95 -18.70 45.07
N SER A 2834 19.36 -18.33 46.29
CA SER A 2834 19.81 -16.96 46.54
C SER A 2834 21.03 -16.61 45.71
N ASP A 2835 22.00 -17.53 45.61
CA ASP A 2835 23.17 -17.28 44.79
C ASP A 2835 22.79 -17.13 43.32
N TYR A 2836 21.90 -18.00 42.83
CA TYR A 2836 21.40 -17.85 41.47
C TYR A 2836 20.65 -16.54 41.30
N LEU A 2837 19.90 -16.13 42.33
CA LEU A 2837 19.13 -14.89 42.25
C LEU A 2837 20.05 -13.70 42.05
N LEU A 2838 21.13 -13.61 42.84
CA LEU A 2838 22.02 -12.47 42.75
C LEU A 2838 22.93 -12.57 41.53
N SER A 2839 23.42 -13.78 41.22
CA SER A 2839 24.35 -13.94 40.12
C SER A 2839 23.71 -13.69 38.75
N ASN A 2840 22.38 -13.69 38.67
CA ASN A 2840 21.69 -13.50 37.40
C ASN A 2840 20.88 -12.22 37.34
N LEU A 2841 20.82 -11.43 38.41
CA LEU A 2841 20.08 -10.17 38.37
C LEU A 2841 21.00 -8.97 38.17
N LYS A 2842 22.25 -9.05 38.63
CA LYS A 2842 23.17 -7.94 38.47
C LYS A 2842 23.54 -7.71 37.01
N GLY A 2843 23.60 -8.76 36.21
CA GLY A 2843 23.93 -8.60 34.80
C GLY A 2843 22.78 -8.12 33.95
N ILE A 2844 21.60 -7.92 34.53
CA ILE A 2844 20.41 -7.57 33.77
C ILE A 2844 19.74 -6.36 34.41
N ALA A 2845 20.20 -6.00 35.62
CA ALA A 2845 19.49 -5.02 36.43
C ALA A 2845 19.38 -3.65 35.77
N HIS A 2846 20.19 -3.36 34.76
CA HIS A 2846 20.08 -2.11 34.03
C HIS A 2846 19.66 -2.29 32.58
N CYS A 2847 19.78 -3.48 32.02
CA CYS A 2847 19.41 -3.76 30.63
C CYS A 2847 18.28 -4.79 30.56
N VAL A 2848 17.25 -4.60 31.38
CA VAL A 2848 16.16 -5.56 31.46
C VAL A 2848 15.48 -5.74 30.11
N ASN A 2849 15.31 -4.64 29.36
CA ASN A 2849 14.59 -4.70 28.10
C ASN A 2849 15.26 -5.66 27.11
N ILE A 2850 16.59 -5.76 27.17
CA ILE A 2850 17.30 -6.66 26.28
C ILE A 2850 16.94 -8.10 26.59
N HIS A 2851 16.85 -8.46 27.88
CA HIS A 2851 16.70 -9.84 28.28
C HIS A 2851 15.22 -10.21 28.40
N SER A 2852 14.97 -11.49 28.70
CA SER A 2852 13.61 -12.01 28.69
C SER A 2852 12.79 -11.44 29.84
N GLN A 2853 11.58 -10.98 29.52
CA GLN A 2853 10.71 -10.37 30.52
C GLN A 2853 10.22 -11.40 31.53
N GLN A 2854 9.76 -12.56 31.05
CA GLN A 2854 9.19 -13.55 31.95
C GLN A 2854 10.23 -14.08 32.92
N HIS A 2855 11.48 -14.17 32.49
CA HIS A 2855 12.52 -14.70 33.37
C HIS A 2855 12.74 -13.77 34.56
N VAL A 2856 13.04 -12.50 34.30
CA VAL A 2856 13.38 -11.57 35.39
C VAL A 2856 12.18 -11.38 36.32
N LEU A 2857 10.97 -11.42 35.76
CA LEU A 2857 9.77 -11.42 36.60
C LEU A 2857 9.82 -12.53 37.63
N VAL A 2858 10.39 -13.68 37.25
CA VAL A 2858 10.36 -14.85 38.12
C VAL A 2858 11.36 -14.71 39.26
N MET A 2859 12.59 -14.24 38.96
CA MET A 2859 13.53 -14.02 40.07
C MET A 2859 12.96 -13.02 41.07
N CYS A 2860 12.34 -11.95 40.59
CA CYS A 2860 11.77 -10.97 41.50
C CYS A 2860 10.68 -11.60 42.35
N ALA A 2861 9.84 -12.44 41.74
CA ALA A 2861 8.74 -13.07 42.49
C ALA A 2861 9.28 -13.98 43.58
N THR A 2862 10.27 -14.80 43.28
CA THR A 2862 10.80 -15.72 44.29
C THR A 2862 11.69 -14.99 45.29
N ALA A 2863 12.38 -13.94 44.85
CA ALA A 2863 13.18 -13.15 45.78
C ALA A 2863 12.30 -12.45 46.80
N PHE A 2864 11.17 -11.88 46.36
CA PHE A 2864 10.27 -11.22 47.28
C PHE A 2864 9.68 -12.20 48.28
N TYR A 2865 9.34 -13.41 47.83
CA TYR A 2865 8.81 -14.42 48.74
C TYR A 2865 9.86 -14.86 49.76
N LEU A 2866 11.12 -14.99 49.31
CA LEU A 2866 12.18 -15.41 50.23
C LEU A 2866 12.36 -14.41 51.36
N ILE A 2867 12.36 -13.12 51.05
CA ILE A 2867 12.54 -12.11 52.08
C ILE A 2867 11.33 -12.08 53.01
N GLU A 2868 10.13 -12.11 52.43
CA GLU A 2868 8.91 -12.01 53.24
C GLU A 2868 8.73 -13.22 54.14
N ASN A 2869 9.08 -14.41 53.65
CA ASN A 2869 8.75 -15.64 54.35
C ASN A 2869 9.95 -16.38 54.93
N TYR A 2870 11.15 -16.15 54.41
CA TYR A 2870 12.37 -16.80 54.90
C TYR A 2870 13.43 -15.74 55.18
N PRO A 2871 13.18 -14.85 56.15
CA PRO A 2871 14.14 -13.76 56.36
C PRO A 2871 15.45 -14.23 56.97
N LEU A 2872 15.41 -15.22 57.87
CA LEU A 2872 16.63 -15.68 58.52
C LEU A 2872 17.45 -16.61 57.62
N ASP A 2873 16.78 -17.36 56.73
CA ASP A 2873 17.49 -18.33 55.91
C ASP A 2873 18.43 -17.66 54.91
N VAL A 2874 18.05 -16.50 54.39
CA VAL A 2874 18.92 -15.70 53.53
C VAL A 2874 19.55 -14.62 54.42
N GLY A 2875 20.85 -14.40 54.25
CA GLY A 2875 21.55 -13.42 55.03
C GLY A 2875 20.99 -12.02 54.80
N PRO A 2876 21.13 -11.15 55.80
CA PRO A 2876 20.62 -9.78 55.66
C PRO A 2876 21.27 -9.03 54.50
N GLU A 2877 22.46 -9.45 54.07
CA GLU A 2877 23.04 -8.88 52.86
C GLU A 2877 22.15 -9.12 51.65
N PHE A 2878 21.62 -10.34 51.51
CA PHE A 2878 20.77 -10.65 50.36
C PHE A 2878 19.53 -9.77 50.32
N SER A 2879 18.89 -9.56 51.48
CA SER A 2879 17.74 -8.66 51.51
C SER A 2879 18.14 -7.24 51.13
N ALA A 2880 19.30 -6.78 51.62
CA ALA A 2880 19.78 -5.45 51.26
C ALA A 2880 20.27 -5.42 49.82
N SER A 2881 21.03 -6.44 49.41
CA SER A 2881 21.60 -6.44 48.06
C SER A 2881 20.53 -6.51 46.99
N ILE A 2882 19.33 -6.99 47.33
CA ILE A 2882 18.29 -7.13 46.32
C ILE A 2882 17.39 -5.90 46.27
N ILE A 2883 17.27 -5.16 47.37
CA ILE A 2883 16.49 -3.93 47.36
C ILE A 2883 17.17 -2.88 46.50
N GLN A 2884 18.49 -2.73 46.66
CA GLN A 2884 19.26 -1.89 45.76
C GLN A 2884 19.30 -2.50 44.36
N MET A 2885 19.21 -3.83 44.27
CA MET A 2885 19.32 -4.52 43.00
C MET A 2885 18.17 -4.14 42.07
N CYS A 2886 16.95 -4.12 42.61
CA CYS A 2886 15.78 -3.68 41.86
C CYS A 2886 15.52 -2.20 42.00
N GLY A 2887 16.21 -1.52 42.92
CA GLY A 2887 16.14 -0.07 42.97
C GLY A 2887 16.69 0.58 41.74
N VAL A 2888 17.81 0.06 41.23
CA VAL A 2888 18.35 0.55 39.97
C VAL A 2888 17.44 0.15 38.82
N MET A 2889 16.68 -0.94 38.95
CA MET A 2889 15.71 -1.30 37.94
C MET A 2889 14.59 -0.26 37.88
N LEU A 2890 14.13 0.21 39.03
CA LEU A 2890 13.11 1.26 39.06
C LEU A 2890 13.66 2.58 38.55
N SER A 2891 14.93 2.89 38.83
CA SER A 2891 15.54 4.14 38.44
C SER A 2891 15.94 4.18 36.97
N GLY A 2892 15.62 3.13 36.21
CA GLY A 2892 15.92 3.11 34.80
C GLY A 2892 14.94 3.96 34.00
N SER A 2893 15.30 4.16 32.73
CA SER A 2893 14.47 4.95 31.84
C SER A 2893 13.25 4.13 31.39
N GLU A 2894 12.37 4.79 30.65
CA GLU A 2894 11.23 4.10 30.06
C GLU A 2894 11.67 3.00 29.10
N GLU A 2895 12.88 3.09 28.56
CA GLU A 2895 13.41 2.09 27.66
C GLU A 2895 14.23 1.02 28.37
N SER A 2896 14.98 1.41 29.41
CA SER A 2896 15.86 0.49 30.11
C SER A 2896 15.12 -0.43 31.07
N THR A 2897 13.84 -0.17 31.33
CA THR A 2897 13.05 -1.00 32.24
C THR A 2897 11.62 -1.01 31.72
N PRO A 2898 11.16 -2.15 31.18
CA PRO A 2898 9.79 -2.20 30.66
C PRO A 2898 8.77 -1.98 31.76
N SER A 2899 7.61 -1.43 31.37
CA SER A 2899 6.58 -1.10 32.34
C SER A 2899 6.09 -2.32 33.10
N ILE A 2900 6.24 -3.51 32.53
CA ILE A 2900 5.86 -4.74 33.23
C ILE A 2900 6.81 -4.98 34.41
N ILE A 2901 8.12 -4.88 34.15
CA ILE A 2901 9.11 -5.12 35.20
C ILE A 2901 9.04 -4.04 36.26
N TYR A 2902 8.81 -2.79 35.85
CA TYR A 2902 8.77 -1.67 36.79
C TYR A 2902 7.64 -1.85 37.79
N HIS A 2903 6.45 -2.22 37.32
CA HIS A 2903 5.30 -2.33 38.22
C HIS A 2903 5.40 -3.56 39.10
N CYS A 2904 5.98 -4.65 38.58
CA CYS A 2904 6.13 -5.86 39.38
C CYS A 2904 7.08 -5.62 40.56
N ALA A 2905 8.25 -5.04 40.29
CA ALA A 2905 9.20 -4.78 41.36
C ALA A 2905 8.66 -3.77 42.35
N LEU A 2906 7.97 -2.73 41.86
CA LEU A 2906 7.45 -1.71 42.74
C LEU A 2906 6.38 -2.26 43.68
N ARG A 2907 5.42 -3.02 43.13
CA ARG A 2907 4.40 -3.64 43.97
C ARG A 2907 5.02 -4.71 44.86
N GLY A 2908 6.02 -5.44 44.36
CA GLY A 2908 6.72 -6.39 45.20
C GLY A 2908 7.43 -5.73 46.36
N LEU A 2909 8.12 -4.62 46.09
CA LEU A 2909 8.74 -3.86 47.17
C LEU A 2909 7.69 -3.27 48.10
N GLU A 2910 6.56 -2.83 47.54
CA GLU A 2910 5.49 -2.28 48.37
C GLU A 2910 4.96 -3.32 49.33
N ARG A 2911 4.80 -4.57 48.88
CA ARG A 2911 4.41 -5.65 49.77
C ARG A 2911 5.47 -5.91 50.82
N LEU A 2912 6.74 -5.90 50.42
CA LEU A 2912 7.83 -6.19 51.36
C LEU A 2912 7.85 -5.17 52.49
N LEU A 2913 7.59 -3.90 52.18
CA LEU A 2913 7.55 -2.89 53.23
C LEU A 2913 6.26 -3.00 54.04
N LEU A 2914 5.14 -3.28 53.38
CA LEU A 2914 3.86 -3.37 54.08
C LEU A 2914 3.80 -4.58 55.01
N SER A 2915 4.65 -5.57 54.82
CA SER A 2915 4.80 -6.67 55.76
C SER A 2915 6.03 -6.39 56.62
N GLU A 2916 5.83 -6.39 57.94
CA GLU A 2916 6.89 -5.99 58.86
C GLU A 2916 8.05 -6.97 58.92
N GLN A 2917 8.07 -8.00 58.07
CA GLN A 2917 9.17 -8.96 58.06
C GLN A 2917 10.49 -8.33 57.66
N LEU A 2918 10.46 -7.19 56.97
CA LEU A 2918 11.69 -6.53 56.54
C LEU A 2918 12.40 -5.89 57.71
N SER A 2919 13.73 -5.93 57.67
CA SER A 2919 14.53 -5.37 58.74
C SER A 2919 14.44 -3.84 58.74
N ARG A 2920 14.73 -3.25 59.90
CA ARG A 2920 14.63 -1.80 60.04
C ARG A 2920 15.60 -1.08 59.11
N LEU A 2921 16.83 -1.59 59.00
CA LEU A 2921 17.80 -0.98 58.09
C LEU A 2921 17.32 -1.06 56.65
N ASP A 2922 16.79 -2.22 56.24
CA ASP A 2922 16.33 -2.39 54.87
C ASP A 2922 15.03 -1.62 54.62
N ALA A 2923 14.17 -1.54 55.64
CA ALA A 2923 12.91 -0.81 55.49
C ALA A 2923 13.17 0.66 55.17
N GLU A 2924 14.04 1.31 55.94
CA GLU A 2924 14.39 2.69 55.68
C GLU A 2924 15.34 2.84 54.49
N SER A 2925 15.90 1.74 53.98
CA SER A 2925 16.75 1.83 52.79
C SER A 2925 15.93 2.16 51.55
N LEU A 2926 14.69 1.67 51.48
CA LEU A 2926 13.88 1.85 50.28
C LEU A 2926 12.87 2.99 50.38
N VAL A 2927 12.59 3.48 51.58
CA VAL A 2927 11.70 4.64 51.69
C VAL A 2927 12.33 5.85 51.02
N LYS A 2928 13.66 5.93 51.01
CA LYS A 2928 14.34 6.98 50.26
C LYS A 2928 14.11 6.81 48.77
N LEU A 2929 14.13 5.56 48.27
CA LEU A 2929 13.90 5.30 46.85
C LEU A 2929 12.50 5.70 46.41
N SER A 2930 11.55 5.80 47.35
CA SER A 2930 10.18 6.13 46.97
C SER A 2930 10.08 7.55 46.41
N VAL A 2931 10.75 8.51 47.05
CA VAL A 2931 10.58 9.91 46.66
C VAL A 2931 11.23 10.19 45.32
N ASP A 2932 12.29 9.46 44.98
CA ASP A 2932 13.02 9.72 43.74
C ASP A 2932 12.15 9.45 42.51
N ARG A 2933 11.40 8.34 42.53
CA ARG A 2933 10.68 7.90 41.35
C ARG A 2933 9.32 8.55 41.16
N VAL A 2934 8.92 9.46 42.06
CA VAL A 2934 7.67 10.18 41.85
C VAL A 2934 7.78 11.10 40.64
N ASN A 2935 8.96 11.68 40.42
CA ASN A 2935 9.15 12.66 39.35
C ASN A 2935 9.68 11.95 38.11
N VAL A 2936 8.76 11.31 37.38
CA VAL A 2936 9.06 10.70 36.09
C VAL A 2936 8.01 11.16 35.09
N HIS A 2937 8.38 11.15 33.80
CA HIS A 2937 7.50 11.67 32.77
C HIS A 2937 6.21 10.86 32.66
N SER A 2938 6.32 9.54 32.63
CA SER A 2938 5.15 8.70 32.37
C SER A 2938 4.18 8.77 33.54
N PRO A 2939 2.90 9.06 33.31
CA PRO A 2939 1.95 9.17 34.42
C PRO A 2939 1.82 7.90 35.23
N HIS A 2940 1.84 6.72 34.59
CA HIS A 2940 1.59 5.49 35.32
C HIS A 2940 2.80 5.10 36.18
N ARG A 2941 4.01 5.35 35.67
CA ARG A 2941 5.20 5.11 36.49
C ARG A 2941 5.23 6.06 37.69
N ALA A 2942 4.81 7.31 37.49
CA ALA A 2942 4.75 8.27 38.58
C ALA A 2942 3.61 7.93 39.54
N MET A 2943 2.44 7.59 38.99
CA MET A 2943 1.32 7.23 39.84
C MET A 2943 1.58 5.96 40.63
N ALA A 2944 2.24 4.98 40.00
CA ALA A 2944 2.64 3.78 40.74
C ALA A 2944 3.63 4.13 41.85
N ALA A 2945 4.61 4.99 41.54
CA ALA A 2945 5.56 5.40 42.56
C ALA A 2945 4.90 6.27 43.63
N LEU A 2946 3.79 6.92 43.28
CA LEU A 2946 3.01 7.63 44.30
C LEU A 2946 2.45 6.65 45.33
N GLY A 2947 2.01 5.47 44.87
CA GLY A 2947 1.53 4.48 45.80
C GLY A 2947 2.61 3.96 46.73
N LEU A 2948 3.80 3.68 46.18
CA LEU A 2948 4.88 3.16 47.00
C LEU A 2948 5.27 4.14 48.09
N MET A 2949 5.40 5.42 47.73
CA MET A 2949 5.71 6.43 48.73
C MET A 2949 4.57 6.58 49.73
N LEU A 2950 3.32 6.43 49.27
CA LEU A 2950 2.18 6.57 50.17
C LEU A 2950 2.20 5.50 51.25
N THR A 2951 2.54 4.27 50.91
CA THR A 2951 2.66 3.21 51.92
C THR A 2951 3.91 3.41 52.76
N CYS A 2952 5.02 3.84 52.14
CA CYS A 2952 6.25 4.05 52.89
C CYS A 2952 6.09 5.08 54.00
N MET A 2953 5.13 5.99 53.85
CA MET A 2953 4.90 7.03 54.83
C MET A 2953 3.70 6.75 55.72
N TYR A 2954 2.76 5.93 55.25
CA TYR A 2954 1.69 5.43 56.12
C TYR A 2954 2.14 4.27 56.99
N THR A 2955 3.28 3.65 56.66
CA THR A 2955 3.79 2.58 57.52
C THR A 2955 4.62 3.14 58.67
N GLY A 2956 5.40 4.20 58.40
CA GLY A 2956 6.21 4.79 59.46
C GLY A 2956 5.36 5.36 60.58
N LYS A 2957 4.27 6.04 60.24
CA LYS A 2957 3.38 6.61 61.23
C LYS A 2957 2.26 5.64 61.58
N VAL A 2978 6.61 16.29 60.40
CA VAL A 2978 6.64 17.62 59.79
C VAL A 2978 8.06 17.97 59.36
N ILE A 2979 9.05 17.31 59.97
CA ILE A 2979 10.43 17.54 59.60
C ILE A 2979 10.70 17.10 58.17
N VAL A 2980 10.16 15.94 57.78
CA VAL A 2980 10.32 15.42 56.43
C VAL A 2980 9.01 15.37 55.66
N ALA A 2981 7.86 15.20 56.33
CA ALA A 2981 6.58 15.19 55.64
C ALA A 2981 6.30 16.51 54.93
N MET A 2982 6.98 17.59 55.31
CA MET A 2982 6.90 18.83 54.56
C MET A 2982 7.37 18.63 53.12
N GLU A 2983 8.44 17.86 52.94
CA GLU A 2983 8.92 17.58 51.59
C GLU A 2983 7.92 16.72 50.81
N ARG A 2984 7.34 15.72 51.46
CA ARG A 2984 6.44 14.80 50.76
C ARG A 2984 5.18 15.50 50.28
N VAL A 2985 4.58 16.34 51.11
CA VAL A 2985 3.39 17.07 50.67
C VAL A 2985 3.77 18.06 49.58
N SER A 2986 5.00 18.56 49.58
CA SER A 2986 5.44 19.47 48.54
C SER A 2986 5.49 18.79 47.18
N VAL A 2987 6.00 17.56 47.13
CA VAL A 2987 6.14 16.84 45.87
C VAL A 2987 4.79 16.30 45.44
N LEU A 2988 3.79 16.40 46.31
CA LEU A 2988 2.42 16.10 45.93
C LEU A 2988 1.75 17.29 45.25
N PHE A 2989 2.00 18.50 45.75
CA PHE A 2989 1.44 19.69 45.11
C PHE A 2989 2.09 19.92 43.75
N ASP A 2990 3.35 19.51 43.58
CA ASP A 2990 4.01 19.66 42.30
C ASP A 2990 3.37 18.80 41.23
N ARG A 2991 3.01 17.55 41.56
CA ARG A 2991 2.40 16.67 40.58
C ARG A 2991 1.09 17.22 40.08
N ILE A 2992 0.34 17.92 40.93
CA ILE A 2992 -0.85 18.63 40.49
C ILE A 2992 -0.48 19.75 39.52
N ARG A 2993 0.73 20.30 39.64
CA ARG A 2993 1.17 21.42 38.82
C ARG A 2993 1.84 20.98 37.53
N LYS A 2994 2.69 19.95 37.57
CA LYS A 2994 3.40 19.47 36.39
C LYS A 2994 2.93 18.08 35.98
N GLY A 2995 1.62 17.83 36.07
CA GLY A 2995 1.07 16.55 35.72
C GLY A 2995 -0.14 16.70 34.81
N PHE A 2996 -0.45 15.61 34.12
CA PHE A 2996 -1.58 15.59 33.21
C PHE A 2996 -2.88 15.63 34.00
N PRO A 2997 -3.98 16.08 33.36
CA PRO A 2997 -5.25 16.21 34.11
C PRO A 2997 -5.71 14.92 34.79
N CYS A 2998 -5.53 13.77 34.15
CA CYS A 2998 -5.85 12.52 34.81
C CYS A 2998 -4.93 12.28 36.01
N GLU A 2999 -3.63 12.53 35.82
CA GLU A 2999 -2.67 12.36 36.90
C GLU A 2999 -2.92 13.38 38.02
N ALA A 3000 -3.28 14.61 37.66
CA ALA A 3000 -3.46 15.65 38.67
C ALA A 3000 -4.77 15.47 39.42
N ARG A 3001 -5.81 14.98 38.75
CA ARG A 3001 -7.10 14.80 39.40
C ARG A 3001 -7.02 13.73 40.49
N VAL A 3002 -6.19 12.71 40.29
CA VAL A 3002 -6.03 11.68 41.31
C VAL A 3002 -5.38 12.27 42.56
N VAL A 3003 -4.30 13.02 42.38
CA VAL A 3003 -3.58 13.59 43.52
C VAL A 3003 -4.46 14.59 44.25
N ALA A 3004 -5.27 15.34 43.50
CA ALA A 3004 -6.20 16.28 44.13
C ALA A 3004 -7.26 15.56 44.95
N ARG A 3005 -7.65 14.36 44.53
CA ARG A 3005 -8.68 13.61 45.25
C ARG A 3005 -8.16 13.02 46.56
N ILE A 3006 -6.88 12.62 46.59
CA ILE A 3006 -6.32 12.00 47.78
C ILE A 3006 -5.70 13.00 48.74
N LEU A 3007 -5.53 14.26 48.32
CA LEU A 3007 -4.95 15.27 49.21
C LEU A 3007 -5.80 15.54 50.45
N PRO A 3008 -7.12 15.74 50.35
CA PRO A 3008 -7.88 16.11 51.57
C PRO A 3008 -7.74 15.12 52.71
N GLN A 3009 -7.71 13.82 52.42
CA GLN A 3009 -7.46 12.85 53.47
C GLN A 3009 -5.99 12.84 53.87
N PHE A 3010 -5.09 13.05 52.90
CA PHE A 3010 -3.66 13.04 53.18
C PHE A 3010 -3.28 14.18 54.12
N LEU A 3011 -3.81 15.38 53.86
CA LEU A 3011 -3.53 16.50 54.75
C LEU A 3011 -4.18 16.31 56.11
N ASP A 3012 -5.37 15.71 56.15
CA ASP A 3012 -6.06 15.46 57.41
C ASP A 3012 -5.36 14.40 58.25
N ASP A 3013 -4.39 13.68 57.70
CA ASP A 3013 -3.74 12.58 58.40
C ASP A 3013 -2.37 12.93 58.95
N PHE A 3014 -1.55 13.64 58.19
CA PHE A 3014 -0.15 13.82 58.54
C PHE A 3014 0.20 15.20 59.08
N PHE A 3015 -0.68 16.19 58.91
CA PHE A 3015 -0.41 17.51 59.44
C PHE A 3015 -1.62 18.05 60.19
N PRO A 3016 -1.40 18.79 61.26
CA PRO A 3016 -2.49 19.57 61.85
C PRO A 3016 -2.93 20.66 60.89
N PRO A 3017 -4.19 21.09 60.96
CA PRO A 3017 -4.70 22.01 59.93
C PRO A 3017 -3.93 23.30 59.82
N GLN A 3018 -3.43 23.84 60.94
CA GLN A 3018 -2.67 25.08 60.87
C GLN A 3018 -1.27 24.87 60.28
N ASP A 3019 -0.70 23.66 60.45
CA ASP A 3019 0.62 23.40 59.91
C ASP A 3019 0.63 23.47 58.39
N ILE A 3020 -0.38 22.89 57.75
CA ILE A 3020 -0.54 22.97 56.30
C ILE A 3020 -1.86 23.67 56.07
N MET A 3021 -1.82 25.01 56.01
CA MET A 3021 -2.98 25.77 55.57
C MET A 3021 -2.61 26.92 54.63
N ASN A 3022 -1.37 27.42 54.68
CA ASN A 3022 -0.94 28.41 53.70
C ASN A 3022 -0.78 27.78 52.32
N LYS A 3023 -0.27 26.56 52.26
CA LYS A 3023 -0.05 25.91 50.98
C LYS A 3023 -1.37 25.65 50.24
N VAL A 3024 -2.38 25.14 50.96
CA VAL A 3024 -3.62 24.72 50.31
C VAL A 3024 -4.29 25.92 49.64
N ILE A 3025 -4.37 27.04 50.35
CA ILE A 3025 -4.83 28.28 49.72
C ILE A 3025 -3.78 28.79 48.74
N GLY A 3026 -2.51 28.72 49.12
CA GLY A 3026 -1.45 29.22 48.25
C GLY A 3026 -1.38 28.48 46.93
N GLU A 3027 -1.50 27.16 46.97
CA GLU A 3027 -1.49 26.39 45.73
C GLU A 3027 -2.82 26.45 45.00
N PHE A 3028 -3.89 26.86 45.68
CA PHE A 3028 -5.19 26.96 45.03
C PHE A 3028 -5.17 28.05 43.97
N LEU A 3029 -4.92 29.29 44.38
CA LEU A 3029 -4.79 30.40 43.45
C LEU A 3029 -3.32 30.74 43.25
N SER A 3030 -2.91 30.79 41.99
CA SER A 3030 -1.54 31.07 41.60
C SER A 3030 -1.50 31.11 40.08
N ASN A 3031 -0.39 31.57 39.54
CA ASN A 3031 -0.18 31.52 38.10
C ASN A 3031 0.49 30.24 37.65
N GLN A 3032 1.18 29.55 38.55
CA GLN A 3032 1.74 28.22 38.27
C GLN A 3032 0.82 27.14 38.83
N GLN A 3033 -0.40 27.10 38.30
CA GLN A 3033 -1.39 26.11 38.72
C GLN A 3033 -2.32 25.85 37.55
N PRO A 3034 -2.02 24.83 36.74
CA PRO A 3034 -2.86 24.56 35.56
C PRO A 3034 -4.27 24.13 35.89
N TYR A 3035 -4.51 23.57 37.08
CA TYR A 3035 -5.83 23.05 37.45
C TYR A 3035 -6.26 23.62 38.79
N PRO A 3036 -6.61 24.91 38.84
CA PRO A 3036 -7.20 25.44 40.08
C PRO A 3036 -8.59 24.91 40.34
N GLN A 3037 -9.27 24.35 39.34
CA GLN A 3037 -10.56 23.73 39.56
C GLN A 3037 -10.43 22.43 40.33
N PHE A 3038 -9.30 21.73 40.18
CA PHE A 3038 -9.05 20.55 41.00
C PHE A 3038 -8.70 20.93 42.43
N MET A 3039 -7.92 21.99 42.61
CA MET A 3039 -7.59 22.48 43.95
C MET A 3039 -8.80 23.09 44.65
N ALA A 3040 -9.85 23.44 43.90
CA ALA A 3040 -11.04 24.00 44.53
C ALA A 3040 -11.70 22.99 45.46
N THR A 3041 -11.72 21.71 45.06
CA THR A 3041 -12.26 20.68 45.94
C THR A 3041 -11.35 20.45 47.13
N VAL A 3042 -10.04 20.59 46.95
CA VAL A 3042 -9.10 20.38 48.05
C VAL A 3042 -9.32 21.38 49.16
N VAL A 3043 -9.48 22.66 48.81
CA VAL A 3043 -9.76 23.67 49.84
C VAL A 3043 -11.13 23.43 50.44
N TYR A 3044 -12.07 22.92 49.63
CA TYR A 3044 -13.41 22.63 50.13
C TYR A 3044 -13.39 21.52 51.18
N LYS A 3045 -12.78 20.38 50.85
CA LYS A 3045 -12.77 19.26 51.77
C LYS A 3045 -11.95 19.58 53.03
N VAL A 3046 -10.83 20.28 52.87
CA VAL A 3046 -10.05 20.69 54.03
C VAL A 3046 -10.84 21.64 54.91
N PHE A 3047 -11.61 22.55 54.30
CA PHE A 3047 -12.45 23.44 55.08
C PHE A 3047 -13.60 22.71 55.75
N GLN A 3048 -14.28 21.83 55.01
CA GLN A 3048 -15.42 21.10 55.57
C GLN A 3048 -14.97 20.15 56.66
N THR A 3049 -13.82 19.50 56.49
CA THR A 3049 -13.29 18.64 57.54
C THR A 3049 -12.84 19.45 58.75
N LEU A 3050 -12.76 20.78 58.62
CA LEU A 3050 -12.52 21.66 59.75
C LEU A 3050 -13.82 22.23 60.32
N HIS A 3051 -14.78 22.54 59.45
CA HIS A 3051 -16.01 23.17 59.92
C HIS A 3051 -16.83 22.22 60.79
N SER A 3052 -16.83 20.94 60.47
CA SER A 3052 -17.63 19.95 61.19
C SER A 3052 -16.83 19.19 62.24
N THR A 3053 -15.60 19.62 62.52
CA THR A 3053 -14.76 18.94 63.50
C THR A 3053 -14.22 19.92 64.53
N GLY A 3054 -15.04 20.90 64.91
CA GLY A 3054 -14.68 21.78 66.01
C GLY A 3054 -13.74 22.90 65.68
N GLN A 3055 -13.62 23.28 64.40
CA GLN A 3055 -12.82 24.42 63.99
C GLN A 3055 -13.62 25.35 63.11
N SER A 3056 -14.89 25.56 63.44
CA SER A 3056 -15.76 26.43 62.64
C SER A 3056 -15.29 27.88 62.66
N SER A 3057 -14.50 28.27 63.65
CA SER A 3057 -13.95 29.62 63.71
C SER A 3057 -12.54 29.72 63.15
N MET A 3058 -11.80 28.61 63.12
CA MET A 3058 -10.46 28.63 62.55
C MET A 3058 -10.49 28.99 61.07
N VAL A 3059 -11.44 28.42 60.33
CA VAL A 3059 -11.56 28.74 58.91
C VAL A 3059 -11.92 30.20 58.72
N ARG A 3060 -12.67 30.77 59.67
CA ARG A 3060 -13.02 32.18 59.61
C ARG A 3060 -11.78 33.07 59.66
N ASP A 3061 -10.79 32.69 60.47
CA ASP A 3061 -9.55 33.45 60.51
C ASP A 3061 -8.83 33.39 59.17
N TRP A 3062 -8.83 32.22 58.53
CA TRP A 3062 -8.01 32.03 57.34
C TRP A 3062 -8.64 32.68 56.11
N VAL A 3063 -9.96 32.63 55.99
CA VAL A 3063 -10.60 33.30 54.86
C VAL A 3063 -10.43 34.81 54.98
N MET A 3064 -10.53 35.35 56.20
CA MET A 3064 -10.24 36.76 56.40
C MET A 3064 -8.78 37.07 56.13
N LEU A 3065 -7.88 36.16 56.53
CA LEU A 3065 -6.46 36.39 56.33
C LEU A 3065 -6.09 36.44 54.85
N SER A 3066 -6.65 35.55 54.05
CA SER A 3066 -6.26 35.41 52.65
C SER A 3066 -7.20 36.11 51.68
N LEU A 3067 -8.19 36.85 52.16
CA LEU A 3067 -9.10 37.54 51.26
C LEU A 3067 -8.35 38.61 50.46
N SER A 3068 -7.41 39.30 51.09
CA SER A 3068 -6.59 40.27 50.37
C SER A 3068 -5.78 39.58 49.27
N ASN A 3069 -5.27 38.38 49.56
CA ASN A 3069 -4.59 37.61 48.53
C ASN A 3069 -5.56 37.22 47.41
N PHE A 3070 -6.79 36.84 47.78
CA PHE A 3070 -7.79 36.52 46.76
C PHE A 3070 -8.16 37.75 45.94
N THR A 3071 -8.03 38.93 46.53
CA THR A 3071 -8.41 40.16 45.83
C THR A 3071 -7.55 40.38 44.59
N GLN A 3072 -6.25 40.15 44.71
CA GLN A 3072 -5.31 40.30 43.60
C GLN A 3072 -5.02 38.92 43.02
N ARG A 3073 -5.63 38.62 41.89
CA ARG A 3073 -5.41 37.32 41.26
C ARG A 3073 -5.79 37.39 39.81
N ALA A 3074 -4.78 37.42 38.95
CA ALA A 3074 -4.93 37.44 37.49
C ALA A 3074 -6.11 38.19 36.93
N PRO A 3075 -6.91 37.53 36.10
CA PRO A 3075 -8.07 38.17 35.51
C PRO A 3075 -9.14 38.39 36.54
N VAL A 3076 -9.98 39.39 36.33
CA VAL A 3076 -11.01 39.64 37.31
C VAL A 3076 -11.94 38.47 37.45
N ALA A 3077 -12.32 37.84 36.34
CA ALA A 3077 -13.22 36.71 36.41
C ALA A 3077 -12.61 35.59 37.22
N MET A 3078 -11.33 35.32 37.02
CA MET A 3078 -10.68 34.28 37.81
C MET A 3078 -10.64 34.67 39.26
N ALA A 3079 -10.38 35.92 39.55
CA ALA A 3079 -10.35 36.38 40.90
C ALA A 3079 -11.72 36.21 41.55
N THR A 3080 -12.80 36.53 40.86
CA THR A 3080 -14.08 36.36 41.53
C THR A 3080 -14.45 34.91 41.60
N TRP A 3081 -14.13 34.15 40.57
CA TRP A 3081 -14.45 32.73 40.59
C TRP A 3081 -13.78 32.05 41.78
N SER A 3082 -12.49 32.30 41.97
CA SER A 3082 -11.79 31.74 43.13
C SER A 3082 -12.38 32.26 44.43
N LEU A 3083 -12.72 33.54 44.48
CA LEU A 3083 -13.34 34.11 45.67
C LEU A 3083 -14.73 33.52 45.90
N SER A 3084 -15.50 33.32 44.83
CA SER A 3084 -16.83 32.76 44.96
C SER A 3084 -16.78 31.34 45.52
N CYS A 3085 -15.85 30.52 45.01
CA CYS A 3085 -15.73 29.15 45.48
C CYS A 3085 -15.03 29.05 46.82
N PHE A 3086 -14.33 30.11 47.24
CA PHE A 3086 -13.74 30.11 48.58
C PHE A 3086 -14.80 30.29 49.65
N PHE A 3087 -15.78 31.16 49.40
CA PHE A 3087 -16.89 31.32 50.34
C PHE A 3087 -17.75 30.07 50.36
N VAL A 3088 -17.92 29.42 49.21
CA VAL A 3088 -18.64 28.15 49.16
C VAL A 3088 -17.95 27.12 50.04
N SER A 3089 -16.63 27.01 49.93
CA SER A 3089 -15.87 26.06 50.74
C SER A 3089 -15.95 26.36 52.22
N ALA A 3090 -16.22 27.62 52.60
CA ALA A 3090 -16.25 28.03 54.00
C ALA A 3090 -17.65 28.38 54.47
N SER A 3091 -18.68 27.99 53.71
CA SER A 3091 -20.06 28.28 54.06
C SER A 3091 -20.65 27.07 54.76
N THR A 3092 -21.27 27.29 55.92
CA THR A 3092 -21.87 26.22 56.70
C THR A 3092 -23.32 25.92 56.30
N SER A 3093 -23.92 26.76 55.46
CA SER A 3093 -25.29 26.52 55.04
C SER A 3093 -25.36 25.22 54.25
N PRO A 3094 -26.34 24.36 54.50
CA PRO A 3094 -26.39 23.06 53.79
C PRO A 3094 -26.50 23.19 52.28
N TRP A 3095 -27.18 24.22 51.79
CA TRP A 3095 -27.42 24.38 50.37
C TRP A 3095 -26.40 25.29 49.68
N VAL A 3096 -25.41 25.81 50.42
CA VAL A 3096 -24.36 26.62 49.83
C VAL A 3096 -23.08 25.80 49.78
N ALA A 3097 -22.88 24.97 50.80
CA ALA A 3097 -21.76 24.04 50.79
C ALA A 3097 -21.94 22.92 49.78
N ALA A 3098 -23.11 22.79 49.18
CA ALA A 3098 -23.41 21.70 48.27
C ALA A 3098 -23.50 22.16 46.81
N ILE A 3099 -23.11 23.39 46.50
CA ILE A 3099 -23.15 23.89 45.13
C ILE A 3099 -21.76 24.09 44.56
N LEU A 3100 -20.73 23.55 45.21
CA LEU A 3100 -19.37 23.66 44.68
C LEU A 3100 -19.22 23.13 43.27
N PRO A 3101 -19.77 21.97 42.89
CA PRO A 3101 -19.61 21.52 41.49
C PRO A 3101 -20.17 22.50 40.48
N HIS A 3102 -21.23 23.24 40.83
CA HIS A 3102 -21.82 24.18 39.89
C HIS A 3102 -20.84 25.30 39.55
N VAL A 3103 -20.21 25.89 40.56
CA VAL A 3103 -19.27 26.98 40.32
C VAL A 3103 -18.01 26.47 39.64
N ILE A 3104 -17.61 25.24 39.96
CA ILE A 3104 -16.47 24.62 39.28
C ILE A 3104 -16.83 24.36 37.82
N SER A 3105 -18.08 23.98 37.54
CA SER A 3105 -18.50 23.70 36.17
C SER A 3105 -18.33 24.92 35.28
N ARG A 3106 -18.87 26.06 35.71
CA ARG A 3106 -18.72 27.32 34.97
C ARG A 3106 -17.50 28.04 35.51
N MET A 3107 -16.37 27.79 34.87
CA MET A 3107 -15.08 28.33 35.30
C MET A 3107 -14.67 29.45 34.34
N GLY A 3108 -14.30 30.60 34.91
CA GLY A 3108 -13.91 31.73 34.10
C GLY A 3108 -15.06 32.53 33.52
N LYS A 3109 -16.29 32.20 33.87
CA LYS A 3109 -17.45 32.93 33.37
C LYS A 3109 -17.75 34.13 34.27
N LEU A 3110 -18.10 35.24 33.63
CA LEU A 3110 -18.45 36.47 34.33
C LEU A 3110 -19.82 36.97 33.90
N GLU A 3111 -20.76 36.03 33.72
CA GLU A 3111 -22.11 36.40 33.32
C GLU A 3111 -22.85 37.00 34.52
N GLN A 3112 -24.11 37.37 34.27
CA GLN A 3112 -24.93 37.95 35.34
C GLN A 3112 -25.16 36.96 36.47
N VAL A 3113 -25.35 35.68 36.13
CA VAL A 3113 -25.57 34.66 37.15
C VAL A 3113 -24.31 34.46 37.99
N ASP A 3114 -23.14 34.58 37.37
CA ASP A 3114 -21.89 34.35 38.10
C ASP A 3114 -21.70 35.39 39.19
N VAL A 3115 -21.87 36.67 38.85
CA VAL A 3115 -21.74 37.73 39.86
C VAL A 3115 -22.88 37.64 40.87
N ASN A 3116 -24.09 37.31 40.39
CA ASN A 3116 -25.22 37.12 41.31
C ASN A 3116 -24.93 35.98 42.29
N LEU A 3117 -24.37 34.88 41.80
CA LEU A 3117 -23.95 33.80 42.70
C LEU A 3117 -22.84 34.28 43.63
N PHE A 3118 -21.87 35.03 43.10
CA PHE A 3118 -20.76 35.50 43.92
C PHE A 3118 -21.23 36.41 45.04
N CYS A 3119 -22.15 37.33 44.73
CA CYS A 3119 -22.69 38.19 45.77
C CYS A 3119 -23.49 37.39 46.80
N LEU A 3120 -24.29 36.43 46.33
CA LEU A 3120 -25.13 35.66 47.25
C LEU A 3120 -24.30 34.83 48.21
N VAL A 3121 -23.25 34.17 47.71
CA VAL A 3121 -22.41 33.36 48.60
C VAL A 3121 -21.59 34.26 49.51
N ALA A 3122 -21.23 35.45 49.05
CA ALA A 3122 -20.44 36.36 49.88
C ALA A 3122 -21.26 36.87 51.06
N THR A 3123 -22.47 37.35 50.80
CA THR A 3123 -23.31 37.86 51.88
C THR A 3123 -23.71 36.76 52.85
N ASP A 3124 -23.98 35.55 52.33
CA ASP A 3124 -24.34 34.45 53.19
C ASP A 3124 -23.17 33.99 54.06
N PHE A 3125 -21.94 34.19 53.62
CA PHE A 3125 -20.81 34.06 54.53
C PHE A 3125 -20.69 35.27 55.44
N TYR A 3126 -21.06 36.45 54.94
CA TYR A 3126 -20.99 37.67 55.75
C TYR A 3126 -22.15 37.75 56.74
N ARG A 3127 -23.38 37.80 56.22
CA ARG A 3127 -24.54 38.05 57.06
C ARG A 3127 -24.77 36.91 58.05
N HIS A 3128 -24.59 35.67 57.63
CA HIS A 3128 -24.94 34.52 58.47
C HIS A 3128 -23.80 34.12 59.42
N GLN A 3129 -22.61 33.88 58.89
CA GLN A 3129 -21.55 33.24 59.65
C GLN A 3129 -20.27 34.06 59.55
N ILE A 3130 -20.35 35.34 59.89
CA ILE A 3130 -19.15 36.13 60.13
C ILE A 3130 -18.83 36.06 61.62
N GLU A 3131 -17.60 36.42 61.98
CA GLU A 3131 -17.11 36.27 63.34
C GLU A 3131 -17.94 37.07 64.34
N GLU A 3132 -17.93 38.39 64.23
CA GLU A 3132 -18.63 39.25 65.19
C GLU A 3132 -18.99 40.56 64.49
N GLU A 3133 -19.47 41.52 65.28
CA GLU A 3133 -19.94 42.78 64.72
C GLU A 3133 -18.80 43.70 64.31
N LEU A 3134 -17.68 43.69 65.04
CA LEU A 3134 -16.56 44.55 64.73
C LEU A 3134 -15.54 43.91 63.80
N ASP A 3135 -15.66 42.61 63.53
CA ASP A 3135 -14.77 41.97 62.57
C ASP A 3135 -15.20 42.22 61.13
N ARG A 3136 -16.43 42.70 60.92
CA ARG A 3136 -16.89 43.03 59.58
C ARG A 3136 -16.12 44.21 58.99
N ARG A 3137 -15.49 45.03 59.84
CA ARG A 3137 -14.75 46.18 59.34
C ARG A 3137 -13.58 45.74 58.47
N ALA A 3138 -12.84 44.71 58.91
CA ALA A 3138 -11.76 44.17 58.09
C ALA A 3138 -12.29 43.61 56.77
N PHE A 3139 -13.43 42.91 56.83
CA PHE A 3139 -14.06 42.45 55.60
C PHE A 3139 -14.47 43.62 54.71
N GLN A 3140 -15.05 44.65 55.32
CA GLN A 3140 -15.48 45.81 54.54
C GLN A 3140 -14.30 46.59 54.02
N SER A 3141 -13.18 46.61 54.75
CA SER A 3141 -12.01 47.36 54.32
C SER A 3141 -11.35 46.72 53.12
N VAL A 3142 -11.16 45.39 53.15
CA VAL A 3142 -10.34 44.72 52.15
C VAL A 3142 -11.02 44.75 50.77
N LEU A 3143 -12.31 44.41 50.72
CA LEU A 3143 -12.97 44.32 49.42
C LEU A 3143 -13.21 45.70 48.81
N GLU A 3144 -13.27 46.74 49.64
CA GLU A 3144 -13.45 48.10 49.14
C GLU A 3144 -12.23 48.60 48.39
N VAL A 3145 -11.08 47.93 48.54
CA VAL A 3145 -9.83 48.42 47.97
C VAL A 3145 -9.92 48.46 46.44
N VAL A 3146 -10.47 47.41 45.83
CA VAL A 3146 -10.47 47.30 44.37
C VAL A 3146 -11.86 47.55 43.81
N ALA A 3147 -12.71 48.22 44.58
CA ALA A 3147 -14.05 48.56 44.09
C ALA A 3147 -13.96 49.47 42.87
N ALA A 3148 -14.68 49.10 41.82
CA ALA A 3148 -14.69 49.82 40.56
C ALA A 3148 -16.14 50.22 40.24
N PRO A 3149 -16.39 51.01 39.19
CA PRO A 3149 -17.79 51.31 38.84
C PRO A 3149 -18.62 50.05 38.58
N GLY A 3150 -18.18 49.22 37.63
CA GLY A 3150 -18.91 48.03 37.26
C GLY A 3150 -18.35 46.71 37.77
N SER A 3151 -17.41 46.73 38.71
CA SER A 3151 -16.80 45.50 39.19
C SER A 3151 -17.81 44.67 39.99
N PRO A 3152 -17.68 43.35 39.97
CA PRO A 3152 -18.52 42.52 40.85
C PRO A 3152 -18.35 42.85 42.32
N TYR A 3153 -17.16 43.30 42.73
CA TYR A 3153 -16.96 43.73 44.11
C TYR A 3153 -17.91 44.86 44.46
N HIS A 3154 -18.04 45.86 43.56
CA HIS A 3154 -18.85 47.04 43.85
C HIS A 3154 -20.30 46.66 44.10
N ARG A 3155 -20.86 45.78 43.26
CA ARG A 3155 -22.23 45.33 43.48
C ARG A 3155 -22.37 44.63 44.82
N LEU A 3156 -21.29 44.02 45.32
CA LEU A 3156 -21.35 43.35 46.62
C LEU A 3156 -21.50 44.36 47.75
N LEU A 3157 -20.85 45.53 47.63
CA LEU A 3157 -21.05 46.58 48.63
C LEU A 3157 -22.50 47.03 48.67
N THR A 3158 -23.13 47.18 47.51
CA THR A 3158 -24.51 47.68 47.46
C THR A 3158 -25.45 46.75 48.22
N CYS A 3159 -25.30 45.44 48.02
CA CYS A 3159 -26.11 44.48 48.78
C CYS A 3159 -25.66 44.42 50.23
N LEU A 3160 -24.36 44.51 50.48
CA LEU A 3160 -23.84 44.34 51.84
C LEU A 3160 -24.09 45.57 52.70
N ARG A 3161 -24.20 46.75 52.10
CA ARG A 3161 -24.38 47.97 52.88
C ARG A 3161 -25.67 47.93 53.69
N ASN A 3162 -26.75 47.45 53.08
CA ASN A 3162 -28.02 47.35 53.77
C ASN A 3162 -28.20 45.95 54.38
N ALA B 62 30.94 -30.27 11.73
CA ALA B 62 30.66 -30.14 10.31
C ALA B 62 29.58 -31.12 9.88
N GLU B 63 29.93 -32.41 9.85
CA GLU B 63 28.96 -33.43 9.50
C GLU B 63 27.85 -33.52 10.54
N ALA B 64 28.19 -33.26 11.81
CA ALA B 64 27.16 -33.25 12.85
C ALA B 64 26.13 -32.15 12.61
N GLY B 65 26.60 -30.98 12.12
CA GLY B 65 25.67 -29.92 11.80
C GLY B 65 24.69 -30.29 10.70
N GLU B 66 25.19 -30.95 9.64
CA GLU B 66 24.30 -31.39 8.57
C GLU B 66 23.34 -32.47 9.07
N GLN B 67 23.83 -33.35 9.94
CA GLN B 67 22.96 -34.36 10.52
C GLN B 67 21.83 -33.73 11.32
N PHE B 68 22.16 -32.76 12.17
CA PHE B 68 21.13 -32.05 12.92
C PHE B 68 20.20 -31.29 11.99
N GLY B 69 20.74 -30.78 10.89
CA GLY B 69 19.89 -30.07 9.93
C GLY B 69 18.86 -30.97 9.29
N GLN B 70 19.27 -32.15 8.84
CA GLN B 70 18.29 -33.05 8.22
C GLN B 70 17.35 -33.61 9.28
N LEU B 71 17.83 -33.78 10.51
CA LEU B 71 16.94 -34.14 11.61
C LEU B 71 15.85 -33.10 11.78
N GLY B 72 16.22 -31.82 11.80
CA GLY B 72 15.23 -30.76 11.93
C GLY B 72 14.29 -30.70 10.74
N ARG B 73 14.82 -30.91 9.54
CA ARG B 73 13.97 -30.93 8.36
C ARG B 73 12.93 -32.04 8.43
N GLU B 74 13.37 -33.24 8.81
CA GLU B 74 12.44 -34.36 8.95
C GLU B 74 11.42 -34.10 10.05
N LEU B 75 11.86 -33.53 11.18
CA LEU B 75 10.94 -33.27 12.28
C LEU B 75 9.91 -32.22 11.90
N ARG B 76 10.32 -31.20 11.13
CA ARG B 76 9.36 -30.23 10.62
C ARG B 76 8.43 -30.86 9.58
N ALA B 77 8.92 -31.87 8.85
CA ALA B 77 8.06 -32.57 7.91
C ALA B 77 6.89 -33.25 8.61
N GLN B 78 7.15 -33.87 9.76
CA GLN B 78 6.10 -34.45 10.58
C GLN B 78 5.54 -33.46 11.60
N GLU B 79 5.94 -32.19 11.50
CA GLU B 79 5.33 -31.09 12.24
C GLU B 79 5.49 -31.23 13.76
N CYS B 80 6.51 -31.95 14.20
CA CYS B 80 6.90 -31.89 15.62
C CYS B 80 7.97 -30.80 15.78
N LEU B 81 7.54 -29.59 15.48
CA LEU B 81 8.42 -28.43 15.33
C LEU B 81 9.13 -27.96 16.60
N PRO B 82 8.66 -28.25 17.82
CA PRO B 82 9.53 -27.99 18.98
C PRO B 82 10.85 -28.72 18.89
N TYR B 83 10.84 -30.00 18.47
CA TYR B 83 12.09 -30.73 18.34
C TYR B 83 12.86 -30.29 17.10
N ALA B 84 12.17 -29.81 16.07
CA ALA B 84 12.86 -29.20 14.94
C ALA B 84 13.62 -27.96 15.36
N ALA B 85 13.00 -27.13 16.21
CA ALA B 85 13.69 -25.96 16.74
C ALA B 85 14.85 -26.36 17.64
N TRP B 86 14.68 -27.44 18.41
CA TRP B 86 15.78 -27.94 19.22
C TRP B 86 16.95 -28.39 18.35
N CYS B 87 16.66 -29.07 17.24
CA CYS B 87 17.71 -29.47 16.31
C CYS B 87 18.35 -28.26 15.64
N GLN B 88 17.57 -27.21 15.38
CA GLN B 88 18.14 -25.98 14.85
C GLN B 88 19.08 -25.33 15.86
N LEU B 89 18.71 -25.37 17.14
CA LEU B 89 19.63 -24.90 18.18
C LEU B 89 20.90 -25.73 18.21
N ALA B 90 20.75 -27.05 18.02
CA ALA B 90 21.92 -27.93 18.00
C ALA B 90 22.85 -27.59 16.83
N VAL B 91 22.28 -27.35 15.66
CA VAL B 91 23.12 -27.01 14.51
C VAL B 91 23.72 -25.62 14.68
N ALA B 92 23.02 -24.72 15.38
CA ALA B 92 23.62 -23.43 15.72
C ALA B 92 24.82 -23.61 16.65
N ARG B 93 24.72 -24.52 17.61
CA ARG B 93 25.86 -24.83 18.47
C ARG B 93 27.00 -25.41 17.65
N CYS B 94 26.69 -26.26 16.67
CA CYS B 94 27.72 -26.80 15.79
C CYS B 94 28.40 -25.68 15.00
N GLN B 95 27.63 -24.71 14.52
CA GLN B 95 28.21 -23.57 13.82
C GLN B 95 29.10 -22.76 14.76
N GLN B 96 28.69 -22.62 16.03
CA GLN B 96 29.56 -22.01 17.03
C GLN B 96 30.88 -22.75 17.11
N ALA B 97 30.82 -24.08 17.14
CA ALA B 97 32.04 -24.88 17.11
C ALA B 97 32.84 -24.65 15.84
N LEU B 98 32.17 -24.29 14.75
CA LEU B 98 32.82 -24.01 13.48
C LEU B 98 33.13 -22.54 13.26
N PHE B 99 32.76 -21.67 14.20
CA PHE B 99 33.01 -20.23 14.11
C PHE B 99 32.44 -19.64 12.83
N HIS B 100 31.27 -20.10 12.41
CA HIS B 100 30.61 -19.61 11.22
C HIS B 100 29.41 -18.76 11.67
N GLY B 101 29.63 -17.45 11.75
CA GLY B 101 28.63 -16.52 12.22
C GLY B 101 27.35 -16.47 11.40
N PRO B 102 27.46 -16.34 10.07
CA PRO B 102 26.23 -16.32 9.25
C PRO B 102 25.40 -17.58 9.39
N GLY B 103 26.04 -18.76 9.34
CA GLY B 103 25.29 -20.00 9.48
C GLY B 103 24.64 -20.14 10.84
N GLU B 104 25.35 -19.77 11.90
CA GLU B 104 24.76 -19.81 13.23
C GLU B 104 23.58 -18.86 13.35
N ALA B 105 23.72 -17.65 12.79
CA ALA B 105 22.60 -16.71 12.83
C ALA B 105 21.40 -17.24 12.08
N LEU B 106 21.63 -17.88 10.93
CA LEU B 106 20.52 -18.48 10.19
C LEU B 106 19.88 -19.60 10.99
N ALA B 107 20.68 -20.45 11.63
CA ALA B 107 20.13 -21.55 12.43
C ALA B 107 19.32 -21.04 13.60
N LEU B 108 19.83 -20.02 14.31
CA LEU B 108 19.08 -19.45 15.42
C LEU B 108 17.80 -18.79 14.94
N THR B 109 17.86 -18.13 13.77
CA THR B 109 16.65 -17.55 13.20
C THR B 109 15.61 -18.62 12.90
N GLU B 110 16.05 -19.75 12.33
CA GLU B 110 15.12 -20.83 12.03
C GLU B 110 14.53 -21.44 13.30
N ALA B 111 15.36 -21.64 14.33
CA ALA B 111 14.85 -22.15 15.59
C ALA B 111 13.85 -21.20 16.21
N ALA B 112 14.15 -19.91 16.18
CA ALA B 112 13.22 -18.92 16.72
C ALA B 112 11.91 -18.89 15.93
N ARG B 113 12.00 -19.02 14.62
CA ARG B 113 10.79 -19.04 13.79
C ARG B 113 9.95 -20.27 14.09
N LEU B 114 10.59 -21.43 14.30
CA LEU B 114 9.85 -22.62 14.66
C LEU B 114 9.16 -22.47 16.02
N PHE B 115 9.88 -21.91 17.01
CA PHE B 115 9.25 -21.67 18.31
C PHE B 115 8.10 -20.67 18.21
N LEU B 116 8.27 -19.63 17.39
CA LEU B 116 7.22 -18.66 17.20
C LEU B 116 6.00 -19.30 16.54
N ARG B 117 6.23 -20.20 15.58
CA ARG B 117 5.11 -20.92 14.98
C ARG B 117 4.42 -21.81 16.01
N GLN B 118 5.20 -22.43 16.90
CA GLN B 118 4.61 -23.19 18.00
C GLN B 118 3.68 -22.32 18.83
N GLU B 119 4.16 -21.16 19.25
CA GLU B 119 3.36 -20.28 20.08
C GLU B 119 2.15 -19.76 19.32
N ARG B 120 2.31 -19.49 18.02
CA ARG B 120 1.19 -19.02 17.21
C ARG B 120 0.11 -20.10 17.12
N ASP B 121 0.51 -21.35 16.88
CA ASP B 121 -0.45 -22.43 16.85
C ASP B 121 -1.15 -22.61 18.19
N ALA B 122 -0.37 -22.52 19.28
CA ALA B 122 -0.96 -22.70 20.60
C ALA B 122 -1.83 -21.52 21.02
N ARG B 123 -1.69 -20.37 20.36
CA ARG B 123 -2.41 -19.17 20.75
C ARG B 123 -3.29 -18.56 19.67
N GLN B 124 -2.98 -18.76 18.39
CA GLN B 124 -3.77 -18.16 17.31
C GLN B 124 -4.58 -19.21 16.55
N ARG B 125 -3.94 -20.26 16.04
CA ARG B 125 -4.65 -21.28 15.28
C ARG B 125 -5.65 -22.01 16.18
N LEU B 126 -5.15 -22.67 17.22
CA LEU B 126 -5.99 -23.25 18.26
C LEU B 126 -5.69 -22.48 19.55
N VAL B 127 -6.67 -21.73 20.03
CA VAL B 127 -6.45 -20.88 21.19
C VAL B 127 -6.51 -21.73 22.46
N CYS B 128 -5.34 -22.20 22.89
CA CYS B 128 -5.25 -23.12 24.01
C CYS B 128 -5.12 -22.31 25.31
N PRO B 129 -6.11 -22.32 26.20
CA PRO B 129 -5.94 -21.63 27.48
C PRO B 129 -4.85 -22.24 28.35
N ALA B 130 -4.49 -23.50 28.12
CA ALA B 130 -3.40 -24.12 28.86
C ALA B 130 -2.03 -23.60 28.44
N ALA B 131 -1.94 -22.90 27.32
CA ALA B 131 -0.68 -22.32 26.90
C ALA B 131 -0.35 -21.11 27.76
N TYR B 132 0.87 -21.07 28.28
CA TYR B 132 1.36 -19.96 29.09
C TYR B 132 2.57 -19.31 28.45
N GLY B 133 2.55 -19.20 27.12
CA GLY B 133 3.65 -18.60 26.40
C GLY B 133 4.96 -19.32 26.57
N GLU B 134 4.93 -20.66 26.60
CA GLU B 134 6.14 -21.41 26.92
C GLU B 134 7.15 -21.41 25.77
N PRO B 135 6.79 -21.73 24.52
CA PRO B 135 7.79 -21.64 23.44
C PRO B 135 8.17 -20.22 23.10
N LEU B 136 7.37 -19.23 23.51
CA LEU B 136 7.73 -17.83 23.28
C LEU B 136 9.02 -17.47 24.00
N GLN B 137 9.22 -18.01 25.20
CA GLN B 137 10.47 -17.76 25.93
C GLN B 137 11.67 -18.29 25.17
N ALA B 138 11.56 -19.51 24.64
CA ALA B 138 12.65 -20.08 23.86
C ALA B 138 12.89 -19.29 22.58
N ALA B 139 11.81 -18.85 21.92
CA ALA B 139 11.95 -18.04 20.72
C ALA B 139 12.68 -16.73 21.03
N ALA B 140 12.31 -16.09 22.14
CA ALA B 140 12.96 -14.83 22.53
C ALA B 140 14.43 -15.06 22.85
N SER B 141 14.74 -16.16 23.54
CA SER B 141 16.13 -16.45 23.87
C SER B 141 16.96 -16.68 22.60
N ALA B 142 16.43 -17.48 21.67
CA ALA B 142 17.15 -17.74 20.43
C ALA B 142 17.32 -16.46 19.61
N LEU B 143 16.27 -15.63 19.55
CA LEU B 143 16.37 -14.38 18.79
C LEU B 143 17.35 -13.41 19.44
N GLY B 144 17.39 -13.36 20.77
CA GLY B 144 18.38 -12.54 21.43
C GLY B 144 19.80 -13.02 21.15
N ALA B 145 20.01 -14.33 21.16
CA ALA B 145 21.33 -14.86 20.83
C ALA B 145 21.72 -14.52 19.39
N ALA B 146 20.76 -14.63 18.46
CA ALA B 146 21.04 -14.30 17.07
C ALA B 146 21.37 -12.81 16.91
N VAL B 147 20.62 -11.95 17.61
CA VAL B 147 20.87 -10.51 17.54
C VAL B 147 22.25 -10.18 18.10
N ARG B 148 22.61 -10.81 19.23
CA ARG B 148 23.92 -10.59 19.82
C ARG B 148 25.03 -11.03 18.86
N LEU B 149 24.86 -12.19 18.23
CA LEU B 149 25.85 -12.66 17.25
C LEU B 149 25.97 -11.68 16.10
N HIS B 150 24.83 -11.26 15.54
CA HIS B 150 24.86 -10.31 14.42
C HIS B 150 25.61 -9.05 14.80
N LEU B 151 25.27 -8.46 15.95
CA LEU B 151 25.92 -7.23 16.39
C LEU B 151 27.42 -7.45 16.60
N GLU B 152 27.79 -8.59 17.18
CA GLU B 152 29.22 -8.86 17.38
C GLU B 152 29.95 -9.06 16.06
N LEU B 153 29.25 -9.43 14.99
CA LEU B 153 29.85 -9.47 13.66
C LEU B 153 29.43 -8.30 12.79
N GLY B 154 28.82 -7.27 13.38
CA GLY B 154 28.42 -6.09 12.63
C GLY B 154 26.95 -6.14 12.26
N GLN B 155 26.67 -5.97 10.96
CA GLN B 155 25.35 -6.13 10.35
C GLN B 155 24.20 -5.73 11.27
N PRO B 156 24.15 -4.47 11.73
CA PRO B 156 23.04 -4.05 12.60
C PRO B 156 21.68 -4.14 11.91
N ALA B 157 21.64 -4.12 10.58
CA ALA B 157 20.38 -4.23 9.86
C ALA B 157 19.75 -5.61 10.09
N ALA B 158 20.56 -6.67 10.07
CA ALA B 158 20.02 -8.01 10.31
C ALA B 158 19.50 -8.15 11.73
N ALA B 159 20.22 -7.61 12.71
CA ALA B 159 19.74 -7.65 14.08
C ALA B 159 18.45 -6.85 14.23
N ALA B 160 18.36 -5.71 13.57
CA ALA B 160 17.13 -4.93 13.59
C ALA B 160 15.98 -5.69 12.95
N ALA B 161 16.26 -6.43 11.88
CA ALA B 161 15.23 -7.25 11.25
C ALA B 161 14.73 -8.34 12.20
N LEU B 162 15.66 -9.00 12.90
CA LEU B 162 15.27 -10.02 13.87
C LEU B 162 14.44 -9.40 15.00
N CYS B 163 14.85 -8.22 15.47
CA CYS B 163 14.08 -7.53 16.50
C CYS B 163 12.69 -7.16 16.01
N LEU B 164 12.59 -6.75 14.74
CA LEU B 164 11.27 -6.46 14.16
C LEU B 164 10.41 -7.72 14.10
N GLU B 165 11.02 -8.85 13.74
CA GLU B 165 10.29 -10.11 13.73
C GLU B 165 9.76 -10.46 15.11
N LEU B 166 10.62 -10.33 16.12
CA LEU B 166 10.20 -10.62 17.49
C LEU B 166 9.09 -9.66 17.95
N ALA B 167 9.22 -8.39 17.61
CA ALA B 167 8.23 -7.40 18.00
C ALA B 167 6.89 -7.69 17.34
N ALA B 168 6.90 -8.05 16.05
CA ALA B 168 5.66 -8.41 15.38
C ALA B 168 5.03 -9.63 16.03
N ALA B 169 5.84 -10.65 16.34
CA ALA B 169 5.31 -11.83 17.01
C ALA B 169 4.68 -11.47 18.33
N LEU B 170 5.35 -10.65 19.13
CA LEU B 170 4.80 -10.25 20.43
C LEU B 170 3.52 -9.45 20.27
N ARG B 171 3.47 -8.57 19.26
CA ARG B 171 2.27 -7.78 19.05
C ARG B 171 1.08 -8.66 18.68
N ASP B 172 1.30 -9.66 17.82
CA ASP B 172 0.21 -10.56 17.49
C ASP B 172 -0.23 -11.42 18.67
N LEU B 173 0.70 -11.74 19.58
CA LEU B 173 0.40 -12.61 20.70
C LEU B 173 -0.24 -11.87 21.88
N GLY B 174 -0.46 -10.57 21.77
CA GLY B 174 -1.12 -9.83 22.81
C GLY B 174 -0.23 -9.21 23.86
N GLN B 175 0.97 -8.80 23.49
CA GLN B 175 1.90 -8.12 24.41
C GLN B 175 2.39 -6.84 23.75
N PRO B 176 1.54 -5.82 23.68
CA PRO B 176 1.93 -4.58 22.99
C PRO B 176 3.14 -3.88 23.60
N ALA B 177 3.32 -3.96 24.92
CA ALA B 177 4.42 -3.22 25.55
C ALA B 177 5.78 -3.78 25.13
N ALA B 178 5.96 -5.09 25.24
CA ALA B 178 7.22 -5.70 24.82
C ALA B 178 7.44 -5.55 23.32
N ALA B 179 6.35 -5.63 22.54
CA ALA B 179 6.46 -5.41 21.11
C ALA B 179 6.96 -4.00 20.80
N ALA B 180 6.42 -3.00 21.50
CA ALA B 180 6.87 -1.62 21.31
C ALA B 180 8.33 -1.46 21.72
N GLY B 181 8.72 -2.10 22.83
CA GLY B 181 10.12 -2.04 23.24
C GLY B 181 11.06 -2.63 22.19
N HIS B 182 10.70 -3.79 21.64
CA HIS B 182 11.55 -4.40 20.63
C HIS B 182 11.54 -3.60 19.32
N PHE B 183 10.40 -3.00 18.97
CA PHE B 183 10.35 -2.13 17.81
C PHE B 183 11.28 -0.93 17.98
N GLN B 184 11.27 -0.33 19.17
CA GLN B 184 12.17 0.79 19.43
C GLN B 184 13.62 0.35 19.39
N ARG B 185 13.92 -0.85 19.90
CA ARG B 185 15.29 -1.35 19.82
C ARG B 185 15.72 -1.54 18.37
N ALA B 186 14.83 -2.09 17.54
CA ALA B 186 15.15 -2.26 16.12
C ALA B 186 15.37 -0.92 15.45
N ALA B 187 14.52 0.07 15.77
CA ALA B 187 14.69 1.39 15.19
C ALA B 187 16.01 2.02 15.60
N GLN B 188 16.40 1.85 16.87
CA GLN B 188 17.68 2.36 17.33
C GLN B 188 18.83 1.68 16.61
N LEU B 189 18.70 0.38 16.35
CA LEU B 189 19.74 -0.34 15.62
C LEU B 189 19.81 0.11 14.17
N GLN B 190 18.68 0.50 13.57
CA GLN B 190 18.63 0.89 12.17
C GLN B 190 18.93 2.36 11.94
N LEU B 191 18.70 3.21 12.94
CA LEU B 191 18.72 4.67 12.73
C LEU B 191 19.99 5.21 12.11
N PRO B 192 21.21 4.81 12.53
CA PRO B 192 22.40 5.43 11.93
C PRO B 192 22.57 5.16 10.45
N GLN B 193 21.89 4.16 9.88
CA GLN B 193 22.13 3.77 8.51
C GLN B 193 20.89 3.79 7.62
N LEU B 194 19.72 3.44 8.15
CA LEU B 194 18.49 3.38 7.36
C LEU B 194 17.41 4.21 8.07
N PRO B 195 17.46 5.53 7.92
CA PRO B 195 16.50 6.38 8.65
C PRO B 195 15.04 6.08 8.32
N LEU B 196 14.73 5.73 7.08
CA LEU B 196 13.34 5.43 6.74
C LEU B 196 12.88 4.13 7.38
N ALA B 197 13.73 3.11 7.38
CA ALA B 197 13.41 1.87 8.07
C ALA B 197 13.25 2.10 9.58
N ALA B 198 14.11 2.94 10.15
CA ALA B 198 13.98 3.28 11.56
C ALA B 198 12.67 4.01 11.83
N LEU B 199 12.26 4.89 10.92
CA LEU B 199 10.99 5.59 11.07
C LEU B 199 9.82 4.62 11.02
N GLN B 200 9.87 3.64 10.10
CA GLN B 200 8.81 2.64 10.04
C GLN B 200 8.76 1.80 11.31
N ALA B 201 9.92 1.40 11.82
CA ALA B 201 9.97 0.63 13.06
C ALA B 201 9.43 1.44 14.23
N LEU B 202 9.77 2.72 14.30
CA LEU B 202 9.23 3.58 15.35
C LEU B 202 7.73 3.77 15.20
N GLY B 203 7.23 3.78 13.96
CA GLY B 203 5.79 3.84 13.77
C GLY B 203 5.09 2.59 14.29
N GLU B 204 5.69 1.42 14.05
CA GLU B 204 5.17 0.20 14.63
C GLU B 204 5.21 0.26 16.15
N ALA B 205 6.29 0.81 16.71
CA ALA B 205 6.40 0.97 18.16
C ALA B 205 5.30 1.88 18.69
N ALA B 206 5.03 2.97 18.01
CA ALA B 206 3.98 3.89 18.44
C ALA B 206 2.61 3.23 18.37
N SER B 207 2.36 2.44 17.32
CA SER B 207 1.11 1.70 17.24
C SER B 207 0.97 0.73 18.40
N CYS B 208 2.06 0.01 18.73
CA CYS B 208 2.02 -0.92 19.84
C CYS B 208 1.78 -0.21 21.16
N GLN B 209 2.42 0.94 21.35
CA GLN B 209 2.23 1.70 22.60
C GLN B 209 0.81 2.22 22.71
N LEU B 210 0.21 2.63 21.59
CA LEU B 210 -1.20 2.98 21.61
C LEU B 210 -2.07 1.77 21.93
N LEU B 211 -1.66 0.59 21.48
CA LEU B 211 -2.36 -0.63 21.87
C LEU B 211 -2.27 -0.86 23.37
N ALA B 212 -1.09 -0.65 23.95
CA ALA B 212 -0.88 -0.82 25.38
C ALA B 212 -1.38 0.36 26.20
N ARG B 213 -2.09 1.30 25.57
CA ARG B 213 -2.63 2.48 26.24
C ARG B 213 -1.54 3.32 26.89
N ASP B 214 -0.33 3.30 26.31
CA ASP B 214 0.76 4.16 26.77
C ASP B 214 0.79 5.43 25.91
N TYR B 215 -0.19 6.30 26.18
CA TYR B 215 -0.43 7.44 25.31
C TYR B 215 0.74 8.43 25.34
N THR B 216 1.33 8.66 26.51
CA THR B 216 2.46 9.58 26.59
C THR B 216 3.68 9.01 25.88
N GLY B 217 3.94 7.71 26.03
CA GLY B 217 5.02 7.10 25.29
C GLY B 217 4.79 7.15 23.79
N ALA B 218 3.54 6.93 23.37
CA ALA B 218 3.21 7.05 21.95
C ALA B 218 3.44 8.47 21.46
N LEU B 219 3.06 9.47 22.26
CA LEU B 219 3.30 10.86 21.88
C LEU B 219 4.79 11.15 21.74
N ALA B 220 5.60 10.64 22.68
CA ALA B 220 7.04 10.84 22.59
C ALA B 220 7.61 10.19 21.33
N VAL B 221 7.15 8.97 21.01
CA VAL B 221 7.63 8.29 19.82
C VAL B 221 7.22 9.04 18.57
N PHE B 222 5.97 9.53 18.52
CA PHE B 222 5.51 10.29 17.37
C PHE B 222 6.30 11.57 17.18
N THR B 223 6.61 12.28 18.29
CA THR B 223 7.41 13.48 18.20
C THR B 223 8.82 13.16 17.71
N ARG B 224 9.42 12.08 18.21
CA ARG B 224 10.74 11.67 17.75
C ARG B 224 10.72 11.35 16.26
N MET B 225 9.67 10.67 15.80
CA MET B 225 9.57 10.35 14.38
C MET B 225 9.42 11.59 13.53
N GLN B 226 8.62 12.55 14.00
CA GLN B 226 8.46 13.80 13.26
C GLN B 226 9.79 14.54 13.15
N ARG B 227 10.54 14.60 14.26
CA ARG B 227 11.84 15.25 14.23
C ARG B 227 12.79 14.54 13.26
N LEU B 228 12.82 13.20 13.32
CA LEU B 228 13.72 12.45 12.45
C LEU B 228 13.33 12.59 10.99
N ALA B 229 12.04 12.58 10.69
CA ALA B 229 11.58 12.73 9.32
C ALA B 229 11.93 14.11 8.78
N ARG B 230 11.72 15.16 9.60
CA ARG B 230 12.05 16.49 9.14
C ARG B 230 13.55 16.66 8.91
N GLU B 231 14.36 16.11 9.81
CA GLU B 231 15.81 16.31 9.72
C GLU B 231 16.47 15.33 8.75
N HIS B 232 15.76 14.30 8.30
CA HIS B 232 16.29 13.33 7.35
C HIS B 232 15.64 13.39 5.98
N GLY B 233 14.38 13.79 5.88
CA GLY B 233 13.68 13.74 4.61
C GLY B 233 13.47 15.08 3.97
N SER B 234 14.48 15.95 4.05
CA SER B 234 14.39 17.26 3.42
C SER B 234 15.64 17.54 2.59
N PRO B 274 11.62 24.09 2.92
CA PRO B 274 11.89 22.66 2.71
C PRO B 274 10.62 21.83 2.68
N ALA B 275 10.59 20.83 1.80
CA ALA B 275 9.45 19.92 1.68
C ALA B 275 9.96 18.49 1.77
N ALA B 276 9.09 17.61 2.26
CA ALA B 276 9.47 16.22 2.43
C ALA B 276 9.59 15.52 1.09
N LEU B 277 10.19 14.32 1.11
CA LEU B 277 10.49 13.56 -0.09
C LEU B 277 9.44 12.49 -0.39
N GLY B 278 8.18 12.73 -0.01
CA GLY B 278 7.13 11.78 -0.32
C GLY B 278 7.14 10.57 0.60
N ALA B 279 8.24 9.81 0.55
CA ALA B 279 8.39 8.67 1.45
C ALA B 279 8.44 9.11 2.90
N PHE B 280 8.92 10.34 3.14
CA PHE B 280 8.88 10.93 4.48
C PHE B 280 7.65 11.80 4.68
N SER B 281 6.99 12.21 3.60
CA SER B 281 5.82 13.09 3.74
C SER B 281 4.65 12.37 4.41
N ASP B 282 4.41 11.12 4.04
CA ASP B 282 3.33 10.38 4.67
C ASP B 282 3.64 10.12 6.15
N VAL B 283 4.90 9.84 6.46
CA VAL B 283 5.32 9.68 7.84
C VAL B 283 5.07 10.97 8.62
N LEU B 284 5.41 12.12 8.01
CA LEU B 284 5.18 13.40 8.68
C LEU B 284 3.71 13.66 8.88
N VAL B 285 2.87 13.31 7.90
CA VAL B 285 1.43 13.52 8.03
C VAL B 285 0.87 12.67 9.16
N ARG B 286 1.27 11.39 9.21
CA ARG B 286 0.82 10.52 10.31
C ARG B 286 1.29 11.06 11.65
N CYS B 287 2.55 11.49 11.72
CA CYS B 287 3.08 12.08 12.95
C CYS B 287 2.26 13.28 13.37
N GLU B 288 1.96 14.17 12.43
CA GLU B 288 1.25 15.40 12.77
C GLU B 288 -0.15 15.10 13.29
N VAL B 289 -0.90 14.26 12.57
CA VAL B 289 -2.27 13.96 12.98
C VAL B 289 -2.28 13.24 14.32
N SER B 290 -1.42 12.22 14.47
CA SER B 290 -1.39 11.45 15.71
C SER B 290 -0.96 12.31 16.89
N ARG B 291 0.04 13.18 16.69
CA ARG B 291 0.48 14.06 17.77
C ARG B 291 -0.61 15.05 18.15
N VAL B 292 -1.32 15.61 17.18
CA VAL B 292 -2.39 16.54 17.49
C VAL B 292 -3.48 15.85 18.30
N LEU B 293 -3.87 14.65 17.87
CA LEU B 293 -4.90 13.91 18.61
C LEU B 293 -4.43 13.55 20.01
N LEU B 294 -3.17 13.11 20.15
CA LEU B 294 -2.66 12.75 21.46
C LEU B 294 -2.51 13.95 22.38
N LEU B 295 -2.19 15.12 21.83
CA LEU B 295 -2.09 16.32 22.64
C LEU B 295 -3.46 16.85 23.04
N LEU B 296 -4.48 16.65 22.19
CA LEU B 296 -5.83 16.97 22.61
C LEU B 296 -6.34 15.99 23.66
N LEU B 297 -5.90 14.74 23.60
CA LEU B 297 -6.30 13.76 24.59
C LEU B 297 -5.63 14.01 25.93
N LEU B 298 -4.31 14.03 25.95
CA LEU B 298 -3.57 14.18 27.21
C LEU B 298 -3.73 15.58 27.77
N GLN B 299 -3.73 16.60 26.92
CA GLN B 299 -3.79 17.99 27.35
C GLN B 299 -2.66 18.32 28.33
N PRO B 300 -1.41 18.33 27.89
CA PRO B 300 -0.31 18.57 28.80
C PRO B 300 -0.38 19.98 29.37
N PRO B 301 0.06 20.17 30.60
CA PRO B 301 0.13 21.52 31.17
C PRO B 301 1.33 22.26 30.62
N PRO B 302 1.47 23.57 30.92
CA PRO B 302 2.64 24.31 30.43
C PRO B 302 3.97 23.70 30.85
N ALA B 303 4.03 23.06 32.02
CA ALA B 303 5.27 22.42 32.46
C ALA B 303 5.66 21.27 31.55
N LYS B 304 4.69 20.42 31.19
CA LYS B 304 4.97 19.29 30.31
C LYS B 304 4.93 19.67 28.84
N LEU B 305 4.42 20.84 28.49
CA LEU B 305 4.28 21.24 27.09
C LEU B 305 5.65 21.57 26.52
N LEU B 306 6.21 20.64 25.76
CA LEU B 306 7.50 20.85 25.13
C LEU B 306 7.38 21.91 24.04
N PRO B 307 8.50 22.53 23.65
CA PRO B 307 8.44 23.52 22.56
C PRO B 307 7.85 22.96 21.28
N GLU B 308 8.14 21.70 20.95
CA GLU B 308 7.59 21.11 19.73
C GLU B 308 6.07 21.00 19.80
N HIS B 309 5.54 20.53 20.94
CA HIS B 309 4.10 20.42 21.09
C HIS B 309 3.43 21.80 21.08
N ALA B 310 4.06 22.78 21.73
CA ALA B 310 3.52 24.13 21.71
C ALA B 310 3.48 24.70 20.29
N GLN B 311 4.55 24.47 19.52
CA GLN B 311 4.57 24.93 18.13
C GLN B 311 3.49 24.25 17.31
N THR B 312 3.32 22.94 17.50
CA THR B 312 2.30 22.21 16.75
C THR B 312 0.90 22.72 17.09
N LEU B 313 0.64 22.96 18.37
CA LEU B 313 -0.64 23.53 18.77
C LEU B 313 -0.83 24.93 18.22
N GLU B 314 0.25 25.71 18.13
CA GLU B 314 0.16 27.04 17.53
C GLU B 314 -0.22 26.95 16.06
N LYS B 315 0.29 25.94 15.35
CA LYS B 315 -0.03 25.78 13.94
C LYS B 315 -1.53 25.62 13.72
N TYR B 316 -2.25 25.08 14.71
CA TYR B 316 -3.69 24.83 14.59
C TYR B 316 -4.52 25.88 15.32
N SER B 317 -4.09 27.13 15.30
CA SER B 317 -4.86 28.20 15.92
C SER B 317 -4.65 29.52 15.18
N SER B 328 -0.53 27.49 4.90
CA SER B 328 -0.70 27.16 6.31
C SER B 328 -0.55 25.66 6.54
N SER B 329 -1.32 24.87 5.80
CA SER B 329 -1.25 23.41 5.89
C SER B 329 0.03 22.95 5.23
N GLY B 330 0.95 22.40 6.01
CA GLY B 330 2.23 21.97 5.50
C GLY B 330 2.13 20.89 4.45
N GLN B 331 1.68 19.69 4.85
CA GLN B 331 1.49 18.60 3.90
C GLN B 331 0.20 17.84 4.15
N LEU B 332 -0.71 18.39 4.95
CA LEU B 332 -2.00 17.73 5.16
C LEU B 332 -3.00 18.20 4.12
N PRO B 333 -3.92 17.32 3.70
CA PRO B 333 -5.01 17.77 2.82
C PRO B 333 -5.82 18.85 3.51
N GLU B 334 -6.33 19.78 2.69
CA GLU B 334 -6.97 20.98 3.24
C GLU B 334 -8.19 20.63 4.08
N GLU B 335 -8.98 19.65 3.64
CA GLU B 335 -10.16 19.26 4.41
C GLU B 335 -9.76 18.67 5.76
N LEU B 336 -8.77 17.78 5.77
CA LEU B 336 -8.31 17.19 7.02
C LEU B 336 -7.70 18.24 7.94
N PHE B 337 -6.91 19.16 7.38
CA PHE B 337 -6.31 20.22 8.19
C PHE B 337 -7.38 21.12 8.80
N LEU B 338 -8.39 21.49 8.01
CA LEU B 338 -9.46 22.32 8.52
C LEU B 338 -10.25 21.61 9.61
N LEU B 339 -10.52 20.31 9.42
CA LEU B 339 -11.23 19.56 10.45
C LEU B 339 -10.41 19.44 11.72
N LEU B 340 -9.09 19.25 11.59
CA LEU B 340 -8.24 19.19 12.78
C LEU B 340 -8.21 20.53 13.50
N GLN B 341 -8.16 21.63 12.75
CA GLN B 341 -8.22 22.95 13.38
C GLN B 341 -9.53 23.15 14.12
N SER B 342 -10.64 22.75 13.49
CA SER B 342 -11.94 22.84 14.14
C SER B 342 -11.98 21.99 15.41
N LEU B 343 -11.37 20.81 15.35
CA LEU B 343 -11.31 19.93 16.52
C LEU B 343 -10.53 20.58 17.66
N VAL B 344 -9.38 21.17 17.33
CA VAL B 344 -8.56 21.82 18.36
C VAL B 344 -9.33 22.98 18.99
N MET B 345 -9.98 23.79 18.17
CA MET B 345 -10.74 24.91 18.69
C MET B 345 -11.91 24.44 19.55
N ALA B 346 -12.59 23.37 19.12
CA ALA B 346 -13.71 22.84 19.90
C ALA B 346 -13.26 22.31 21.25
N THR B 347 -12.14 21.57 21.27
CA THR B 347 -11.65 21.04 22.54
C THR B 347 -11.09 22.13 23.43
N HIS B 348 -10.62 23.24 22.85
CA HIS B 348 -10.27 24.38 23.67
C HIS B 348 -11.49 25.18 24.11
N GLU B 349 -12.64 24.95 23.46
CA GLU B 349 -13.86 25.69 23.75
C GLU B 349 -14.88 24.85 24.52
N LYS B 350 -14.72 23.53 24.54
CA LYS B 350 -15.64 22.63 25.24
C LYS B 350 -17.05 22.70 24.64
N ASP B 351 -17.13 22.48 23.33
CA ASP B 351 -18.41 22.45 22.61
C ASP B 351 -18.62 21.03 22.11
N THR B 352 -19.18 20.18 22.97
CA THR B 352 -19.19 18.73 22.72
C THR B 352 -19.88 18.40 21.41
N GLU B 353 -20.91 19.17 21.03
CA GLU B 353 -21.58 18.95 19.76
C GLU B 353 -20.61 19.10 18.60
N ALA B 354 -19.69 20.06 18.70
CA ALA B 354 -18.70 20.25 17.65
C ALA B 354 -17.80 19.03 17.50
N ILE B 355 -17.29 18.49 18.60
CA ILE B 355 -16.44 17.30 18.50
C ILE B 355 -17.23 16.11 17.99
N LYS B 356 -18.51 16.00 18.37
CA LYS B 356 -19.33 14.91 17.84
C LYS B 356 -19.47 15.01 16.33
N SER B 357 -19.83 16.21 15.83
CA SER B 357 -19.99 16.40 14.40
C SER B 357 -18.68 16.16 13.66
N LEU B 358 -17.57 16.65 14.20
CA LEU B 358 -16.27 16.42 13.56
C LEU B 358 -15.92 14.94 13.55
N GLN B 359 -16.10 14.27 14.68
CA GLN B 359 -15.81 12.84 14.76
C GLN B 359 -16.58 12.06 13.71
N VAL B 360 -17.85 12.43 13.49
CA VAL B 360 -18.59 11.84 12.39
C VAL B 360 -17.95 12.22 11.05
N GLU B 361 -17.51 13.47 10.92
CA GLU B 361 -17.01 13.96 9.64
C GLU B 361 -15.62 13.40 9.32
N MET B 362 -14.72 13.39 10.31
CA MET B 362 -13.35 12.95 10.06
C MET B 362 -13.19 11.44 10.08
N TRP B 363 -14.26 10.67 10.26
CA TRP B 363 -14.12 9.22 10.29
C TRP B 363 -13.53 8.65 9.01
N PRO B 364 -14.02 8.98 7.81
CA PRO B 364 -13.42 8.39 6.60
C PRO B 364 -12.02 8.88 6.30
N LEU B 365 -11.62 10.03 6.82
CA LEU B 365 -10.32 10.61 6.50
C LEU B 365 -9.20 10.15 7.43
N LEU B 366 -9.52 9.42 8.49
CA LEU B 366 -8.53 8.96 9.45
C LEU B 366 -8.41 7.44 9.38
N THR B 367 -7.22 6.95 9.74
CA THR B 367 -7.04 5.52 9.89
C THR B 367 -7.80 5.04 11.13
N ALA B 368 -7.87 3.71 11.29
CA ALA B 368 -8.54 3.14 12.45
C ALA B 368 -7.84 3.56 13.74
N GLU B 369 -6.50 3.63 13.72
CA GLU B 369 -5.76 4.09 14.88
C GLU B 369 -6.13 5.53 15.22
N GLN B 370 -6.15 6.41 14.22
CA GLN B 370 -6.51 7.80 14.47
C GLN B 370 -7.98 7.96 14.80
N ASN B 371 -8.84 7.10 14.25
CA ASN B 371 -10.24 7.11 14.65
C ASN B 371 -10.38 6.73 16.12
N HIS B 372 -9.61 5.75 16.57
CA HIS B 372 -9.60 5.37 17.98
C HIS B 372 -9.10 6.53 18.85
N LEU B 373 -8.05 7.22 18.40
CA LEU B 373 -7.54 8.35 19.16
C LEU B 373 -8.58 9.47 19.26
N LEU B 374 -9.28 9.74 18.16
CA LEU B 374 -10.33 10.77 18.19
C LEU B 374 -11.47 10.35 19.10
N HIS B 375 -11.83 9.06 19.09
CA HIS B 375 -12.85 8.56 19.99
C HIS B 375 -12.42 8.74 21.45
N LEU B 376 -11.14 8.48 21.74
CA LEU B 376 -10.63 8.68 23.09
C LEU B 376 -10.70 10.16 23.48
N VAL B 377 -10.36 11.05 22.55
CA VAL B 377 -10.45 12.48 22.84
C VAL B 377 -11.89 12.86 23.19
N LEU B 378 -12.84 12.40 22.38
CA LEU B 378 -14.24 12.70 22.65
C LEU B 378 -14.69 12.13 23.99
N GLN B 379 -14.30 10.89 24.27
CA GLN B 379 -14.70 10.25 25.52
C GLN B 379 -14.17 11.00 26.73
N GLU B 380 -12.87 11.32 26.72
CA GLU B 380 -12.30 12.10 27.81
C GLU B 380 -12.87 13.52 27.86
N THR B 381 -13.47 13.99 26.77
CA THR B 381 -14.17 15.26 26.82
C THR B 381 -15.47 15.15 27.61
N ILE B 382 -16.36 14.24 27.20
CA ILE B 382 -17.63 14.09 27.92
C ILE B 382 -17.41 13.51 29.31
N SER B 383 -16.64 12.41 29.41
CA SER B 383 -16.46 11.71 30.68
C SER B 383 -14.97 11.68 31.03
N PRO B 384 -14.49 12.67 31.80
CA PRO B 384 -13.07 12.69 32.17
C PRO B 384 -12.69 11.48 33.02
N SER B 385 -11.45 11.03 32.86
CA SER B 385 -10.93 9.92 33.61
C SER B 385 -10.10 10.41 34.79
N GLY B 386 -10.02 9.58 35.83
CA GLY B 386 -9.29 9.91 37.03
C GLY B 386 -10.15 10.34 38.19
N GLN B 387 -11.43 10.61 37.97
CA GLN B 387 -12.32 11.05 39.04
C GLN B 387 -12.72 9.92 39.96
N GLY B 388 -12.60 8.67 39.53
CA GLY B 388 -13.02 7.53 40.33
C GLY B 388 -14.48 7.15 40.17
N VAL B 389 -15.24 7.91 39.41
CA VAL B 389 -16.65 7.60 39.16
C VAL B 389 -16.90 7.47 37.67
#